data_6CFD
#
_entry.id   6CFD
#
_cell.length_a   97.395
_cell.length_b   202.166
_cell.length_c   97.385
_cell.angle_alpha   90.000
_cell.angle_beta   102.690
_cell.angle_gamma   90.000
#
_symmetry.space_group_name_H-M   'P 1 21 1'
#
loop_
_entity.id
_entity.type
_entity.pdbx_description
1 polymer 'ATP-dependent Clp protease proteolytic subunit'
2 non-polymer (4S)-2-METHYL-2,4-PENTANEDIOL
3 non-polymer "N-[(6aS,12S,15aS,17R,21R,23aS)-17,21-dimethyl-6,11,15,20,23-pentaoxooctadecahydro-2H,6H,11H,15H-pyrido[2,1-i]dipyrrolo[2,1-c:2',1'-l][1,4,7,10,13]oxatetraazacyclohexadecin-12-yl]-3,5-difluoro-Nalpha-[(2E)-hept-2-enoyl]-L-phenylalaninamide"
4 water water
#
_entity_poly.entity_id   1
_entity_poly.type   'polypeptide(L)'
_entity_poly.pdbx_seq_one_letter_code
;MNLIPTVIEQSSRGERAYDIYSRLLKDRIIMLSGQVTDDLANSIIAQLLFLDAQDSEKDIYLYINSPGGSVTAGMAIYDT
MNFVKADVQTIVMGMAASMGSFLLTAGTKGKRFALPNAEIMIHQPLGGAQGQATEIEIAARHILQTRERLNKILAERTGQ
PLEVIEKDTDRDNYMTAEQAKAYGLIDEVMENSSSLKIEGRGLEHHHHHH
;
_entity_poly.pdbx_strand_id   A,B,C,D,E,F,G,I,K,L,M,N,S,T
#
loop_
_chem_comp.id
_chem_comp.type
_chem_comp.name
_chem_comp.formula
EZA non-polymer N-[(6aS,12S,15aS,17R,21R,23aS)-17,21-dimethyl-6,11,15,20,23-pentaoxooctadecahydro-2H,6H,11H,15H-pyrido[2,1-i]dipyrrolo[2,1-c:2',1'-l][1,4,7,10,13]oxatetraazacyclohexadecin-12-yl]-3,5-difluoro-Nalpha-[(2E)-hept-2-enoyl]-L-phenylalaninamide 'C39 H52 F2 N6 O8'
MPD non-polymer (4S)-2-METHYL-2,4-PENTANEDIOL 'C6 H14 O2'
#
# COMPACT_ATOMS: atom_id res chain seq x y z
N ILE A 4 30.14 10.25 11.63
CA ILE A 4 31.55 9.95 11.20
C ILE A 4 32.52 10.97 11.81
N PRO A 5 33.33 10.55 12.82
CA PRO A 5 34.18 11.51 13.50
C PRO A 5 35.37 12.01 12.67
N THR A 6 35.90 13.15 13.09
CA THR A 6 37.01 13.83 12.42
C THR A 6 38.22 13.89 13.38
N VAL A 7 39.42 13.98 12.82
CA VAL A 7 40.68 13.98 13.58
C VAL A 7 41.61 15.09 13.04
N ILE A 8 42.41 15.74 13.92
CA ILE A 8 43.29 16.88 13.50
C ILE A 8 44.81 16.53 13.35
N ARG A 16 45.88 20.15 9.51
CA ARG A 16 44.82 19.61 8.68
C ARG A 16 43.78 18.75 9.47
N ALA A 17 42.53 18.81 9.00
CA ALA A 17 41.40 18.07 9.60
C ALA A 17 40.81 17.10 8.58
N TYR A 18 40.93 15.80 8.86
CA TYR A 18 40.41 14.72 8.03
C TYR A 18 39.19 14.06 8.69
N ASP A 19 38.24 13.59 7.89
CA ASP A 19 37.34 12.56 8.37
C ASP A 19 38.17 11.26 8.55
N ILE A 20 37.74 10.40 9.47
CA ILE A 20 38.55 9.24 9.87
C ILE A 20 38.94 8.34 8.66
N TYR A 21 38.00 8.09 7.74
CA TYR A 21 38.33 7.23 6.57
C TYR A 21 39.39 7.90 5.67
N SER A 22 39.30 9.21 5.52
CA SER A 22 40.29 9.93 4.72
C SER A 22 41.67 9.92 5.39
N ARG A 23 41.69 9.92 6.72
CA ARG A 23 42.92 9.83 7.46
C ARG A 23 43.58 8.48 7.25
N LEU A 24 42.78 7.42 7.25
CA LEU A 24 43.30 6.07 6.93
C LEU A 24 43.80 5.93 5.48
N LEU A 25 43.17 6.64 4.54
CA LEU A 25 43.60 6.67 3.16
C LEU A 25 44.97 7.32 2.96
N LYS A 26 45.29 8.35 3.75
CA LYS A 26 46.62 8.95 3.78
C LYS A 26 47.69 7.90 4.07
N ASP A 27 47.37 6.91 4.91
CA ASP A 27 48.27 5.77 5.16
C ASP A 27 48.01 4.54 4.30
N ARG A 28 47.35 4.75 3.16
CA ARG A 28 47.17 3.73 2.11
C ARG A 28 46.23 2.56 2.48
N ILE A 29 45.29 2.83 3.37
CA ILE A 29 44.28 1.85 3.76
C ILE A 29 42.97 2.20 3.08
N ILE A 30 42.38 1.20 2.45
CA ILE A 30 41.05 1.34 1.83
C ILE A 30 40.06 0.46 2.56
N MET A 31 38.90 1.01 2.90
CA MET A 31 37.84 0.26 3.58
C MET A 31 36.80 -0.23 2.58
N LEU A 32 36.68 -1.53 2.42
CA LEU A 32 35.58 -2.09 1.66
C LEU A 32 34.56 -2.68 2.61
N SER A 33 33.46 -1.95 2.85
CA SER A 33 32.44 -2.36 3.82
C SER A 33 31.06 -2.45 3.18
N GLY A 34 30.32 -3.49 3.56
CA GLY A 34 28.98 -3.67 3.07
C GLY A 34 28.93 -4.21 1.65
N GLN A 35 27.76 -4.07 1.07
CA GLN A 35 27.44 -4.74 -0.15
C GLN A 35 28.26 -4.16 -1.29
N VAL A 36 28.77 -5.02 -2.16
CA VAL A 36 29.52 -4.62 -3.32
C VAL A 36 28.54 -4.15 -4.41
N THR A 37 28.49 -2.85 -4.63
CA THR A 37 27.63 -2.23 -5.64
C THR A 37 28.54 -1.50 -6.63
N ASP A 38 27.94 -1.04 -7.73
CA ASP A 38 28.64 -0.16 -8.68
C ASP A 38 29.20 1.11 -7.97
N ASP A 39 28.45 1.68 -7.04
CA ASP A 39 28.90 2.91 -6.32
C ASP A 39 30.11 2.65 -5.43
N LEU A 40 30.03 1.60 -4.64
CA LEU A 40 31.15 1.19 -3.86
C LEU A 40 32.36 0.89 -4.74
N ALA A 41 32.17 0.06 -5.77
CA ALA A 41 33.27 -0.27 -6.67
C ALA A 41 33.96 0.94 -7.25
N ASN A 42 33.19 1.94 -7.61
CA ASN A 42 33.76 3.14 -8.19
C ASN A 42 34.69 3.87 -7.20
N SER A 43 34.23 3.98 -5.96
CA SER A 43 35.03 4.56 -4.89
C SER A 43 36.33 3.80 -4.61
N ILE A 44 36.23 2.48 -4.50
CA ILE A 44 37.40 1.63 -4.23
C ILE A 44 38.41 1.76 -5.39
N ILE A 45 37.88 1.74 -6.62
CA ILE A 45 38.72 1.82 -7.81
C ILE A 45 39.44 3.17 -7.91
N ALA A 46 38.71 4.24 -7.70
CA ALA A 46 39.33 5.56 -7.62
C ALA A 46 40.44 5.60 -6.60
N GLN A 47 40.17 5.05 -5.41
CA GLN A 47 41.17 5.01 -4.35
C GLN A 47 42.38 4.20 -4.73
N LEU A 48 42.16 3.03 -5.30
CA LEU A 48 43.28 2.19 -5.75
C LEU A 48 44.17 2.94 -6.79
N LEU A 49 43.54 3.58 -7.75
CA LEU A 49 44.26 4.28 -8.79
C LEU A 49 45.06 5.46 -8.26
N PHE A 50 44.37 6.29 -7.47
CA PHE A 50 45.03 7.37 -6.78
C PHE A 50 46.28 6.92 -6.00
N LEU A 51 46.14 5.88 -5.18
CA LEU A 51 47.26 5.39 -4.38
C LEU A 51 48.44 4.89 -5.19
N ASP A 52 48.20 4.31 -6.36
CA ASP A 52 49.28 3.75 -7.19
C ASP A 52 50.06 4.84 -7.92
N ALA A 53 49.32 5.84 -8.39
CA ALA A 53 49.88 7.04 -8.98
C ALA A 53 50.80 7.77 -8.00
N GLN A 54 50.30 7.96 -6.78
CA GLN A 54 51.01 8.62 -5.70
C GLN A 54 52.32 7.92 -5.29
N ASP A 55 52.33 6.58 -5.29
CA ASP A 55 53.55 5.81 -5.03
C ASP A 55 53.35 4.30 -5.29
N SER A 56 53.92 3.77 -6.38
CA SER A 56 53.80 2.33 -6.68
C SER A 56 54.76 1.40 -5.93
N GLU A 57 55.70 1.93 -5.16
CA GLU A 57 56.63 1.07 -4.41
C GLU A 57 56.05 0.66 -3.04
N LYS A 58 55.14 1.47 -2.49
CA LYS A 58 54.54 1.19 -1.17
C LYS A 58 53.20 0.46 -1.30
N ASP A 59 53.02 -0.57 -0.47
CA ASP A 59 51.84 -1.41 -0.48
C ASP A 59 50.53 -0.65 -0.21
N ILE A 60 49.43 -1.27 -0.68
CA ILE A 60 48.06 -0.81 -0.39
C ILE A 60 47.38 -1.88 0.47
N TYR A 61 46.57 -1.44 1.42
CA TYR A 61 45.93 -2.33 2.38
C TYR A 61 44.44 -2.19 2.20
N LEU A 62 43.80 -3.32 1.88
CA LEU A 62 42.37 -3.36 1.63
C LEU A 62 41.68 -4.17 2.73
N TYR A 63 40.95 -3.48 3.61
CA TYR A 63 40.21 -4.14 4.71
C TYR A 63 38.81 -4.45 4.29
N ILE A 64 38.40 -5.71 4.44
CA ILE A 64 37.17 -6.20 3.83
C ILE A 64 36.21 -6.66 4.92
N ASN A 65 35.00 -6.10 4.93
CA ASN A 65 33.88 -6.68 5.69
C ASN A 65 32.61 -6.62 4.81
N SER A 66 32.31 -7.69 4.07
CA SER A 66 31.31 -7.63 3.00
C SER A 66 30.64 -8.93 2.80
N PRO A 67 29.31 -8.94 2.63
CA PRO A 67 28.56 -10.16 2.25
C PRO A 67 28.54 -10.48 0.73
N GLY A 68 29.15 -9.61 -0.06
CA GLY A 68 29.20 -9.80 -1.51
C GLY A 68 28.37 -8.73 -2.21
N GLY A 69 27.88 -9.07 -3.39
CA GLY A 69 27.09 -8.14 -4.16
C GLY A 69 27.25 -8.45 -5.64
N SER A 70 27.30 -7.39 -6.44
CA SER A 70 27.43 -7.50 -7.87
C SER A 70 28.71 -8.20 -8.32
N VAL A 71 28.54 -9.24 -9.12
CA VAL A 71 29.67 -9.92 -9.70
C VAL A 71 30.52 -8.96 -10.55
N THR A 72 29.87 -8.17 -11.39
CA THR A 72 30.62 -7.33 -12.27
C THR A 72 31.29 -6.21 -11.51
N ALA A 73 30.64 -5.68 -10.49
CA ALA A 73 31.27 -4.62 -9.67
C ALA A 73 32.50 -5.18 -8.93
N GLY A 74 32.37 -6.38 -8.41
CA GLY A 74 33.51 -7.10 -7.87
C GLY A 74 34.64 -7.32 -8.85
N MET A 75 34.31 -7.76 -10.07
CA MET A 75 35.33 -8.00 -11.07
C MET A 75 36.02 -6.74 -11.49
N ALA A 76 35.31 -5.61 -11.41
CA ALA A 76 35.97 -4.32 -11.66
C ALA A 76 37.05 -4.03 -10.61
N ILE A 77 36.75 -4.33 -9.35
CA ILE A 77 37.71 -4.13 -8.27
C ILE A 77 38.85 -5.11 -8.42
N TYR A 78 38.52 -6.37 -8.65
CA TYR A 78 39.54 -7.41 -8.87
C TYR A 78 40.53 -7.02 -9.97
N ASP A 79 40.01 -6.60 -11.13
CA ASP A 79 40.86 -6.26 -12.26
C ASP A 79 41.73 -5.07 -11.95
N THR A 80 41.17 -4.09 -11.22
CA THR A 80 41.95 -2.96 -10.79
C THR A 80 43.08 -3.36 -9.78
N MET A 81 42.80 -4.25 -8.83
CA MET A 81 43.79 -4.69 -7.89
C MET A 81 45.00 -5.27 -8.64
N ASN A 82 44.73 -6.11 -9.64
CA ASN A 82 45.79 -6.71 -10.45
C ASN A 82 46.49 -5.67 -11.35
N PHE A 83 45.77 -4.66 -11.81
CA PHE A 83 46.34 -3.66 -12.69
C PHE A 83 47.44 -2.81 -12.03
N VAL A 84 47.11 -2.19 -10.89
CA VAL A 84 48.03 -1.29 -10.20
C VAL A 84 49.36 -2.01 -9.90
N LYS A 85 50.47 -1.26 -10.02
CA LYS A 85 51.81 -1.82 -9.81
C LYS A 85 51.97 -2.26 -8.36
N ALA A 86 51.44 -1.49 -7.43
CA ALA A 86 51.57 -1.77 -6.00
C ALA A 86 50.92 -3.08 -5.59
N ASP A 87 51.57 -3.78 -4.68
CA ASP A 87 50.99 -4.93 -4.04
C ASP A 87 49.78 -4.48 -3.26
N VAL A 88 48.74 -5.32 -3.28
CA VAL A 88 47.49 -5.07 -2.51
C VAL A 88 47.35 -6.16 -1.47
N GLN A 89 47.53 -5.81 -0.21
CA GLN A 89 47.27 -6.71 0.91
C GLN A 89 45.79 -6.67 1.22
N THR A 90 45.25 -7.81 1.62
CA THR A 90 43.85 -7.92 2.02
C THR A 90 43.70 -8.50 3.44
N ILE A 91 42.84 -7.90 4.26
CA ILE A 91 42.56 -8.37 5.60
C ILE A 91 41.07 -8.50 5.62
N VAL A 92 40.56 -9.67 5.97
CA VAL A 92 39.17 -9.78 6.29
C VAL A 92 38.95 -9.62 7.79
N MET A 93 37.93 -8.84 8.14
CA MET A 93 37.49 -8.64 9.52
C MET A 93 35.97 -8.86 9.50
N GLY A 94 35.47 -9.72 10.37
CA GLY A 94 34.03 -10.00 10.37
C GLY A 94 33.64 -11.01 9.31
N MET A 95 33.36 -10.55 8.10
CA MET A 95 32.83 -11.41 7.06
C MET A 95 33.44 -11.10 5.74
N ALA A 96 33.73 -12.15 4.96
CA ALA A 96 33.98 -12.02 3.51
C ALA A 96 33.21 -13.13 2.84
N ALA A 97 32.03 -12.84 2.31
CA ALA A 97 31.24 -13.85 1.61
C ALA A 97 31.08 -13.52 0.15
N SER A 98 31.02 -14.57 -0.67
CA SER A 98 30.78 -14.45 -2.10
C SER A 98 31.82 -13.54 -2.74
N MET A 99 31.44 -12.45 -3.39
CA MET A 99 32.43 -11.58 -3.99
C MET A 99 33.42 -11.03 -2.94
N GLY A 100 33.00 -10.94 -1.68
CA GLY A 100 33.90 -10.51 -0.61
C GLY A 100 35.09 -11.45 -0.42
N SER A 101 34.80 -12.75 -0.40
CA SER A 101 35.84 -13.73 -0.29
C SER A 101 36.71 -13.81 -1.57
N PHE A 102 36.10 -13.55 -2.71
CA PHE A 102 36.82 -13.54 -3.99
C PHE A 102 37.83 -12.42 -4.00
N LEU A 103 37.44 -11.23 -3.51
CA LEU A 103 38.37 -10.12 -3.41
C LEU A 103 39.46 -10.34 -2.34
N LEU A 104 39.11 -11.02 -1.24
CA LEU A 104 40.06 -11.36 -0.20
C LEU A 104 41.19 -12.15 -0.77
N THR A 105 40.84 -13.21 -1.48
CA THR A 105 41.84 -14.14 -2.01
C THR A 105 42.61 -13.55 -3.19
N ALA A 106 42.16 -12.43 -3.74
CA ALA A 106 42.85 -11.73 -4.84
C ALA A 106 43.98 -10.88 -4.36
N GLY A 107 44.08 -10.66 -3.05
CA GLY A 107 45.23 -9.93 -2.57
C GLY A 107 46.52 -10.62 -3.00
N THR A 108 47.60 -9.85 -3.05
CA THR A 108 48.92 -10.37 -3.38
C THR A 108 49.24 -11.58 -2.53
N LYS A 109 49.71 -12.66 -3.14
CA LYS A 109 50.03 -13.89 -2.37
C LYS A 109 51.19 -13.65 -1.37
N GLY A 110 51.07 -14.28 -0.22
CA GLY A 110 51.85 -13.94 0.95
C GLY A 110 51.31 -12.78 1.78
N LYS A 111 50.34 -12.01 1.27
CA LYS A 111 49.78 -10.85 2.02
C LYS A 111 48.26 -10.80 2.16
N ARG A 112 47.65 -11.96 2.31
CA ARG A 112 46.23 -12.10 2.48
C ARG A 112 45.98 -12.63 3.90
N PHE A 113 45.25 -11.86 4.70
CA PHE A 113 45.06 -12.15 6.11
C PHE A 113 43.61 -12.24 6.53
N ALA A 114 43.37 -12.90 7.65
CA ALA A 114 42.09 -12.86 8.32
C ALA A 114 42.34 -12.59 9.80
N LEU A 115 41.50 -11.73 10.40
CA LEU A 115 41.39 -11.70 11.83
C LEU A 115 40.82 -13.03 12.34
N PRO A 116 41.17 -13.43 13.56
CA PRO A 116 40.93 -14.80 14.04
C PRO A 116 39.49 -15.32 13.99
N ASN A 117 38.52 -14.43 14.17
CA ASN A 117 37.12 -14.83 14.21
C ASN A 117 36.37 -14.43 12.93
N ALA A 118 37.10 -14.20 11.83
CA ALA A 118 36.47 -13.89 10.59
C ALA A 118 35.71 -15.10 10.03
N GLU A 119 34.58 -14.85 9.38
CA GLU A 119 33.78 -15.82 8.66
C GLU A 119 34.10 -15.60 7.17
N ILE A 120 34.45 -16.67 6.46
CA ILE A 120 34.66 -16.63 5.02
C ILE A 120 33.66 -17.58 4.38
N MET A 121 33.01 -17.16 3.30
CA MET A 121 32.09 -18.04 2.60
C MET A 121 32.30 -18.00 1.12
N ILE A 122 32.26 -19.19 0.51
CA ILE A 122 32.34 -19.35 -0.94
C ILE A 122 31.13 -20.15 -1.44
N HIS A 123 30.60 -19.77 -2.60
CA HIS A 123 29.48 -20.45 -3.20
C HIS A 123 29.46 -20.21 -4.73
N GLN A 124 28.35 -20.52 -5.38
CA GLN A 124 28.27 -20.26 -6.81
C GLN A 124 27.49 -18.96 -7.03
N PRO A 125 27.67 -18.34 -8.22
CA PRO A 125 26.92 -17.14 -8.57
C PRO A 125 25.43 -17.38 -8.61
N LEU A 126 24.70 -16.29 -8.36
CA LEU A 126 23.27 -16.24 -8.21
C LEU A 126 22.73 -15.32 -9.27
N GLY A 127 21.53 -15.60 -9.75
CA GLY A 127 20.94 -14.78 -10.78
C GLY A 127 19.50 -15.14 -11.03
N GLY A 128 18.97 -14.55 -12.08
CA GLY A 128 17.64 -14.81 -12.51
C GLY A 128 17.46 -14.49 -13.97
N ALA A 129 16.45 -15.08 -14.57
CA ALA A 129 16.11 -14.78 -15.95
C ALA A 129 14.62 -14.97 -16.12
N GLN A 130 14.06 -14.15 -16.99
CA GLN A 130 12.65 -14.16 -17.25
C GLN A 130 12.42 -13.98 -18.74
N GLY A 131 11.44 -14.71 -19.28
CA GLY A 131 11.01 -14.49 -20.66
C GLY A 131 10.93 -15.76 -21.50
N GLN A 132 11.27 -15.61 -22.77
CA GLN A 132 11.17 -16.68 -23.72
C GLN A 132 12.27 -17.69 -23.48
N ALA A 133 12.02 -18.91 -23.91
CA ALA A 133 13.04 -19.96 -23.83
C ALA A 133 14.40 -19.54 -24.32
N THR A 134 14.45 -18.86 -25.44
CA THR A 134 15.70 -18.32 -25.97
C THR A 134 16.40 -17.37 -25.03
N GLU A 135 15.63 -16.53 -24.34
CA GLU A 135 16.18 -15.52 -23.45
C GLU A 135 16.77 -16.19 -22.20
N ILE A 136 16.07 -17.21 -21.73
CA ILE A 136 16.50 -17.99 -20.61
C ILE A 136 17.77 -18.74 -20.93
N GLU A 137 17.88 -19.27 -22.13
CA GLU A 137 19.10 -19.97 -22.54
C GLU A 137 20.28 -19.02 -22.53
N ILE A 138 20.09 -17.81 -23.04
CA ILE A 138 21.18 -16.84 -23.11
C ILE A 138 21.68 -16.48 -21.70
N ALA A 139 20.72 -16.29 -20.79
CA ALA A 139 21.04 -16.02 -19.39
C ALA A 139 21.75 -17.19 -18.68
N ALA A 140 21.23 -18.40 -18.84
CA ALA A 140 21.88 -19.60 -18.39
C ALA A 140 23.32 -19.76 -18.91
N ARG A 141 23.53 -19.60 -20.21
CA ARG A 141 24.92 -19.66 -20.74
C ARG A 141 25.80 -18.62 -20.06
N HIS A 142 25.25 -17.44 -19.83
CA HIS A 142 26.02 -16.36 -19.30
C HIS A 142 26.45 -16.61 -17.86
N ILE A 143 25.53 -17.04 -17.04
CA ILE A 143 25.87 -17.30 -15.65
C ILE A 143 26.80 -18.53 -15.50
N LEU A 144 26.62 -19.57 -16.32
CA LEU A 144 27.52 -20.72 -16.31
C LEU A 144 28.93 -20.34 -16.73
N GLN A 145 29.06 -19.45 -17.71
CA GLN A 145 30.37 -18.97 -18.13
C GLN A 145 31.00 -18.12 -17.05
N THR A 146 30.19 -17.35 -16.32
CA THR A 146 30.65 -16.60 -15.17
C THR A 146 31.13 -17.53 -14.07
N ARG A 147 30.39 -18.60 -13.77
CA ARG A 147 30.84 -19.56 -12.74
C ARG A 147 32.18 -20.17 -13.12
N GLU A 148 32.32 -20.55 -14.39
CA GLU A 148 33.51 -21.22 -14.86
C GLU A 148 34.73 -20.30 -14.73
N ARG A 149 34.56 -19.03 -15.09
CA ARG A 149 35.64 -18.07 -15.03
C ARG A 149 36.08 -17.82 -13.58
N LEU A 150 35.11 -17.66 -12.69
CA LEU A 150 35.41 -17.41 -11.30
C LEU A 150 36.11 -18.60 -10.66
N ASN A 151 35.58 -19.79 -10.87
CA ASN A 151 36.20 -21.04 -10.39
C ASN A 151 37.64 -21.23 -10.89
N LYS A 152 37.94 -20.89 -12.13
CA LYS A 152 39.31 -20.98 -12.64
C LYS A 152 40.20 -20.04 -11.90
N ILE A 153 39.71 -18.84 -11.61
CA ILE A 153 40.52 -17.87 -10.87
C ILE A 153 40.74 -18.36 -9.43
N LEU A 154 39.72 -18.95 -8.83
CA LEU A 154 39.85 -19.47 -7.48
C LEU A 154 40.83 -20.58 -7.41
N ALA A 155 40.81 -21.48 -8.39
CA ALA A 155 41.78 -22.55 -8.48
C ALA A 155 43.21 -22.00 -8.48
N GLU A 156 43.47 -21.01 -9.32
CA GLU A 156 44.78 -20.37 -9.35
C GLU A 156 45.13 -19.73 -7.99
N ARG A 157 44.20 -18.98 -7.40
CA ARG A 157 44.46 -18.24 -6.19
C ARG A 157 44.70 -19.13 -4.97
N THR A 158 44.06 -20.27 -4.93
CA THR A 158 44.14 -21.20 -3.82
C THR A 158 45.14 -22.32 -4.00
N GLY A 159 45.54 -22.61 -5.23
CA GLY A 159 46.23 -23.85 -5.52
C GLY A 159 45.38 -25.11 -5.57
N GLN A 160 44.07 -25.02 -5.29
CA GLN A 160 43.21 -26.21 -5.35
C GLN A 160 42.90 -26.55 -6.80
N PRO A 161 42.75 -27.84 -7.10
CA PRO A 161 42.36 -28.18 -8.45
C PRO A 161 40.93 -27.81 -8.73
N LEU A 162 40.67 -27.48 -10.00
CA LEU A 162 39.39 -26.98 -10.45
C LEU A 162 38.21 -27.83 -9.99
N GLU A 163 38.35 -29.13 -10.04
CA GLU A 163 37.23 -30.03 -9.69
C GLU A 163 36.92 -30.01 -8.18
N VAL A 164 37.92 -29.68 -7.36
CA VAL A 164 37.70 -29.47 -5.94
C VAL A 164 36.90 -28.17 -5.68
N ILE A 165 37.33 -27.09 -6.33
CA ILE A 165 36.62 -25.84 -6.29
C ILE A 165 35.17 -26.03 -6.72
N GLU A 166 34.90 -26.78 -7.78
CA GLU A 166 33.51 -27.03 -8.20
C GLU A 166 32.70 -27.74 -7.12
N LYS A 167 33.24 -28.77 -6.45
CA LYS A 167 32.48 -29.53 -5.42
C LYS A 167 32.24 -28.65 -4.21
N ASP A 168 33.23 -27.82 -3.90
CA ASP A 168 33.24 -27.00 -2.69
C ASP A 168 32.43 -25.71 -2.76
N THR A 169 32.15 -25.24 -3.97
CA THR A 169 31.28 -24.09 -4.18
C THR A 169 29.88 -24.46 -4.59
N ASP A 170 29.55 -25.75 -4.66
CA ASP A 170 28.20 -26.16 -5.08
C ASP A 170 27.07 -25.58 -4.21
N ARG A 171 27.28 -25.55 -2.89
CA ARG A 171 26.38 -24.93 -1.93
C ARG A 171 27.19 -24.01 -1.02
N ASP A 172 26.50 -23.21 -0.21
CA ASP A 172 27.15 -22.26 0.68
C ASP A 172 28.13 -23.03 1.53
N ASN A 173 29.37 -22.55 1.57
CA ASN A 173 30.46 -23.19 2.24
C ASN A 173 31.14 -22.19 3.17
N TYR A 174 30.77 -22.27 4.46
CA TYR A 174 31.33 -21.40 5.49
C TYR A 174 32.61 -21.95 6.04
N MET A 175 33.60 -21.10 6.14
CA MET A 175 34.91 -21.44 6.67
C MET A 175 35.36 -20.48 7.76
N THR A 176 35.99 -21.08 8.75
CA THR A 176 36.84 -20.45 9.72
C THR A 176 38.05 -19.80 9.07
N ALA A 177 38.66 -18.84 9.76
CA ALA A 177 39.94 -18.27 9.32
C ALA A 177 41.01 -19.35 9.15
N GLU A 178 41.21 -20.19 10.16
CA GLU A 178 42.06 -21.38 10.04
C GLU A 178 41.70 -22.32 8.87
N GLN A 179 40.43 -22.68 8.71
CA GLN A 179 40.00 -23.46 7.54
C GLN A 179 40.35 -22.80 6.19
N ALA A 180 40.22 -21.49 6.12
CA ALA A 180 40.56 -20.75 4.92
C ALA A 180 42.05 -20.70 4.64
N LYS A 181 42.87 -20.67 5.69
CA LYS A 181 44.33 -20.76 5.51
C LYS A 181 44.72 -22.13 4.99
N ALA A 182 44.14 -23.16 5.57
CA ALA A 182 44.36 -24.54 5.10
C ALA A 182 43.96 -24.71 3.65
N TYR A 183 42.88 -24.07 3.26
CA TYR A 183 42.32 -24.25 1.93
C TYR A 183 43.10 -23.48 0.87
N GLY A 184 43.83 -22.45 1.28
CA GLY A 184 44.56 -21.59 0.35
C GLY A 184 43.99 -20.20 0.06
N LEU A 185 42.83 -19.89 0.63
CA LEU A 185 42.21 -18.58 0.37
C LEU A 185 43.04 -17.47 0.92
N ILE A 186 43.59 -17.69 2.11
CA ILE A 186 44.47 -16.71 2.79
C ILE A 186 45.79 -17.33 3.19
N ASP A 187 46.73 -16.48 3.54
CA ASP A 187 48.10 -16.87 3.91
C ASP A 187 48.29 -17.00 5.41
N GLU A 188 47.77 -16.04 6.17
CA GLU A 188 47.93 -16.04 7.63
C GLU A 188 46.69 -15.54 8.36
N VAL A 189 46.48 -16.08 9.56
CA VAL A 189 45.53 -15.57 10.52
C VAL A 189 46.34 -14.67 11.45
N MET A 190 46.01 -13.39 11.58
CA MET A 190 46.79 -12.53 12.47
C MET A 190 46.22 -12.38 13.87
N GLU A 191 47.02 -12.81 14.85
CA GLU A 191 46.75 -12.66 16.29
C GLU A 191 47.61 -11.53 16.90
N ILE B 4 23.58 17.95 16.32
CA ILE B 4 24.88 17.57 17.01
C ILE B 4 25.73 18.80 17.32
N PRO B 5 25.83 19.17 18.62
CA PRO B 5 26.49 20.43 18.94
C PRO B 5 28.02 20.42 18.76
N THR B 6 28.58 21.61 18.65
CA THR B 6 29.98 21.86 18.36
C THR B 6 30.61 22.61 19.56
N VAL B 7 31.90 22.42 19.78
CA VAL B 7 32.63 23.09 20.88
C VAL B 7 33.94 23.67 20.32
N ILE B 8 34.43 24.81 20.85
CA ILE B 8 35.66 25.48 20.33
C ILE B 8 36.87 25.35 21.27
N GLU B 15 42.80 28.20 17.72
CA GLU B 15 41.35 27.93 17.89
C GLU B 15 40.82 26.88 16.87
N ARG B 16 40.49 25.68 17.39
CA ARG B 16 39.85 24.58 16.61
C ARG B 16 38.36 24.37 17.04
N ALA B 17 37.55 23.91 16.08
CA ALA B 17 36.12 23.60 16.29
C ALA B 17 35.77 22.11 15.98
N TYR B 18 35.49 21.34 17.03
CA TYR B 18 35.12 19.93 16.91
C TYR B 18 33.63 19.70 17.07
N ASP B 19 33.08 18.72 16.38
CA ASP B 19 31.77 18.17 16.79
C ASP B 19 32.02 17.41 18.10
N ILE B 20 31.00 17.30 18.94
CA ILE B 20 31.19 16.85 20.34
C ILE B 20 31.81 15.43 20.36
N TYR B 21 31.38 14.54 19.45
CA TYR B 21 31.94 13.18 19.45
C TYR B 21 33.41 13.18 19.07
N SER B 22 33.78 14.02 18.12
CA SER B 22 35.20 14.19 17.77
C SER B 22 36.05 14.78 18.90
N ARG B 23 35.46 15.63 19.72
CA ARG B 23 36.19 16.20 20.83
C ARG B 23 36.48 15.12 21.86
N LEU B 24 35.49 14.25 22.11
CA LEU B 24 35.69 13.10 23.02
C LEU B 24 36.76 12.10 22.50
N LEU B 25 36.82 11.91 21.19
CA LEU B 25 37.82 11.05 20.58
C LEU B 25 39.22 11.58 20.76
N LYS B 26 39.40 12.91 20.78
CA LYS B 26 40.69 13.52 21.11
C LYS B 26 41.19 12.99 22.47
N ASP B 27 40.29 12.78 23.42
CA ASP B 27 40.66 12.20 24.75
C ASP B 27 40.49 10.68 24.83
N ARG B 28 40.51 10.02 23.67
CA ARG B 28 40.51 8.56 23.58
C ARG B 28 39.17 7.82 23.97
N ILE B 29 38.06 8.52 23.84
CA ILE B 29 36.75 7.97 24.09
C ILE B 29 36.01 7.67 22.78
N ILE B 30 35.52 6.44 22.67
CA ILE B 30 34.73 6.01 21.52
C ILE B 30 33.31 5.73 22.02
N MET B 31 32.31 6.24 21.30
CA MET B 31 30.89 5.99 21.63
C MET B 31 30.36 4.91 20.70
N LEU B 32 29.93 3.78 21.27
CA LEU B 32 29.22 2.76 20.52
C LEU B 32 27.78 2.82 20.93
N SER B 33 26.94 3.41 20.08
CA SER B 33 25.52 3.62 20.40
C SER B 33 24.62 3.01 19.34
N GLY B 34 23.52 2.44 19.78
CA GLY B 34 22.55 1.86 18.87
C GLY B 34 22.98 0.53 18.28
N GLN B 35 22.30 0.17 17.21
CA GLN B 35 22.44 -1.12 16.61
C GLN B 35 23.84 -1.31 16.04
N VAL B 36 24.42 -2.46 16.25
CA VAL B 36 25.71 -2.84 15.67
C VAL B 36 25.51 -3.29 14.23
N THR B 37 25.94 -2.44 13.31
CA THR B 37 25.81 -2.70 11.86
C THR B 37 27.19 -2.67 11.27
N ASP B 38 27.28 -3.07 10.00
CA ASP B 38 28.53 -2.95 9.27
C ASP B 38 29.07 -1.47 9.27
N ASP B 39 28.17 -0.48 9.16
CA ASP B 39 28.57 0.94 9.13
C ASP B 39 29.13 1.40 10.46
N LEU B 40 28.43 1.09 11.53
CA LEU B 40 28.92 1.39 12.83
C LEU B 40 30.24 0.67 13.10
N ALA B 41 30.32 -0.62 12.74
CA ALA B 41 31.57 -1.38 12.96
C ALA B 41 32.76 -0.77 12.29
N ASN B 42 32.53 -0.29 11.08
CA ASN B 42 33.60 0.33 10.31
C ASN B 42 34.18 1.62 10.99
N SER B 43 33.27 2.42 11.53
CA SER B 43 33.61 3.60 12.25
C SER B 43 34.37 3.29 13.55
N ILE B 44 33.86 2.34 14.33
CA ILE B 44 34.47 1.96 15.61
C ILE B 44 35.88 1.43 15.35
N ILE B 45 36.01 0.58 14.34
CA ILE B 45 37.27 -0.06 14.03
C ILE B 45 38.29 1.00 13.63
N ALA B 46 37.88 1.90 12.72
CA ALA B 46 38.74 3.00 12.28
C ALA B 46 39.21 3.80 13.49
N GLN B 47 38.30 4.12 14.40
CA GLN B 47 38.65 4.87 15.60
C GLN B 47 39.63 4.09 16.48
N LEU B 48 39.38 2.79 16.68
CA LEU B 48 40.28 1.97 17.50
C LEU B 48 41.71 1.93 16.94
N LEU B 49 41.81 1.70 15.64
CA LEU B 49 43.08 1.68 14.97
C LEU B 49 43.84 3.02 15.09
N PHE B 50 43.15 4.10 14.76
CA PHE B 50 43.74 5.42 14.81
C PHE B 50 44.28 5.71 16.21
N LEU B 51 43.49 5.45 17.24
CA LEU B 51 43.92 5.69 18.60
C LEU B 51 45.14 4.87 19.04
N ASP B 52 45.31 3.65 18.50
CA ASP B 52 46.43 2.80 18.89
C ASP B 52 47.70 3.23 18.22
N ALA B 53 47.60 3.60 16.96
CA ALA B 53 48.72 4.19 16.19
C ALA B 53 49.26 5.47 16.88
N GLN B 54 48.35 6.34 17.25
CA GLN B 54 48.66 7.59 17.88
C GLN B 54 49.42 7.38 19.21
N ASP B 55 48.99 6.40 20.02
CA ASP B 55 49.69 6.09 21.26
C ASP B 55 49.16 4.77 21.83
N SER B 56 49.98 3.73 21.83
CA SER B 56 49.62 2.43 22.43
C SER B 56 49.78 2.31 23.96
N GLU B 57 50.38 3.32 24.60
CA GLU B 57 50.61 3.29 26.07
C GLU B 57 49.42 3.83 26.88
N LYS B 58 48.61 4.69 26.28
CA LYS B 58 47.41 5.24 26.95
C LYS B 58 46.13 4.44 26.58
N ASP B 59 45.28 4.23 27.57
CA ASP B 59 44.07 3.43 27.41
C ASP B 59 43.06 4.07 26.48
N ILE B 60 42.20 3.20 25.93
CA ILE B 60 41.06 3.56 25.12
C ILE B 60 39.80 3.28 25.94
N TYR B 61 38.81 4.16 25.84
CA TYR B 61 37.57 4.02 26.57
C TYR B 61 36.43 3.84 25.57
N LEU B 62 35.73 2.72 25.68
CA LEU B 62 34.66 2.38 24.80
C LEU B 62 33.35 2.40 25.57
N TYR B 63 32.53 3.45 25.39
CA TYR B 63 31.21 3.52 26.03
C TYR B 63 30.16 2.80 25.16
N ILE B 64 29.32 1.98 25.77
CA ILE B 64 28.42 1.09 25.03
C ILE B 64 27.00 1.31 25.51
N ASN B 65 26.12 1.64 24.58
CA ASN B 65 24.68 1.60 24.80
C ASN B 65 24.08 1.01 23.54
N SER B 66 23.87 -0.31 23.53
CA SER B 66 23.51 -1.00 22.30
C SER B 66 22.64 -2.19 22.57
N PRO B 67 21.56 -2.38 21.79
CA PRO B 67 20.73 -3.62 21.88
C PRO B 67 21.28 -4.81 21.09
N GLY B 68 22.39 -4.61 20.38
CA GLY B 68 23.03 -5.70 19.64
C GLY B 68 22.93 -5.42 18.16
N GLY B 69 22.90 -6.49 17.35
CA GLY B 69 22.96 -6.36 15.91
C GLY B 69 23.71 -7.49 15.27
N SER B 70 24.42 -7.19 14.20
CA SER B 70 25.08 -8.18 13.39
C SER B 70 26.21 -8.89 14.16
N VAL B 71 26.12 -10.20 14.20
CA VAL B 71 27.16 -10.99 14.80
C VAL B 71 28.53 -10.72 14.14
N THR B 72 28.59 -10.69 12.82
CA THR B 72 29.85 -10.53 12.15
C THR B 72 30.39 -9.11 12.33
N ALA B 73 29.53 -8.12 12.36
CA ALA B 73 30.00 -6.75 12.58
C ALA B 73 30.58 -6.64 13.98
N GLY B 74 29.87 -7.24 14.95
CA GLY B 74 30.39 -7.34 16.30
C GLY B 74 31.74 -8.01 16.39
N MET B 75 31.90 -9.14 15.70
CA MET B 75 33.13 -9.88 15.75
C MET B 75 34.24 -9.11 15.17
N ALA B 76 33.95 -8.29 14.16
CA ALA B 76 34.97 -7.39 13.61
C ALA B 76 35.47 -6.43 14.68
N ILE B 77 34.54 -5.85 15.46
CA ILE B 77 34.94 -4.93 16.53
C ILE B 77 35.73 -5.70 17.64
N TYR B 78 35.17 -6.82 18.11
CA TYR B 78 35.86 -7.71 19.06
C TYR B 78 37.32 -8.04 18.68
N ASP B 79 37.52 -8.49 17.47
CA ASP B 79 38.82 -8.85 17.01
C ASP B 79 39.71 -7.64 17.00
N THR B 80 39.17 -6.47 16.68
CA THR B 80 39.97 -5.25 16.64
C THR B 80 40.36 -4.83 18.04
N MET B 81 39.44 -4.92 18.98
CA MET B 81 39.73 -4.62 20.36
C MET B 81 40.91 -5.46 20.91
N ASN B 82 40.91 -6.76 20.62
CA ASN B 82 42.02 -7.65 21.00
C ASN B 82 43.30 -7.36 20.23
N PHE B 83 43.21 -6.93 18.98
CA PHE B 83 44.40 -6.65 18.19
C PHE B 83 45.24 -5.45 18.68
N VAL B 84 44.57 -4.34 18.97
CA VAL B 84 45.29 -3.12 19.35
C VAL B 84 46.08 -3.34 20.65
N LYS B 85 47.29 -2.77 20.73
CA LYS B 85 48.20 -2.96 21.86
C LYS B 85 47.63 -2.29 23.10
N ALA B 86 46.97 -1.17 22.91
CA ALA B 86 46.34 -0.45 24.03
C ALA B 86 45.23 -1.24 24.71
N ASP B 87 45.14 -1.09 26.02
CA ASP B 87 44.01 -1.62 26.78
C ASP B 87 42.72 -0.90 26.38
N VAL B 88 41.64 -1.67 26.25
CA VAL B 88 40.34 -1.11 25.92
C VAL B 88 39.44 -1.27 27.11
N GLN B 89 39.11 -0.16 27.77
CA GLN B 89 38.16 -0.18 28.88
C GLN B 89 36.76 -0.06 28.32
N THR B 90 35.81 -0.76 28.94
CA THR B 90 34.44 -0.76 28.48
C THR B 90 33.54 -0.33 29.59
N ILE B 91 32.62 0.60 29.31
CA ILE B 91 31.63 1.03 30.27
C ILE B 91 30.28 0.86 29.61
N VAL B 92 29.38 0.13 30.25
CA VAL B 92 28.04 0.12 29.76
C VAL B 92 27.21 1.18 30.48
N MET B 93 26.41 1.89 29.71
CA MET B 93 25.45 2.88 30.19
C MET B 93 24.12 2.56 29.52
N GLY B 94 23.07 2.40 30.30
CA GLY B 94 21.77 2.07 29.70
C GLY B 94 21.63 0.60 29.42
N MET B 95 22.09 0.16 28.26
CA MET B 95 21.89 -1.22 27.87
C MET B 95 23.10 -1.77 27.17
N ALA B 96 23.38 -3.04 27.42
CA ALA B 96 24.26 -3.81 26.55
C ALA B 96 23.61 -5.18 26.40
N ALA B 97 22.95 -5.38 25.27
CA ALA B 97 22.27 -6.66 24.99
C ALA B 97 22.92 -7.36 23.82
N SER B 98 22.93 -8.68 23.87
CA SER B 98 23.39 -9.52 22.78
C SER B 98 24.81 -9.16 22.39
N MET B 99 25.07 -8.77 21.14
CA MET B 99 26.44 -8.36 20.76
C MET B 99 26.97 -7.18 21.55
N GLY B 100 26.08 -6.35 22.11
CA GLY B 100 26.49 -5.28 23.01
C GLY B 100 27.17 -5.82 24.28
N SER B 101 26.52 -6.80 24.94
CA SER B 101 27.07 -7.39 26.13
C SER B 101 28.35 -8.20 25.81
N PHE B 102 28.41 -8.76 24.60
CA PHE B 102 29.60 -9.46 24.21
C PHE B 102 30.78 -8.52 24.12
N LEU B 103 30.56 -7.35 23.54
CA LEU B 103 31.65 -6.37 23.40
C LEU B 103 32.00 -5.75 24.76
N LEU B 104 31.02 -5.61 25.64
CA LEU B 104 31.27 -5.13 27.00
C LEU B 104 32.29 -6.06 27.70
N THR B 105 32.00 -7.35 27.66
CA THR B 105 32.83 -8.33 28.36
C THR B 105 34.17 -8.58 27.68
N ALA B 106 34.34 -8.07 26.47
CA ALA B 106 35.61 -8.17 25.75
C ALA B 106 36.61 -7.13 26.16
N GLY B 107 36.20 -6.14 26.94
CA GLY B 107 37.14 -5.15 27.39
C GLY B 107 38.22 -5.84 28.20
N THR B 108 39.40 -5.21 28.29
CA THR B 108 40.51 -5.71 29.10
C THR B 108 40.05 -6.08 30.49
N LYS B 109 40.40 -7.28 30.95
CA LYS B 109 40.00 -7.70 32.33
C LYS B 109 40.57 -6.77 33.42
N GLY B 110 39.73 -6.54 34.42
CA GLY B 110 39.95 -5.48 35.39
C GLY B 110 39.45 -4.10 34.97
N LYS B 111 39.15 -3.90 33.69
CA LYS B 111 38.63 -2.60 33.22
C LYS B 111 37.32 -2.66 32.41
N ARG B 112 36.38 -3.47 32.90
CA ARG B 112 35.04 -3.58 32.34
C ARG B 112 34.03 -3.13 33.41
N PHE B 113 33.26 -2.08 33.10
CA PHE B 113 32.43 -1.41 34.08
C PHE B 113 31.01 -1.29 33.63
N ALA B 114 30.10 -1.22 34.57
CA ALA B 114 28.74 -0.83 34.31
C ALA B 114 28.32 0.34 35.23
N LEU B 115 27.55 1.28 34.69
CA LEU B 115 26.90 2.25 35.51
C LEU B 115 25.83 1.53 36.30
N PRO B 116 25.49 2.03 37.49
CA PRO B 116 24.68 1.26 38.44
C PRO B 116 23.34 0.75 37.95
N ASN B 117 22.70 1.48 37.05
CA ASN B 117 21.38 1.09 36.58
C ASN B 117 21.39 0.57 35.14
N ALA B 118 22.55 0.15 34.66
CA ALA B 118 22.67 -0.52 33.37
C ALA B 118 21.98 -1.90 33.33
N GLU B 119 21.41 -2.22 32.19
CA GLU B 119 20.76 -3.49 31.90
C GLU B 119 21.77 -4.25 31.03
N ILE B 120 22.09 -5.49 31.39
CA ILE B 120 22.93 -6.36 30.56
C ILE B 120 22.09 -7.57 30.18
N MET B 121 22.15 -7.98 28.93
CA MET B 121 21.39 -9.16 28.52
C MET B 121 22.27 -10.05 27.65
N ILE B 122 22.18 -11.37 27.90
CA ILE B 122 22.82 -12.38 27.08
C ILE B 122 21.76 -13.38 26.61
N HIS B 123 21.92 -13.86 25.37
CA HIS B 123 21.02 -14.86 24.80
C HIS B 123 21.73 -15.65 23.67
N GLN B 124 20.96 -16.39 22.86
CA GLN B 124 21.57 -17.09 21.74
C GLN B 124 21.40 -16.32 20.47
N PRO B 125 22.29 -16.56 19.49
CA PRO B 125 22.12 -15.96 18.17
C PRO B 125 20.76 -16.28 17.52
N LEU B 126 20.33 -15.33 16.68
CA LEU B 126 19.07 -15.36 15.99
C LEU B 126 19.35 -15.41 14.52
N GLY B 127 18.48 -16.09 13.77
CA GLY B 127 18.67 -16.21 12.33
C GLY B 127 17.49 -16.77 11.65
N GLY B 128 17.70 -17.09 10.38
CA GLY B 128 16.63 -17.60 9.52
C GLY B 128 17.21 -18.43 8.41
N ALA B 129 16.47 -19.41 7.94
CA ALA B 129 16.91 -20.21 6.78
C ALA B 129 15.69 -20.63 5.99
N GLN B 130 15.83 -20.64 4.68
CA GLN B 130 14.73 -20.90 3.78
C GLN B 130 15.26 -21.75 2.60
N GLY B 131 14.50 -22.77 2.23
CA GLY B 131 14.77 -23.48 0.99
C GLY B 131 14.70 -24.97 1.13
N GLN B 132 15.59 -25.64 0.41
CA GLN B 132 15.65 -27.07 0.42
C GLN B 132 16.20 -27.57 1.75
N ALA B 133 15.80 -28.77 2.17
CA ALA B 133 16.34 -29.42 3.37
C ALA B 133 17.84 -29.29 3.52
N THR B 134 18.57 -29.49 2.44
CA THR B 134 20.01 -29.35 2.43
C THR B 134 20.46 -27.94 2.78
N GLU B 135 19.72 -26.96 2.30
CA GLU B 135 20.11 -25.56 2.51
C GLU B 135 19.85 -25.19 3.96
N ILE B 136 18.77 -25.71 4.50
CA ILE B 136 18.41 -25.51 5.88
C ILE B 136 19.42 -26.16 6.84
N GLU B 137 19.91 -27.34 6.48
CA GLU B 137 20.92 -28.02 7.26
C GLU B 137 22.19 -27.20 7.28
N ILE B 138 22.60 -26.66 6.13
CA ILE B 138 23.82 -25.84 6.07
C ILE B 138 23.72 -24.61 6.99
N ALA B 139 22.57 -23.96 6.97
CA ALA B 139 22.32 -22.79 7.78
C ALA B 139 22.27 -23.11 9.27
N ALA B 140 21.58 -24.18 9.62
CA ALA B 140 21.56 -24.69 10.96
C ALA B 140 22.95 -25.01 11.47
N ARG B 141 23.77 -25.74 10.70
CA ARG B 141 25.14 -26.00 11.13
C ARG B 141 25.86 -24.71 11.39
N HIS B 142 25.68 -23.74 10.52
CA HIS B 142 26.42 -22.51 10.60
C HIS B 142 26.09 -21.73 11.87
N ILE B 143 24.80 -21.61 12.19
CA ILE B 143 24.39 -20.80 13.32
C ILE B 143 24.77 -21.52 14.62
N LEU B 144 24.74 -22.86 14.64
CA LEU B 144 25.15 -23.63 15.84
C LEU B 144 26.63 -23.51 16.04
N GLN B 145 27.39 -23.48 14.99
CA GLN B 145 28.83 -23.23 15.10
C GLN B 145 29.10 -21.80 15.61
N THR B 146 28.31 -20.84 15.17
CA THR B 146 28.41 -19.48 15.63
C THR B 146 28.07 -19.42 17.15
N ARG B 147 26.99 -20.08 17.57
CA ARG B 147 26.66 -20.12 19.01
C ARG B 147 27.83 -20.70 19.84
N GLU B 148 28.41 -21.80 19.37
CA GLU B 148 29.45 -22.47 20.08
C GLU B 148 30.69 -21.59 20.21
N ARG B 149 31.05 -20.89 19.15
CA ARG B 149 32.26 -20.06 19.17
C ARG B 149 32.08 -18.83 20.12
N LEU B 150 30.89 -18.26 20.12
CA LEU B 150 30.63 -17.16 20.98
C LEU B 150 30.58 -17.62 22.48
N ASN B 151 29.88 -18.71 22.74
CA ASN B 151 29.84 -19.29 24.06
C ASN B 151 31.24 -19.67 24.61
N LYS B 152 32.14 -20.18 23.79
CA LYS B 152 33.49 -20.45 24.25
C LYS B 152 34.19 -19.18 24.65
N ILE B 153 34.01 -18.14 23.88
CA ILE B 153 34.62 -16.88 24.21
C ILE B 153 34.01 -16.33 25.51
N LEU B 154 32.72 -16.49 25.70
CA LEU B 154 32.10 -15.99 26.92
C LEU B 154 32.62 -16.73 28.15
N ALA B 155 32.77 -18.05 28.01
CA ALA B 155 33.31 -18.90 29.04
C ALA B 155 34.69 -18.36 29.47
N GLU B 156 35.57 -18.11 28.52
CA GLU B 156 36.84 -17.52 28.82
C GLU B 156 36.69 -16.14 29.50
N ARG B 157 35.86 -15.27 28.95
CA ARG B 157 35.74 -13.89 29.47
C ARG B 157 35.16 -13.82 30.90
N THR B 158 34.27 -14.73 31.22
CA THR B 158 33.59 -14.74 32.47
C THR B 158 34.17 -15.64 33.53
N GLY B 159 35.01 -16.59 33.14
CA GLY B 159 35.34 -17.73 34.00
C GLY B 159 34.26 -18.77 34.24
N GLN B 160 33.07 -18.61 33.70
CA GLN B 160 32.03 -19.66 33.82
C GLN B 160 32.32 -20.84 32.88
N PRO B 161 31.95 -22.05 33.30
CA PRO B 161 32.20 -23.16 32.39
C PRO B 161 31.22 -23.09 31.19
N LEU B 162 31.67 -23.58 30.07
CA LEU B 162 30.91 -23.60 28.85
C LEU B 162 29.50 -24.13 28.98
N GLU B 163 29.26 -25.18 29.75
CA GLU B 163 27.90 -25.73 29.88
C GLU B 163 26.99 -24.81 30.66
N VAL B 164 27.57 -23.97 31.54
CA VAL B 164 26.78 -22.97 32.29
C VAL B 164 26.35 -21.84 31.35
N ILE B 165 27.30 -21.36 30.56
CA ILE B 165 27.02 -20.41 29.53
C ILE B 165 25.90 -20.90 28.61
N GLU B 166 25.94 -22.14 28.13
CA GLU B 166 24.84 -22.72 27.33
C GLU B 166 23.50 -22.66 28.05
N LYS B 167 23.40 -23.06 29.33
CA LYS B 167 22.07 -23.08 30.01
C LYS B 167 21.56 -21.65 30.22
N ASP B 168 22.49 -20.73 30.49
CA ASP B 168 22.20 -19.34 30.82
C ASP B 168 21.87 -18.43 29.63
N THR B 169 22.35 -18.81 28.42
CA THR B 169 21.99 -18.14 27.18
C THR B 169 20.85 -18.80 26.40
N ASP B 170 20.22 -19.83 26.95
CA ASP B 170 19.16 -20.51 26.22
C ASP B 170 18.03 -19.60 25.88
N ARG B 171 17.65 -18.76 26.85
CA ARG B 171 16.57 -17.74 26.68
C ARG B 171 17.11 -16.40 27.10
N ASP B 172 16.35 -15.35 26.83
CA ASP B 172 16.78 -13.97 27.19
C ASP B 172 17.05 -13.94 28.68
N ASN B 173 18.27 -13.56 29.02
CA ASN B 173 18.71 -13.49 30.38
C ASN B 173 19.16 -12.06 30.75
N TYR B 174 18.25 -11.32 31.39
CA TYR B 174 18.53 -9.96 31.83
C TYR B 174 19.22 -9.94 33.17
N MET B 175 20.26 -9.15 33.27
CA MET B 175 21.01 -8.98 34.49
C MET B 175 21.18 -7.52 34.85
N THR B 176 21.10 -7.29 36.14
CA THR B 176 21.58 -6.12 36.85
C THR B 176 23.07 -5.94 36.71
N ALA B 177 23.57 -4.71 36.88
CA ALA B 177 25.01 -4.47 36.99
C ALA B 177 25.70 -5.30 38.07
N GLU B 178 25.17 -5.30 39.27
CA GLU B 178 25.63 -6.25 40.32
C GLU B 178 25.56 -7.75 39.92
N GLN B 179 24.44 -8.24 39.39
CA GLN B 179 24.38 -9.62 38.86
C GLN B 179 25.46 -9.93 37.79
N ALA B 180 25.76 -8.96 36.93
CA ALA B 180 26.76 -9.14 35.91
C ALA B 180 28.17 -9.17 36.46
N LYS B 181 28.41 -8.42 37.53
CA LYS B 181 29.71 -8.48 38.23
C LYS B 181 29.89 -9.86 38.89
N ALA B 182 28.85 -10.33 39.57
CA ALA B 182 28.85 -11.64 40.18
C ALA B 182 29.11 -12.76 39.14
N TYR B 183 28.53 -12.63 37.95
CA TYR B 183 28.62 -13.62 36.89
C TYR B 183 29.94 -13.59 36.21
N GLY B 184 30.69 -12.49 36.33
CA GLY B 184 32.01 -12.33 35.65
C GLY B 184 32.01 -11.53 34.33
N LEU B 185 30.85 -11.05 33.87
CA LEU B 185 30.79 -10.23 32.64
C LEU B 185 31.56 -8.91 32.79
N ILE B 186 31.42 -8.29 33.97
CA ILE B 186 32.16 -7.06 34.28
C ILE B 186 32.94 -7.21 35.58
N ASP B 187 33.84 -6.26 35.80
CA ASP B 187 34.70 -6.19 36.96
C ASP B 187 34.18 -5.31 38.08
N GLU B 188 33.65 -4.13 37.74
CA GLU B 188 33.14 -3.18 38.77
C GLU B 188 31.90 -2.40 38.35
N VAL B 189 31.04 -2.12 39.32
CA VAL B 189 29.94 -1.21 39.14
C VAL B 189 30.43 0.14 39.58
N MET B 190 30.44 1.16 38.71
CA MET B 190 30.96 2.46 39.14
C MET B 190 29.90 3.50 39.56
N GLU B 191 29.98 3.96 40.82
CA GLU B 191 29.19 5.11 41.33
C GLU B 191 30.00 6.41 41.27
N LEU C 3 16.43 26.21 9.23
CA LEU C 3 15.64 26.11 10.50
C LEU C 3 16.38 26.62 11.75
N ILE C 4 17.71 26.40 11.85
CA ILE C 4 18.50 26.68 13.09
C ILE C 4 19.45 27.88 12.92
N PRO C 5 19.12 29.01 13.58
CA PRO C 5 19.94 30.21 13.38
C PRO C 5 21.32 30.17 14.06
N THR C 6 22.20 31.03 13.57
CA THR C 6 23.57 31.12 14.04
C THR C 6 23.81 32.52 14.65
N VAL C 7 24.79 32.63 15.52
CA VAL C 7 25.15 33.91 16.18
C VAL C 7 26.68 34.06 16.12
N ILE C 8 27.19 35.31 16.02
CA ILE C 8 28.65 35.58 15.77
C ILE C 8 29.43 36.05 17.02
N TYR C 18 28.85 30.23 16.04
CA TYR C 18 28.13 29.12 16.71
C TYR C 18 26.69 28.99 16.20
N ASP C 19 26.20 27.76 16.06
CA ASP C 19 24.75 27.53 16.01
C ASP C 19 24.20 27.80 17.41
N ILE C 20 22.93 28.19 17.48
CA ILE C 20 22.38 28.68 18.73
C ILE C 20 22.54 27.65 19.86
N TYR C 21 22.33 26.35 19.58
CA TYR C 21 22.43 25.33 20.66
C TYR C 21 23.85 25.20 21.19
N SER C 22 24.82 25.26 20.30
CA SER C 22 26.23 25.27 20.69
C SER C 22 26.60 26.50 21.50
N ARG C 23 25.97 27.63 21.24
CA ARG C 23 26.26 28.83 21.98
C ARG C 23 25.78 28.70 23.41
N LEU C 24 24.60 28.10 23.59
CA LEU C 24 24.08 27.82 24.93
C LEU C 24 24.99 26.81 25.69
N LEU C 25 25.56 25.85 24.98
CA LEU C 25 26.45 24.85 25.56
C LEU C 25 27.73 25.49 26.10
N LYS C 26 28.21 26.56 25.44
CA LYS C 26 29.36 27.39 25.95
C LYS C 26 29.04 27.90 27.37
N ASP C 27 27.78 28.23 27.64
CA ASP C 27 27.37 28.60 29.02
C ASP C 27 26.80 27.46 29.88
N ARG C 28 27.13 26.22 29.53
CA ARG C 28 26.77 25.00 30.30
C ARG C 28 25.24 24.61 30.30
N ILE C 29 24.55 24.99 29.24
CA ILE C 29 23.14 24.66 29.09
C ILE C 29 22.99 23.55 28.08
N ILE C 30 22.23 22.53 28.43
CA ILE C 30 21.96 21.38 27.57
C ILE C 30 20.44 21.36 27.35
N MET C 31 20.03 21.22 26.09
CA MET C 31 18.61 21.10 25.74
C MET C 31 18.24 19.65 25.55
N LEU C 32 17.28 19.16 26.31
CA LEU C 32 16.75 17.81 26.11
C LEU C 32 15.34 17.96 25.62
N SER C 33 15.16 17.87 24.29
CA SER C 33 13.86 18.11 23.65
C SER C 33 13.38 16.91 22.85
N GLY C 34 12.09 16.65 22.93
CA GLY C 34 11.49 15.53 22.24
C GLY C 34 11.76 14.16 22.87
N GLN C 35 11.55 13.14 22.05
CA GLN C 35 11.52 11.77 22.51
C GLN C 35 12.90 11.32 22.89
N VAL C 36 12.99 10.63 24.02
CA VAL C 36 14.25 10.12 24.54
C VAL C 36 14.57 8.82 23.79
N THR C 37 15.58 8.89 22.94
CA THR C 37 16.05 7.75 22.12
C THR C 37 17.51 7.56 22.44
N ASP C 38 18.06 6.46 21.90
CA ASP C 38 19.48 6.19 22.02
C ASP C 38 20.31 7.32 21.42
N ASP C 39 19.86 7.91 20.30
CA ASP C 39 20.60 9.01 19.63
C ASP C 39 20.63 10.27 20.48
N LEU C 40 19.48 10.69 20.99
CA LEU C 40 19.42 11.82 21.90
C LEU C 40 20.23 11.54 23.14
N ALA C 41 20.09 10.34 23.73
CA ALA C 41 20.82 10.04 24.95
C ALA C 41 22.30 10.18 24.74
N ASN C 42 22.78 9.72 23.60
CA ASN C 42 24.20 9.76 23.31
C ASN C 42 24.74 11.21 23.27
N SER C 43 23.97 12.08 22.64
CA SER C 43 24.28 13.51 22.59
C SER C 43 24.30 14.18 23.97
N ILE C 44 23.28 13.92 24.76
CA ILE C 44 23.17 14.50 26.12
C ILE C 44 24.35 14.04 26.96
N ILE C 45 24.67 12.76 26.86
CA ILE C 45 25.72 12.14 27.65
C ILE C 45 27.05 12.75 27.28
N ALA C 46 27.31 12.85 25.98
CA ALA C 46 28.56 13.45 25.50
C ALA C 46 28.69 14.88 26.05
N GLN C 47 27.58 15.62 26.00
CA GLN C 47 27.57 17.00 26.48
C GLN C 47 27.82 17.05 28.00
N LEU C 48 27.18 16.14 28.76
CA LEU C 48 27.39 16.10 30.22
C LEU C 48 28.85 15.86 30.56
N LEU C 49 29.43 14.87 29.90
CA LEU C 49 30.81 14.49 30.14
C LEU C 49 31.78 15.61 29.79
N PHE C 50 31.60 16.18 28.60
CA PHE C 50 32.43 17.29 28.16
C PHE C 50 32.40 18.46 29.16
N LEU C 51 31.21 18.84 29.63
CA LEU C 51 31.08 19.92 30.59
C LEU C 51 31.73 19.68 31.92
N ASP C 52 31.73 18.43 32.39
CA ASP C 52 32.33 18.11 33.70
C ASP C 52 33.86 18.09 33.64
N ALA C 53 34.41 17.54 32.55
CA ALA C 53 35.86 17.59 32.25
C ALA C 53 36.38 19.04 32.20
N GLN C 54 35.67 19.88 31.46
CA GLN C 54 35.98 21.29 31.33
C GLN C 54 35.97 22.06 32.66
N ASP C 55 35.01 21.79 33.53
CA ASP C 55 34.97 22.40 34.88
C ASP C 55 33.93 21.74 35.77
N SER C 56 34.37 20.99 36.80
CA SER C 56 33.45 20.32 37.75
C SER C 56 32.96 21.18 38.92
N GLU C 57 33.48 22.38 39.09
CA GLU C 57 33.01 23.26 40.16
C GLU C 57 31.75 24.08 39.74
N LYS C 58 31.58 24.33 38.43
CA LYS C 58 30.42 25.09 37.90
C LYS C 58 29.24 24.17 37.49
N ASP C 59 28.04 24.56 37.89
CA ASP C 59 26.83 23.83 37.59
C ASP C 59 26.55 23.65 36.10
N ILE C 60 25.78 22.59 35.80
CA ILE C 60 25.24 22.29 34.49
C ILE C 60 23.71 22.46 34.54
N TYR C 61 23.14 23.01 33.45
CA TYR C 61 21.72 23.28 33.40
C TYR C 61 21.12 22.43 32.31
N LEU C 62 20.16 21.59 32.69
CA LEU C 62 19.50 20.68 31.77
C LEU C 62 18.04 21.10 31.60
N TYR C 63 17.70 21.68 30.44
CA TYR C 63 16.32 22.08 30.15
C TYR C 63 15.56 20.94 29.52
N ILE C 64 14.38 20.63 30.02
CA ILE C 64 13.66 19.45 29.62
C ILE C 64 12.32 19.78 29.05
N ASN C 65 12.06 19.36 27.80
CA ASN C 65 10.71 19.34 27.23
C ASN C 65 10.53 18.00 26.46
N SER C 66 10.00 16.98 27.14
CA SER C 66 10.04 15.62 26.59
C SER C 66 8.84 14.81 27.03
N PRO C 67 8.23 14.05 26.11
CA PRO C 67 7.14 13.11 26.47
C PRO C 67 7.63 11.74 26.95
N GLY C 68 8.94 11.54 26.97
CA GLY C 68 9.55 10.31 27.45
C GLY C 68 10.19 9.55 26.30
N GLY C 69 10.22 8.22 26.39
CA GLY C 69 10.81 7.38 25.38
C GLY C 69 11.46 6.17 26.01
N SER C 70 12.63 5.80 25.53
CA SER C 70 13.29 4.58 25.95
C SER C 70 13.70 4.63 27.40
N VAL C 71 13.26 3.63 28.18
CA VAL C 71 13.68 3.48 29.57
C VAL C 71 15.18 3.38 29.69
N THR C 72 15.80 2.56 28.86
CA THR C 72 17.24 2.37 28.96
C THR C 72 18.01 3.60 28.53
N ALA C 73 17.54 4.27 27.49
CA ALA C 73 18.21 5.50 27.06
C ALA C 73 18.13 6.54 28.21
N GLY C 74 16.97 6.63 28.83
CA GLY C 74 16.79 7.48 29.98
C GLY C 74 17.70 7.13 31.13
N MET C 75 17.78 5.85 31.48
CA MET C 75 18.65 5.46 32.55
C MET C 75 20.12 5.80 32.22
N ALA C 76 20.51 5.73 30.97
CA ALA C 76 21.87 6.11 30.60
C ALA C 76 22.12 7.57 30.98
N ILE C 77 21.13 8.41 30.71
CA ILE C 77 21.25 9.84 31.01
C ILE C 77 21.28 10.02 32.54
N TYR C 78 20.33 9.41 33.22
CA TYR C 78 20.25 9.42 34.68
C TYR C 78 21.57 9.04 35.34
N ASP C 79 22.15 7.94 34.92
CA ASP C 79 23.37 7.48 35.51
C ASP C 79 24.48 8.46 35.24
N THR C 80 24.46 9.10 34.09
CA THR C 80 25.52 10.06 33.74
C THR C 80 25.36 11.33 34.53
N MET C 81 24.12 11.74 34.76
CA MET C 81 23.86 12.87 35.65
C MET C 81 24.44 12.67 37.06
N ASN C 82 24.23 11.49 37.64
CA ASN C 82 24.78 11.15 38.95
C ASN C 82 26.31 11.00 38.88
N PHE C 83 26.85 10.53 37.77
CA PHE C 83 28.30 10.29 37.68
C PHE C 83 29.13 11.56 37.75
N VAL C 84 28.78 12.54 36.92
CA VAL C 84 29.57 13.78 36.83
C VAL C 84 29.64 14.46 38.19
N LYS C 85 30.82 15.03 38.52
CA LYS C 85 31.02 15.75 39.83
C LYS C 85 30.10 16.97 39.93
N ALA C 86 29.92 17.69 38.82
CA ALA C 86 29.11 18.90 38.81
C ALA C 86 27.65 18.63 39.13
N ASP C 87 27.05 19.56 39.86
CA ASP C 87 25.63 19.57 40.09
C ASP C 87 24.91 19.82 38.78
N VAL C 88 23.81 19.06 38.59
CA VAL C 88 22.98 19.17 37.41
C VAL C 88 21.66 19.73 37.81
N GLN C 89 21.40 20.97 37.39
CA GLN C 89 20.09 21.61 37.62
C GLN C 89 19.17 21.19 36.51
N THR C 90 17.87 21.03 36.79
CA THR C 90 16.89 20.63 35.83
C THR C 90 15.74 21.59 35.84
N ILE C 91 15.32 22.04 34.65
CA ILE C 91 14.16 22.94 34.51
C ILE C 91 13.26 22.31 33.50
N VAL C 92 12.04 22.04 33.88
CA VAL C 92 11.07 21.63 32.90
C VAL C 92 10.38 22.86 32.33
N MET C 93 10.19 22.84 31.02
CA MET C 93 9.42 23.83 30.26
C MET C 93 8.44 23.06 29.37
N GLY C 94 7.16 23.32 29.47
CA GLY C 94 6.19 22.60 28.64
C GLY C 94 5.81 21.28 29.22
N MET C 95 6.59 20.24 28.97
CA MET C 95 6.21 18.89 29.41
C MET C 95 7.41 18.12 29.92
N ALA C 96 7.20 17.36 30.98
CA ALA C 96 8.11 16.29 31.34
C ALA C 96 7.27 15.10 31.69
N ALA C 97 7.12 14.15 30.75
CA ALA C 97 6.28 12.95 30.98
C ALA C 97 7.14 11.71 30.95
N SER C 98 6.76 10.74 31.76
CA SER C 98 7.42 9.43 31.79
C SER C 98 8.92 9.61 32.04
N MET C 99 9.78 9.12 31.18
CA MET C 99 11.18 9.26 31.42
C MET C 99 11.58 10.73 31.55
N GLY C 100 10.80 11.64 30.92
CA GLY C 100 11.05 13.08 31.04
C GLY C 100 10.97 13.57 32.48
N SER C 101 9.91 13.16 33.16
CA SER C 101 9.72 13.50 34.55
C SER C 101 10.72 12.80 35.47
N PHE C 102 11.15 11.59 35.10
CA PHE C 102 12.13 10.86 35.84
C PHE C 102 13.48 11.63 35.81
N LEU C 103 13.89 12.12 34.65
CA LEU C 103 15.14 12.88 34.55
C LEU C 103 15.02 14.29 35.21
N LEU C 104 13.81 14.88 35.21
CA LEU C 104 13.57 16.11 35.91
C LEU C 104 13.89 15.93 37.38
N THR C 105 13.27 14.93 37.98
CA THR C 105 13.45 14.66 39.40
C THR C 105 14.83 14.17 39.80
N ALA C 106 15.64 13.78 38.82
CA ALA C 106 17.03 13.37 39.05
C ALA C 106 18.00 14.54 39.20
N GLY C 107 17.53 15.76 38.97
CA GLY C 107 18.42 16.92 39.08
C GLY C 107 18.83 16.96 40.52
N THR C 108 19.98 17.60 40.80
CA THR C 108 20.46 17.82 42.16
C THR C 108 19.39 18.39 43.05
N LYS C 109 19.18 17.81 44.23
CA LYS C 109 18.13 18.30 45.11
C LYS C 109 18.40 19.73 45.53
N GLY C 110 17.31 20.49 45.66
CA GLY C 110 17.35 21.93 45.77
C GLY C 110 17.47 22.68 44.45
N LYS C 111 17.83 22.00 43.34
CA LYS C 111 17.95 22.66 42.04
C LYS C 111 17.12 22.05 40.91
N ARG C 112 15.89 21.64 41.21
CA ARG C 112 14.98 21.08 40.26
C ARG C 112 13.79 22.03 40.18
N PHE C 113 13.55 22.56 38.96
CA PHE C 113 12.58 23.60 38.74
C PHE C 113 11.54 23.28 37.65
N ALA C 114 10.38 23.88 37.76
CA ALA C 114 9.40 23.92 36.70
C ALA C 114 8.98 25.34 36.39
N LEU C 115 8.86 25.68 35.11
CA LEU C 115 8.19 26.87 34.70
C LEU C 115 6.71 26.73 35.08
N PRO C 116 6.02 27.85 35.35
CA PRO C 116 4.71 27.83 36.02
C PRO C 116 3.63 27.02 35.36
N ASN C 117 3.65 26.98 34.04
CA ASN C 117 2.64 26.22 33.28
C ASN C 117 3.12 24.86 32.72
N ALA C 118 4.21 24.31 33.24
CA ALA C 118 4.69 23.02 32.82
C ALA C 118 3.73 21.92 33.28
N GLU C 119 3.63 20.88 32.46
CA GLU C 119 2.84 19.67 32.72
C GLU C 119 3.88 18.58 33.12
N ILE C 120 3.64 17.89 34.23
CA ILE C 120 4.47 16.79 34.65
C ILE C 120 3.59 15.54 34.72
N MET C 121 4.08 14.44 34.15
CA MET C 121 3.33 13.22 34.22
C MET C 121 4.18 12.01 34.63
N ILE C 122 3.63 11.19 35.54
CA ILE C 122 4.27 9.96 35.97
C ILE C 122 3.31 8.80 35.77
N HIS C 123 3.85 7.66 35.40
CA HIS C 123 3.06 6.44 35.15
C HIS C 123 3.94 5.21 35.22
N GLN C 124 3.45 4.05 34.79
CA GLN C 124 4.26 2.82 34.80
C GLN C 124 4.87 2.60 33.45
N PRO C 125 6.00 1.86 33.41
CA PRO C 125 6.63 1.49 32.14
C PRO C 125 5.70 0.70 31.22
N LEU C 126 5.95 0.87 29.93
CA LEU C 126 5.13 0.30 28.86
C LEU C 126 5.99 -0.65 28.11
N GLY C 127 5.37 -1.71 27.60
CA GLY C 127 6.11 -2.65 26.78
C GLY C 127 5.21 -3.68 26.14
N GLY C 128 5.87 -4.70 25.62
CA GLY C 128 5.22 -5.72 24.87
C GLY C 128 6.01 -7.01 24.91
N ALA C 129 5.29 -8.11 24.75
CA ALA C 129 5.94 -9.40 24.72
C ALA C 129 5.14 -10.29 23.81
N GLN C 130 5.86 -11.12 23.05
CA GLN C 130 5.31 -11.99 22.06
C GLN C 130 5.98 -13.35 22.22
N GLY C 131 5.22 -14.43 22.09
CA GLY C 131 5.84 -15.75 21.92
C GLY C 131 5.29 -16.82 22.83
N GLN C 132 6.20 -17.70 23.25
CA GLN C 132 5.83 -18.80 24.08
C GLN C 132 5.58 -18.30 25.48
N ALA C 133 4.76 -19.02 26.23
CA ALA C 133 4.50 -18.71 27.61
C ALA C 133 5.76 -18.38 28.38
N THR C 134 6.77 -19.19 28.26
CA THR C 134 8.05 -18.92 28.90
C THR C 134 8.71 -17.60 28.49
N GLU C 135 8.56 -17.21 27.24
CA GLU C 135 9.15 -15.97 26.76
C GLU C 135 8.37 -14.76 27.32
N ILE C 136 7.06 -14.91 27.42
CA ILE C 136 6.22 -13.91 28.01
C ILE C 136 6.50 -13.74 29.49
N GLU C 137 6.76 -14.82 30.21
CA GLU C 137 7.12 -14.77 31.62
C GLU C 137 8.42 -14.04 31.78
N ILE C 138 9.39 -14.31 30.93
CA ILE C 138 10.68 -13.60 31.00
C ILE C 138 10.53 -12.10 30.81
N ALA C 139 9.68 -11.72 29.87
CA ALA C 139 9.42 -10.32 29.58
C ALA C 139 8.63 -9.61 30.71
N ALA C 140 7.59 -10.25 31.19
CA ALA C 140 6.88 -9.78 32.35
C ALA C 140 7.81 -9.60 33.58
N ARG C 141 8.67 -10.57 33.88
CA ARG C 141 9.59 -10.40 35.02
C ARG C 141 10.46 -9.21 34.81
N HIS C 142 10.87 -9.00 33.57
CA HIS C 142 11.82 -7.94 33.29
C HIS C 142 11.19 -6.57 33.46
N ILE C 143 9.98 -6.38 32.94
CA ILE C 143 9.35 -5.10 33.01
C ILE C 143 8.92 -4.78 34.48
N LEU C 144 8.47 -5.80 35.23
CA LEU C 144 8.12 -5.62 36.63
C LEU C 144 9.35 -5.24 37.42
N GLN C 145 10.49 -5.85 37.16
CA GLN C 145 11.72 -5.45 37.83
C GLN C 145 12.10 -4.03 37.47
N THR C 146 11.88 -3.64 36.22
CA THR C 146 12.15 -2.28 35.77
C THR C 146 11.21 -1.30 36.54
N ARG C 147 9.92 -1.61 36.66
CA ARG C 147 9.00 -0.76 37.40
C ARG C 147 9.47 -0.62 38.86
N GLU C 148 9.91 -1.71 39.47
CA GLU C 148 10.27 -1.71 40.86
C GLU C 148 11.53 -0.87 41.08
N ARG C 149 12.50 -0.97 40.18
CA ARG C 149 13.73 -0.19 40.30
C ARG C 149 13.46 1.32 40.10
N LEU C 150 12.61 1.68 39.15
CA LEU C 150 12.31 3.07 38.93
C LEU C 150 11.52 3.68 40.08
N ASN C 151 10.54 2.95 40.58
CA ASN C 151 9.76 3.36 41.72
C ASN C 151 10.64 3.57 42.97
N LYS C 152 11.61 2.71 43.20
CA LYS C 152 12.50 2.86 44.35
C LYS C 152 13.29 4.12 44.23
N ILE C 153 13.74 4.46 43.03
CA ILE C 153 14.48 5.70 42.78
C ILE C 153 13.55 6.90 42.96
N LEU C 154 12.30 6.79 42.51
CA LEU C 154 11.37 7.87 42.68
C LEU C 154 11.10 8.12 44.17
N ALA C 155 10.96 7.04 44.93
CA ALA C 155 10.79 7.12 46.35
C ALA C 155 11.91 7.94 46.98
N GLU C 156 13.13 7.62 46.62
CA GLU C 156 14.29 8.35 47.14
C GLU C 156 14.28 9.80 46.68
N ARG C 157 13.96 10.06 45.42
CA ARG C 157 14.01 11.43 44.85
C ARG C 157 12.94 12.36 45.37
N THR C 158 11.79 11.81 45.71
CA THR C 158 10.69 12.56 46.20
C THR C 158 10.53 12.59 47.72
N GLY C 159 11.11 11.64 48.43
CA GLY C 159 10.76 11.40 49.82
C GLY C 159 9.48 10.65 50.06
N GLN C 160 8.71 10.34 49.03
CA GLN C 160 7.45 9.60 49.27
C GLN C 160 7.82 8.16 49.63
N PRO C 161 6.97 7.51 50.41
CA PRO C 161 7.15 6.08 50.56
C PRO C 161 6.82 5.26 49.29
N LEU C 162 7.53 4.16 49.10
CA LEU C 162 7.38 3.28 47.97
C LEU C 162 5.95 2.89 47.63
N GLU C 163 5.15 2.59 48.63
CA GLU C 163 3.75 2.16 48.37
C GLU C 163 2.89 3.32 47.79
N VAL C 164 3.25 4.56 48.10
CA VAL C 164 2.55 5.73 47.58
C VAL C 164 2.92 5.94 46.11
N ILE C 165 4.20 5.80 45.81
CA ILE C 165 4.66 5.81 44.45
C ILE C 165 3.95 4.74 43.61
N GLU C 166 3.80 3.53 44.12
CA GLU C 166 3.11 2.47 43.41
C GLU C 166 1.65 2.82 43.11
N LYS C 167 0.90 3.33 44.09
CA LYS C 167 -0.52 3.72 43.87
C LYS C 167 -0.60 4.86 42.81
N ASP C 168 0.32 5.81 42.89
CA ASP C 168 0.26 7.05 42.14
C ASP C 168 0.75 6.92 40.69
N THR C 169 1.57 5.91 40.43
CA THR C 169 1.99 5.56 39.08
C THR C 169 1.17 4.45 38.43
N ASP C 170 0.14 3.94 39.07
CA ASP C 170 -0.69 2.90 38.48
C ASP C 170 -1.32 3.29 37.15
N ARG C 171 -1.83 4.51 37.07
CA ARG C 171 -2.35 5.08 35.81
C ARG C 171 -1.65 6.40 35.53
N ASP C 172 -1.86 6.93 34.33
CA ASP C 172 -1.36 8.26 33.95
C ASP C 172 -1.77 9.31 34.99
N ASN C 173 -0.77 9.98 35.54
CA ASN C 173 -0.98 10.91 36.65
C ASN C 173 -0.36 12.24 36.27
N TYR C 174 -1.23 13.16 35.83
CA TYR C 174 -0.81 14.49 35.38
C TYR C 174 -0.78 15.44 36.58
N MET C 175 0.30 16.20 36.68
CA MET C 175 0.47 17.17 37.73
C MET C 175 0.84 18.54 37.17
N THR C 176 0.25 19.55 37.79
CA THR C 176 0.69 20.93 37.80
C THR C 176 2.10 21.09 38.35
N ALA C 177 2.78 22.16 37.98
CA ALA C 177 4.08 22.49 38.61
C ALA C 177 3.99 22.59 40.16
N GLU C 178 2.99 23.29 40.68
CA GLU C 178 2.71 23.32 42.10
C GLU C 178 2.46 21.95 42.68
N GLN C 179 1.61 21.12 42.04
CA GLN C 179 1.36 19.74 42.50
C GLN C 179 2.65 18.92 42.58
N ALA C 180 3.54 19.12 41.63
CA ALA C 180 4.83 18.44 41.60
C ALA C 180 5.78 18.87 42.67
N LYS C 181 5.72 20.15 43.04
CA LYS C 181 6.51 20.67 44.16
C LYS C 181 6.01 20.05 45.47
N ALA C 182 4.70 20.02 45.63
CA ALA C 182 4.08 19.42 46.79
C ALA C 182 4.41 17.95 46.91
N TYR C 183 4.53 17.27 45.78
CA TYR C 183 4.76 15.82 45.75
C TYR C 183 6.20 15.47 45.94
N GLY C 184 7.12 16.42 45.74
CA GLY C 184 8.56 16.17 45.92
C GLY C 184 9.37 15.99 44.65
N LEU C 185 8.72 16.00 43.48
CA LEU C 185 9.42 15.83 42.18
C LEU C 185 10.32 16.97 41.83
N ILE C 186 9.87 18.19 42.18
CA ILE C 186 10.69 19.41 42.04
C ILE C 186 10.76 20.19 43.36
N ASP C 187 11.70 21.14 43.38
CA ASP C 187 11.97 22.01 44.51
C ASP C 187 11.25 23.35 44.45
N GLU C 188 11.29 24.00 43.29
CA GLU C 188 10.63 25.28 43.12
C GLU C 188 9.97 25.43 41.78
N VAL C 189 8.87 26.17 41.76
CA VAL C 189 8.30 26.76 40.54
C VAL C 189 8.95 28.12 40.31
N MET C 190 9.60 28.34 39.18
CA MET C 190 10.20 29.67 38.96
C MET C 190 9.35 30.65 38.17
N GLU C 191 8.98 31.77 38.80
CA GLU C 191 8.39 32.96 38.14
C GLU C 191 9.49 34.01 37.84
N ILE D 4 17.24 29.23 1.01
CA ILE D 4 17.41 30.32 2.04
C ILE D 4 18.61 31.25 1.72
N PRO D 5 18.33 32.48 1.27
CA PRO D 5 19.43 33.34 0.83
C PRO D 5 20.32 33.85 1.97
N THR D 6 21.51 34.30 1.60
CA THR D 6 22.50 34.82 2.53
C THR D 6 22.79 36.31 2.16
N VAL D 7 23.25 37.08 3.14
CA VAL D 7 23.56 38.53 2.97
C VAL D 7 24.94 38.83 3.59
N ILE D 8 25.68 39.80 3.03
CA ILE D 8 27.08 40.12 3.46
C ILE D 8 27.23 41.36 4.37
N ARG D 16 31.62 39.45 7.03
CA ARG D 16 30.77 38.36 7.57
C ARG D 16 29.48 38.10 6.75
N ALA D 17 29.11 36.82 6.71
CA ALA D 17 27.96 36.32 5.92
C ALA D 17 26.94 35.58 6.82
N TYR D 18 25.74 36.15 6.96
CA TYR D 18 24.64 35.53 7.69
C TYR D 18 23.63 34.95 6.72
N ASP D 19 23.02 33.83 7.08
CA ASP D 19 21.74 33.47 6.47
C ASP D 19 20.69 34.53 6.92
N ILE D 20 19.67 34.75 6.11
CA ILE D 20 18.75 35.85 6.34
C ILE D 20 18.09 35.80 7.74
N TYR D 21 17.70 34.61 8.22
CA TYR D 21 17.05 34.53 9.56
C TYR D 21 18.04 34.89 10.70
N SER D 22 19.27 34.46 10.57
CA SER D 22 20.31 34.84 11.50
C SER D 22 20.62 36.34 11.47
N ARG D 23 20.52 36.97 10.32
CA ARG D 23 20.70 38.41 10.23
C ARG D 23 19.59 39.14 10.99
N LEU D 24 18.36 38.69 10.84
CA LEU D 24 17.23 39.25 11.58
C LEU D 24 17.34 39.04 13.11
N LEU D 25 17.94 37.93 13.51
CA LEU D 25 18.18 37.66 14.94
C LEU D 25 19.22 38.60 15.54
N LYS D 26 20.25 38.99 14.77
CA LYS D 26 21.19 40.10 15.20
C LYS D 26 20.44 41.39 15.61
N ASP D 27 19.32 41.71 14.97
CA ASP D 27 18.48 42.81 15.40
C ASP D 27 17.29 42.42 16.27
N ARG D 28 17.42 41.27 16.94
CA ARG D 28 16.44 40.83 17.96
C ARG D 28 15.01 40.44 17.41
N ILE D 29 14.96 40.01 16.17
CA ILE D 29 13.74 39.50 15.60
C ILE D 29 13.74 37.96 15.59
N ILE D 30 12.67 37.37 16.06
CA ILE D 30 12.48 35.92 16.01
C ILE D 30 11.27 35.60 15.12
N MET D 31 11.46 34.65 14.21
CA MET D 31 10.40 34.21 13.30
C MET D 31 9.74 32.95 13.83
N LEU D 32 8.44 33.01 14.12
CA LEU D 32 7.69 31.83 14.50
C LEU D 32 6.72 31.49 13.38
N SER D 33 7.09 30.50 12.57
CA SER D 33 6.33 30.17 11.35
C SER D 33 5.95 28.70 11.31
N GLY D 34 4.72 28.46 10.92
CA GLY D 34 4.26 27.12 10.81
C GLY D 34 3.86 26.52 12.11
N GLN D 35 3.75 25.22 12.10
CA GLN D 35 3.11 24.49 13.17
C GLN D 35 4.00 24.56 14.41
N VAL D 36 3.39 24.71 15.57
CA VAL D 36 4.10 24.77 16.85
C VAL D 36 4.38 23.33 17.30
N THR D 37 5.63 22.92 17.21
CA THR D 37 6.07 21.59 17.57
C THR D 37 7.11 21.74 18.67
N ASP D 38 7.51 20.62 19.26
CA ASP D 38 8.60 20.60 20.21
C ASP D 38 9.87 21.19 19.56
N ASP D 39 10.15 20.85 18.30
CA ASP D 39 11.39 21.31 17.61
C ASP D 39 11.41 22.80 17.39
N LEU D 40 10.28 23.33 16.93
CA LEU D 40 10.14 24.76 16.79
C LEU D 40 10.26 25.45 18.15
N ALA D 41 9.55 24.94 19.16
CA ALA D 41 9.58 25.51 20.48
C ALA D 41 10.99 25.60 21.03
N ASN D 42 11.76 24.57 20.79
CA ASN D 42 13.13 24.50 21.30
C ASN D 42 14.01 25.63 20.71
N SER D 43 13.88 25.83 19.40
CA SER D 43 14.56 26.91 18.67
C SER D 43 14.15 28.32 19.14
N ILE D 44 12.85 28.55 19.27
CA ILE D 44 12.33 29.83 19.73
C ILE D 44 12.87 30.12 21.11
N ILE D 45 12.81 29.11 21.99
CA ILE D 45 13.18 29.24 23.39
C ILE D 45 14.66 29.60 23.48
N ALA D 46 15.47 28.85 22.76
CA ALA D 46 16.90 29.12 22.73
C ALA D 46 17.16 30.56 22.31
N GLN D 47 16.47 31.00 21.24
CA GLN D 47 16.61 32.34 20.75
C GLN D 47 16.16 33.39 21.77
N LEU D 48 15.04 33.16 22.43
CA LEU D 48 14.58 34.10 23.48
C LEU D 48 15.60 34.25 24.61
N LEU D 49 16.12 33.13 25.08
CA LEU D 49 17.10 33.11 26.17
C LEU D 49 18.38 33.82 25.80
N PHE D 50 18.89 33.49 24.61
CA PHE D 50 20.10 34.12 24.08
C PHE D 50 19.97 35.64 23.98
N LEU D 51 18.85 36.11 23.46
CA LEU D 51 18.62 37.54 23.34
C LEU D 51 18.50 38.30 24.66
N ASP D 52 17.97 37.66 25.71
CA ASP D 52 17.81 38.32 27.04
C ASP D 52 19.13 38.39 27.82
N ALA D 53 19.93 37.34 27.71
CA ALA D 53 21.31 37.32 28.19
C ALA D 53 22.16 38.44 27.57
N GLN D 54 22.09 38.52 26.24
CA GLN D 54 22.83 39.50 25.45
C GLN D 54 22.46 40.97 25.80
N ASP D 55 21.18 41.23 26.07
CA ASP D 55 20.75 42.55 26.54
C ASP D 55 19.28 42.55 26.98
N SER D 56 19.04 42.66 28.28
CA SER D 56 17.68 42.69 28.83
C SER D 56 16.96 44.08 28.75
N GLU D 57 17.67 45.14 28.37
CA GLU D 57 17.04 46.47 28.26
C GLU D 57 16.33 46.67 26.92
N LYS D 58 16.84 46.03 25.85
CA LYS D 58 16.28 46.16 24.47
C LYS D 58 15.17 45.09 24.20
N ASP D 59 14.08 45.54 23.60
CA ASP D 59 12.98 44.66 23.27
C ASP D 59 13.33 43.52 22.31
N ILE D 60 12.48 42.49 22.37
CA ILE D 60 12.50 41.35 21.44
C ILE D 60 11.22 41.38 20.62
N TYR D 61 11.37 41.07 19.33
CA TYR D 61 10.26 41.10 18.36
C TYR D 61 9.97 39.70 17.83
N LEU D 62 8.77 39.21 18.11
CA LEU D 62 8.36 37.88 17.77
C LEU D 62 7.29 37.95 16.69
N TYR D 63 7.66 37.59 15.46
CA TYR D 63 6.72 37.63 14.34
C TYR D 63 6.06 36.26 14.23
N ILE D 64 4.73 36.24 14.13
CA ILE D 64 3.99 35.00 14.22
C ILE D 64 3.16 34.77 12.96
N ASN D 65 3.36 33.62 12.31
CA ASN D 65 2.44 33.12 11.28
C ASN D 65 2.26 31.64 11.51
N SER D 66 1.23 31.26 12.28
CA SER D 66 1.12 29.89 12.74
C SER D 66 -0.32 29.46 12.92
N PRO D 67 -0.67 28.23 12.46
CA PRO D 67 -2.02 27.71 12.69
C PRO D 67 -2.16 27.03 14.04
N GLY D 68 -1.09 26.97 14.83
CA GLY D 68 -1.15 26.37 16.16
C GLY D 68 -0.32 25.10 16.18
N GLY D 69 -0.70 24.15 17.04
CA GLY D 69 0.13 22.98 17.26
C GLY D 69 0.05 22.53 18.69
N SER D 70 1.13 21.97 19.17
CA SER D 70 1.21 21.39 20.50
C SER D 70 0.91 22.39 21.61
N VAL D 71 -0.07 22.07 22.46
CA VAL D 71 -0.37 22.89 23.62
C VAL D 71 0.82 23.02 24.55
N THR D 72 1.51 21.92 24.82
CA THR D 72 2.65 21.96 25.72
C THR D 72 3.86 22.65 25.12
N ALA D 73 4.06 22.52 23.83
CA ALA D 73 5.17 23.25 23.17
C ALA D 73 4.88 24.76 23.20
N GLY D 74 3.65 25.11 22.96
CA GLY D 74 3.25 26.49 23.08
C GLY D 74 3.45 27.02 24.44
N MET D 75 3.03 26.25 25.46
CA MET D 75 3.16 26.73 26.84
C MET D 75 4.61 26.94 27.18
N ALA D 76 5.48 26.11 26.64
CA ALA D 76 6.90 26.30 26.88
C ALA D 76 7.36 27.64 26.39
N ILE D 77 6.89 28.06 25.21
CA ILE D 77 7.28 29.34 24.61
C ILE D 77 6.64 30.45 25.45
N TYR D 78 5.36 30.32 25.78
CA TYR D 78 4.65 31.28 26.64
C TYR D 78 5.37 31.54 27.94
N ASP D 79 5.75 30.47 28.63
CA ASP D 79 6.42 30.61 29.89
C ASP D 79 7.76 31.32 29.69
N THR D 80 8.46 31.00 28.63
CA THR D 80 9.74 31.62 28.35
C THR D 80 9.60 33.11 28.02
N MET D 81 8.56 33.47 27.29
CA MET D 81 8.29 34.87 27.02
C MET D 81 8.11 35.68 28.32
N ASN D 82 7.36 35.13 29.27
CA ASN D 82 7.15 35.77 30.57
C ASN D 82 8.39 35.74 31.45
N PHE D 83 9.24 34.76 31.28
CA PHE D 83 10.44 34.64 32.10
C PHE D 83 11.50 35.70 31.82
N VAL D 84 11.87 35.86 30.56
CA VAL D 84 12.93 36.80 30.17
C VAL D 84 12.53 38.23 30.65
N LYS D 85 13.56 39.01 31.06
CA LYS D 85 13.37 40.37 31.60
C LYS D 85 12.91 41.27 30.47
N ALA D 86 13.47 41.09 29.27
CA ALA D 86 13.08 41.93 28.12
C ALA D 86 11.59 41.84 27.75
N ASP D 87 11.01 42.94 27.32
CA ASP D 87 9.67 42.96 26.75
C ASP D 87 9.69 42.22 25.41
N VAL D 88 8.63 41.46 25.17
CA VAL D 88 8.53 40.68 23.95
C VAL D 88 7.35 41.26 23.23
N GLN D 89 7.62 41.94 22.11
CA GLN D 89 6.57 42.44 21.21
C GLN D 89 6.15 41.32 20.27
N THR D 90 4.86 41.26 19.94
CA THR D 90 4.33 40.25 19.04
C THR D 90 3.60 40.90 17.89
N ILE D 91 3.91 40.43 16.67
CA ILE D 91 3.23 40.88 15.45
C ILE D 91 2.69 39.63 14.79
N VAL D 92 1.39 39.58 14.57
CA VAL D 92 0.86 38.58 13.67
C VAL D 92 0.84 39.08 12.20
N MET D 93 1.31 38.23 11.31
CA MET D 93 1.25 38.43 9.86
C MET D 93 0.60 37.17 9.28
N GLY D 94 -0.48 37.34 8.53
CA GLY D 94 -1.15 36.21 7.96
C GLY D 94 -2.11 35.57 8.94
N MET D 95 -1.60 34.63 9.73
CA MET D 95 -2.48 33.86 10.60
C MET D 95 -1.88 33.68 11.99
N ALA D 96 -2.73 33.74 13.01
CA ALA D 96 -2.38 33.25 14.32
C ALA D 96 -3.63 32.54 14.80
N ALA D 97 -3.61 31.21 14.71
CA ALA D 97 -4.74 30.41 15.18
C ALA D 97 -4.35 29.54 16.39
N SER D 98 -5.30 29.29 17.25
CA SER D 98 -5.10 28.37 18.39
C SER D 98 -3.89 28.80 19.23
N MET D 99 -2.90 27.96 19.39
CA MET D 99 -1.75 28.34 20.15
C MET D 99 -1.02 29.54 19.52
N GLY D 100 -1.16 29.75 18.21
CA GLY D 100 -0.58 30.94 17.56
C GLY D 100 -1.20 32.22 18.10
N SER D 101 -2.53 32.27 18.20
CA SER D 101 -3.20 33.39 18.80
C SER D 101 -2.90 33.57 20.30
N PHE D 102 -2.74 32.47 21.00
CA PHE D 102 -2.41 32.50 22.42
C PHE D 102 -1.03 33.13 22.64
N LEU D 103 -0.05 32.78 21.83
CA LEU D 103 1.26 33.42 21.92
C LEU D 103 1.23 34.90 21.48
N LEU D 104 0.39 35.24 20.51
CA LEU D 104 0.24 36.61 20.06
C LEU D 104 -0.20 37.49 21.23
N THR D 105 -1.28 37.09 21.90
CA THR D 105 -1.82 37.81 23.03
C THR D 105 -0.94 37.76 24.29
N ALA D 106 0.07 36.92 24.33
CA ALA D 106 1.02 36.87 25.44
C ALA D 106 2.14 37.88 25.32
N GLY D 107 2.24 38.56 24.18
CA GLY D 107 3.21 39.64 24.10
C GLY D 107 2.94 40.71 25.17
N THR D 108 3.99 41.44 25.54
CA THR D 108 3.88 42.53 26.51
C THR D 108 2.70 43.45 26.17
N LYS D 109 1.84 43.77 27.13
CA LYS D 109 0.69 44.63 26.83
C LYS D 109 1.14 46.03 26.38
N GLY D 110 0.34 46.59 25.47
CA GLY D 110 0.75 47.74 24.65
C GLY D 110 1.61 47.46 23.44
N LYS D 111 2.23 46.28 23.36
CA LYS D 111 3.09 45.93 22.22
C LYS D 111 2.71 44.65 21.46
N ARG D 112 1.42 44.43 21.31
CA ARG D 112 0.88 43.30 20.56
C ARG D 112 0.17 43.84 19.32
N PHE D 113 0.65 43.44 18.16
CA PHE D 113 0.21 44.01 16.88
C PHE D 113 -0.29 42.99 15.88
N ALA D 114 -1.17 43.41 15.00
CA ALA D 114 -1.53 42.64 13.81
C ALA D 114 -1.34 43.49 12.57
N LEU D 115 -0.81 42.89 11.49
CA LEU D 115 -0.88 43.48 10.17
C LEU D 115 -2.34 43.51 9.73
N PRO D 116 -2.72 44.50 8.91
CA PRO D 116 -4.15 44.81 8.67
C PRO D 116 -5.00 43.68 8.20
N ASN D 117 -4.42 42.74 7.45
CA ASN D 117 -5.17 41.62 6.89
C ASN D 117 -4.92 40.26 7.58
N ALA D 118 -4.44 40.33 8.82
CA ALA D 118 -4.19 39.13 9.59
C ALA D 118 -5.52 38.47 9.99
N GLU D 119 -5.48 37.15 10.07
CA GLU D 119 -6.61 36.32 10.57
C GLU D 119 -6.20 35.85 11.97
N ILE D 120 -7.10 36.00 12.93
CA ILE D 120 -6.84 35.53 14.30
C ILE D 120 -7.96 34.58 14.64
N MET D 121 -7.60 33.43 15.22
CA MET D 121 -8.63 32.48 15.59
C MET D 121 -8.36 31.94 16.98
N ILE D 122 -9.45 31.82 17.75
CA ILE D 122 -9.42 31.19 19.04
C ILE D 122 -10.47 30.07 19.07
N HIS D 123 -10.17 29.00 19.79
CA HIS D 123 -11.13 27.89 20.00
C HIS D 123 -10.78 27.09 21.26
N GLN D 124 -11.34 25.92 21.44
CA GLN D 124 -10.97 25.08 22.55
C GLN D 124 -9.90 24.05 22.14
N PRO D 125 -9.17 23.50 23.15
CA PRO D 125 -8.16 22.47 22.89
C PRO D 125 -8.76 21.22 22.29
N LEU D 126 -7.94 20.56 21.48
CA LEU D 126 -8.32 19.38 20.73
C LEU D 126 -7.51 18.21 21.24
N GLY D 127 -8.13 17.04 21.30
CA GLY D 127 -7.41 15.87 21.75
C GLY D 127 -8.07 14.57 21.39
N GLY D 128 -7.58 13.53 22.04
CA GLY D 128 -8.02 12.19 21.80
C GLY D 128 -7.73 11.30 22.97
N ALA D 129 -8.55 10.29 23.17
CA ALA D 129 -8.28 9.28 24.15
C ALA D 129 -8.84 7.99 23.65
N GLN D 130 -8.14 6.91 23.97
CA GLN D 130 -8.54 5.58 23.62
C GLN D 130 -8.30 4.63 24.82
N GLY D 131 -9.24 3.73 25.09
CA GLY D 131 -8.97 2.63 26.01
C GLY D 131 -10.11 2.35 26.93
N GLN D 132 -9.75 2.02 28.16
CA GLN D 132 -10.73 1.73 29.20
C GLN D 132 -11.43 3.01 29.65
N ALA D 133 -12.65 2.88 30.13
CA ALA D 133 -13.40 4.00 30.69
C ALA D 133 -12.54 4.88 31.64
N THR D 134 -11.83 4.27 32.55
CA THR D 134 -10.95 4.95 33.43
C THR D 134 -9.90 5.75 32.72
N GLU D 135 -9.33 5.19 31.65
CA GLU D 135 -8.28 5.91 30.90
C GLU D 135 -8.84 7.15 30.20
N ILE D 136 -10.05 7.02 29.69
CA ILE D 136 -10.77 8.08 29.02
C ILE D 136 -11.15 9.16 30.02
N GLU D 137 -11.57 8.78 31.22
CA GLU D 137 -11.86 9.75 32.28
C GLU D 137 -10.60 10.58 32.64
N ILE D 138 -9.47 9.93 32.79
CA ILE D 138 -8.22 10.66 33.05
C ILE D 138 -7.89 11.65 31.95
N ALA D 139 -8.09 11.25 30.71
CA ALA D 139 -7.76 12.11 29.57
C ALA D 139 -8.74 13.31 29.47
N ALA D 140 -10.01 13.04 29.69
CA ALA D 140 -11.01 14.06 29.75
C ALA D 140 -10.70 15.07 30.86
N ARG D 141 -10.38 14.61 32.07
CA ARG D 141 -10.05 15.52 33.16
C ARG D 141 -8.88 16.37 32.74
N HIS D 142 -7.91 15.76 32.11
CA HIS D 142 -6.72 16.48 31.77
C HIS D 142 -7.00 17.61 30.75
N ILE D 143 -7.73 17.30 29.68
CA ILE D 143 -7.97 18.27 28.66
C ILE D 143 -8.92 19.38 29.16
N LEU D 144 -9.90 19.06 30.01
CA LEU D 144 -10.74 20.08 30.65
C LEU D 144 -9.94 21.00 31.58
N GLN D 145 -9.00 20.47 32.33
CA GLN D 145 -8.08 21.30 33.11
C GLN D 145 -7.22 22.19 32.23
N THR D 146 -6.79 21.68 31.09
CA THR D 146 -6.02 22.46 30.13
C THR D 146 -6.86 23.61 29.54
N ARG D 147 -8.14 23.35 29.20
CA ARG D 147 -9.02 24.39 28.72
C ARG D 147 -9.21 25.50 29.80
N GLU D 148 -9.42 25.10 31.03
CA GLU D 148 -9.69 26.01 32.09
C GLU D 148 -8.48 26.93 32.35
N ARG D 149 -7.30 26.36 32.35
CA ARG D 149 -6.08 27.12 32.56
C ARG D 149 -5.82 28.12 31.41
N LEU D 150 -6.05 27.70 30.17
CA LEU D 150 -5.80 28.58 29.04
C LEU D 150 -6.85 29.71 29.04
N ASN D 151 -8.10 29.38 29.28
CA ASN D 151 -9.16 30.34 29.36
C ASN D 151 -8.92 31.39 30.45
N LYS D 152 -8.44 30.99 31.61
CA LYS D 152 -8.08 31.96 32.65
C LYS D 152 -6.99 32.92 32.20
N ILE D 153 -5.97 32.40 31.54
CA ILE D 153 -4.92 33.28 31.02
C ILE D 153 -5.48 34.22 29.93
N LEU D 154 -6.41 33.75 29.10
CA LEU D 154 -6.97 34.59 28.06
C LEU D 154 -7.79 35.71 28.64
N ALA D 155 -8.56 35.39 29.66
CA ALA D 155 -9.31 36.40 30.44
C ALA D 155 -8.38 37.50 30.97
N GLU D 156 -7.28 37.11 31.59
CA GLU D 156 -6.27 38.07 32.02
C GLU D 156 -5.69 38.87 30.85
N ARG D 157 -5.29 38.19 29.77
CA ARG D 157 -4.63 38.87 28.64
C ARG D 157 -5.54 39.82 27.81
N THR D 158 -6.83 39.56 27.80
CA THR D 158 -7.77 40.35 27.04
C THR D 158 -8.60 41.32 27.89
N GLY D 159 -8.66 41.10 29.19
CA GLY D 159 -9.61 41.81 30.04
C GLY D 159 -11.02 41.31 30.00
N GLN D 160 -11.32 40.34 29.16
CA GLN D 160 -12.69 39.83 29.10
C GLN D 160 -12.96 39.02 30.37
N PRO D 161 -14.21 38.93 30.76
CA PRO D 161 -14.51 37.99 31.84
C PRO D 161 -14.49 36.56 31.36
N LEU D 162 -14.11 35.65 32.27
CA LEU D 162 -13.98 34.25 32.01
C LEU D 162 -15.16 33.66 31.28
N GLU D 163 -16.36 34.05 31.65
CA GLU D 163 -17.57 33.43 31.07
C GLU D 163 -17.77 33.84 29.63
N VAL D 164 -17.24 35.00 29.26
CA VAL D 164 -17.26 35.45 27.85
C VAL D 164 -16.24 34.65 27.00
N ILE D 165 -15.03 34.50 27.53
CA ILE D 165 -14.02 33.63 26.93
C ILE D 165 -14.57 32.21 26.69
N GLU D 166 -15.26 31.61 27.65
CA GLU D 166 -15.87 30.29 27.48
C GLU D 166 -16.90 30.24 26.36
N LYS D 167 -17.82 31.19 26.26
CA LYS D 167 -18.81 31.19 25.15
C LYS D 167 -18.10 31.40 23.79
N ASP D 168 -17.09 32.24 23.79
CA ASP D 168 -16.43 32.67 22.54
C ASP D 168 -15.42 31.65 21.97
N THR D 169 -14.92 30.77 22.83
CA THR D 169 -14.04 29.71 22.42
C THR D 169 -14.77 28.34 22.23
N ASP D 170 -16.07 28.30 22.43
CA ASP D 170 -16.78 27.03 22.27
C ASP D 170 -16.63 26.39 20.88
N ARG D 171 -16.66 27.22 19.83
CA ARG D 171 -16.40 26.81 18.44
C ARG D 171 -15.32 27.67 17.84
N ASP D 172 -14.83 27.30 16.66
CA ASP D 172 -13.88 28.11 15.93
C ASP D 172 -14.42 29.53 15.78
N ASN D 173 -13.65 30.49 16.26
CA ASN D 173 -14.02 31.87 16.24
C ASN D 173 -12.92 32.71 15.52
N TYR D 174 -13.21 33.03 14.26
CA TYR D 174 -12.31 33.78 13.43
C TYR D 174 -12.55 35.26 13.62
N MET D 175 -11.47 36.01 13.73
CA MET D 175 -11.51 37.44 13.91
C MET D 175 -10.58 38.14 12.96
N THR D 176 -11.07 39.27 12.48
CA THR D 176 -10.31 40.37 11.87
C THR D 176 -9.31 41.01 12.83
N ALA D 177 -8.26 41.62 12.30
CA ALA D 177 -7.33 42.41 13.13
C ALA D 177 -8.04 43.51 13.99
N GLU D 178 -8.91 44.27 13.37
CA GLU D 178 -9.80 45.18 14.10
C GLU D 178 -10.66 44.50 15.14
N GLN D 179 -11.32 43.38 14.83
CA GLN D 179 -12.13 42.64 15.84
C GLN D 179 -11.30 42.16 17.04
N ALA D 180 -10.05 41.77 16.78
CA ALA D 180 -9.14 41.35 17.80
C ALA D 180 -8.65 42.48 18.64
N LYS D 181 -8.47 43.65 18.07
CA LYS D 181 -8.17 44.85 18.88
C LYS D 181 -9.34 45.19 19.80
N ALA D 182 -10.54 45.23 19.26
CA ALA D 182 -11.76 45.45 20.04
C ALA D 182 -11.91 44.43 21.17
N TYR D 183 -11.54 43.18 20.92
CA TYR D 183 -11.72 42.09 21.87
C TYR D 183 -10.67 42.09 22.99
N GLY D 184 -9.54 42.73 22.78
CA GLY D 184 -8.46 42.73 23.76
C GLY D 184 -7.25 41.88 23.42
N LEU D 185 -7.29 41.08 22.34
CA LEU D 185 -6.19 40.16 22.02
C LEU D 185 -4.94 40.89 21.63
N ILE D 186 -5.13 41.98 20.89
CA ILE D 186 -4.03 42.86 20.49
C ILE D 186 -4.33 44.32 20.87
N ASP D 187 -3.28 45.12 20.79
CA ASP D 187 -3.31 46.55 21.13
C ASP D 187 -3.50 47.46 19.92
N GLU D 188 -2.79 47.19 18.83
CA GLU D 188 -2.86 48.01 17.62
C GLU D 188 -2.77 47.21 16.30
N VAL D 189 -3.55 47.63 15.32
CA VAL D 189 -3.39 47.24 13.94
C VAL D 189 -2.36 48.16 13.27
N MET D 190 -1.23 47.67 12.78
CA MET D 190 -0.24 48.57 12.18
C MET D 190 -0.28 48.71 10.64
N GLU D 191 -0.58 49.93 10.17
CA GLU D 191 -0.39 50.32 8.76
C GLU D 191 0.96 51.08 8.59
N LEU E 3 22.68 21.53 -7.95
CA LEU E 3 21.52 22.19 -8.63
C LEU E 3 21.64 23.73 -8.72
N ILE E 4 22.19 24.40 -7.70
CA ILE E 4 22.19 25.89 -7.63
C ILE E 4 23.58 26.52 -7.80
N PRO E 5 23.83 27.20 -8.94
CA PRO E 5 25.21 27.61 -9.21
C PRO E 5 25.65 28.78 -8.37
N THR E 6 26.95 28.98 -8.28
CA THR E 6 27.56 30.07 -7.50
C THR E 6 28.36 30.98 -8.45
N VAL E 7 28.49 32.25 -8.10
CA VAL E 7 29.22 33.26 -8.92
C VAL E 7 30.22 34.00 -8.01
N ILE E 8 31.37 34.41 -8.56
CA ILE E 8 32.44 35.14 -7.79
C ILE E 8 32.43 36.67 -8.12
N GLU E 9 32.66 37.56 -7.13
CA GLU E 9 32.61 39.05 -7.37
C GLU E 9 33.93 39.80 -7.05
N GLU E 15 37.56 39.16 -3.43
CA GLU E 15 36.83 38.05 -4.02
C GLU E 15 35.83 37.44 -3.01
N ARG E 16 34.52 37.71 -3.22
CA ARG E 16 33.40 37.05 -2.49
C ARG E 16 32.55 36.13 -3.43
N ALA E 17 32.00 35.05 -2.86
CA ALA E 17 31.24 34.02 -3.59
C ALA E 17 29.79 33.87 -3.10
N TYR E 18 28.83 34.24 -3.95
CA TYR E 18 27.39 34.15 -3.65
C TYR E 18 26.75 33.00 -4.40
N ASP E 19 25.76 32.36 -3.81
CA ASP E 19 24.86 31.56 -4.62
C ASP E 19 24.04 32.56 -5.48
N ILE E 20 23.59 32.12 -6.64
CA ILE E 20 22.98 33.02 -7.65
C ILE E 20 21.79 33.84 -7.08
N TYR E 21 20.91 33.22 -6.27
CA TYR E 21 19.76 33.95 -5.70
C TYR E 21 20.21 35.02 -4.72
N SER E 22 21.22 34.73 -3.92
CA SER E 22 21.82 35.71 -3.00
C SER E 22 22.49 36.86 -3.73
N ARG E 23 23.06 36.57 -4.89
CA ARG E 23 23.63 37.63 -5.74
C ARG E 23 22.58 38.59 -6.25
N LEU E 24 21.45 38.06 -6.73
CA LEU E 24 20.29 38.85 -7.12
C LEU E 24 19.67 39.67 -5.96
N LEU E 25 19.64 39.11 -4.75
CA LEU E 25 19.17 39.88 -3.59
C LEU E 25 20.07 41.07 -3.24
N LYS E 26 21.39 40.97 -3.45
CA LYS E 26 22.29 42.14 -3.34
C LYS E 26 21.80 43.32 -4.20
N ASP E 27 21.27 43.04 -5.39
CA ASP E 27 20.64 44.06 -6.25
C ASP E 27 19.14 44.25 -6.05
N ARG E 28 18.63 43.81 -4.90
CA ARG E 28 17.24 44.08 -4.50
C ARG E 28 16.14 43.32 -5.32
N ILE E 29 16.52 42.18 -5.87
CA ILE E 29 15.59 41.31 -6.52
C ILE E 29 15.23 40.13 -5.60
N ILE E 30 13.93 39.87 -5.49
CA ILE E 30 13.39 38.75 -4.75
C ILE E 30 12.69 37.82 -5.75
N MET E 31 12.99 36.51 -5.68
CA MET E 31 12.33 35.49 -6.51
C MET E 31 11.21 34.83 -5.72
N LEU E 32 9.97 34.96 -6.18
CA LEU E 32 8.86 34.20 -5.59
C LEU E 32 8.45 33.10 -6.60
N SER E 33 8.92 31.87 -6.37
CA SER E 33 8.72 30.77 -7.31
C SER E 33 8.01 29.60 -6.64
N GLY E 34 7.06 29.02 -7.35
CA GLY E 34 6.34 27.88 -6.88
C GLY E 34 5.22 28.22 -5.97
N GLN E 35 4.77 27.21 -5.26
CA GLN E 35 3.60 27.29 -4.45
C GLN E 35 3.83 28.22 -3.25
N VAL E 36 2.82 29.01 -2.90
CA VAL E 36 2.89 29.93 -1.78
C VAL E 36 2.55 29.17 -0.51
N THR E 37 3.56 28.91 0.30
CA THR E 37 3.44 28.20 1.58
C THR E 37 3.89 29.12 2.69
N ASP E 38 3.66 28.68 3.92
CA ASP E 38 4.17 29.40 5.08
C ASP E 38 5.69 29.57 5.01
N ASP E 39 6.42 28.55 4.54
CA ASP E 39 7.90 28.58 4.46
C ASP E 39 8.39 29.56 3.43
N LEU E 40 7.77 29.53 2.25
CA LEU E 40 8.09 30.52 1.23
C LEU E 40 7.79 31.92 1.73
N ALA E 41 6.60 32.11 2.28
CA ALA E 41 6.20 33.40 2.78
C ALA E 41 7.21 33.97 3.76
N ASN E 42 7.72 33.12 4.64
CA ASN E 42 8.61 33.55 5.67
C ASN E 42 9.92 34.07 5.08
N SER E 43 10.39 33.39 4.05
CA SER E 43 11.59 33.80 3.33
C SER E 43 11.40 35.14 2.60
N ILE E 44 10.28 35.29 1.90
CA ILE E 44 9.97 36.50 1.13
C ILE E 44 9.88 37.69 2.10
N ILE E 45 9.19 37.47 3.20
CA ILE E 45 8.96 38.52 4.17
C ILE E 45 10.29 38.98 4.78
N ALA E 46 11.12 38.02 5.17
CA ALA E 46 12.45 38.34 5.70
C ALA E 46 13.24 39.16 4.72
N GLN E 47 13.20 38.76 3.45
CA GLN E 47 13.91 39.48 2.40
C GLN E 47 13.34 40.88 2.21
N LEU E 48 12.03 41.04 2.22
CA LEU E 48 11.42 42.37 2.07
C LEU E 48 11.82 43.31 3.21
N LEU E 49 11.74 42.82 4.44
CA LEU E 49 12.12 43.58 5.62
C LEU E 49 13.61 44.00 5.62
N PHE E 50 14.47 43.02 5.35
CA PHE E 50 15.90 43.25 5.22
C PHE E 50 16.22 44.34 4.20
N LEU E 51 15.62 44.26 3.01
CA LEU E 51 15.86 45.23 1.97
C LEU E 51 15.39 46.65 2.30
N ASP E 52 14.31 46.78 3.07
CA ASP E 52 13.76 48.10 3.44
C ASP E 52 14.58 48.80 4.54
N ALA E 53 15.02 48.01 5.52
CA ALA E 53 15.97 48.45 6.52
C ALA E 53 17.26 48.98 5.89
N GLN E 54 17.81 48.23 4.96
CA GLN E 54 19.05 48.53 4.29
C GLN E 54 18.97 49.81 3.46
N ASP E 55 17.81 50.07 2.84
CA ASP E 55 17.59 51.31 2.06
C ASP E 55 16.14 51.46 1.58
N SER E 56 15.36 52.31 2.24
CA SER E 56 13.97 52.55 1.82
C SER E 56 13.79 53.49 0.59
N GLU E 57 14.85 54.12 0.09
CA GLU E 57 14.75 55.04 -1.05
C GLU E 57 14.78 54.26 -2.38
N LYS E 58 15.48 53.12 -2.38
CA LYS E 58 15.62 52.28 -3.59
C LYS E 58 14.54 51.19 -3.70
N ASP E 59 14.00 51.03 -4.89
CA ASP E 59 12.93 50.07 -5.14
C ASP E 59 13.36 48.62 -4.90
N ILE E 60 12.34 47.80 -4.64
CA ILE E 60 12.49 46.35 -4.54
C ILE E 60 11.78 45.72 -5.76
N TYR E 61 12.37 44.68 -6.30
CA TYR E 61 11.84 43.97 -7.46
C TYR E 61 11.45 42.53 -7.12
N LEU E 62 10.15 42.24 -7.24
CA LEU E 62 9.60 40.93 -6.89
C LEU E 62 9.18 40.19 -8.12
N TYR E 63 9.99 39.21 -8.54
CA TYR E 63 9.66 38.37 -9.72
C TYR E 63 8.78 37.19 -9.30
N ILE E 64 7.68 37.00 -10.02
CA ILE E 64 6.67 36.04 -9.61
C ILE E 64 6.47 34.97 -10.65
N ASN E 65 6.59 33.71 -10.27
CA ASN E 65 6.14 32.59 -11.12
C ASN E 65 5.50 31.59 -10.17
N SER E 66 4.19 31.67 -9.97
CA SER E 66 3.53 30.90 -8.94
C SER E 66 2.11 30.52 -9.33
N PRO E 67 1.67 29.28 -9.00
CA PRO E 67 0.28 28.86 -9.20
C PRO E 67 -0.63 29.17 -8.05
N GLY E 68 -0.10 29.79 -7.01
CA GLY E 68 -0.90 30.18 -5.83
C GLY E 68 -0.51 29.35 -4.61
N GLY E 69 -1.45 29.16 -3.71
CA GLY E 69 -1.21 28.46 -2.47
C GLY E 69 -2.01 29.04 -1.33
N SER E 70 -1.43 29.05 -0.15
CA SER E 70 -2.14 29.45 1.05
C SER E 70 -2.60 30.92 0.99
N VAL E 71 -3.89 31.14 1.20
CA VAL E 71 -4.44 32.49 1.31
C VAL E 71 -3.77 33.29 2.43
N THR E 72 -3.62 32.71 3.63
CA THR E 72 -3.01 33.43 4.73
C THR E 72 -1.53 33.68 4.51
N ALA E 73 -0.82 32.74 3.91
CA ALA E 73 0.59 32.98 3.64
C ALA E 73 0.71 34.14 2.66
N GLY E 74 -0.12 34.12 1.62
CA GLY E 74 -0.16 35.21 0.66
C GLY E 74 -0.45 36.53 1.28
N MET E 75 -1.46 36.57 2.13
CA MET E 75 -1.81 37.81 2.78
C MET E 75 -0.66 38.32 3.64
N ALA E 76 0.10 37.43 4.26
CA ALA E 76 1.27 37.87 5.01
C ALA E 76 2.24 38.63 4.11
N ILE E 77 2.47 38.12 2.90
CA ILE E 77 3.39 38.75 1.96
C ILE E 77 2.78 40.09 1.49
N TYR E 78 1.49 40.08 1.15
CA TYR E 78 0.77 41.28 0.78
C TYR E 78 0.90 42.42 1.81
N ASP E 79 0.64 42.09 3.06
CA ASP E 79 0.69 43.08 4.13
C ASP E 79 2.11 43.60 4.32
N THR E 80 3.09 42.73 4.12
CA THR E 80 4.49 43.14 4.19
C THR E 80 4.90 44.03 3.02
N MET E 81 4.36 43.75 1.84
CA MET E 81 4.62 44.58 0.67
C MET E 81 4.15 46.02 0.86
N ASN E 82 2.95 46.17 1.37
CA ASN E 82 2.41 47.48 1.71
C ASN E 82 3.13 48.12 2.89
N PHE E 83 3.61 47.33 3.86
CA PHE E 83 4.24 47.90 5.05
C PHE E 83 5.54 48.65 4.76
N VAL E 84 6.44 47.99 4.05
CA VAL E 84 7.75 48.53 3.78
C VAL E 84 7.62 49.89 3.07
N LYS E 85 8.53 50.84 3.41
CA LYS E 85 8.53 52.19 2.82
C LYS E 85 8.83 52.13 1.33
N ALA E 86 9.77 51.28 0.95
CA ALA E 86 10.21 51.15 -0.44
C ALA E 86 9.07 50.63 -1.36
N ASP E 87 9.06 51.16 -2.58
CA ASP E 87 8.17 50.70 -3.59
C ASP E 87 8.57 49.30 -3.96
N VAL E 88 7.55 48.44 -4.16
CA VAL E 88 7.75 47.05 -4.59
C VAL E 88 7.21 46.90 -5.99
N GLN E 89 8.11 46.73 -6.96
CA GLN E 89 7.74 46.42 -8.31
C GLN E 89 7.47 44.93 -8.40
N THR E 90 6.53 44.54 -9.24
CA THR E 90 6.21 43.14 -9.50
C THR E 90 6.28 42.80 -11.01
N ILE E 91 6.98 41.71 -11.35
CA ILE E 91 7.05 41.22 -12.71
C ILE E 91 6.54 39.78 -12.70
N VAL E 92 5.52 39.48 -13.47
CA VAL E 92 5.19 38.10 -13.68
C VAL E 92 5.92 37.56 -14.87
N MET E 93 6.46 36.36 -14.72
CA MET E 93 7.14 35.59 -15.78
C MET E 93 6.51 34.19 -15.71
N GLY E 94 5.99 33.71 -16.81
CA GLY E 94 5.36 32.38 -16.80
C GLY E 94 3.95 32.41 -16.29
N MET E 95 3.77 32.33 -14.99
CA MET E 95 2.42 32.23 -14.44
C MET E 95 2.27 33.05 -13.18
N ALA E 96 1.10 33.62 -12.99
CA ALA E 96 0.68 34.14 -11.71
C ALA E 96 -0.75 33.80 -11.57
N ALA E 97 -1.05 32.73 -10.82
CA ALA E 97 -2.43 32.29 -10.64
C ALA E 97 -2.83 32.38 -9.19
N SER E 98 -4.09 32.69 -8.95
CA SER E 98 -4.66 32.74 -7.62
C SER E 98 -3.87 33.71 -6.77
N MET E 99 -3.32 33.28 -5.64
CA MET E 99 -2.56 34.15 -4.79
C MET E 99 -1.32 34.74 -5.49
N GLY E 100 -0.84 34.06 -6.53
CA GLY E 100 0.21 34.64 -7.36
C GLY E 100 -0.23 35.92 -8.09
N SER E 101 -1.41 35.90 -8.71
CA SER E 101 -1.93 37.08 -9.39
C SER E 101 -2.32 38.19 -8.38
N PHE E 102 -2.76 37.79 -7.19
CA PHE E 102 -3.10 38.74 -6.14
C PHE E 102 -1.85 39.52 -5.71
N LEU E 103 -0.72 38.83 -5.58
CA LEU E 103 0.52 39.48 -5.23
C LEU E 103 1.08 40.32 -6.36
N LEU E 104 0.84 39.91 -7.61
CA LEU E 104 1.29 40.64 -8.79
C LEU E 104 0.62 41.99 -8.80
N THR E 105 -0.70 41.99 -8.64
CA THR E 105 -1.45 43.22 -8.65
C THR E 105 -1.23 44.13 -7.40
N ALA E 106 -0.62 43.59 -6.35
CA ALA E 106 -0.27 44.35 -5.15
C ALA E 106 0.99 45.17 -5.27
N GLY E 107 1.76 44.98 -6.33
CA GLY E 107 2.92 45.83 -6.53
C GLY E 107 2.47 47.28 -6.61
N THR E 108 3.38 48.19 -6.29
CA THR E 108 3.13 49.63 -6.40
C THR E 108 2.51 49.98 -7.77
N LYS E 109 1.41 50.74 -7.76
CA LYS E 109 0.81 51.14 -9.05
C LYS E 109 1.79 51.95 -9.96
N GLY E 110 1.69 51.70 -11.25
CA GLY E 110 2.67 52.09 -12.22
C GLY E 110 3.88 51.18 -12.37
N LYS E 111 4.12 50.28 -11.41
CA LYS E 111 5.27 49.39 -11.50
C LYS E 111 4.93 47.88 -11.37
N ARG E 112 3.83 47.48 -12.01
CA ARG E 112 3.39 46.09 -12.10
C ARG E 112 3.48 45.66 -13.57
N PHE E 113 4.34 44.66 -13.82
CA PHE E 113 4.65 44.23 -15.17
C PHE E 113 4.33 42.78 -15.44
N ALA E 114 4.13 42.46 -16.71
CA ALA E 114 4.13 41.06 -17.20
C ALA E 114 5.06 40.89 -18.39
N LEU E 115 5.85 39.81 -18.40
CA LEU E 115 6.51 39.41 -19.64
C LEU E 115 5.43 39.00 -20.67
N PRO E 116 5.72 39.19 -21.96
CA PRO E 116 4.66 39.13 -23.00
C PRO E 116 3.84 37.85 -23.07
N ASN E 117 4.44 36.72 -22.72
CA ASN E 117 3.73 35.43 -22.75
C ASN E 117 3.34 34.88 -21.39
N ALA E 118 3.29 35.74 -20.37
CA ALA E 118 2.82 35.34 -19.05
C ALA E 118 1.32 34.98 -19.08
N GLU E 119 0.94 34.05 -18.24
CA GLU E 119 -0.42 33.66 -18.00
C GLU E 119 -0.79 34.29 -16.64
N ILE E 120 -1.95 34.89 -16.54
CA ILE E 120 -2.47 35.40 -15.27
C ILE E 120 -3.82 34.74 -15.07
N MET E 121 -4.08 34.26 -13.87
CA MET E 121 -5.37 33.68 -13.59
C MET E 121 -5.93 34.17 -12.26
N ILE E 122 -7.23 34.51 -12.26
CA ILE E 122 -7.95 34.90 -11.07
C ILE E 122 -9.17 34.00 -10.92
N HIS E 123 -9.49 33.65 -9.67
CA HIS E 123 -10.69 32.85 -9.35
C HIS E 123 -11.13 33.08 -7.89
N GLN E 124 -12.02 32.26 -7.37
CA GLN E 124 -12.41 32.38 -5.97
C GLN E 124 -11.58 31.45 -5.09
N PRO E 125 -11.51 31.76 -3.76
CA PRO E 125 -10.82 30.91 -2.81
C PRO E 125 -11.42 29.52 -2.74
N LEU E 126 -10.57 28.56 -2.41
CA LEU E 126 -10.87 27.15 -2.32
C LEU E 126 -10.72 26.67 -0.86
N GLY E 127 -11.54 25.74 -0.46
CA GLY E 127 -11.47 25.23 0.89
C GLY E 127 -12.32 24.00 1.06
N GLY E 128 -12.54 23.67 2.31
CA GLY E 128 -13.19 22.45 2.71
C GLY E 128 -13.64 22.53 4.15
N ALA E 129 -14.72 21.83 4.46
CA ALA E 129 -15.21 21.79 5.81
C ALA E 129 -15.86 20.46 6.02
N GLN E 130 -15.68 19.91 7.23
CA GLN E 130 -16.22 18.63 7.61
C GLN E 130 -16.79 18.71 9.02
N GLY E 131 -17.97 18.14 9.24
CA GLY E 131 -18.47 17.95 10.59
C GLY E 131 -19.92 18.25 10.72
N GLN E 132 -20.28 18.81 11.86
CA GLN E 132 -21.66 19.17 12.15
C GLN E 132 -22.10 20.39 11.30
N ALA E 133 -23.39 20.49 11.02
CA ALA E 133 -23.96 21.65 10.38
C ALA E 133 -23.43 22.97 10.91
N THR E 134 -23.38 23.14 12.22
CA THR E 134 -22.82 24.36 12.83
C THR E 134 -21.37 24.63 12.43
N GLU E 135 -20.57 23.59 12.30
CA GLU E 135 -19.16 23.71 11.99
C GLU E 135 -19.00 24.11 10.52
N ILE E 136 -19.86 23.57 9.69
CA ILE E 136 -19.87 23.84 8.27
C ILE E 136 -20.31 25.27 8.02
N GLU E 137 -21.31 25.74 8.78
CA GLU E 137 -21.71 27.15 8.71
C GLU E 137 -20.55 28.11 9.10
N ILE E 138 -19.84 27.82 10.18
CA ILE E 138 -18.71 28.62 10.57
C ILE E 138 -17.66 28.71 9.49
N ALA E 139 -17.38 27.56 8.84
CA ALA E 139 -16.34 27.49 7.81
C ALA E 139 -16.80 28.23 6.53
N ALA E 140 -18.07 28.02 6.14
CA ALA E 140 -18.67 28.76 5.07
C ALA E 140 -18.58 30.27 5.30
N ARG E 141 -19.01 30.74 6.47
CA ARG E 141 -18.95 32.16 6.76
C ARG E 141 -17.54 32.64 6.55
N HIS E 142 -16.58 31.88 7.02
CA HIS E 142 -15.21 32.34 7.03
C HIS E 142 -14.67 32.48 5.61
N ILE E 143 -14.92 31.47 4.78
CA ILE E 143 -14.40 31.51 3.43
C ILE E 143 -15.11 32.59 2.59
N LEU E 144 -16.42 32.78 2.77
CA LEU E 144 -17.13 33.88 2.13
C LEU E 144 -16.57 35.26 2.55
N GLN E 145 -16.26 35.45 3.83
CA GLN E 145 -15.65 36.70 4.29
C GLN E 145 -14.30 36.86 3.67
N THR E 146 -13.57 35.76 3.48
CA THR E 146 -12.28 35.81 2.85
C THR E 146 -12.45 36.24 1.39
N ARG E 147 -13.43 35.70 0.69
CA ARG E 147 -13.67 36.06 -0.71
C ARG E 147 -13.99 37.56 -0.81
N GLU E 148 -14.87 38.02 0.06
CA GLU E 148 -15.27 39.41 0.08
C GLU E 148 -14.10 40.37 0.32
N ARG E 149 -13.24 40.05 1.26
CA ARG E 149 -12.08 40.85 1.53
C ARG E 149 -11.10 40.90 0.35
N LEU E 150 -10.84 39.76 -0.26
CA LEU E 150 -9.91 39.74 -1.33
C LEU E 150 -10.48 40.51 -2.53
N ASN E 151 -11.77 40.29 -2.83
CA ASN E 151 -12.45 40.97 -3.91
C ASN E 151 -12.40 42.49 -3.76
N LYS E 152 -12.59 42.99 -2.53
CA LYS E 152 -12.52 44.43 -2.27
C LYS E 152 -11.15 44.94 -2.59
N ILE E 153 -10.14 44.19 -2.25
CA ILE E 153 -8.78 44.63 -2.51
C ILE E 153 -8.53 44.63 -4.02
N LEU E 154 -9.07 43.65 -4.73
CA LEU E 154 -8.87 43.56 -6.15
C LEU E 154 -9.57 44.72 -6.85
N ALA E 155 -10.79 45.04 -6.40
CA ALA E 155 -11.49 46.26 -6.85
C ALA E 155 -10.60 47.52 -6.75
N GLU E 156 -10.01 47.72 -5.60
CA GLU E 156 -9.14 48.85 -5.41
C GLU E 156 -7.94 48.77 -6.28
N ARG E 157 -7.30 47.60 -6.38
CA ARG E 157 -6.05 47.47 -7.15
C ARG E 157 -6.22 47.61 -8.65
N THR E 158 -7.40 47.26 -9.17
CA THR E 158 -7.67 47.25 -10.59
C THR E 158 -8.46 48.45 -11.06
N GLY E 159 -9.15 49.13 -10.15
CA GLY E 159 -10.16 50.10 -10.55
C GLY E 159 -11.49 49.53 -10.97
N GLN E 160 -11.63 48.21 -11.04
CA GLN E 160 -12.92 47.65 -11.48
C GLN E 160 -13.88 47.76 -10.32
N PRO E 161 -15.18 47.91 -10.62
CA PRO E 161 -16.15 47.85 -9.54
C PRO E 161 -16.27 46.43 -8.97
N LEU E 162 -16.58 46.36 -7.68
CA LEU E 162 -16.69 45.14 -6.93
C LEU E 162 -17.56 44.08 -7.62
N GLU E 163 -18.70 44.48 -8.16
CA GLU E 163 -19.64 43.51 -8.74
C GLU E 163 -19.08 42.91 -10.05
N VAL E 164 -18.16 43.60 -10.71
CA VAL E 164 -17.43 43.06 -11.87
C VAL E 164 -16.37 42.02 -11.45
N ILE E 165 -15.60 42.35 -10.43
CA ILE E 165 -14.69 41.40 -9.84
C ILE E 165 -15.44 40.12 -9.40
N GLU E 166 -16.58 40.23 -8.71
CA GLU E 166 -17.38 39.03 -8.34
C GLU E 166 -17.78 38.17 -9.54
N LYS E 167 -18.29 38.73 -10.65
CA LYS E 167 -18.69 37.92 -11.82
C LYS E 167 -17.43 37.25 -12.47
N ASP E 168 -16.31 37.99 -12.51
CA ASP E 168 -15.13 37.61 -13.22
C ASP E 168 -14.24 36.63 -12.47
N THR E 169 -14.37 36.53 -11.16
CA THR E 169 -13.73 35.51 -10.33
C THR E 169 -14.63 34.30 -9.98
N ASP E 170 -15.86 34.25 -10.48
CA ASP E 170 -16.73 33.13 -10.22
C ASP E 170 -16.14 31.77 -10.61
N ARG E 171 -15.52 31.71 -11.78
CA ARG E 171 -14.82 30.53 -12.28
C ARG E 171 -13.40 30.92 -12.70
N ASP E 172 -12.57 29.93 -12.98
CA ASP E 172 -11.20 30.17 -13.38
C ASP E 172 -11.19 31.09 -14.61
N ASN E 173 -10.44 32.18 -14.50
CA ASN E 173 -10.41 33.22 -15.50
C ASN E 173 -8.97 33.46 -15.91
N TYR E 174 -8.59 32.89 -17.05
CA TYR E 174 -7.25 33.01 -17.59
C TYR E 174 -7.16 34.24 -18.46
N MET E 175 -6.06 34.99 -18.31
CA MET E 175 -5.81 36.20 -19.05
C MET E 175 -4.43 36.25 -19.55
N THR E 176 -4.33 36.75 -20.76
CA THR E 176 -3.13 37.20 -21.40
C THR E 176 -2.50 38.38 -20.66
N ALA E 177 -1.21 38.61 -20.86
CA ALA E 177 -0.59 39.81 -20.35
C ALA E 177 -1.33 41.11 -20.82
N GLU E 178 -1.55 41.27 -22.13
CA GLU E 178 -2.41 42.35 -22.64
C GLU E 178 -3.83 42.40 -22.03
N GLN E 179 -4.54 41.27 -21.94
CA GLN E 179 -5.85 41.24 -21.21
C GLN E 179 -5.78 41.74 -19.75
N ALA E 180 -4.68 41.41 -19.07
CA ALA E 180 -4.48 41.80 -17.69
C ALA E 180 -4.16 43.27 -17.57
N LYS E 181 -3.46 43.83 -18.56
CA LYS E 181 -3.25 45.27 -18.62
C LYS E 181 -4.60 45.99 -18.80
N ALA E 182 -5.36 45.51 -19.76
CA ALA E 182 -6.70 46.05 -20.01
C ALA E 182 -7.57 46.02 -18.80
N TYR E 183 -7.45 44.95 -18.02
CA TYR E 183 -8.31 44.72 -16.85
C TYR E 183 -7.88 45.49 -15.63
N GLY E 184 -6.60 45.93 -15.61
CA GLY E 184 -6.09 46.77 -14.51
C GLY E 184 -5.18 46.05 -13.53
N LEU E 185 -4.95 44.75 -13.74
CA LEU E 185 -4.11 43.94 -12.83
C LEU E 185 -2.65 44.35 -12.90
N ILE E 186 -2.22 44.70 -14.10
CA ILE E 186 -0.88 45.24 -14.32
C ILE E 186 -0.91 46.56 -15.11
N ASP E 187 0.23 47.19 -15.18
CA ASP E 187 0.41 48.51 -15.80
C ASP E 187 1.01 48.40 -17.17
N GLU E 188 2.07 47.60 -17.31
CA GLU E 188 2.74 47.42 -18.60
C GLU E 188 3.18 45.98 -18.90
N VAL E 189 3.11 45.62 -20.18
CA VAL E 189 3.70 44.41 -20.72
C VAL E 189 5.10 44.81 -21.18
N MET E 190 6.15 44.18 -20.69
CA MET E 190 7.48 44.62 -21.11
C MET E 190 8.06 43.79 -22.23
N GLU E 191 8.32 44.44 -23.37
CA GLU E 191 9.02 43.85 -24.55
C GLU E 191 10.52 44.27 -24.63
N ILE F 4 28.80 15.42 -8.12
CA ILE F 4 29.18 16.63 -8.94
C ILE F 4 30.65 17.02 -8.65
N PRO F 5 31.56 16.84 -9.63
CA PRO F 5 32.97 17.14 -9.36
C PRO F 5 33.30 18.65 -9.24
N THR F 6 34.43 18.93 -8.61
CA THR F 6 34.92 20.28 -8.46
C THR F 6 36.26 20.38 -9.20
N VAL F 7 36.60 21.59 -9.65
CA VAL F 7 37.83 21.86 -10.42
C VAL F 7 38.53 23.07 -9.81
N ILE F 8 39.88 23.10 -9.87
CA ILE F 8 40.70 24.21 -9.29
C ILE F 8 41.26 25.16 -10.39
N GLU F 9 41.29 26.49 -10.17
CA GLU F 9 41.84 27.45 -11.19
C GLU F 9 43.18 28.15 -10.81
N GLU F 15 44.49 30.28 -6.10
CA GLU F 15 43.71 29.03 -6.16
C GLU F 15 42.22 29.23 -5.79
N ARG F 16 41.32 29.23 -6.80
CA ARG F 16 39.84 29.17 -6.61
C ARG F 16 39.29 27.76 -7.01
N ALA F 17 38.23 27.32 -6.31
CA ALA F 17 37.60 26.00 -6.51
C ALA F 17 36.09 26.11 -6.81
N TYR F 18 35.72 25.77 -8.04
CA TYR F 18 34.33 25.86 -8.49
C TYR F 18 33.75 24.47 -8.58
N ASP F 19 32.45 24.31 -8.38
CA ASP F 19 31.77 23.12 -8.89
C ASP F 19 31.68 23.26 -10.43
N ILE F 20 31.67 22.14 -11.13
CA ILE F 20 31.88 22.14 -12.59
C ILE F 20 30.84 23.04 -13.32
N TYR F 21 29.59 23.05 -12.86
CA TYR F 21 28.57 23.86 -13.54
C TYR F 21 28.85 25.34 -13.34
N SER F 22 29.26 25.71 -12.13
CA SER F 22 29.63 27.09 -11.84
C SER F 22 30.86 27.54 -12.64
N ARG F 23 31.78 26.62 -12.92
CA ARG F 23 32.93 26.94 -13.75
C ARG F 23 32.49 27.24 -15.16
N LEU F 24 31.54 26.46 -15.68
CA LEU F 24 30.97 26.71 -17.00
C LEU F 24 30.22 28.06 -17.08
N LEU F 25 29.53 28.41 -15.99
CA LEU F 25 28.83 29.67 -15.94
C LEU F 25 29.78 30.87 -15.98
N LYS F 26 30.97 30.75 -15.41
CA LYS F 26 32.02 31.78 -15.53
C LYS F 26 32.29 32.10 -17.02
N ASP F 27 32.27 31.08 -17.88
CA ASP F 27 32.39 31.29 -19.33
C ASP F 27 31.06 31.48 -20.10
N ARG F 28 30.01 31.87 -19.39
CA ARG F 28 28.71 32.19 -20.01
C ARG F 28 27.90 30.99 -20.60
N ILE F 29 28.14 29.81 -20.07
CA ILE F 29 27.41 28.61 -20.44
C ILE F 29 26.37 28.24 -19.38
N ILE F 30 25.13 28.03 -19.81
CA ILE F 30 24.04 27.59 -18.95
C ILE F 30 23.59 26.21 -19.41
N MET F 31 23.46 25.29 -18.45
CA MET F 31 22.99 23.93 -18.71
C MET F 31 21.52 23.82 -18.40
N LEU F 32 20.72 23.51 -19.41
CA LEU F 32 19.33 23.18 -19.18
C LEU F 32 19.14 21.66 -19.38
N SER F 33 19.04 20.92 -18.29
CA SER F 33 19.00 19.46 -18.37
C SER F 33 17.78 18.91 -17.63
N GLY F 34 17.16 17.91 -18.22
CA GLY F 34 15.99 17.28 -17.64
C GLY F 34 14.72 18.08 -17.78
N GLN F 35 13.78 17.72 -16.96
CA GLN F 35 12.44 18.20 -17.08
C GLN F 35 12.39 19.71 -16.77
N VAL F 36 11.62 20.46 -17.55
CA VAL F 36 11.43 21.86 -17.35
C VAL F 36 10.36 22.07 -16.26
N THR F 37 10.80 22.51 -15.09
CA THR F 37 9.92 22.74 -13.95
C THR F 37 10.05 24.18 -13.56
N ASP F 38 9.18 24.62 -12.68
CA ASP F 38 9.31 25.94 -12.05
C ASP F 38 10.70 26.15 -11.38
N ASP F 39 11.22 25.14 -10.67
CA ASP F 39 12.55 25.21 -10.02
C ASP F 39 13.68 25.38 -11.02
N LEU F 40 13.68 24.56 -12.07
CA LEU F 40 14.67 24.71 -13.12
C LEU F 40 14.55 26.07 -13.80
N ALA F 41 13.33 26.43 -14.20
CA ALA F 41 13.10 27.72 -14.81
C ALA F 41 13.66 28.89 -13.98
N ASN F 42 13.45 28.84 -12.67
CA ASN F 42 13.96 29.88 -11.78
C ASN F 42 15.51 30.02 -11.81
N SER F 43 16.18 28.88 -11.82
CA SER F 43 17.63 28.85 -11.92
C SER F 43 18.14 29.38 -13.28
N ILE F 44 17.52 28.93 -14.36
CA ILE F 44 17.90 29.34 -15.70
C ILE F 44 17.73 30.87 -15.83
N ILE F 45 16.59 31.35 -15.33
CA ILE F 45 16.26 32.75 -15.45
C ILE F 45 17.24 33.62 -14.66
N ALA F 46 17.52 33.25 -13.42
CA ALA F 46 18.54 33.89 -12.62
C ALA F 46 19.89 33.95 -13.31
N GLN F 47 20.30 32.83 -13.89
CA GLN F 47 21.55 32.80 -14.63
C GLN F 47 21.53 33.71 -15.87
N LEU F 48 20.43 33.74 -16.62
CA LEU F 48 20.35 34.57 -17.82
C LEU F 48 20.48 36.03 -17.43
N LEU F 49 19.74 36.42 -16.39
CA LEU F 49 19.73 37.80 -15.93
C LEU F 49 21.11 38.27 -15.44
N PHE F 50 21.72 37.46 -14.57
CA PHE F 50 23.07 37.69 -14.07
C PHE F 50 24.06 37.86 -15.24
N LEU F 51 24.05 36.97 -16.19
CA LEU F 51 24.98 37.07 -17.30
C LEU F 51 24.81 38.32 -18.15
N ASP F 52 23.59 38.83 -18.30
CA ASP F 52 23.33 40.00 -19.15
C ASP F 52 23.81 41.28 -18.47
N ALA F 53 23.53 41.36 -17.15
CA ALA F 53 24.00 42.44 -16.29
C ALA F 53 25.52 42.55 -16.29
N GLN F 54 26.17 41.41 -16.15
CA GLN F 54 27.60 41.33 -16.13
C GLN F 54 28.20 41.82 -17.45
N ASP F 55 27.59 41.50 -18.59
CA ASP F 55 28.07 41.97 -19.90
C ASP F 55 27.05 41.61 -21.00
N SER F 56 26.33 42.60 -21.52
CA SER F 56 25.40 42.41 -22.66
C SER F 56 26.04 42.35 -24.07
N GLU F 57 27.35 42.57 -24.20
CA GLU F 57 28.01 42.54 -25.52
C GLU F 57 28.43 41.11 -25.91
N LYS F 58 28.74 40.28 -24.90
CA LYS F 58 29.16 38.87 -25.09
C LYS F 58 27.98 37.87 -25.04
N ASP F 59 28.00 36.92 -25.96
CA ASP F 59 26.91 35.94 -26.08
C ASP F 59 26.78 35.03 -24.86
N ILE F 60 25.57 34.48 -24.74
CA ILE F 60 25.24 33.46 -23.76
C ILE F 60 24.99 32.16 -24.50
N TYR F 61 25.48 31.06 -23.93
CA TYR F 61 25.33 29.73 -24.54
C TYR F 61 24.44 28.84 -23.66
N LEU F 62 23.32 28.40 -24.24
CA LEU F 62 22.34 27.57 -23.53
C LEU F 62 22.34 26.15 -24.10
N TYR F 63 22.92 25.21 -23.37
CA TYR F 63 22.93 23.80 -23.81
C TYR F 63 21.66 23.11 -23.31
N ILE F 64 20.99 22.42 -24.19
CA ILE F 64 19.68 21.85 -23.88
C ILE F 64 19.69 20.34 -24.04
N ASN F 65 19.29 19.63 -22.98
CA ASN F 65 18.98 18.20 -23.06
C ASN F 65 17.75 17.94 -22.24
N SER F 66 16.56 18.02 -22.85
CA SER F 66 15.32 18.04 -22.08
C SER F 66 14.16 17.44 -22.81
N PRO F 67 13.35 16.63 -22.15
CA PRO F 67 12.12 16.08 -22.77
C PRO F 67 10.94 17.00 -22.70
N GLY F 68 11.08 18.15 -22.06
CA GLY F 68 10.00 19.13 -21.97
C GLY F 68 9.58 19.30 -20.55
N GLY F 69 8.33 19.73 -20.35
CA GLY F 69 7.79 19.92 -19.01
C GLY F 69 6.74 20.99 -19.03
N SER F 70 6.71 21.79 -17.98
CA SER F 70 5.68 22.81 -17.81
C SER F 70 5.72 23.89 -18.91
N VAL F 71 4.59 24.09 -19.57
CA VAL F 71 4.48 25.10 -20.58
C VAL F 71 4.80 26.47 -20.01
N THR F 72 4.25 26.77 -18.83
CA THR F 72 4.43 28.11 -18.26
C THR F 72 5.86 28.32 -17.76
N ALA F 73 6.46 27.29 -17.20
CA ALA F 73 7.89 27.40 -16.86
C ALA F 73 8.76 27.64 -18.09
N GLY F 74 8.48 26.92 -19.15
CA GLY F 74 9.14 27.16 -20.41
C GLY F 74 8.94 28.56 -20.96
N MET F 75 7.72 29.06 -20.93
CA MET F 75 7.47 30.38 -21.42
C MET F 75 8.21 31.46 -20.61
N ALA F 76 8.37 31.22 -19.32
CA ALA F 76 9.19 32.09 -18.47
C ALA F 76 10.62 32.16 -18.97
N ILE F 77 11.19 31.03 -19.32
CA ILE F 77 12.55 30.99 -19.86
C ILE F 77 12.58 31.66 -21.25
N TYR F 78 11.62 31.31 -22.11
CA TYR F 78 11.54 31.90 -23.44
C TYR F 78 11.52 33.44 -23.37
N ASP F 79 10.63 33.99 -22.54
CA ASP F 79 10.47 35.40 -22.44
C ASP F 79 11.75 36.05 -21.91
N THR F 80 12.42 35.40 -20.97
CA THR F 80 13.68 35.90 -20.48
C THR F 80 14.79 35.87 -21.52
N MET F 81 14.87 34.81 -22.30
CA MET F 81 15.83 34.76 -23.40
C MET F 81 15.67 35.97 -24.36
N ASN F 82 14.45 36.28 -24.75
CA ASN F 82 14.17 37.43 -25.60
C ASN F 82 14.44 38.76 -24.89
N PHE F 83 14.23 38.81 -23.58
CA PHE F 83 14.40 40.06 -22.85
C PHE F 83 15.84 40.56 -22.79
N VAL F 84 16.74 39.69 -22.42
CA VAL F 84 18.12 40.05 -22.22
C VAL F 84 18.70 40.58 -23.52
N LYS F 85 19.59 41.59 -23.41
CA LYS F 85 20.19 42.28 -24.57
C LYS F 85 21.15 41.34 -25.30
N ALA F 86 21.86 40.51 -24.56
CA ALA F 86 22.79 39.55 -25.16
C ALA F 86 22.11 38.48 -26.02
N ASP F 87 22.79 38.07 -27.09
CA ASP F 87 22.35 37.01 -27.92
C ASP F 87 22.46 35.74 -27.13
N VAL F 88 21.44 34.87 -27.27
CA VAL F 88 21.41 33.56 -26.64
C VAL F 88 21.54 32.51 -27.73
N GLN F 89 22.71 31.89 -27.79
CA GLN F 89 22.92 30.69 -28.61
C GLN F 89 22.32 29.44 -27.91
N THR F 90 21.81 28.52 -28.72
CA THR F 90 21.21 27.28 -28.20
C THR F 90 21.84 26.08 -28.94
N ILE F 91 22.28 25.09 -28.18
CA ILE F 91 22.82 23.87 -28.72
C ILE F 91 21.99 22.75 -28.10
N VAL F 92 21.36 21.92 -28.91
CA VAL F 92 20.79 20.70 -28.41
C VAL F 92 21.79 19.57 -28.46
N MET F 93 21.87 18.82 -27.37
CA MET F 93 22.68 17.61 -27.23
C MET F 93 21.71 16.52 -26.72
N GLY F 94 21.65 15.38 -27.38
CA GLY F 94 20.76 14.31 -26.91
C GLY F 94 19.34 14.52 -27.35
N MET F 95 18.59 15.27 -26.60
CA MET F 95 17.18 15.43 -26.89
C MET F 95 16.72 16.85 -26.66
N ALA F 96 15.81 17.32 -27.50
CA ALA F 96 15.03 18.51 -27.20
C ALA F 96 13.61 18.20 -27.66
N ALA F 97 12.75 17.82 -26.73
CA ALA F 97 11.37 17.52 -27.08
C ALA F 97 10.40 18.51 -26.41
N SER F 98 9.29 18.76 -27.08
CA SER F 98 8.23 19.61 -26.57
C SER F 98 8.80 20.97 -26.16
N MET F 99 8.65 21.40 -24.92
CA MET F 99 9.15 22.68 -24.54
C MET F 99 10.68 22.77 -24.74
N GLY F 100 11.37 21.63 -24.73
CA GLY F 100 12.81 21.61 -25.02
C GLY F 100 13.13 22.09 -26.43
N SER F 101 12.36 21.63 -27.40
CA SER F 101 12.55 22.04 -28.79
C SER F 101 12.09 23.48 -28.98
N PHE F 102 11.06 23.87 -28.26
CA PHE F 102 10.58 25.26 -28.32
C PHE F 102 11.67 26.25 -27.84
N LEU F 103 12.35 25.92 -26.76
CA LEU F 103 13.46 26.74 -26.28
C LEU F 103 14.68 26.68 -27.23
N LEU F 104 14.90 25.53 -27.86
CA LEU F 104 15.99 25.41 -28.82
C LEU F 104 15.79 26.43 -29.95
N THR F 105 14.61 26.38 -30.52
CA THR F 105 14.33 27.23 -31.67
C THR F 105 14.18 28.72 -31.32
N ALA F 106 14.10 29.05 -30.03
CA ALA F 106 14.04 30.42 -29.56
C ALA F 106 15.40 31.09 -29.50
N GLY F 107 16.47 30.33 -29.61
CA GLY F 107 17.78 30.97 -29.63
C GLY F 107 17.82 32.01 -30.74
N THR F 108 18.75 32.94 -30.64
CA THR F 108 18.96 33.95 -31.64
C THR F 108 19.13 33.32 -33.03
N LYS F 109 18.43 33.84 -34.04
CA LYS F 109 18.58 33.25 -35.38
C LYS F 109 20.01 33.40 -35.93
N GLY F 110 20.44 32.36 -36.62
CA GLY F 110 21.83 32.15 -36.96
C GLY F 110 22.67 31.43 -35.92
N LYS F 111 22.20 31.35 -34.67
CA LYS F 111 22.97 30.71 -33.61
C LYS F 111 22.25 29.60 -32.82
N ARG F 112 21.43 28.82 -33.53
CA ARG F 112 20.74 27.67 -33.01
C ARG F 112 21.40 26.44 -33.63
N PHE F 113 21.94 25.58 -32.76
CA PHE F 113 22.67 24.39 -33.20
C PHE F 113 22.15 23.04 -32.65
N ALA F 114 22.44 21.96 -33.37
CA ALA F 114 22.27 20.61 -32.85
C ALA F 114 23.55 19.84 -33.07
N LEU F 115 23.95 19.07 -32.07
CA LEU F 115 24.93 18.04 -32.27
C LEU F 115 24.35 17.00 -33.25
N PRO F 116 25.21 16.31 -34.00
CA PRO F 116 24.77 15.51 -35.12
C PRO F 116 23.73 14.42 -34.84
N ASN F 117 23.77 13.83 -33.66
CA ASN F 117 22.85 12.74 -33.32
C ASN F 117 21.73 13.15 -32.36
N ALA F 118 21.48 14.44 -32.26
CA ALA F 118 20.41 14.93 -31.42
C ALA F 118 19.04 14.55 -32.01
N GLU F 119 18.11 14.30 -31.11
CA GLU F 119 16.70 14.06 -31.40
C GLU F 119 15.90 15.37 -31.08
N ILE F 120 15.07 15.81 -32.00
CA ILE F 120 14.24 16.95 -31.79
C ILE F 120 12.82 16.48 -32.00
N MET F 121 11.92 16.86 -31.13
CA MET F 121 10.54 16.48 -31.28
C MET F 121 9.61 17.68 -31.02
N ILE F 122 8.60 17.82 -31.86
CA ILE F 122 7.55 18.79 -31.71
C ILE F 122 6.19 18.12 -31.73
N HIS F 123 5.27 18.62 -30.92
CA HIS F 123 3.91 18.09 -30.82
C HIS F 123 2.92 19.15 -30.30
N GLN F 124 1.72 18.77 -29.93
CA GLN F 124 0.79 19.70 -29.33
C GLN F 124 0.84 19.59 -27.80
N PRO F 125 0.39 20.69 -27.11
CA PRO F 125 0.34 20.70 -25.67
C PRO F 125 -0.55 19.59 -25.11
N LEU F 126 -0.18 19.16 -23.90
CA LEU F 126 -0.85 18.12 -23.16
C LEU F 126 -1.48 18.70 -21.92
N GLY F 127 -2.61 18.15 -21.52
CA GLY F 127 -3.27 18.63 -20.33
C GLY F 127 -4.38 17.73 -19.90
N GLY F 128 -5.12 18.22 -18.93
CA GLY F 128 -6.17 17.46 -18.27
C GLY F 128 -7.20 18.43 -17.70
N ALA F 129 -8.43 17.98 -17.59
CA ALA F 129 -9.44 18.76 -16.93
C ALA F 129 -10.43 17.81 -16.31
N GLN F 130 -10.95 18.20 -15.15
CA GLN F 130 -11.91 17.41 -14.44
C GLN F 130 -12.99 18.29 -13.82
N GLY F 131 -14.26 17.90 -13.96
CA GLY F 131 -15.31 18.55 -13.24
C GLY F 131 -16.57 18.73 -14.03
N GLN F 132 -17.23 19.85 -13.80
CA GLN F 132 -18.44 20.19 -14.49
C GLN F 132 -18.15 20.54 -15.96
N ALA F 133 -19.16 20.36 -16.80
CA ALA F 133 -19.04 20.72 -18.21
C ALA F 133 -18.45 22.10 -18.43
N THR F 134 -18.93 23.08 -17.70
CA THR F 134 -18.41 24.44 -17.75
C THR F 134 -16.92 24.53 -17.43
N GLU F 135 -16.47 23.75 -16.46
CA GLU F 135 -15.07 23.78 -16.04
C GLU F 135 -14.18 23.18 -17.12
N ILE F 136 -14.67 22.14 -17.76
CA ILE F 136 -13.94 21.47 -18.81
C ILE F 136 -13.90 22.38 -20.05
N GLU F 137 -14.97 23.11 -20.33
CA GLU F 137 -14.99 24.09 -21.44
C GLU F 137 -13.94 25.19 -21.22
N ILE F 138 -13.84 25.69 -19.99
CA ILE F 138 -12.83 26.67 -19.65
C ILE F 138 -11.41 26.15 -19.92
N ALA F 139 -11.14 24.93 -19.46
CA ALA F 139 -9.84 24.31 -19.64
C ALA F 139 -9.50 24.02 -21.10
N ALA F 140 -10.48 23.52 -21.85
CA ALA F 140 -10.33 23.33 -23.27
C ALA F 140 -10.02 24.65 -23.99
N ARG F 141 -10.80 25.71 -23.74
CA ARG F 141 -10.48 27.02 -24.34
C ARG F 141 -9.05 27.44 -24.02
N HIS F 142 -8.63 27.23 -22.80
CA HIS F 142 -7.30 27.65 -22.39
C HIS F 142 -6.19 26.85 -23.09
N ILE F 143 -6.32 25.55 -23.20
CA ILE F 143 -5.26 24.78 -23.84
C ILE F 143 -5.23 25.02 -25.36
N LEU F 144 -6.38 25.25 -25.98
CA LEU F 144 -6.44 25.59 -27.40
C LEU F 144 -5.82 26.94 -27.67
N GLN F 145 -6.02 27.89 -26.78
CA GLN F 145 -5.33 29.19 -26.88
C GLN F 145 -3.84 29.04 -26.72
N THR F 146 -3.42 28.15 -25.83
CA THR F 146 -2.03 27.86 -25.64
C THR F 146 -1.44 27.27 -26.92
N ARG F 147 -2.16 26.34 -27.55
CA ARG F 147 -1.65 25.71 -28.75
C ARG F 147 -1.47 26.76 -29.84
N GLU F 148 -2.48 27.62 -29.98
CA GLU F 148 -2.47 28.63 -31.03
C GLU F 148 -1.28 29.63 -30.86
N ARG F 149 -1.04 30.06 -29.64
CA ARG F 149 0.04 30.93 -29.33
C ARG F 149 1.39 30.30 -29.64
N LEU F 150 1.60 29.06 -29.19
CA LEU F 150 2.89 28.43 -29.40
C LEU F 150 3.13 28.19 -30.90
N ASN F 151 2.10 27.75 -31.61
CA ASN F 151 2.20 27.54 -33.05
C ASN F 151 2.55 28.81 -33.82
N LYS F 152 1.95 29.94 -33.46
CA LYS F 152 2.33 31.21 -34.08
C LYS F 152 3.79 31.53 -33.86
N ILE F 153 4.31 31.28 -32.67
CA ILE F 153 5.69 31.54 -32.41
C ILE F 153 6.55 30.60 -33.21
N LEU F 154 6.16 29.35 -33.32
CA LEU F 154 6.95 28.39 -34.09
C LEU F 154 7.00 28.76 -35.56
N ALA F 155 5.85 29.19 -36.11
CA ALA F 155 5.78 29.70 -37.46
C ALA F 155 6.82 30.82 -37.66
N GLU F 156 6.83 31.82 -36.78
CA GLU F 156 7.80 32.89 -36.87
C GLU F 156 9.23 32.34 -36.76
N ARG F 157 9.49 31.45 -35.82
CA ARG F 157 10.87 30.97 -35.57
C ARG F 157 11.46 30.11 -36.71
N THR F 158 10.58 29.39 -37.40
CA THR F 158 10.95 28.47 -38.43
C THR F 158 10.82 29.02 -39.83
N GLY F 159 9.95 30.02 -40.02
CA GLY F 159 9.58 30.45 -41.35
C GLY F 159 8.49 29.62 -41.99
N GLN F 160 8.05 28.54 -41.36
CA GLN F 160 6.99 27.75 -41.95
C GLN F 160 5.67 28.47 -41.80
N PRO F 161 4.75 28.23 -42.74
CA PRO F 161 3.42 28.80 -42.55
C PRO F 161 2.66 28.11 -41.42
N LEU F 162 1.80 28.88 -40.77
CA LEU F 162 1.04 28.43 -39.65
C LEU F 162 0.38 27.08 -39.90
N GLU F 163 -0.19 26.92 -41.09
CA GLU F 163 -1.02 25.72 -41.39
C GLU F 163 -0.14 24.47 -41.46
N VAL F 164 1.11 24.64 -41.85
CA VAL F 164 2.08 23.56 -41.88
C VAL F 164 2.49 23.16 -40.45
N ILE F 165 2.75 24.17 -39.61
CA ILE F 165 3.00 23.92 -38.19
C ILE F 165 1.84 23.17 -37.54
N GLU F 166 0.59 23.55 -37.81
CA GLU F 166 -0.56 22.80 -37.30
C GLU F 166 -0.57 21.34 -37.74
N LYS F 167 -0.34 21.03 -39.03
CA LYS F 167 -0.40 19.61 -39.51
C LYS F 167 0.75 18.82 -38.88
N ASP F 168 1.91 19.46 -38.77
CA ASP F 168 3.14 18.80 -38.33
C ASP F 168 3.26 18.56 -36.80
N THR F 169 2.52 19.32 -36.00
CA THR F 169 2.46 19.15 -34.57
C THR F 169 1.22 18.37 -34.12
N ASP F 170 0.37 17.92 -35.05
CA ASP F 170 -0.81 17.17 -34.64
C ASP F 170 -0.52 15.95 -33.79
N ARG F 171 0.55 15.22 -34.15
CA ARG F 171 1.03 14.06 -33.41
C ARG F 171 2.53 14.23 -33.16
N ASP F 172 3.09 13.39 -32.29
CA ASP F 172 4.50 13.39 -32.02
C ASP F 172 5.27 13.30 -33.34
N ASN F 173 6.20 14.23 -33.52
CA ASN F 173 6.95 14.39 -34.75
C ASN F 173 8.41 14.47 -34.40
N TYR F 174 9.08 13.33 -34.58
CA TYR F 174 10.52 13.22 -34.31
C TYR F 174 11.32 13.62 -35.52
N MET F 175 12.35 14.42 -35.31
CA MET F 175 13.25 14.89 -36.36
C MET F 175 14.70 14.65 -35.98
N THR F 176 15.44 14.24 -36.99
CA THR F 176 16.89 14.31 -37.05
C THR F 176 17.40 15.72 -36.98
N ALA F 177 18.66 15.88 -36.62
CA ALA F 177 19.32 17.20 -36.67
C ALA F 177 19.23 17.84 -38.07
N GLU F 178 19.63 17.10 -39.09
CA GLU F 178 19.44 17.52 -40.51
C GLU F 178 18.00 17.85 -40.89
N GLN F 179 17.03 17.00 -40.53
CA GLN F 179 15.60 17.34 -40.75
C GLN F 179 15.15 18.65 -40.08
N ALA F 180 15.62 18.91 -38.86
CA ALA F 180 15.32 20.15 -38.12
C ALA F 180 15.98 21.38 -38.72
N LYS F 181 17.19 21.23 -39.29
CA LYS F 181 17.81 22.31 -40.07
C LYS F 181 16.97 22.61 -41.34
N ALA F 182 16.58 21.57 -42.04
CA ALA F 182 15.72 21.75 -43.24
C ALA F 182 14.39 22.38 -42.92
N TYR F 183 13.84 22.08 -41.74
CA TYR F 183 12.55 22.58 -41.32
C TYR F 183 12.57 24.04 -40.81
N GLY F 184 13.73 24.53 -40.42
CA GLY F 184 13.85 25.88 -39.85
C GLY F 184 14.01 25.99 -38.33
N LEU F 185 13.96 24.85 -37.61
CA LEU F 185 14.09 24.88 -36.14
C LEU F 185 15.46 25.31 -35.68
N ILE F 186 16.48 24.88 -36.41
CA ILE F 186 17.86 25.23 -36.15
C ILE F 186 18.53 25.77 -37.41
N ASP F 187 19.73 26.31 -37.21
CA ASP F 187 20.54 26.91 -38.27
C ASP F 187 21.66 25.99 -38.79
N GLU F 188 22.33 25.31 -37.88
CA GLU F 188 23.41 24.42 -38.27
C GLU F 188 23.51 23.18 -37.40
N VAL F 189 23.96 22.09 -38.01
CA VAL F 189 24.38 20.89 -37.30
C VAL F 189 25.86 21.04 -37.08
N MET F 190 26.37 20.97 -35.87
CA MET F 190 27.83 21.13 -35.66
C MET F 190 28.62 19.83 -35.49
N GLU F 191 29.54 19.56 -36.42
CA GLU F 191 30.49 18.43 -36.36
C GLU F 191 31.85 18.91 -35.85
N LEU G 3 30.86 8.54 2.86
CA LEU G 3 31.07 7.54 1.76
C LEU G 3 32.28 7.88 0.85
N ILE G 4 32.51 9.15 0.51
CA ILE G 4 33.53 9.54 -0.49
C ILE G 4 34.75 10.18 0.16
N PRO G 5 35.91 9.49 0.16
CA PRO G 5 37.07 10.07 0.85
C PRO G 5 37.72 11.27 0.15
N THR G 6 38.51 12.01 0.90
CA THR G 6 39.21 13.21 0.40
C THR G 6 40.72 12.96 0.55
N VAL G 7 41.51 13.66 -0.26
CA VAL G 7 42.98 13.52 -0.30
C VAL G 7 43.60 14.92 -0.33
N ILE G 8 44.79 15.09 0.28
CA ILE G 8 45.47 16.43 0.44
C ILE G 8 46.65 16.69 -0.53
N ARG G 16 45.95 22.09 -1.05
CA ARG G 16 44.58 21.85 -1.52
C ARG G 16 44.02 20.42 -1.20
N ALA G 17 42.71 20.39 -0.90
CA ALA G 17 41.97 19.15 -0.54
C ALA G 17 40.84 18.82 -1.54
N TYR G 18 41.03 17.76 -2.33
CA TYR G 18 40.07 17.33 -3.32
C TYR G 18 39.30 16.13 -2.84
N ASP G 19 38.03 16.01 -3.23
CA ASP G 19 37.38 14.69 -3.17
C ASP G 19 38.05 13.80 -4.23
N ILE G 20 38.07 12.49 -3.99
CA ILE G 20 38.86 11.57 -4.81
C ILE G 20 38.53 11.65 -6.32
N TYR G 21 37.26 11.76 -6.69
CA TYR G 21 36.90 11.91 -8.13
C TYR G 21 37.47 13.20 -8.76
N SER G 22 37.41 14.30 -8.01
CA SER G 22 37.98 15.56 -8.48
C SER G 22 39.51 15.51 -8.60
N ARG G 23 40.15 14.72 -7.77
CA ARG G 23 41.58 14.56 -7.89
C ARG G 23 41.95 13.80 -9.17
N LEU G 24 41.16 12.78 -9.49
CA LEU G 24 41.35 12.05 -10.72
C LEU G 24 41.07 12.93 -11.97
N LEU G 25 40.09 13.81 -11.89
CA LEU G 25 39.83 14.77 -12.95
C LEU G 25 41.00 15.76 -13.22
N LYS G 26 41.74 16.17 -12.19
CA LYS G 26 42.99 16.95 -12.35
C LYS G 26 43.98 16.21 -13.30
N ASP G 27 44.02 14.89 -13.25
CA ASP G 27 44.83 14.09 -14.20
C ASP G 27 44.09 13.61 -15.45
N ARG G 28 42.96 14.25 -15.76
CA ARG G 28 42.18 14.03 -17.00
C ARG G 28 41.45 12.67 -17.08
N ILE G 29 41.12 12.12 -15.92
CA ILE G 29 40.31 10.92 -15.80
C ILE G 29 38.86 11.21 -15.44
N ILE G 30 37.93 10.69 -16.22
CA ILE G 30 36.48 10.80 -15.97
C ILE G 30 35.94 9.43 -15.63
N MET G 31 35.15 9.34 -14.58
CA MET G 31 34.53 8.06 -14.16
C MET G 31 33.10 8.06 -14.62
N LEU G 32 32.75 7.16 -15.53
CA LEU G 32 31.35 6.93 -15.89
C LEU G 32 30.89 5.64 -15.22
N SER G 33 30.14 5.77 -14.12
CA SER G 33 29.70 4.62 -13.33
C SER G 33 28.18 4.56 -13.16
N GLY G 34 27.63 3.36 -13.23
CA GLY G 34 26.18 3.16 -13.10
C GLY G 34 25.35 3.60 -14.29
N GLN G 35 24.09 3.74 -14.04
CA GLN G 35 23.12 3.96 -15.08
C GLN G 35 23.35 5.30 -15.79
N VAL G 36 23.22 5.31 -17.11
CA VAL G 36 23.34 6.51 -17.94
C VAL G 36 22.00 7.23 -17.89
N THR G 37 21.97 8.35 -17.19
CA THR G 37 20.79 9.20 -17.07
C THR G 37 21.14 10.56 -17.60
N ASP G 38 20.14 11.41 -17.74
CA ASP G 38 20.35 12.82 -18.04
C ASP G 38 21.34 13.51 -17.07
N ASP G 39 21.22 13.22 -15.77
CA ASP G 39 22.08 13.81 -14.73
C ASP G 39 23.52 13.42 -14.92
N LEU G 40 23.74 12.12 -15.06
CA LEU G 40 25.10 11.62 -15.29
C LEU G 40 25.66 12.19 -16.56
N ALA G 41 24.88 12.18 -17.64
CA ALA G 41 25.33 12.73 -18.93
C ALA G 41 25.75 14.16 -18.81
N ASN G 42 25.00 14.94 -18.07
CA ASN G 42 25.32 16.35 -17.87
C ASN G 42 26.71 16.55 -17.20
N SER G 43 26.99 15.74 -16.18
CA SER G 43 28.24 15.76 -15.49
C SER G 43 29.40 15.35 -16.40
N ILE G 44 29.22 14.27 -17.15
CA ILE G 44 30.28 13.76 -18.03
C ILE G 44 30.58 14.81 -19.10
N ILE G 45 29.53 15.39 -19.64
CA ILE G 45 29.68 16.37 -20.71
C ILE G 45 30.44 17.61 -20.21
N ALA G 46 30.03 18.13 -19.07
CA ALA G 46 30.72 19.23 -18.45
C ALA G 46 32.21 18.92 -18.26
N GLN G 47 32.51 17.74 -17.76
CA GLN G 47 33.88 17.33 -17.56
C GLN G 47 34.63 17.25 -18.89
N LEU G 48 33.99 16.71 -19.92
CA LEU G 48 34.68 16.57 -21.21
C LEU G 48 35.02 17.93 -21.80
N LEU G 49 34.05 18.83 -21.77
CA LEU G 49 34.22 20.17 -22.24
C LEU G 49 35.33 20.95 -21.50
N PHE G 50 35.25 20.93 -20.17
CA PHE G 50 36.26 21.55 -19.32
C PHE G 50 37.66 21.03 -19.65
N LEU G 51 37.84 19.72 -19.77
CA LEU G 51 39.13 19.17 -20.05
C LEU G 51 39.71 19.58 -21.42
N ASP G 52 38.85 19.78 -22.40
CA ASP G 52 39.30 20.12 -23.77
C ASP G 52 39.71 21.59 -23.87
N ALA G 53 38.94 22.44 -23.22
CA ALA G 53 39.26 23.85 -23.05
C ALA G 53 40.63 24.05 -22.35
N GLN G 54 40.84 23.34 -21.26
CA GLN G 54 42.08 23.38 -20.49
C GLN G 54 43.31 22.93 -21.33
N ASP G 55 43.18 21.90 -22.15
CA ASP G 55 44.29 21.45 -23.00
C ASP G 55 43.82 20.38 -24.01
N SER G 56 43.72 20.76 -25.29
CA SER G 56 43.33 19.81 -26.36
C SER G 56 44.43 18.88 -26.85
N GLU G 57 45.67 19.10 -26.48
CA GLU G 57 46.78 18.23 -26.94
C GLU G 57 46.94 16.99 -26.07
N LYS G 58 46.44 17.00 -24.84
CA LYS G 58 46.60 15.85 -23.91
C LYS G 58 45.30 15.03 -23.91
N ASP G 59 45.47 13.72 -23.94
CA ASP G 59 44.34 12.79 -23.94
C ASP G 59 43.46 12.85 -22.70
N ILE G 60 42.21 12.41 -22.91
CA ILE G 60 41.19 12.23 -21.87
C ILE G 60 40.96 10.74 -21.71
N TYR G 61 40.81 10.30 -20.47
CA TYR G 61 40.63 8.87 -20.14
C TYR G 61 39.26 8.67 -19.50
N LEU G 62 38.42 7.87 -20.15
CA LEU G 62 37.05 7.67 -19.72
C LEU G 62 36.89 6.25 -19.25
N TYR G 63 36.82 6.03 -17.93
CA TYR G 63 36.64 4.69 -17.38
C TYR G 63 35.16 4.40 -17.34
N ILE G 64 34.76 3.21 -17.80
CA ILE G 64 33.34 2.88 -17.91
C ILE G 64 33.00 1.64 -17.11
N ASN G 65 32.01 1.73 -16.21
CA ASN G 65 31.38 0.57 -15.60
C ASN G 65 29.90 0.86 -15.54
N SER G 66 29.16 0.46 -16.57
CA SER G 66 27.74 0.89 -16.71
C SER G 66 26.88 -0.16 -17.40
N PRO G 67 25.67 -0.40 -16.89
CA PRO G 67 24.73 -1.31 -17.56
C PRO G 67 23.89 -0.64 -18.66
N GLY G 68 24.10 0.65 -18.87
CA GLY G 68 23.43 1.36 -19.94
C GLY G 68 22.48 2.39 -19.37
N GLY G 69 21.43 2.72 -20.13
CA GLY G 69 20.44 3.65 -19.68
C GLY G 69 19.78 4.36 -20.84
N SER G 70 19.56 5.65 -20.69
CA SER G 70 18.90 6.45 -21.68
C SER G 70 19.70 6.52 -22.98
N VAL G 71 19.03 6.20 -24.08
CA VAL G 71 19.63 6.34 -25.39
C VAL G 71 20.05 7.78 -25.67
N THR G 72 19.16 8.72 -25.41
CA THR G 72 19.45 10.12 -25.75
C THR G 72 20.51 10.71 -24.84
N ALA G 73 20.55 10.31 -23.57
CA ALA G 73 21.62 10.76 -22.69
C ALA G 73 22.94 10.24 -23.19
N GLY G 74 22.98 8.95 -23.55
CA GLY G 74 24.18 8.37 -24.13
C GLY G 74 24.65 9.07 -25.38
N MET G 75 23.71 9.35 -26.31
CA MET G 75 24.06 10.06 -27.51
C MET G 75 24.62 11.45 -27.25
N ALA G 76 24.09 12.12 -26.23
CA ALA G 76 24.69 13.37 -25.82
C ALA G 76 26.20 13.20 -25.46
N ILE G 77 26.52 12.18 -24.67
CA ILE G 77 27.90 11.93 -24.30
C ILE G 77 28.72 11.53 -25.55
N TYR G 78 28.18 10.65 -26.39
CA TYR G 78 28.82 10.26 -27.65
C TYR G 78 29.19 11.45 -28.54
N ASP G 79 28.22 12.35 -28.74
CA ASP G 79 28.43 13.50 -29.59
C ASP G 79 29.47 14.43 -28.99
N THR G 80 29.48 14.53 -27.68
CA THR G 80 30.49 15.33 -27.01
C THR G 80 31.90 14.75 -27.13
N MET G 81 32.01 13.43 -27.00
CA MET G 81 33.28 12.77 -27.17
C MET G 81 33.87 13.07 -28.55
N ASN G 82 33.05 13.02 -29.59
CA ASN G 82 33.48 13.29 -30.96
C ASN G 82 33.76 14.77 -31.18
N PHE G 83 33.03 15.63 -30.51
CA PHE G 83 33.22 17.05 -30.68
C PHE G 83 34.61 17.55 -30.18
N VAL G 84 34.97 17.22 -28.94
CA VAL G 84 36.20 17.72 -28.32
C VAL G 84 37.41 17.36 -29.16
N LYS G 85 38.39 18.27 -29.25
CA LYS G 85 39.61 18.07 -30.09
C LYS G 85 40.44 16.91 -29.55
N ALA G 86 40.54 16.84 -28.22
CA ALA G 86 41.34 15.80 -27.55
C ALA G 86 40.83 14.39 -27.83
N ASP G 87 41.76 13.46 -27.96
CA ASP G 87 41.45 12.06 -28.04
C ASP G 87 40.87 11.61 -26.71
N VAL G 88 39.84 10.76 -26.78
CA VAL G 88 39.19 10.21 -25.61
C VAL G 88 39.46 8.72 -25.61
N GLN G 89 40.30 8.26 -24.70
CA GLN G 89 40.54 6.85 -24.47
C GLN G 89 39.43 6.29 -23.60
N THR G 90 39.05 5.03 -23.83
CA THR G 90 38.01 4.39 -23.07
C THR G 90 38.51 3.08 -22.51
N ILE G 91 38.24 2.83 -21.23
CA ILE G 91 38.63 1.58 -20.59
C ILE G 91 37.38 1.04 -19.95
N VAL G 92 36.98 -0.16 -20.31
CA VAL G 92 35.93 -0.82 -19.55
C VAL G 92 36.50 -1.64 -18.40
N MET G 93 35.89 -1.52 -17.24
CA MET G 93 36.20 -2.28 -16.03
C MET G 93 34.86 -2.82 -15.53
N GLY G 94 34.79 -4.11 -15.29
CA GLY G 94 33.53 -4.71 -14.85
C GLY G 94 32.52 -4.94 -15.98
N MET G 95 31.72 -3.94 -16.31
CA MET G 95 30.67 -4.13 -17.31
C MET G 95 30.54 -2.91 -18.20
N ALA G 96 30.28 -3.16 -19.47
CA ALA G 96 29.80 -2.10 -20.38
C ALA G 96 28.69 -2.74 -21.23
N ALA G 97 27.46 -2.53 -20.84
CA ALA G 97 26.33 -3.08 -21.53
C ALA G 97 25.53 -1.97 -22.16
N SER G 98 24.92 -2.27 -23.30
CA SER G 98 23.98 -1.38 -24.00
C SER G 98 24.66 -0.04 -24.28
N MET G 99 24.11 1.07 -23.83
CA MET G 99 24.77 2.34 -24.07
C MET G 99 26.18 2.41 -23.48
N GLY G 100 26.46 1.64 -22.43
CA GLY G 100 27.83 1.53 -21.93
C GLY G 100 28.82 1.00 -22.97
N SER G 101 28.45 -0.05 -23.66
CA SER G 101 29.32 -0.65 -24.69
C SER G 101 29.39 0.28 -25.93
N PHE G 102 28.31 1.01 -26.17
CA PHE G 102 28.30 1.96 -27.26
C PHE G 102 29.34 3.05 -26.98
N LEU G 103 29.37 3.55 -25.76
CA LEU G 103 30.33 4.60 -25.40
C LEU G 103 31.75 4.07 -25.31
N LEU G 104 31.89 2.83 -24.92
CA LEU G 104 33.23 2.17 -24.94
C LEU G 104 33.81 2.21 -26.35
N THR G 105 33.04 1.73 -27.32
CA THR G 105 33.51 1.64 -28.69
C THR G 105 33.63 3.00 -29.39
N ALA G 106 33.07 4.04 -28.78
CA ALA G 106 33.21 5.40 -29.30
C ALA G 106 34.53 6.05 -28.99
N GLY G 107 35.33 5.45 -28.11
CA GLY G 107 36.63 6.01 -27.84
C GLY G 107 37.42 6.06 -29.13
N THR G 108 38.41 6.97 -29.17
CA THR G 108 39.33 7.08 -30.29
C THR G 108 39.90 5.73 -30.71
N LYS G 109 39.89 5.43 -32.00
CA LYS G 109 40.40 4.12 -32.44
C LYS G 109 41.89 3.99 -32.15
N GLY G 110 42.28 2.77 -31.81
CA GLY G 110 43.57 2.52 -31.23
C GLY G 110 43.67 2.72 -29.72
N LYS G 111 42.70 3.41 -29.09
CA LYS G 111 42.75 3.66 -27.66
C LYS G 111 41.48 3.26 -26.90
N ARG G 112 40.92 2.10 -27.24
CA ARG G 112 39.73 1.53 -26.58
C ARG G 112 40.17 0.22 -25.94
N PHE G 113 40.02 0.12 -24.62
CA PHE G 113 40.60 -0.97 -23.83
C PHE G 113 39.56 -1.66 -22.97
N ALA G 114 39.84 -2.90 -22.63
CA ALA G 114 39.09 -3.61 -21.58
C ALA G 114 40.06 -4.23 -20.63
N LEU G 115 39.74 -4.16 -19.36
CA LEU G 115 40.43 -5.00 -18.38
C LEU G 115 40.04 -6.45 -18.63
N PRO G 116 40.90 -7.39 -18.27
CA PRO G 116 40.79 -8.77 -18.78
C PRO G 116 39.47 -9.48 -18.52
N ASN G 117 38.86 -9.19 -17.38
CA ASN G 117 37.62 -9.88 -16.98
C ASN G 117 36.39 -9.01 -17.14
N ALA G 118 36.47 -7.97 -17.98
CA ALA G 118 35.31 -7.13 -18.27
C ALA G 118 34.30 -7.90 -19.11
N GLU G 119 33.02 -7.59 -18.87
CA GLU G 119 31.88 -8.11 -19.59
C GLU G 119 31.44 -6.97 -20.52
N ILE G 120 31.20 -7.29 -21.79
CA ILE G 120 30.67 -6.32 -22.75
C ILE G 120 29.41 -6.92 -23.28
N MET G 121 28.35 -6.13 -23.38
CA MET G 121 27.10 -6.61 -23.93
C MET G 121 26.50 -5.63 -24.93
N ILE G 122 26.04 -6.15 -26.09
CA ILE G 122 25.32 -5.38 -27.10
C ILE G 122 23.97 -6.03 -27.37
N HIS G 123 22.97 -5.18 -27.57
CA HIS G 123 21.60 -5.64 -27.86
C HIS G 123 20.80 -4.57 -28.61
N GLN G 124 19.49 -4.71 -28.70
CA GLN G 124 18.69 -3.70 -29.34
C GLN G 124 18.08 -2.74 -28.31
N PRO G 125 17.69 -1.51 -28.77
CA PRO G 125 16.96 -0.59 -27.93
C PRO G 125 15.64 -1.15 -27.43
N LEU G 126 15.27 -0.72 -26.23
CA LEU G 126 14.08 -1.10 -25.50
C LEU G 126 13.17 0.14 -25.33
N GLY G 127 11.88 -0.08 -25.36
CA GLY G 127 10.96 0.98 -25.25
C GLY G 127 9.58 0.44 -25.04
N GLY G 128 8.62 1.37 -25.12
CA GLY G 128 7.23 1.07 -24.89
C GLY G 128 6.41 2.10 -25.61
N ALA G 129 5.17 1.74 -25.91
CA ALA G 129 4.21 2.67 -26.50
C ALA G 129 2.85 2.22 -26.08
N GLN G 130 1.98 3.19 -25.84
CA GLN G 130 0.61 2.94 -25.50
C GLN G 130 -0.32 3.90 -26.33
N GLY G 131 -1.44 3.41 -26.79
CA GLY G 131 -2.46 4.30 -27.28
C GLY G 131 -3.11 3.83 -28.55
N GLN G 132 -3.48 4.79 -29.37
CA GLN G 132 -4.12 4.51 -30.62
C GLN G 132 -3.14 3.86 -31.58
N ALA G 133 -3.66 3.10 -32.51
CA ALA G 133 -2.84 2.50 -33.54
C ALA G 133 -1.84 3.48 -34.17
N THR G 134 -2.33 4.67 -34.50
CA THR G 134 -1.47 5.69 -35.07
C THR G 134 -0.31 6.07 -34.15
N GLU G 135 -0.58 6.09 -32.84
CA GLU G 135 0.43 6.51 -31.86
C GLU G 135 1.48 5.42 -31.71
N ILE G 136 1.04 4.18 -31.75
CA ILE G 136 1.94 3.04 -31.68
C ILE G 136 2.82 2.95 -32.93
N GLU G 137 2.28 3.24 -34.11
CA GLU G 137 3.07 3.29 -35.34
C GLU G 137 4.16 4.36 -35.26
N ILE G 138 3.83 5.54 -34.75
CA ILE G 138 4.83 6.61 -34.59
C ILE G 138 5.96 6.16 -33.67
N ALA G 139 5.61 5.51 -32.57
CA ALA G 139 6.61 5.06 -31.61
C ALA G 139 7.45 3.93 -32.15
N ALA G 140 6.82 2.97 -32.84
CA ALA G 140 7.55 1.94 -33.57
C ALA G 140 8.51 2.51 -34.63
N ARG G 141 8.04 3.41 -35.49
CA ARG G 141 8.96 4.06 -36.44
C ARG G 141 10.13 4.73 -35.76
N HIS G 142 9.89 5.36 -34.63
CA HIS G 142 10.94 6.08 -33.94
C HIS G 142 12.00 5.16 -33.36
N ILE G 143 11.59 4.10 -32.68
CA ILE G 143 12.58 3.23 -32.05
C ILE G 143 13.34 2.42 -33.15
N LEU G 144 12.66 2.06 -34.27
CA LEU G 144 13.36 1.42 -35.38
C LEU G 144 14.39 2.34 -36.01
N GLN G 145 14.08 3.60 -36.16
CA GLN G 145 15.05 4.57 -36.66
C GLN G 145 16.21 4.75 -35.66
N THR G 146 15.91 4.69 -34.38
CA THR G 146 16.94 4.73 -33.37
C THR G 146 17.85 3.51 -33.49
N ARG G 147 17.26 2.31 -33.62
CA ARG G 147 18.05 1.10 -33.80
C ARG G 147 18.99 1.23 -35.01
N GLU G 148 18.47 1.72 -36.13
CA GLU G 148 19.19 1.80 -37.38
C GLU G 148 20.35 2.79 -37.28
N ARG G 149 20.12 3.93 -36.68
CA ARG G 149 21.18 4.89 -36.47
C ARG G 149 22.33 4.36 -35.55
N LEU G 150 21.98 3.70 -34.43
CA LEU G 150 22.97 3.15 -33.56
C LEU G 150 23.77 2.02 -34.24
N ASN G 151 23.06 1.13 -34.93
CA ASN G 151 23.68 0.05 -35.68
C ASN G 151 24.62 0.58 -36.76
N LYS G 152 24.24 1.62 -37.50
CA LYS G 152 25.19 2.21 -38.47
C LYS G 152 26.47 2.68 -37.80
N ILE G 153 26.36 3.33 -36.67
CA ILE G 153 27.53 3.82 -35.97
C ILE G 153 28.35 2.64 -35.45
N LEU G 154 27.69 1.58 -34.98
CA LEU G 154 28.44 0.39 -34.57
C LEU G 154 29.21 -0.25 -35.72
N ALA G 155 28.57 -0.31 -36.89
CA ALA G 155 29.19 -0.81 -38.09
C ALA G 155 30.49 -0.06 -38.35
N GLU G 156 30.42 1.26 -38.35
CA GLU G 156 31.59 2.11 -38.55
C GLU G 156 32.63 1.87 -37.47
N ARG G 157 32.22 1.79 -36.21
CA ARG G 157 33.18 1.67 -35.07
C ARG G 157 33.90 0.33 -35.03
N THR G 158 33.22 -0.72 -35.49
CA THR G 158 33.73 -2.07 -35.42
C THR G 158 34.33 -2.60 -36.71
N GLY G 159 33.99 -1.98 -37.85
CA GLY G 159 34.28 -2.56 -39.14
C GLY G 159 33.37 -3.70 -39.59
N GLN G 160 32.45 -4.14 -38.77
CA GLN G 160 31.48 -5.15 -39.18
C GLN G 160 30.45 -4.57 -40.09
N PRO G 161 29.98 -5.34 -41.07
CA PRO G 161 28.91 -4.79 -41.89
C PRO G 161 27.60 -4.66 -41.07
N LEU G 162 26.82 -3.70 -41.48
CA LEU G 162 25.55 -3.43 -40.87
C LEU G 162 24.65 -4.65 -40.66
N GLU G 163 24.55 -5.56 -41.62
CA GLU G 163 23.65 -6.70 -41.47
C GLU G 163 24.14 -7.68 -40.45
N VAL G 164 25.46 -7.70 -40.19
CA VAL G 164 26.04 -8.54 -39.13
C VAL G 164 25.70 -7.95 -37.76
N ILE G 165 25.83 -6.63 -37.64
CA ILE G 165 25.43 -5.91 -36.44
C ILE G 165 23.97 -6.15 -36.15
N GLU G 166 23.09 -6.05 -37.12
CA GLU G 166 21.65 -6.40 -36.88
C GLU G 166 21.46 -7.82 -36.36
N LYS G 167 22.09 -8.86 -36.95
CA LYS G 167 21.89 -10.25 -36.49
C LYS G 167 22.43 -10.40 -35.03
N ASP G 168 23.56 -9.75 -34.76
CA ASP G 168 24.30 -9.93 -33.55
C ASP G 168 23.70 -9.14 -32.33
N THR G 169 22.92 -8.10 -32.61
CA THR G 169 22.23 -7.34 -31.58
C THR G 169 20.77 -7.77 -31.40
N ASP G 170 20.31 -8.80 -32.11
CA ASP G 170 18.91 -9.19 -32.05
C ASP G 170 18.47 -9.62 -30.66
N ARG G 171 19.35 -10.33 -29.98
CA ARG G 171 19.17 -10.69 -28.57
C ARG G 171 20.39 -10.28 -27.78
N ASP G 172 20.28 -10.31 -26.46
CA ASP G 172 21.42 -9.99 -25.60
C ASP G 172 22.65 -10.82 -26.02
N ASN G 173 23.74 -10.14 -26.29
CA ASN G 173 24.93 -10.73 -26.76
C ASN G 173 26.10 -10.34 -25.82
N TYR G 174 26.44 -11.28 -24.92
CA TYR G 174 27.55 -11.14 -23.97
C TYR G 174 28.88 -11.53 -24.60
N MET G 175 29.89 -10.69 -24.44
CA MET G 175 31.22 -10.93 -24.91
C MET G 175 32.25 -10.73 -23.82
N THR G 176 33.23 -11.61 -23.83
CA THR G 176 34.51 -11.50 -23.23
C THR G 176 35.29 -10.32 -23.78
N ALA G 177 36.30 -9.89 -23.03
CA ALA G 177 37.24 -8.86 -23.52
C ALA G 177 37.94 -9.25 -24.81
N GLU G 178 38.49 -10.45 -24.85
CA GLU G 178 39.04 -11.02 -26.07
C GLU G 178 38.02 -11.13 -27.20
N GLN G 179 36.82 -11.63 -26.96
CA GLN G 179 35.77 -11.66 -28.03
C GLN G 179 35.47 -10.26 -28.61
N ALA G 180 35.43 -9.24 -27.73
CA ALA G 180 35.17 -7.88 -28.11
C ALA G 180 36.32 -7.30 -28.90
N LYS G 181 37.55 -7.70 -28.59
CA LYS G 181 38.70 -7.32 -29.43
C LYS G 181 38.59 -7.93 -30.83
N ALA G 182 38.27 -9.20 -30.87
CA ALA G 182 38.07 -9.90 -32.13
C ALA G 182 36.95 -9.25 -32.97
N TYR G 183 35.89 -8.79 -32.31
CA TYR G 183 34.72 -8.28 -33.00
C TYR G 183 34.95 -6.87 -33.50
N GLY G 184 35.95 -6.17 -32.95
CA GLY G 184 36.21 -4.75 -33.30
C GLY G 184 35.72 -3.68 -32.31
N LEU G 185 35.07 -4.06 -31.22
CA LEU G 185 34.55 -3.10 -30.26
C LEU G 185 35.65 -2.36 -29.53
N ILE G 186 36.70 -3.09 -29.21
CA ILE G 186 37.90 -2.53 -28.57
C ILE G 186 39.15 -2.94 -29.33
N ASP G 187 40.26 -2.28 -28.98
CA ASP G 187 41.55 -2.44 -29.63
C ASP G 187 42.47 -3.39 -28.87
N GLU G 188 42.51 -3.26 -27.55
CA GLU G 188 43.40 -4.08 -26.72
C GLU G 188 42.82 -4.47 -25.37
N VAL G 189 43.18 -5.67 -24.92
CA VAL G 189 42.92 -6.10 -23.56
C VAL G 189 44.13 -5.72 -22.72
N MET G 190 44.00 -4.87 -21.69
CA MET G 190 45.19 -4.53 -20.89
C MET G 190 45.40 -5.34 -19.62
N GLU G 191 46.55 -6.04 -19.54
CA GLU G 191 47.03 -6.71 -18.29
C GLU G 191 48.08 -5.82 -17.55
N LEU H 3 -19.09 -21.44 -14.14
CA LEU H 3 -17.77 -22.07 -14.52
C LEU H 3 -17.79 -23.64 -14.56
N ILE H 4 -18.55 -24.30 -13.65
CA ILE H 4 -18.62 -25.80 -13.58
C ILE H 4 -19.97 -26.36 -14.11
N PRO H 5 -19.95 -27.06 -15.25
CA PRO H 5 -21.22 -27.45 -15.86
C PRO H 5 -21.90 -28.63 -15.16
N THR H 6 -23.18 -28.78 -15.39
CA THR H 6 -23.98 -29.84 -14.80
C THR H 6 -24.53 -30.75 -15.91
N VAL H 7 -24.80 -32.01 -15.57
CA VAL H 7 -25.34 -33.03 -16.52
C VAL H 7 -26.58 -33.69 -15.90
N ILE H 8 -27.59 -34.02 -16.71
CA ILE H 8 -28.85 -34.69 -16.23
C ILE H 8 -28.85 -36.22 -16.57
N GLU H 9 -29.43 -37.07 -15.71
CA GLU H 9 -29.57 -38.52 -16.01
C GLU H 9 -31.06 -38.93 -16.12
N GLN H 10 -31.45 -39.47 -17.27
CA GLN H 10 -32.82 -39.98 -17.45
C GLN H 10 -32.89 -41.33 -16.70
N SER H 11 -33.53 -41.31 -15.51
CA SER H 11 -33.56 -42.42 -14.53
C SER H 11 -35.04 -42.80 -14.13
N SER H 12 -35.29 -44.08 -13.80
CA SER H 12 -36.65 -44.60 -13.48
C SER H 12 -37.12 -44.26 -12.04
N ARG H 13 -36.18 -44.09 -11.12
CA ARG H 13 -36.49 -43.59 -9.77
C ARG H 13 -36.73 -42.06 -9.77
N GLY H 14 -36.32 -41.37 -10.85
CA GLY H 14 -36.53 -39.90 -11.04
C GLY H 14 -35.38 -39.13 -11.69
N ARG H 16 -32.25 -36.92 -12.08
CA ARG H 16 -30.99 -36.64 -11.35
C ARG H 16 -30.03 -35.66 -12.08
N ALA H 17 -29.63 -34.59 -11.37
CA ALA H 17 -28.66 -33.59 -11.88
C ALA H 17 -27.36 -33.51 -11.04
N TYR H 18 -26.24 -33.92 -11.62
CA TYR H 18 -24.92 -33.85 -10.98
C TYR H 18 -24.10 -32.71 -11.55
N ASP H 19 -23.31 -32.05 -10.73
CA ASP H 19 -22.17 -31.31 -11.25
C ASP H 19 -21.18 -32.33 -11.83
N ILE H 20 -20.39 -31.91 -12.83
CA ILE H 20 -19.56 -32.83 -13.62
C ILE H 20 -18.60 -33.65 -12.73
N TYR H 21 -17.99 -33.03 -11.73
CA TYR H 21 -17.06 -33.76 -10.85
C TYR H 21 -17.77 -34.84 -10.03
N SER H 22 -18.96 -34.52 -9.55
CA SER H 22 -19.78 -35.47 -8.84
C SER H 22 -20.25 -36.62 -9.72
N ARG H 23 -20.48 -36.36 -11.00
CA ARG H 23 -20.84 -37.42 -11.95
C ARG H 23 -19.67 -38.39 -12.17
N LEU H 24 -18.46 -37.87 -12.32
CA LEU H 24 -17.26 -38.70 -12.36
C LEU H 24 -17.00 -39.54 -11.07
N LEU H 25 -17.38 -39.01 -9.92
CA LEU H 25 -17.24 -39.72 -8.64
C LEU H 25 -18.19 -40.91 -8.56
N LYS H 26 -19.38 -40.80 -9.17
CA LYS H 26 -20.31 -41.94 -9.33
C LYS H 26 -19.63 -43.14 -10.03
N ASP H 27 -18.74 -42.88 -10.96
CA ASP H 27 -17.95 -43.93 -11.55
C ASP H 27 -16.57 -44.13 -10.91
N ARG H 28 -16.41 -43.71 -9.66
CA ARG H 28 -15.19 -43.95 -8.87
C ARG H 28 -13.89 -43.20 -9.30
N ILE H 29 -14.08 -42.09 -10.03
CA ILE H 29 -12.97 -41.22 -10.39
C ILE H 29 -12.84 -40.02 -9.42
N ILE H 30 -11.63 -39.79 -8.94
CA ILE H 30 -11.33 -38.65 -8.06
C ILE H 30 -10.38 -37.72 -8.80
N MET H 31 -10.70 -36.43 -8.82
CA MET H 31 -9.79 -35.44 -9.47
C MET H 31 -8.93 -34.73 -8.40
N LEU H 32 -7.63 -34.87 -8.51
CA LEU H 32 -6.72 -34.16 -7.66
C LEU H 32 -6.05 -33.11 -8.52
N SER H 33 -6.52 -31.86 -8.42
CA SER H 33 -6.03 -30.77 -9.26
C SER H 33 -5.51 -29.58 -8.44
N GLY H 34 -4.38 -29.07 -8.87
CA GLY H 34 -3.84 -27.91 -8.20
C GLY H 34 -3.08 -28.24 -6.95
N GLN H 35 -2.85 -27.21 -6.17
CA GLN H 35 -1.93 -27.27 -5.05
C GLN H 35 -2.55 -28.17 -3.99
N VAL H 36 -1.71 -28.99 -3.35
CA VAL H 36 -2.11 -29.91 -2.29
C VAL H 36 -2.14 -29.13 -0.98
N THR H 37 -3.33 -28.83 -0.51
CA THR H 37 -3.57 -28.11 0.72
C THR H 37 -4.38 -28.98 1.65
N ASP H 38 -4.51 -28.53 2.90
CA ASP H 38 -5.34 -29.22 3.88
C ASP H 38 -6.79 -29.37 3.38
N ASP H 39 -7.30 -28.35 2.70
CA ASP H 39 -8.68 -28.36 2.18
C ASP H 39 -8.86 -29.37 1.07
N LEU H 40 -7.93 -29.38 0.13
CA LEU H 40 -7.95 -30.38 -0.91
C LEU H 40 -7.81 -31.78 -0.31
N ALA H 41 -6.81 -31.98 0.56
CA ALA H 41 -6.61 -33.29 1.19
C ALA H 41 -7.88 -33.81 1.87
N ASN H 42 -8.58 -32.95 2.54
CA ASN H 42 -9.79 -33.33 3.24
C ASN H 42 -10.87 -33.88 2.29
N SER H 43 -11.05 -33.21 1.16
CA SER H 43 -11.98 -33.59 0.11
C SER H 43 -11.59 -34.96 -0.52
N ILE H 44 -10.32 -35.11 -0.90
CA ILE H 44 -9.82 -36.33 -1.50
C ILE H 44 -10.05 -37.49 -0.53
N ILE H 45 -9.69 -37.27 0.74
CA ILE H 45 -9.76 -38.30 1.77
C ILE H 45 -11.21 -38.73 1.97
N ALA H 46 -12.09 -37.78 2.06
CA ALA H 46 -13.51 -38.10 2.18
C ALA H 46 -13.97 -38.96 1.01
N GLN H 47 -13.57 -38.56 -0.20
CA GLN H 47 -13.95 -39.28 -1.39
C GLN H 47 -13.36 -40.68 -1.41
N LEU H 48 -12.09 -40.84 -1.05
CA LEU H 48 -11.49 -42.16 -0.96
C LEU H 48 -12.23 -43.07 0.03
N LEU H 49 -12.52 -42.56 1.22
CA LEU H 49 -13.23 -43.31 2.26
C LEU H 49 -14.64 -43.74 1.81
N PHE H 50 -15.36 -42.77 1.26
CA PHE H 50 -16.72 -43.02 0.76
C PHE H 50 -16.74 -44.11 -0.30
N LEU H 51 -15.84 -44.05 -1.26
CA LEU H 51 -15.76 -45.06 -2.32
C LEU H 51 -15.41 -46.48 -1.84
N ASP H 52 -14.59 -46.60 -0.79
CA ASP H 52 -14.17 -47.90 -0.26
C ASP H 52 -15.27 -48.56 0.56
N ALA H 53 -16.00 -47.74 1.32
CA ALA H 53 -17.24 -48.15 2.01
C ALA H 53 -18.35 -48.69 1.08
N GLN H 54 -18.58 -47.94 0.01
CA GLN H 54 -19.57 -48.27 -1.01
C GLN H 54 -19.22 -49.61 -1.69
N ASP H 55 -17.95 -49.86 -2.00
CA ASP H 55 -17.52 -51.13 -2.60
C ASP H 55 -15.99 -51.24 -2.59
N SER H 56 -15.45 -52.14 -1.79
CA SER H 56 -13.99 -52.41 -1.76
C SER H 56 -13.45 -53.36 -2.83
N GLU H 57 -14.32 -53.99 -3.62
CA GLU H 57 -13.89 -54.91 -4.69
C GLU H 57 -13.49 -54.13 -5.99
N LYS H 58 -14.19 -53.02 -6.27
CA LYS H 58 -13.99 -52.21 -7.51
C LYS H 58 -12.91 -51.10 -7.30
N ASP H 59 -12.03 -50.97 -8.29
CA ASP H 59 -10.95 -49.99 -8.25
C ASP H 59 -11.40 -48.52 -8.13
N ILE H 60 -10.47 -47.72 -7.60
CA ILE H 60 -10.61 -46.27 -7.54
C ILE H 60 -9.58 -45.68 -8.50
N TYR H 61 -10.00 -44.65 -9.23
CA TYR H 61 -9.12 -43.95 -10.18
C TYR H 61 -8.83 -42.50 -9.71
N LEU H 62 -7.57 -42.22 -9.50
CA LEU H 62 -7.14 -40.93 -9.00
C LEU H 62 -6.38 -40.20 -10.09
N TYR H 63 -7.01 -39.19 -10.70
CA TYR H 63 -6.34 -38.41 -11.72
C TYR H 63 -5.59 -37.27 -11.06
N ILE H 64 -4.34 -37.06 -11.43
CA ILE H 64 -3.49 -36.08 -10.75
C ILE H 64 -2.96 -35.06 -11.74
N ASN H 65 -3.19 -33.78 -11.45
CA ASN H 65 -2.48 -32.65 -12.11
C ASN H 65 -2.13 -31.64 -11.04
N SER H 66 -0.95 -31.74 -10.47
CA SER H 66 -0.61 -30.96 -9.29
C SER H 66 0.88 -30.64 -9.21
N PRO H 67 1.24 -29.39 -8.83
CA PRO H 67 2.64 -29.00 -8.61
C PRO H 67 3.14 -29.32 -7.23
N GLY H 68 2.27 -29.89 -6.39
CA GLY H 68 2.66 -30.31 -5.04
C GLY H 68 2.01 -29.41 -4.02
N GLY H 69 2.67 -29.18 -2.87
CA GLY H 69 2.04 -28.47 -1.77
C GLY H 69 2.47 -28.99 -0.43
N SER H 70 1.56 -29.00 0.50
CA SER H 70 1.87 -29.39 1.85
C SER H 70 2.32 -30.86 1.96
N VAL H 71 3.51 -31.08 2.52
CA VAL H 71 3.98 -32.42 2.83
C VAL H 71 3.00 -33.20 3.71
N THR H 72 2.47 -32.57 4.75
CA THR H 72 1.60 -33.29 5.66
C THR H 72 0.24 -33.55 5.07
N ALA H 73 -0.23 -32.65 4.25
CA ALA H 73 -1.51 -32.87 3.57
C ALA H 73 -1.36 -34.02 2.61
N GLY H 74 -0.25 -34.04 1.91
CA GLY H 74 0.04 -35.14 1.02
C GLY H 74 0.11 -36.44 1.71
N MET H 75 0.83 -36.48 2.84
CA MET H 75 0.98 -37.74 3.58
C MET H 75 -0.37 -38.22 4.09
N ALA H 76 -1.26 -37.31 4.43
CA ALA H 76 -2.62 -37.69 4.76
C ALA H 76 -3.28 -38.47 3.65
N ILE H 77 -3.14 -38.00 2.41
CA ILE H 77 -3.75 -38.63 1.25
C ILE H 77 -3.04 -39.99 1.02
N TYR H 78 -1.70 -39.98 0.98
CA TYR H 78 -0.91 -41.20 0.87
C TYR H 78 -1.32 -42.30 1.85
N ASP H 79 -1.43 -41.96 3.12
CA ASP H 79 -1.81 -42.92 4.12
C ASP H 79 -3.24 -43.44 3.87
N THR H 80 -4.12 -42.58 3.40
CA THR H 80 -5.49 -42.98 3.11
C THR H 80 -5.56 -43.91 1.88
N MET H 81 -4.73 -43.64 0.89
CA MET H 81 -4.70 -44.49 -0.29
C MET H 81 -4.31 -45.91 0.11
N ASN H 82 -3.28 -46.04 0.94
CA ASN H 82 -2.82 -47.32 1.47
C ASN H 82 -3.84 -47.96 2.43
N PHE H 83 -4.58 -47.16 3.16
CA PHE H 83 -5.56 -47.71 4.08
C PHE H 83 -6.74 -48.44 3.43
N VAL H 84 -7.39 -47.79 2.49
CA VAL H 84 -8.59 -48.33 1.87
C VAL H 84 -8.25 -49.70 1.24
N LYS H 85 -9.24 -50.63 1.28
CA LYS H 85 -9.07 -52.01 0.76
C LYS H 85 -8.93 -51.98 -0.77
N ALA H 86 -9.75 -51.14 -1.42
CA ALA H 86 -9.70 -51.00 -2.88
C ALA H 86 -8.36 -50.55 -3.46
N ASP H 87 -8.01 -51.10 -4.60
CA ASP H 87 -6.84 -50.65 -5.33
C ASP H 87 -7.09 -49.21 -5.80
N VAL H 88 -6.03 -48.40 -5.75
CA VAL H 88 -6.09 -47.01 -6.21
C VAL H 88 -5.16 -46.90 -7.38
N GLN H 89 -5.75 -46.74 -8.56
CA GLN H 89 -5.00 -46.45 -9.79
C GLN H 89 -4.72 -44.96 -9.87
N THR H 90 -3.53 -44.61 -10.37
CA THR H 90 -3.12 -43.22 -10.50
C THR H 90 -2.74 -42.90 -11.92
N ILE H 91 -3.30 -41.81 -12.45
CA ILE H 91 -2.97 -41.31 -13.79
C ILE H 91 -2.50 -39.88 -13.64
N VAL H 92 -1.27 -39.59 -14.02
CA VAL H 92 -0.88 -38.22 -14.17
C VAL H 92 -1.26 -37.69 -15.57
N MET H 93 -1.86 -36.50 -15.57
CA MET H 93 -2.16 -35.71 -16.79
C MET H 93 -1.55 -34.31 -16.59
N GLY H 94 -0.66 -33.89 -17.46
CA GLY H 94 -0.05 -32.59 -17.32
C GLY H 94 1.15 -32.64 -16.42
N MET H 95 0.95 -32.50 -15.12
CA MET H 95 2.07 -32.38 -14.22
C MET H 95 1.83 -33.17 -12.95
N ALA H 96 2.88 -33.78 -12.43
CA ALA H 96 2.90 -34.27 -11.08
C ALA H 96 4.25 -33.92 -10.56
N ALA H 97 4.31 -32.85 -9.77
CA ALA H 97 5.60 -32.41 -9.18
C ALA H 97 5.57 -32.53 -7.66
N SER H 98 6.71 -32.82 -7.10
CA SER H 98 6.85 -32.87 -5.64
C SER H 98 5.82 -33.83 -5.01
N MET H 99 4.99 -33.37 -4.10
CA MET H 99 4.04 -34.25 -3.51
C MET H 99 3.11 -34.86 -4.56
N GLY H 100 2.93 -34.18 -5.70
CA GLY H 100 2.10 -34.72 -6.79
C GLY H 100 2.71 -36.01 -7.36
N SER H 101 4.02 -36.00 -7.60
CA SER H 101 4.69 -37.18 -8.07
C SER H 101 4.74 -38.30 -6.99
N PHE H 102 4.81 -37.90 -5.73
CA PHE H 102 4.82 -38.85 -4.63
C PHE H 102 3.49 -39.61 -4.58
N LEU H 103 2.40 -38.92 -4.77
CA LEU H 103 1.10 -39.54 -4.78
C LEU H 103 0.92 -40.39 -6.03
N LEU H 104 1.51 -39.97 -7.12
CA LEU H 104 1.40 -40.72 -8.36
C LEU H 104 1.98 -42.11 -8.16
N THR H 105 3.22 -42.14 -7.70
CA THR H 105 3.93 -43.36 -7.47
C THR H 105 3.39 -44.20 -6.31
N ALA H 106 2.50 -43.66 -5.47
CA ALA H 106 1.84 -44.41 -4.42
C ALA H 106 0.66 -45.21 -4.90
N GLY H 107 0.25 -45.04 -6.16
CA GLY H 107 -0.84 -45.87 -6.67
C GLY H 107 -0.43 -47.34 -6.58
N THR H 108 -1.42 -48.22 -6.51
CA THR H 108 -1.18 -49.67 -6.54
C THR H 108 -0.19 -50.07 -7.65
N LYS H 109 0.84 -50.85 -7.34
CA LYS H 109 1.80 -51.23 -8.38
C LYS H 109 1.15 -52.05 -9.49
N GLY H 110 1.65 -51.83 -10.71
CA GLY H 110 0.99 -52.23 -11.95
C GLY H 110 -0.12 -51.30 -12.45
N LYS H 111 -0.63 -50.39 -11.60
CA LYS H 111 -1.70 -49.49 -12.02
C LYS H 111 -1.40 -47.99 -11.86
N ARG H 112 -0.16 -47.61 -12.13
CA ARG H 112 0.29 -46.24 -12.10
C ARG H 112 0.63 -45.82 -13.54
N PHE H 113 -0.10 -44.83 -14.05
CA PHE H 113 0.03 -44.41 -15.44
C PHE H 113 0.38 -42.93 -15.62
N ALA H 114 0.97 -42.61 -16.76
CA ALA H 114 1.12 -41.23 -17.23
C ALA H 114 0.60 -41.09 -18.66
N LEU H 115 -0.12 -40.01 -18.92
CA LEU H 115 -0.43 -39.62 -20.29
C LEU H 115 0.87 -39.21 -20.95
N PRO H 116 0.96 -39.38 -22.28
CA PRO H 116 2.26 -39.40 -22.95
C PRO H 116 3.12 -38.17 -22.79
N ASN H 117 2.50 -37.01 -22.66
CA ASN H 117 3.24 -35.73 -22.53
C ASN H 117 3.24 -35.16 -21.09
N ALA H 118 2.99 -36.01 -20.10
CA ALA H 118 3.01 -35.60 -18.73
C ALA H 118 4.45 -35.26 -18.31
N GLU H 119 4.56 -34.29 -17.41
CA GLU H 119 5.82 -33.90 -16.79
C GLU H 119 5.77 -34.48 -15.37
N ILE H 120 6.85 -35.10 -14.93
CA ILE H 120 6.95 -35.60 -13.57
C ILE H 120 8.21 -34.99 -12.99
N MET H 121 8.12 -34.52 -11.75
CA MET H 121 9.30 -33.95 -11.12
C MET H 121 9.41 -34.40 -9.68
N ILE H 122 10.64 -34.72 -9.28
CA ILE H 122 10.97 -35.06 -7.94
C ILE H 122 12.08 -34.17 -7.46
N HIS H 123 12.01 -33.82 -6.19
CA HIS H 123 13.09 -33.02 -5.55
C HIS H 123 13.12 -33.25 -4.04
N GLN H 124 13.82 -32.41 -3.28
CA GLN H 124 13.79 -32.50 -1.83
C GLN H 124 12.73 -31.56 -1.23
N PRO H 125 12.30 -31.86 0.02
CA PRO H 125 11.35 -30.98 0.70
C PRO H 125 11.92 -29.59 0.92
N LEU H 126 11.00 -28.63 0.95
CA LEU H 126 11.31 -27.22 1.06
C LEU H 126 10.76 -26.74 2.38
N GLY H 127 11.47 -25.81 3.02
CA GLY H 127 10.96 -25.24 4.26
C GLY H 127 11.62 -23.95 4.66
N GLY H 128 11.32 -23.56 5.88
CA GLY H 128 11.80 -22.31 6.43
C GLY H 128 11.78 -22.31 7.94
N ALA H 129 12.78 -21.70 8.54
CA ALA H 129 12.81 -21.56 9.97
C ALA H 129 13.43 -20.24 10.33
N GLN H 130 12.93 -19.66 11.41
CA GLN H 130 13.38 -18.37 11.89
C GLN H 130 13.46 -18.41 13.43
N GLY H 131 14.51 -17.83 13.99
CA GLY H 131 14.55 -17.67 15.44
C GLY H 131 15.90 -17.92 16.05
N GLN H 132 15.86 -18.47 17.25
CA GLN H 132 17.06 -18.80 17.98
C GLN H 132 17.72 -20.03 17.36
N ALA H 133 19.04 -20.12 17.50
CA ALA H 133 19.80 -21.27 17.03
C ALA H 133 19.14 -22.59 17.34
N THR H 134 18.71 -22.76 18.57
CA THR H 134 18.01 -23.96 18.98
C THR H 134 16.75 -24.21 18.20
N GLU H 135 16.00 -23.16 17.86
CA GLU H 135 14.75 -23.33 17.13
C GLU H 135 15.02 -23.76 15.67
N ILE H 136 16.10 -23.24 15.11
CA ILE H 136 16.54 -23.57 13.79
C ILE H 136 17.03 -25.00 13.74
N GLU H 137 17.74 -25.44 14.77
CA GLU H 137 18.22 -26.82 14.87
C GLU H 137 17.04 -27.79 14.90
N ILE H 138 16.00 -27.47 15.64
CA ILE H 138 14.81 -28.32 15.70
C ILE H 138 14.15 -28.44 14.35
N ALA H 139 14.05 -27.32 13.64
CA ALA H 139 13.40 -27.32 12.35
C ALA H 139 14.25 -28.06 11.29
N ALA H 140 15.55 -27.87 11.33
CA ALA H 140 16.46 -28.59 10.48
C ALA H 140 16.36 -30.09 10.71
N ARG H 141 16.41 -30.55 11.95
CA ARG H 141 16.23 -31.95 12.25
C ARG H 141 14.92 -32.46 11.65
N HIS H 142 13.87 -31.70 11.81
CA HIS H 142 12.58 -32.14 11.40
C HIS H 142 12.50 -32.32 9.87
N ILE H 143 12.99 -31.35 9.11
CA ILE H 143 12.89 -31.44 7.69
C ILE H 143 13.85 -32.55 7.12
N LEU H 144 15.03 -32.74 7.71
CA LEU H 144 15.90 -33.83 7.35
C LEU H 144 15.25 -35.20 7.64
N GLN H 145 14.56 -35.33 8.75
CA GLN H 145 13.77 -36.56 9.02
C GLN H 145 12.65 -36.73 8.02
N THR H 146 12.00 -35.66 7.65
CA THR H 146 10.99 -35.72 6.60
C THR H 146 11.58 -36.16 5.24
N ARG H 147 12.76 -35.65 4.86
CA ARG H 147 13.43 -36.06 3.64
C ARG H 147 13.75 -37.57 3.65
N GLU H 148 14.31 -38.04 4.75
CA GLU H 148 14.71 -39.41 4.91
C GLU H 148 13.51 -40.38 4.83
N ARG H 149 12.41 -40.03 5.45
CA ARG H 149 11.24 -40.84 5.39
C ARG H 149 10.65 -40.91 3.96
N LEU H 150 10.60 -39.78 3.26
CA LEU H 150 10.00 -39.75 1.94
C LEU H 150 10.91 -40.49 0.94
N ASN H 151 12.21 -40.29 1.03
CA ASN H 151 13.16 -41.04 0.27
C ASN H 151 13.08 -42.56 0.46
N LYS H 152 12.95 -43.04 1.68
CA LYS H 152 12.75 -44.49 1.91
C LYS H 152 11.50 -45.00 1.22
N ILE H 153 10.40 -44.28 1.32
CA ILE H 153 9.19 -44.68 0.61
C ILE H 153 9.39 -44.67 -0.93
N LEU H 154 10.18 -43.73 -1.45
CA LEU H 154 10.39 -43.66 -2.87
C LEU H 154 11.22 -44.83 -3.32
N ALA H 155 12.22 -45.15 -2.53
CA ALA H 155 13.04 -46.35 -2.80
C ALA H 155 12.12 -47.60 -2.92
N GLU H 156 11.23 -47.78 -1.96
CA GLU H 156 10.31 -48.90 -2.01
C GLU H 156 9.40 -48.82 -3.25
N ARG H 157 8.83 -47.67 -3.51
CA ARG H 157 7.88 -47.50 -4.63
C ARG H 157 8.48 -47.64 -6.04
N THR H 158 9.76 -47.31 -6.18
CA THR H 158 10.43 -47.33 -7.46
C THR H 158 11.33 -48.56 -7.69
N GLY H 159 11.71 -49.23 -6.60
CA GLY H 159 12.77 -50.21 -6.69
C GLY H 159 14.16 -49.67 -6.73
N GLN H 160 14.35 -48.37 -6.76
CA GLN H 160 15.70 -47.84 -6.78
C GLN H 160 16.32 -47.97 -5.40
N PRO H 161 17.63 -48.11 -5.34
CA PRO H 161 18.26 -48.03 -4.03
C PRO H 161 18.25 -46.62 -3.44
N LEU H 162 18.16 -46.56 -2.12
CA LEU H 162 18.10 -45.33 -1.39
C LEU H 162 19.12 -44.33 -1.84
N GLU H 163 20.36 -44.74 -2.03
CA GLU H 163 21.44 -43.78 -2.35
C GLU H 163 21.27 -43.15 -3.74
N VAL H 164 20.54 -43.83 -4.62
CA VAL H 164 20.24 -43.30 -5.94
C VAL H 164 19.15 -42.23 -5.80
N ILE H 165 18.09 -42.56 -5.05
CA ILE H 165 17.05 -41.61 -4.72
C ILE H 165 17.62 -40.32 -4.12
N GLU H 166 18.55 -40.43 -3.17
CA GLU H 166 19.22 -39.25 -2.62
C GLU H 166 19.93 -38.41 -3.69
N LYS H 167 20.74 -39.00 -4.58
CA LYS H 167 21.48 -38.21 -5.60
C LYS H 167 20.47 -37.57 -6.59
N ASP H 168 19.39 -38.28 -6.89
CA ASP H 168 18.43 -37.87 -7.93
C ASP H 168 17.39 -36.87 -7.46
N THR H 169 17.19 -36.76 -6.15
CA THR H 169 16.34 -35.72 -5.56
C THR H 169 17.12 -34.51 -5.02
N ASP H 170 18.43 -34.48 -5.15
CA ASP H 170 19.20 -33.38 -4.62
C ASP H 170 18.79 -32.01 -5.18
N ARG H 171 18.51 -31.97 -6.50
CA ARG H 171 17.96 -30.80 -7.19
C ARG H 171 16.70 -31.17 -7.94
N ASP H 172 15.99 -30.16 -8.43
CA ASP H 172 14.80 -30.40 -9.27
C ASP H 172 15.18 -31.36 -10.40
N ASN H 173 14.42 -32.43 -10.50
CA ASN H 173 14.67 -33.47 -11.48
C ASN H 173 13.37 -33.72 -12.31
N TYR H 174 13.33 -33.11 -13.50
CA TYR H 174 12.21 -33.28 -14.38
C TYR H 174 12.40 -34.55 -15.24
N MET H 175 11.31 -35.30 -15.36
CA MET H 175 11.27 -36.50 -16.18
C MET H 175 10.08 -36.51 -17.11
N THR H 176 10.34 -37.00 -18.29
CA THR H 176 9.36 -37.50 -19.25
C THR H 176 8.56 -38.69 -18.71
N ALA H 177 7.40 -38.96 -19.29
CA ALA H 177 6.62 -40.15 -18.93
C ALA H 177 7.41 -41.44 -19.16
N GLU H 178 8.04 -41.58 -20.32
CA GLU H 178 8.99 -42.68 -20.54
C GLU H 178 10.11 -42.73 -19.51
N GLN H 179 10.79 -41.62 -19.24
CA GLN H 179 11.87 -41.62 -18.19
C GLN H 179 11.39 -42.09 -16.81
N ALA H 180 10.14 -41.75 -16.47
CA ALA H 180 9.52 -42.13 -15.22
C ALA H 180 9.15 -43.57 -15.19
N LYS H 181 8.74 -44.13 -16.32
CA LYS H 181 8.54 -45.59 -16.43
C LYS H 181 9.85 -46.33 -16.25
N ALA H 182 10.87 -45.89 -16.96
CA ALA H 182 12.20 -46.50 -16.80
C ALA H 182 12.68 -46.46 -15.36
N TYR H 183 12.39 -45.36 -14.66
CA TYR H 183 12.92 -45.10 -13.31
C TYR H 183 12.15 -45.90 -12.24
N GLY H 184 10.94 -46.33 -12.53
CA GLY H 184 10.10 -47.03 -11.58
C GLY H 184 8.92 -46.27 -10.99
N LEU H 185 8.80 -44.96 -11.29
CA LEU H 185 7.73 -44.15 -10.67
C LEU H 185 6.36 -44.55 -11.15
N ILE H 186 6.30 -44.88 -12.44
CA ILE H 186 5.06 -45.41 -13.02
C ILE H 186 5.30 -46.75 -13.73
N ASP H 187 4.20 -47.41 -14.06
CA ASP H 187 4.20 -48.72 -14.71
C ASP H 187 4.03 -48.64 -16.23
N GLU H 188 3.13 -47.77 -16.70
CA GLU H 188 2.87 -47.62 -18.12
C GLU H 188 2.54 -46.19 -18.55
N VAL H 189 3.00 -45.84 -19.75
CA VAL H 189 2.54 -44.68 -20.49
C VAL H 189 1.30 -45.06 -21.29
N MET H 190 0.16 -44.42 -21.10
CA MET H 190 -1.04 -44.81 -21.89
C MET H 190 -1.37 -43.93 -23.11
N GLU H 191 -1.34 -44.53 -24.31
CA GLU H 191 -1.89 -43.92 -25.54
C GLU H 191 -3.32 -44.44 -25.86
N LEU I 3 -25.37 -13.01 -14.38
CA LEU I 3 -24.52 -13.03 -15.61
C LEU I 3 -24.89 -14.16 -16.61
N ILE I 4 -25.22 -15.36 -16.10
CA ILE I 4 -25.38 -16.58 -16.96
C ILE I 4 -26.84 -17.07 -17.12
N PRO I 5 -27.44 -16.84 -18.29
CA PRO I 5 -28.86 -17.19 -18.42
C PRO I 5 -29.16 -18.71 -18.43
N THR I 6 -30.41 -19.04 -18.14
CA THR I 6 -30.90 -20.42 -18.08
C THR I 6 -32.00 -20.63 -19.16
N VAL I 7 -32.16 -21.86 -19.63
CA VAL I 7 -33.16 -22.20 -20.66
C VAL I 7 -33.96 -23.41 -20.16
N ILE I 8 -35.27 -23.47 -20.48
CA ILE I 8 -36.17 -24.62 -20.09
C ILE I 8 -36.43 -25.59 -21.30
N GLU I 9 -36.58 -26.89 -21.05
CA GLU I 9 -36.93 -27.89 -22.11
C GLU I 9 -38.22 -28.66 -21.79
N GLU I 15 -39.92 -29.89 -18.94
CA GLU I 15 -39.78 -29.79 -17.47
C GLU I 15 -38.35 -29.68 -16.86
N ARG I 16 -37.27 -29.64 -17.67
CA ARG I 16 -35.86 -29.51 -17.20
C ARG I 16 -35.23 -28.12 -17.50
N ALA I 17 -34.42 -27.63 -16.57
CA ALA I 17 -33.80 -26.28 -16.66
C ALA I 17 -32.25 -26.31 -16.60
N TYR I 18 -31.61 -26.00 -17.72
CA TYR I 18 -30.15 -25.99 -17.79
C TYR I 18 -29.61 -24.57 -17.79
N ASP I 19 -28.44 -24.35 -17.19
CA ASP I 19 -27.65 -23.14 -17.51
C ASP I 19 -27.14 -23.30 -18.97
N ILE I 20 -26.95 -22.17 -19.65
CA ILE I 20 -26.72 -22.20 -21.11
C ILE I 20 -25.49 -23.09 -21.49
N TYR I 21 -24.41 -23.05 -20.70
CA TYR I 21 -23.25 -23.88 -21.02
C TYR I 21 -23.54 -25.37 -20.89
N SER I 22 -24.28 -25.73 -19.86
CA SER I 22 -24.73 -27.12 -19.68
C SER I 22 -25.67 -27.58 -20.82
N ARG I 23 -26.48 -26.68 -21.34
CA ARG I 23 -27.34 -27.03 -22.44
C ARG I 23 -26.53 -27.35 -23.69
N LEU I 24 -25.49 -26.58 -23.92
CA LEU I 24 -24.58 -26.84 -25.04
C LEU I 24 -23.80 -28.16 -24.88
N LEU I 25 -23.41 -28.49 -23.66
CA LEU I 25 -22.74 -29.77 -23.37
C LEU I 25 -23.64 -30.98 -23.66
N LYS I 26 -24.96 -30.89 -23.43
CA LYS I 26 -25.91 -31.92 -23.85
C LYS I 26 -25.74 -32.25 -25.35
N ASP I 27 -25.47 -31.22 -26.17
CA ASP I 27 -25.20 -31.43 -27.61
C ASP I 27 -23.73 -31.57 -27.96
N ARG I 28 -22.92 -31.98 -26.97
CA ARG I 28 -21.50 -32.29 -27.18
C ARG I 28 -20.57 -31.10 -27.53
N ILE I 29 -20.95 -29.90 -27.11
CA ILE I 29 -20.14 -28.71 -27.28
C ILE I 29 -19.46 -28.36 -25.97
N ILE I 30 -18.13 -28.18 -26.01
CA ILE I 30 -17.34 -27.71 -24.88
C ILE I 30 -16.80 -26.32 -25.20
N MET I 31 -17.00 -25.37 -24.27
CA MET I 31 -16.45 -23.99 -24.37
C MET I 31 -15.11 -23.91 -23.64
N LEU I 32 -14.05 -23.59 -24.36
CA LEU I 32 -12.74 -23.28 -23.74
C LEU I 32 -12.51 -21.76 -23.88
N SER I 33 -12.75 -21.03 -22.79
CA SER I 33 -12.71 -19.57 -22.81
C SER I 33 -11.75 -19.03 -21.75
N GLY I 34 -10.97 -18.04 -22.13
CA GLY I 34 -10.04 -17.41 -21.23
C GLY I 34 -8.79 -18.18 -21.05
N GLN I 35 -8.09 -17.81 -19.99
CA GLN I 35 -6.76 -18.31 -19.74
C GLN I 35 -6.81 -19.81 -19.37
N VAL I 36 -5.87 -20.57 -19.88
CA VAL I 36 -5.74 -21.99 -19.62
C VAL I 36 -5.03 -22.16 -18.28
N THR I 37 -5.79 -22.54 -17.26
CA THR I 37 -5.25 -22.80 -15.91
C THR I 37 -5.53 -24.25 -15.56
N ASP I 38 -4.96 -24.71 -14.45
CA ASP I 38 -5.28 -26.04 -13.90
C ASP I 38 -6.80 -26.23 -13.67
N ASP I 39 -7.51 -25.20 -13.21
CA ASP I 39 -8.97 -25.28 -12.93
C ASP I 39 -9.77 -25.46 -14.20
N LEU I 40 -9.46 -24.65 -15.21
CA LEU I 40 -10.10 -24.77 -16.50
C LEU I 40 -9.79 -26.13 -17.12
N ALA I 41 -8.52 -26.52 -17.12
CA ALA I 41 -8.13 -27.83 -17.66
C ALA I 41 -8.88 -28.98 -17.02
N ASN I 42 -9.09 -28.91 -15.73
CA ASN I 42 -9.78 -29.96 -15.02
C ASN I 42 -11.25 -30.09 -15.51
N SER I 43 -11.89 -28.95 -15.73
CA SER I 43 -13.25 -28.90 -16.23
C SER I 43 -13.37 -29.43 -17.66
N ILE I 44 -12.46 -29.00 -18.53
CA ILE I 44 -12.47 -29.42 -19.94
C ILE I 44 -12.27 -30.94 -20.00
N ILE I 45 -11.29 -31.42 -19.24
CA ILE I 45 -10.93 -32.82 -19.22
C ILE I 45 -12.12 -33.68 -18.74
N ALA I 46 -12.75 -33.28 -17.63
CA ALA I 46 -13.96 -33.94 -17.14
C ALA I 46 -15.02 -34.02 -18.22
N GLN I 47 -15.25 -32.90 -18.87
CA GLN I 47 -16.23 -32.84 -19.94
C GLN I 47 -15.85 -33.76 -21.09
N LEU I 48 -14.59 -33.79 -21.48
CA LEU I 48 -14.16 -34.64 -22.60
C LEU I 48 -14.38 -36.12 -22.29
N LEU I 49 -13.97 -36.54 -21.11
CA LEU I 49 -14.13 -37.91 -20.64
C LEU I 49 -15.61 -38.32 -20.54
N PHE I 50 -16.41 -37.47 -19.95
CA PHE I 50 -17.86 -37.71 -19.84
C PHE I 50 -18.50 -37.92 -21.21
N LEU I 51 -18.19 -37.04 -22.14
CA LEU I 51 -18.76 -37.15 -23.47
C LEU I 51 -18.36 -38.44 -24.24
N ASP I 52 -17.14 -38.92 -24.04
CA ASP I 52 -16.64 -40.11 -24.73
C ASP I 52 -17.26 -41.42 -24.15
N ALA I 53 -17.37 -41.47 -22.82
CA ALA I 53 -18.08 -42.53 -22.12
C ALA I 53 -19.55 -42.64 -22.61
N GLN I 54 -20.24 -41.51 -22.65
CA GLN I 54 -21.61 -41.41 -23.07
C GLN I 54 -21.82 -41.89 -24.53
N ASP I 55 -20.90 -41.56 -25.44
CA ASP I 55 -20.96 -42.03 -26.85
C ASP I 55 -19.67 -41.73 -27.62
N SER I 56 -18.85 -42.75 -27.88
CA SER I 56 -17.60 -42.57 -28.67
C SER I 56 -17.77 -42.50 -30.21
N GLU I 57 -18.97 -42.71 -30.73
CA GLU I 57 -19.20 -42.67 -32.21
C GLU I 57 -19.53 -41.23 -32.69
N LYS I 58 -20.09 -40.41 -31.80
CA LYS I 58 -20.45 -39.00 -32.11
C LYS I 58 -19.34 -38.00 -31.74
N ASP I 59 -19.08 -37.05 -32.63
CA ASP I 59 -18.01 -36.09 -32.46
C ASP I 59 -18.22 -35.17 -31.26
N ILE I 60 -17.10 -34.65 -30.78
CA ILE I 60 -17.09 -33.59 -29.77
C ILE I 60 -16.61 -32.26 -30.40
N TYR I 61 -17.26 -31.18 -30.02
CA TYR I 61 -16.97 -29.87 -30.56
C TYR I 61 -16.36 -28.98 -29.47
N LEU I 62 -15.11 -28.56 -29.68
CA LEU I 62 -14.38 -27.73 -28.75
C LEU I 62 -14.22 -26.32 -29.32
N TYR I 63 -15.02 -25.35 -28.81
CA TYR I 63 -14.88 -23.96 -29.19
C TYR I 63 -13.76 -23.29 -28.37
N ILE I 64 -12.85 -22.59 -29.01
CA ILE I 64 -11.67 -22.01 -28.34
C ILE I 64 -11.61 -20.49 -28.50
N ASN I 65 -11.56 -19.77 -27.39
CA ASN I 65 -11.26 -18.34 -27.40
C ASN I 65 -10.35 -18.10 -26.21
N SER I 66 -9.03 -18.18 -26.42
CA SER I 66 -8.09 -18.19 -25.34
C SER I 66 -6.77 -17.55 -25.72
N PRO I 67 -6.16 -16.75 -24.82
CA PRO I 67 -4.80 -16.21 -25.04
C PRO I 67 -3.71 -17.12 -24.57
N GLY I 68 -4.05 -18.28 -24.04
CA GLY I 68 -3.03 -19.25 -23.64
C GLY I 68 -3.04 -19.46 -22.15
N GLY I 69 -1.91 -19.86 -21.59
CA GLY I 69 -1.80 -20.07 -20.16
C GLY I 69 -0.78 -21.14 -19.85
N SER I 70 -1.06 -21.96 -18.85
CA SER I 70 -0.13 -22.97 -18.37
C SER I 70 0.18 -24.04 -19.43
N VAL I 71 1.46 -24.21 -19.72
CA VAL I 71 1.89 -25.27 -20.64
C VAL I 71 1.42 -26.66 -20.19
N THR I 72 1.59 -26.97 -18.90
CA THR I 72 1.22 -28.27 -18.40
C THR I 72 -0.29 -28.47 -18.36
N ALA I 73 -1.04 -27.43 -18.05
CA ALA I 73 -2.48 -27.56 -18.07
C ALA I 73 -2.95 -27.83 -19.50
N GLY I 74 -2.36 -27.09 -20.45
CA GLY I 74 -2.64 -27.30 -21.85
C GLY I 74 -2.33 -28.69 -22.31
N MET I 75 -1.17 -29.19 -21.93
CA MET I 75 -0.78 -30.53 -22.34
C MET I 75 -1.76 -31.55 -21.77
N ALA I 76 -2.28 -31.30 -20.59
CA ALA I 76 -3.25 -32.21 -20.01
C ALA I 76 -4.48 -32.30 -20.93
N ILE I 77 -4.93 -31.16 -21.44
CA ILE I 77 -6.09 -31.13 -22.33
C ILE I 77 -5.74 -31.77 -23.68
N TYR I 78 -4.56 -31.48 -24.19
CA TYR I 78 -4.05 -32.10 -25.41
C TYR I 78 -4.07 -33.64 -25.35
N ASP I 79 -3.47 -34.17 -24.30
CA ASP I 79 -3.37 -35.60 -24.12
C ASP I 79 -4.75 -36.23 -23.98
N THR I 80 -5.68 -35.53 -23.37
CA THR I 80 -7.04 -36.04 -23.21
C THR I 80 -7.77 -36.02 -24.52
N MET I 81 -7.52 -35.02 -25.35
CA MET I 81 -8.16 -34.94 -26.68
C MET I 81 -7.73 -36.13 -27.55
N ASN I 82 -6.47 -36.46 -27.51
CA ASN I 82 -5.96 -37.63 -28.21
C ASN I 82 -6.42 -38.94 -27.59
N PHE I 83 -6.62 -38.98 -26.28
CA PHE I 83 -6.99 -40.22 -25.63
C PHE I 83 -8.38 -40.71 -26.01
N VAL I 84 -9.36 -39.82 -25.91
CA VAL I 84 -10.76 -40.20 -26.12
C VAL I 84 -10.93 -40.78 -27.54
N LYS I 85 -11.84 -41.75 -27.69
CA LYS I 85 -12.08 -42.42 -28.98
C LYS I 85 -12.71 -41.44 -29.95
N ALA I 86 -13.65 -40.64 -29.46
CA ALA I 86 -14.36 -39.71 -30.33
C ALA I 86 -13.42 -38.68 -30.95
N ASP I 87 -13.74 -38.30 -32.17
CA ASP I 87 -13.10 -37.19 -32.85
C ASP I 87 -13.46 -35.87 -32.12
N VAL I 88 -12.44 -35.03 -31.94
CA VAL I 88 -12.61 -33.73 -31.36
C VAL I 88 -12.40 -32.70 -32.47
N GLN I 89 -13.46 -32.03 -32.87
CA GLN I 89 -13.37 -30.89 -33.76
C GLN I 89 -13.03 -29.66 -32.94
N THR I 90 -12.24 -28.76 -33.51
CA THR I 90 -11.89 -27.51 -32.89
C THR I 90 -12.27 -26.31 -33.76
N ILE I 91 -12.89 -25.30 -33.16
CA ILE I 91 -13.23 -24.05 -33.85
C ILE I 91 -12.62 -22.95 -33.03
N VAL I 92 -11.82 -22.12 -33.65
CA VAL I 92 -11.42 -20.89 -32.99
C VAL I 92 -12.38 -19.78 -33.35
N MET I 93 -12.75 -19.01 -32.35
CA MET I 93 -13.57 -17.80 -32.47
C MET I 93 -12.83 -16.71 -31.70
N GLY I 94 -12.54 -15.60 -32.33
CA GLY I 94 -11.79 -14.55 -31.64
C GLY I 94 -10.30 -14.77 -31.60
N MET I 95 -9.83 -15.49 -30.62
CA MET I 95 -8.40 -15.63 -30.45
C MET I 95 -8.03 -17.05 -30.09
N ALA I 96 -6.91 -17.53 -30.61
CA ALA I 96 -6.27 -18.71 -30.10
C ALA I 96 -4.79 -18.42 -30.12
N ALA I 97 -4.23 -18.07 -28.96
CA ALA I 97 -2.80 -17.72 -28.89
C ALA I 97 -2.09 -18.67 -27.96
N SER I 98 -0.83 -18.92 -28.26
CA SER I 98 0.04 -19.81 -27.46
C SER I 98 -0.63 -21.17 -27.25
N MET I 99 -0.90 -21.57 -26.01
CA MET I 99 -1.50 -22.86 -25.78
C MET I 99 -2.89 -22.95 -26.40
N GLY I 100 -3.53 -21.83 -26.61
CA GLY I 100 -4.81 -21.84 -27.33
C GLY I 100 -4.69 -22.31 -28.80
N SER I 101 -3.67 -21.84 -29.49
CA SER I 101 -3.44 -22.24 -30.87
C SER I 101 -2.94 -23.69 -30.94
N PHE I 102 -2.20 -24.11 -29.92
CA PHE I 102 -1.72 -25.49 -29.82
C PHE I 102 -2.91 -26.45 -29.72
N LEU I 103 -3.90 -26.09 -28.92
CA LEU I 103 -5.07 -26.93 -28.77
C LEU I 103 -5.93 -26.88 -29.96
N LEU I 104 -5.98 -25.74 -30.64
CA LEU I 104 -6.73 -25.60 -31.89
C LEU I 104 -6.24 -26.61 -32.93
N THR I 105 -4.93 -26.59 -33.15
CA THR I 105 -4.31 -27.48 -34.11
C THR I 105 -4.27 -28.99 -33.70
N ALA I 106 -4.56 -29.30 -32.44
CA ALA I 106 -4.68 -30.67 -31.94
C ALA I 106 -6.01 -31.31 -32.26
N GLY I 107 -6.98 -30.57 -32.77
CA GLY I 107 -8.24 -31.19 -33.15
C GLY I 107 -7.93 -32.24 -34.23
N THR I 108 -8.84 -33.19 -34.37
CA THR I 108 -8.76 -34.19 -35.41
C THR I 108 -8.52 -33.52 -36.76
N LYS I 109 -7.51 -34.01 -37.51
CA LYS I 109 -7.25 -33.47 -38.86
C LYS I 109 -8.45 -33.61 -39.80
N GLY I 110 -8.63 -32.60 -40.64
CA GLY I 110 -9.86 -32.38 -41.38
C GLY I 110 -10.95 -31.69 -40.62
N LYS I 111 -10.88 -31.63 -39.28
CA LYS I 111 -11.94 -30.98 -38.50
C LYS I 111 -11.51 -29.86 -37.55
N ARG I 112 -10.54 -29.05 -38.01
CA ARG I 112 -10.03 -27.90 -37.32
C ARG I 112 -10.44 -26.64 -38.13
N PHE I 113 -11.23 -25.77 -37.49
CA PHE I 113 -11.80 -24.62 -38.15
C PHE I 113 -11.46 -23.31 -37.49
N ALA I 114 -11.52 -22.22 -38.25
CA ALA I 114 -11.50 -20.85 -37.71
C ALA I 114 -12.65 -20.07 -38.24
N LEU I 115 -13.32 -19.27 -37.39
CA LEU I 115 -14.23 -18.26 -37.89
C LEU I 115 -13.41 -17.19 -38.64
N PRO I 116 -14.02 -16.54 -39.64
CA PRO I 116 -13.22 -15.74 -40.62
C PRO I 116 -12.31 -14.66 -40.04
N ASN I 117 -12.68 -14.07 -38.92
CA ASN I 117 -11.90 -12.98 -38.31
C ASN I 117 -11.15 -13.40 -37.04
N ALA I 118 -10.91 -14.69 -36.88
CA ALA I 118 -10.14 -15.16 -35.77
C ALA I 118 -8.68 -14.77 -35.92
N GLU I 119 -8.02 -14.56 -34.79
CA GLU I 119 -6.60 -14.27 -34.70
C GLU I 119 -5.97 -15.58 -34.14
N ILE I 120 -4.84 -15.99 -34.72
CA ILE I 120 -4.13 -17.16 -34.27
C ILE I 120 -2.73 -16.71 -34.07
N MET I 121 -2.14 -17.08 -32.92
CA MET I 121 -0.79 -16.70 -32.62
C MET I 121 0.02 -17.87 -32.11
N ILE I 122 1.26 -18.00 -32.61
CA ILE I 122 2.20 -19.00 -32.14
C ILE I 122 3.48 -18.32 -31.73
N HIS I 123 4.12 -18.85 -30.68
CA HIS I 123 5.41 -18.31 -30.23
C HIS I 123 6.17 -19.38 -29.44
N GLN I 124 7.21 -18.99 -28.69
CA GLN I 124 7.91 -19.93 -27.85
C GLN I 124 7.39 -19.88 -26.42
N PRO I 125 7.59 -20.97 -25.63
CA PRO I 125 7.27 -20.98 -24.21
C PRO I 125 7.98 -19.92 -23.41
N LEU I 126 7.29 -19.46 -22.38
CA LEU I 126 7.70 -18.39 -21.47
C LEU I 126 7.89 -18.96 -20.03
N GLY I 127 8.83 -18.39 -19.32
CA GLY I 127 9.13 -18.87 -18.01
C GLY I 127 10.12 -17.97 -17.32
N GLY I 128 10.58 -18.45 -16.19
CA GLY I 128 11.49 -17.71 -15.34
C GLY I 128 12.30 -18.65 -14.50
N ALA I 129 13.48 -18.21 -14.14
CA ALA I 129 14.31 -19.00 -13.25
C ALA I 129 15.12 -18.05 -12.40
N GLN I 130 15.30 -18.42 -11.15
CA GLN I 130 15.99 -17.63 -10.17
C GLN I 130 16.86 -18.56 -9.32
N GLY I 131 18.07 -18.13 -8.99
CA GLY I 131 18.84 -18.84 -7.97
C GLY I 131 20.27 -19.02 -8.35
N GLN I 132 20.82 -20.15 -7.91
CA GLN I 132 22.18 -20.51 -8.23
C GLN I 132 22.31 -20.85 -9.71
N ALA I 133 23.51 -20.69 -10.25
CA ALA I 133 23.81 -21.07 -11.62
C ALA I 133 23.30 -22.45 -11.97
N THR I 134 23.52 -23.41 -11.10
CA THR I 134 23.03 -24.77 -11.31
C THR I 134 21.53 -24.82 -11.48
N GLU I 135 20.81 -24.05 -10.68
CA GLU I 135 19.35 -24.08 -10.66
C GLU I 135 18.82 -23.47 -11.95
N ILE I 136 19.49 -22.43 -12.41
CA ILE I 136 19.15 -21.76 -13.65
C ILE I 136 19.40 -22.66 -14.84
N GLU I 137 20.51 -23.41 -14.83
CA GLU I 137 20.80 -24.40 -15.88
C GLU I 137 19.69 -25.45 -15.94
N ILE I 138 19.26 -25.97 -14.79
CA ILE I 138 18.18 -26.97 -14.75
C ILE I 138 16.91 -26.45 -15.38
N ALA I 139 16.59 -25.20 -15.05
CA ALA I 139 15.38 -24.57 -15.54
C ALA I 139 15.47 -24.28 -17.05
N ALA I 140 16.62 -23.81 -17.48
CA ALA I 140 16.88 -23.61 -18.89
C ALA I 140 16.75 -24.91 -19.64
N ARG I 141 17.38 -25.98 -19.16
CA ARG I 141 17.25 -27.27 -19.84
C ARG I 141 15.81 -27.68 -19.96
N HIS I 142 15.04 -27.48 -18.91
CA HIS I 142 13.68 -27.91 -18.90
C HIS I 142 12.80 -27.14 -19.91
N ILE I 143 12.96 -25.82 -19.97
CA ILE I 143 12.15 -25.02 -20.83
C ILE I 143 12.53 -25.26 -22.30
N LEU I 144 13.83 -25.45 -22.59
CA LEU I 144 14.27 -25.83 -23.93
C LEU I 144 13.73 -27.20 -24.34
N GLN I 145 13.69 -28.15 -23.44
CA GLN I 145 13.07 -29.44 -23.74
C GLN I 145 11.59 -29.30 -24.00
N THR I 146 10.94 -28.45 -23.25
CA THR I 146 9.54 -28.16 -23.48
C THR I 146 9.33 -27.54 -24.89
N ARG I 147 10.19 -26.59 -25.28
CA ARG I 147 10.08 -26.00 -26.60
C ARG I 147 10.24 -27.07 -27.71
N GLU I 148 11.22 -27.92 -27.54
CA GLU I 148 11.51 -28.93 -28.52
C GLU I 148 10.37 -29.95 -28.67
N ARG I 149 9.79 -30.36 -27.56
CA ARG I 149 8.63 -31.22 -27.59
C ARG I 149 7.41 -30.59 -28.27
N LEU I 150 7.15 -29.35 -27.96
CA LEU I 150 5.99 -28.70 -28.52
C LEU I 150 6.18 -28.49 -30.03
N ASN I 151 7.37 -28.04 -30.42
CA ASN I 151 7.71 -27.83 -31.82
C ASN I 151 7.61 -29.10 -32.66
N LYS I 152 8.03 -30.25 -32.13
CA LYS I 152 7.86 -31.52 -32.83
C LYS I 152 6.41 -31.84 -33.04
N ILE I 153 5.57 -31.56 -32.06
CA ILE I 153 4.17 -31.84 -32.21
C ILE I 153 3.58 -30.91 -33.26
N LEU I 154 4.04 -29.68 -33.31
CA LEU I 154 3.48 -28.72 -34.21
C LEU I 154 3.86 -29.12 -35.63
N ALA I 155 5.10 -29.53 -35.81
CA ALA I 155 5.57 -30.10 -37.09
C ALA I 155 4.64 -31.20 -37.58
N GLU I 156 4.35 -32.17 -36.73
CA GLU I 156 3.43 -33.23 -37.07
C GLU I 156 2.05 -32.73 -37.38
N ARG I 157 1.50 -31.82 -36.56
CA ARG I 157 0.12 -31.32 -36.76
C ARG I 157 -0.07 -30.43 -38.00
N THR I 158 0.98 -29.72 -38.41
CA THR I 158 0.91 -28.79 -39.52
C THR I 158 1.46 -29.38 -40.83
N GLY I 159 2.30 -30.40 -40.77
CA GLY I 159 3.08 -30.79 -41.94
C GLY I 159 4.34 -29.99 -42.20
N GLN I 160 4.59 -28.94 -41.44
CA GLN I 160 5.78 -28.13 -41.70
C GLN I 160 6.99 -28.88 -41.16
N PRO I 161 8.14 -28.68 -41.75
CA PRO I 161 9.34 -29.23 -41.14
C PRO I 161 9.74 -28.48 -39.87
N LEU I 162 10.36 -29.24 -38.97
CA LEU I 162 10.72 -28.78 -37.67
C LEU I 162 11.51 -27.46 -37.70
N GLU I 163 12.43 -27.32 -38.64
CA GLU I 163 13.29 -26.13 -38.70
C GLU I 163 12.50 -24.89 -39.12
N VAL I 164 11.38 -25.09 -39.82
CA VAL I 164 10.46 -23.97 -40.16
C VAL I 164 9.65 -23.52 -38.93
N ILE I 165 9.12 -24.50 -38.21
CA ILE I 165 8.48 -24.25 -36.93
C ILE I 165 9.41 -23.47 -35.95
N GLU I 166 10.67 -23.87 -35.81
CA GLU I 166 11.61 -23.12 -34.99
C GLU I 166 11.78 -21.66 -35.43
N LYS I 167 11.98 -21.38 -36.73
CA LYS I 167 12.14 -19.97 -37.20
C LYS I 167 10.83 -19.16 -36.95
N ASP I 168 9.69 -19.80 -37.16
CA ASP I 168 8.41 -19.15 -37.15
C ASP I 168 7.80 -18.92 -35.77
N THR I 169 8.27 -19.66 -34.77
CA THR I 169 7.90 -19.46 -33.37
C THR I 169 8.94 -18.64 -32.57
N ASP I 170 10.02 -18.20 -33.19
CA ASP I 170 11.03 -17.44 -32.49
C ASP I 170 10.49 -16.22 -31.77
N ARG I 171 9.62 -15.48 -32.45
CA ARG I 171 8.93 -14.31 -31.89
C ARG I 171 7.43 -14.45 -32.10
N ASP I 172 6.65 -13.59 -31.47
CA ASP I 172 5.20 -13.59 -31.62
C ASP I 172 4.83 -13.51 -33.12
N ASN I 173 4.05 -14.50 -33.54
CA ASN I 173 3.71 -14.66 -34.92
C ASN I 173 2.19 -14.72 -35.04
N TYR I 174 1.59 -13.59 -35.40
CA TYR I 174 0.16 -13.46 -35.56
C TYR I 174 -0.24 -13.86 -36.94
N MET I 175 -1.32 -14.65 -37.04
CA MET I 175 -1.85 -15.10 -38.32
C MET I 175 -3.32 -14.90 -38.40
N THR I 176 -3.74 -14.53 -39.60
CA THR I 176 -5.10 -14.58 -40.08
C THR I 176 -5.64 -15.99 -40.10
N ALA I 177 -6.97 -16.14 -40.13
CA ALA I 177 -7.58 -17.46 -40.39
C ALA I 177 -7.08 -18.13 -41.71
N GLU I 178 -7.13 -17.42 -42.81
CA GLU I 178 -6.52 -17.84 -44.08
C GLU I 178 -5.04 -18.14 -43.98
N GLN I 179 -4.22 -17.28 -43.36
CA GLN I 179 -2.78 -17.61 -43.14
C GLN I 179 -2.55 -18.89 -42.37
N ALA I 180 -3.40 -19.16 -41.38
CA ALA I 180 -3.33 -20.37 -40.57
C ALA I 180 -3.72 -21.60 -41.34
N LYS I 181 -4.71 -21.49 -42.24
CA LYS I 181 -5.05 -22.58 -43.18
C LYS I 181 -3.88 -22.91 -44.11
N ALA I 182 -3.32 -21.87 -44.72
CA ALA I 182 -2.12 -22.02 -45.52
C ALA I 182 -0.97 -22.70 -44.77
N TYR I 183 -0.83 -22.40 -43.48
CA TYR I 183 0.31 -22.86 -42.68
C TYR I 183 0.11 -24.26 -42.17
N GLY I 184 -1.16 -24.72 -42.12
CA GLY I 184 -1.44 -26.09 -41.72
C GLY I 184 -2.03 -26.23 -40.32
N LEU I 185 -2.17 -25.12 -39.61
CA LEU I 185 -2.74 -25.15 -38.23
C LEU I 185 -4.19 -25.50 -38.19
N ILE I 186 -4.93 -25.05 -39.21
CA ILE I 186 -6.33 -25.45 -39.41
C ILE I 186 -6.59 -25.95 -40.84
N ASP I 187 -7.78 -26.51 -41.02
CA ASP I 187 -8.18 -27.13 -42.25
C ASP I 187 -9.07 -26.23 -43.07
N GLU I 188 -10.04 -25.60 -42.45
CA GLU I 188 -10.97 -24.72 -43.15
C GLU I 188 -11.36 -23.46 -42.35
N VAL I 189 -11.61 -22.37 -43.08
CA VAL I 189 -12.22 -21.17 -42.59
C VAL I 189 -13.70 -21.31 -42.83
N MET I 190 -14.54 -21.22 -41.83
CA MET I 190 -15.97 -21.36 -42.10
C MET I 190 -16.70 -20.04 -42.26
N ILE J 4 -31.26 -9.18 -8.90
CA ILE J 4 -31.91 -9.57 -10.21
C ILE J 4 -33.29 -10.22 -9.97
N PRO J 5 -34.39 -9.52 -10.33
CA PRO J 5 -35.71 -10.05 -9.99
C PRO J 5 -36.14 -11.27 -10.82
N THR J 6 -37.12 -12.00 -10.30
CA THR J 6 -37.66 -13.19 -10.89
C THR J 6 -39.14 -12.95 -11.30
N VAL J 7 -39.62 -13.66 -12.31
CA VAL J 7 -41.02 -13.57 -12.77
C VAL J 7 -41.61 -15.00 -12.89
N ILE J 8 -42.92 -15.19 -12.66
CA ILE J 8 -43.55 -16.58 -12.65
C ILE J 8 -44.37 -16.92 -13.92
N ALA J 17 -40.73 -20.35 -13.29
CA ALA J 17 -39.99 -19.24 -12.66
C ALA J 17 -38.61 -18.95 -13.30
N TYR J 18 -38.54 -17.85 -14.04
CA TYR J 18 -37.32 -17.41 -14.70
C TYR J 18 -36.70 -16.20 -13.98
N ASP J 19 -35.39 -16.08 -13.98
CA ASP J 19 -34.78 -14.76 -13.75
C ASP J 19 -35.10 -13.90 -15.00
N ILE J 20 -35.19 -12.59 -14.81
CA ILE J 20 -35.71 -11.68 -15.85
C ILE J 20 -34.92 -11.81 -17.18
N TYR J 21 -33.60 -11.97 -17.12
CA TYR J 21 -32.81 -12.08 -18.36
C TYR J 21 -33.12 -13.36 -19.09
N SER J 22 -33.28 -14.44 -18.35
CA SER J 22 -33.71 -15.74 -18.93
C SER J 22 -35.12 -15.69 -19.55
N ARG J 23 -36.02 -14.92 -18.95
CA ARG J 23 -37.36 -14.74 -19.53
C ARG J 23 -37.33 -14.02 -20.84
N LEU J 24 -36.48 -12.99 -20.94
CA LEU J 24 -36.25 -12.30 -22.22
C LEU J 24 -35.61 -13.21 -23.30
N LEU J 25 -34.73 -14.13 -22.88
CA LEU J 25 -34.09 -15.04 -23.80
C LEU J 25 -35.08 -16.03 -24.37
N LYS J 26 -36.11 -16.41 -23.59
CA LYS J 26 -37.23 -17.23 -24.13
C LYS J 26 -37.88 -16.54 -25.36
N ASP J 27 -37.98 -15.22 -25.36
CA ASP J 27 -38.45 -14.48 -26.54
C ASP J 27 -37.37 -14.02 -27.54
N ARG J 28 -36.21 -14.65 -27.47
CA ARG J 28 -35.10 -14.41 -28.41
C ARG J 28 -34.39 -13.04 -28.28
N ILE J 29 -34.42 -12.46 -27.09
CA ILE J 29 -33.70 -11.23 -26.77
C ILE J 29 -32.40 -11.53 -26.00
N ILE J 30 -31.30 -10.98 -26.49
CA ILE J 30 -30.00 -11.09 -25.83
C ILE J 30 -29.58 -9.70 -25.34
N MET J 31 -29.18 -9.58 -24.09
CA MET J 31 -28.67 -8.33 -23.53
C MET J 31 -27.15 -8.27 -23.55
N LEU J 32 -26.58 -7.36 -24.31
CA LEU J 32 -25.14 -7.11 -24.26
C LEU J 32 -24.89 -5.80 -23.49
N SER J 33 -24.47 -5.92 -22.24
CA SER J 33 -24.28 -4.77 -21.38
C SER J 33 -22.87 -4.73 -20.85
N GLY J 34 -22.31 -3.54 -20.81
CA GLY J 34 -21.02 -3.33 -20.21
C GLY J 34 -19.88 -3.71 -21.12
N GLN J 35 -18.74 -3.87 -20.49
CA GLN J 35 -17.51 -4.03 -21.21
C GLN J 35 -17.51 -5.38 -21.93
N VAL J 36 -16.99 -5.39 -23.17
CA VAL J 36 -16.84 -6.61 -23.96
C VAL J 36 -15.60 -7.34 -23.53
N THR J 37 -15.77 -8.46 -22.84
CA THR J 37 -14.67 -9.28 -22.32
C THR J 37 -14.84 -10.65 -22.88
N ASP J 38 -13.82 -11.50 -22.72
CA ASP J 38 -13.92 -12.91 -23.08
C ASP J 38 -15.13 -13.63 -22.39
N ASP J 39 -15.42 -13.29 -21.13
CA ASP J 39 -16.55 -13.91 -20.39
C ASP J 39 -17.90 -13.52 -20.96
N LEU J 40 -18.06 -12.23 -21.25
CA LEU J 40 -19.30 -11.75 -21.84
C LEU J 40 -19.46 -12.33 -23.23
N ALA J 41 -18.40 -12.28 -24.03
CA ALA J 41 -18.46 -12.84 -25.38
C ALA J 41 -18.90 -14.31 -25.37
N ASN J 42 -18.42 -15.06 -24.40
CA ASN J 42 -18.75 -16.47 -24.29
C ASN J 42 -20.24 -16.69 -24.05
N SER J 43 -20.80 -15.90 -23.15
CA SER J 43 -22.22 -15.93 -22.87
C SER J 43 -23.08 -15.53 -24.06
N ILE J 44 -22.72 -14.43 -24.73
CA ILE J 44 -23.45 -13.96 -25.93
C ILE J 44 -23.41 -15.04 -27.03
N ILE J 45 -22.25 -15.62 -27.24
CA ILE J 45 -22.05 -16.58 -28.27
C ILE J 45 -22.91 -17.82 -28.00
N ALA J 46 -22.86 -18.30 -26.76
CA ALA J 46 -23.68 -19.44 -26.37
C ALA J 46 -25.15 -19.18 -26.63
N GLN J 47 -25.60 -17.99 -26.25
CA GLN J 47 -26.97 -17.61 -26.46
C GLN J 47 -27.30 -17.54 -27.95
N LEU J 48 -26.43 -16.95 -28.76
CA LEU J 48 -26.73 -16.85 -30.20
C LEU J 48 -26.84 -18.24 -30.81
N LEU J 49 -25.94 -19.14 -30.43
CA LEU J 49 -25.93 -20.52 -30.97
C LEU J 49 -27.16 -21.32 -30.59
N PHE J 50 -27.49 -21.27 -29.31
CA PHE J 50 -28.72 -21.86 -28.77
C PHE J 50 -29.96 -21.37 -29.50
N LEU J 51 -30.10 -20.06 -29.67
CA LEU J 51 -31.27 -19.53 -30.37
C LEU J 51 -31.39 -19.93 -31.84
N ASP J 52 -30.28 -20.15 -32.52
CA ASP J 52 -30.32 -20.51 -33.94
C ASP J 52 -30.69 -22.00 -34.13
N ALA J 53 -30.11 -22.84 -33.28
CA ALA J 53 -30.47 -24.25 -33.20
C ALA J 53 -31.97 -24.45 -32.92
N GLN J 54 -32.47 -23.72 -31.93
CA GLN J 54 -33.86 -23.77 -31.55
C GLN J 54 -34.81 -23.36 -32.72
N ASP J 55 -34.47 -22.33 -33.48
CA ASP J 55 -35.28 -21.93 -34.64
C ASP J 55 -34.53 -20.89 -35.47
N SER J 56 -34.05 -21.26 -36.64
CA SER J 56 -33.37 -20.31 -37.57
C SER J 56 -34.30 -19.41 -38.40
N GLU J 57 -35.61 -19.65 -38.38
CA GLU J 57 -36.57 -18.86 -39.17
C GLU J 57 -36.98 -17.55 -38.43
N LYS J 58 -36.94 -17.57 -37.09
CA LYS J 58 -37.33 -16.42 -36.26
C LYS J 58 -36.08 -15.57 -35.87
N ASP J 59 -36.23 -14.25 -35.99
CA ASP J 59 -35.14 -13.30 -35.68
C ASP J 59 -34.62 -13.37 -34.23
N ILE J 60 -33.37 -12.95 -34.08
CA ILE J 60 -32.75 -12.72 -32.78
C ILE J 60 -32.58 -11.20 -32.58
N TYR J 61 -32.80 -10.76 -31.35
CA TYR J 61 -32.73 -9.33 -30.98
C TYR J 61 -31.59 -9.10 -29.97
N LEU J 62 -30.56 -8.36 -30.39
CA LEU J 62 -29.41 -8.10 -29.57
C LEU J 62 -29.45 -6.62 -29.12
N TYR J 63 -29.77 -6.39 -27.85
CA TYR J 63 -29.76 -5.04 -27.28
C TYR J 63 -28.37 -4.71 -26.77
N ILE J 64 -27.84 -3.55 -27.13
CA ILE J 64 -26.44 -3.19 -26.83
C ILE J 64 -26.35 -1.92 -26.01
N ASN J 65 -25.71 -2.02 -24.84
CA ASN J 65 -25.27 -0.84 -24.09
C ASN J 65 -23.86 -1.07 -23.62
N SER J 66 -22.87 -0.62 -24.39
CA SER J 66 -21.48 -1.02 -24.11
C SER J 66 -20.49 0.03 -24.54
N PRO J 67 -19.46 0.31 -23.73
CA PRO J 67 -18.38 1.22 -24.10
C PRO J 67 -17.28 0.54 -24.91
N GLY J 68 -17.39 -0.77 -25.14
CA GLY J 68 -16.41 -1.50 -25.96
C GLY J 68 -15.64 -2.48 -25.13
N GLY J 69 -14.40 -2.75 -25.49
CA GLY J 69 -13.61 -3.75 -24.79
C GLY J 69 -12.73 -4.47 -25.74
N SER J 70 -12.52 -5.76 -25.48
CA SER J 70 -11.56 -6.56 -26.24
C SER J 70 -11.94 -6.68 -27.73
N VAL J 71 -11.01 -6.31 -28.60
CA VAL J 71 -11.21 -6.45 -30.02
C VAL J 71 -11.48 -7.91 -30.39
N THR J 72 -10.71 -8.84 -29.85
CA THR J 72 -10.88 -10.20 -30.23
C THR J 72 -12.16 -10.79 -29.68
N ALA J 73 -12.51 -10.44 -28.45
CA ALA J 73 -13.81 -10.86 -27.93
C ALA J 73 -14.97 -10.35 -28.79
N GLY J 74 -14.91 -9.08 -29.15
CA GLY J 74 -15.86 -8.52 -30.09
C GLY J 74 -15.93 -9.22 -31.42
N MET J 75 -14.76 -9.58 -31.98
CA MET J 75 -14.77 -10.23 -33.30
C MET J 75 -15.38 -11.62 -33.18
N ALA J 76 -15.20 -12.26 -32.04
CA ALA J 76 -15.85 -13.54 -31.79
C ALA J 76 -17.36 -13.40 -31.89
N ILE J 77 -17.91 -12.38 -31.26
CA ILE J 77 -19.35 -12.13 -31.32
C ILE J 77 -19.76 -11.76 -32.77
N TYR J 78 -19.06 -10.85 -33.39
CA TYR J 78 -19.31 -10.50 -34.78
C TYR J 78 -19.39 -11.73 -35.70
N ASP J 79 -18.37 -12.57 -35.63
CA ASP J 79 -18.31 -13.74 -36.48
C ASP J 79 -19.47 -14.70 -36.19
N THR J 80 -19.84 -14.84 -34.91
CA THR J 80 -21.00 -15.62 -34.55
C THR J 80 -22.35 -15.04 -35.04
N MET J 81 -22.52 -13.74 -34.98
CA MET J 81 -23.70 -13.10 -35.55
C MET J 81 -23.86 -13.43 -37.05
N ASN J 82 -22.79 -13.29 -37.84
CA ASN J 82 -22.81 -13.62 -39.26
C ASN J 82 -22.99 -15.15 -39.48
N PHE J 83 -22.49 -15.99 -38.59
CA PHE J 83 -22.56 -17.43 -38.77
C PHE J 83 -23.99 -18.01 -38.70
N VAL J 84 -24.70 -17.67 -37.65
CA VAL J 84 -26.05 -18.15 -37.44
C VAL J 84 -26.93 -17.79 -38.63
N LYS J 85 -27.86 -18.70 -38.97
CA LYS J 85 -28.77 -18.53 -40.14
C LYS J 85 -29.76 -17.42 -39.84
N ALA J 86 -30.25 -17.34 -38.60
CA ALA J 86 -31.21 -16.29 -38.22
C ALA J 86 -30.65 -14.88 -38.36
N ASP J 87 -31.53 -13.96 -38.78
CA ASP J 87 -31.22 -12.55 -38.79
C ASP J 87 -31.04 -12.07 -37.36
N VAL J 88 -30.01 -11.23 -37.15
CA VAL J 88 -29.72 -10.60 -35.86
C VAL J 88 -29.99 -9.10 -35.95
N GLN J 89 -31.08 -8.68 -35.32
CA GLN J 89 -31.40 -7.26 -35.17
C GLN J 89 -30.61 -6.72 -34.00
N THR J 90 -30.16 -5.47 -34.15
CA THR J 90 -29.39 -4.77 -33.12
C THR J 90 -30.07 -3.48 -32.75
N ILE J 91 -30.23 -3.23 -31.45
CA ILE J 91 -30.76 -1.96 -30.95
C ILE J 91 -29.70 -1.41 -30.00
N VAL J 92 -29.20 -0.23 -30.25
CA VAL J 92 -28.47 0.46 -29.21
C VAL J 92 -29.37 1.26 -28.29
N MET J 93 -29.14 1.14 -26.99
CA MET J 93 -29.78 1.95 -25.93
C MET J 93 -28.65 2.53 -25.07
N GLY J 94 -28.62 3.83 -24.87
CA GLY J 94 -27.55 4.43 -24.08
C GLY J 94 -26.29 4.66 -24.85
N MET J 95 -25.43 3.68 -24.89
CA MET J 95 -24.14 3.83 -25.56
C MET J 95 -23.74 2.64 -26.43
N ALA J 96 -23.13 2.90 -27.55
CA ALA J 96 -22.42 1.89 -28.27
C ALA J 96 -21.13 2.53 -28.73
N ALA J 97 -20.05 2.31 -27.99
CA ALA J 97 -18.75 2.89 -28.35
C ALA J 97 -17.76 1.79 -28.71
N SER J 98 -16.86 2.13 -29.63
CA SER J 98 -15.78 1.23 -30.07
C SER J 98 -16.34 -0.12 -30.52
N MET J 99 -15.95 -1.22 -29.89
CA MET J 99 -16.47 -2.50 -30.29
C MET J 99 -18.01 -2.60 -30.14
N GLY J 100 -18.58 -1.80 -29.24
CA GLY J 100 -20.05 -1.71 -29.10
C GLY J 100 -20.73 -1.19 -30.37
N SER J 101 -20.17 -0.14 -30.97
CA SER J 101 -20.68 0.38 -32.23
C SER J 101 -20.43 -0.58 -33.40
N PHE J 102 -19.30 -1.26 -33.35
CA PHE J 102 -18.96 -2.23 -34.40
C PHE J 102 -19.95 -3.37 -34.42
N LEU J 103 -20.34 -3.86 -33.24
CA LEU J 103 -21.38 -4.87 -33.17
C LEU J 103 -22.76 -4.33 -33.55
N LEU J 104 -23.03 -3.07 -33.25
CA LEU J 104 -24.31 -2.48 -33.61
C LEU J 104 -24.48 -2.51 -35.11
N THR J 105 -23.47 -2.04 -35.80
CA THR J 105 -23.54 -1.95 -37.24
C THR J 105 -23.41 -3.31 -37.95
N ALA J 106 -23.05 -4.36 -37.22
CA ALA J 106 -23.02 -5.72 -37.75
C ALA J 106 -24.38 -6.41 -37.80
N GLY J 107 -25.39 -5.84 -37.18
CA GLY J 107 -26.71 -6.42 -37.28
C GLY J 107 -27.11 -6.49 -38.75
N THR J 108 -28.09 -7.35 -39.02
CA THR J 108 -28.62 -7.53 -40.37
C THR J 108 -29.03 -6.22 -40.97
N LYS J 109 -28.60 -5.91 -42.20
CA LYS J 109 -29.02 -4.61 -42.80
C LYS J 109 -30.54 -4.48 -42.94
N GLY J 110 -31.01 -3.26 -42.75
CA GLY J 110 -32.43 -2.98 -42.55
C GLY J 110 -32.92 -3.19 -41.13
N LYS J 111 -32.17 -3.88 -40.26
CA LYS J 111 -32.62 -4.14 -38.88
C LYS J 111 -31.65 -3.69 -37.76
N ARG J 112 -31.01 -2.55 -37.97
CA ARG J 112 -30.10 -1.96 -37.03
C ARG J 112 -30.75 -0.68 -36.55
N PHE J 113 -30.98 -0.58 -35.24
CA PHE J 113 -31.72 0.51 -34.64
C PHE J 113 -31.00 1.23 -33.50
N ALA J 114 -31.37 2.49 -33.29
CA ALA J 114 -30.96 3.21 -32.11
C ALA J 114 -32.17 3.85 -31.48
N LEU J 115 -32.24 3.79 -30.16
CA LEU J 115 -33.16 4.62 -29.40
C LEU J 115 -32.73 6.07 -29.54
N PRO J 116 -33.70 7.00 -29.47
CA PRO J 116 -33.47 8.38 -29.91
C PRO J 116 -32.28 9.11 -29.27
N ASN J 117 -31.96 8.77 -28.03
CA ASN J 117 -30.92 9.51 -27.30
C ASN J 117 -29.65 8.70 -27.12
N ALA J 118 -29.48 7.69 -27.96
CA ALA J 118 -28.29 6.86 -27.90
C ALA J 118 -27.06 7.64 -28.38
N GLU J 119 -25.94 7.35 -27.77
CA GLU J 119 -24.63 7.84 -28.15
C GLU J 119 -23.89 6.71 -28.94
N ILE J 120 -23.36 7.02 -30.09
CA ILE J 120 -22.61 6.06 -30.84
C ILE J 120 -21.22 6.68 -31.04
N MET J 121 -20.18 5.89 -30.88
CA MET J 121 -18.85 6.41 -31.06
C MET J 121 -18.00 5.39 -31.83
N ILE J 122 -17.25 5.88 -32.81
CA ILE J 122 -16.25 5.13 -33.51
C ILE J 122 -14.87 5.79 -33.38
N HIS J 123 -13.83 4.98 -33.33
CA HIS J 123 -12.44 5.47 -33.25
C HIS J 123 -11.49 4.39 -33.78
N GLN J 124 -10.19 4.56 -33.56
CA GLN J 124 -9.24 3.51 -33.90
C GLN J 124 -8.93 2.61 -32.70
N PRO J 125 -8.44 1.38 -32.98
CA PRO J 125 -8.04 0.46 -31.93
C PRO J 125 -6.94 1.01 -31.02
N LEU J 126 -7.00 0.55 -29.78
CA LEU J 126 -6.10 0.94 -28.73
C LEU J 126 -5.26 -0.22 -28.29
N GLY J 127 -4.04 0.05 -27.87
CA GLY J 127 -3.12 -1.00 -27.49
C GLY J 127 -1.88 -0.49 -26.85
N GLY J 128 -0.97 -1.40 -26.65
CA GLY J 128 0.29 -1.13 -25.98
C GLY J 128 1.34 -2.17 -26.33
N ALA J 129 2.58 -1.77 -26.34
CA ALA J 129 3.67 -2.70 -26.52
C ALA J 129 4.84 -2.26 -25.68
N GLN J 130 5.60 -3.24 -25.21
CA GLN J 130 6.77 -3.01 -24.41
C GLN J 130 7.86 -4.00 -24.82
N GLY J 131 9.09 -3.54 -24.90
CA GLY J 131 10.23 -4.41 -25.07
C GLY J 131 11.21 -3.95 -26.11
N GLN J 132 11.80 -4.92 -26.80
CA GLN J 132 12.80 -4.63 -27.80
C GLN J 132 12.14 -4.01 -29.02
N ALA J 133 12.92 -3.23 -29.77
CA ALA J 133 12.46 -2.63 -30.99
C ALA J 133 11.73 -3.61 -31.90
N THR J 134 12.30 -4.78 -32.08
CA THR J 134 11.65 -5.86 -32.87
C THR J 134 10.25 -6.25 -32.32
N GLU J 135 10.08 -6.29 -31.00
CA GLU J 135 8.84 -6.69 -30.39
C GLU J 135 7.80 -5.61 -30.60
N ILE J 136 8.23 -4.37 -30.55
CA ILE J 136 7.37 -3.22 -30.75
C ILE J 136 6.92 -3.17 -32.19
N GLU J 137 7.82 -3.53 -33.13
CA GLU J 137 7.50 -3.56 -34.56
C GLU J 137 6.44 -4.58 -34.79
N ILE J 138 6.56 -5.74 -34.15
CA ILE J 138 5.58 -6.80 -34.32
C ILE J 138 4.21 -6.35 -33.87
N ALA J 139 4.18 -5.71 -32.71
CA ALA J 139 2.94 -5.22 -32.15
C ALA J 139 2.31 -4.09 -33.00
N ALA J 140 3.13 -3.18 -33.44
CA ALA J 140 2.68 -2.13 -34.34
C ALA J 140 2.07 -2.70 -35.64
N ARG J 141 2.77 -3.59 -36.32
CA ARG J 141 2.20 -4.25 -37.51
C ARG J 141 0.86 -4.90 -37.19
N HIS J 142 0.76 -5.57 -36.04
CA HIS J 142 -0.44 -6.25 -35.70
C HIS J 142 -1.62 -5.32 -35.49
N ILE J 143 -1.42 -4.23 -34.75
CA ILE J 143 -2.53 -3.33 -34.46
C ILE J 143 -2.93 -2.53 -35.74
N LEU J 144 -1.97 -2.25 -36.64
CA LEU J 144 -2.29 -1.59 -37.88
C LEU J 144 -3.10 -2.51 -38.77
N GLN J 145 -2.74 -3.78 -38.79
CA GLN J 145 -3.54 -4.76 -39.55
C GLN J 145 -4.93 -4.90 -38.98
N THR J 146 -5.05 -4.82 -37.67
CA THR J 146 -6.35 -4.86 -37.04
C THR J 146 -7.17 -3.63 -37.45
N ARG J 147 -6.55 -2.45 -37.48
CA ARG J 147 -7.27 -1.24 -37.86
C ARG J 147 -7.79 -1.38 -39.30
N GLU J 148 -6.94 -1.90 -40.18
CA GLU J 148 -7.26 -1.98 -41.57
C GLU J 148 -8.42 -2.94 -41.78
N ARG J 149 -8.42 -4.06 -41.05
CA ARG J 149 -9.47 -5.03 -41.18
C ARG J 149 -10.78 -4.47 -40.70
N LEU J 150 -10.77 -3.85 -39.53
CA LEU J 150 -12.02 -3.31 -39.00
C LEU J 150 -12.59 -2.20 -39.89
N ASN J 151 -11.73 -1.31 -40.36
CA ASN J 151 -12.11 -0.25 -41.31
C ASN J 151 -12.72 -0.76 -42.59
N LYS J 152 -12.16 -1.83 -43.17
CA LYS J 152 -12.78 -2.43 -44.36
C LYS J 152 -14.19 -2.93 -44.06
N ILE J 153 -14.39 -3.57 -42.92
CA ILE J 153 -15.70 -4.06 -42.57
C ILE J 153 -16.65 -2.88 -42.36
N LEU J 154 -16.17 -1.81 -41.74
CA LEU J 154 -17.02 -0.65 -41.51
C LEU J 154 -17.46 -0.04 -42.82
N ALA J 155 -16.51 0.05 -43.76
CA ALA J 155 -16.81 0.53 -45.08
C ALA J 155 -17.96 -0.27 -45.72
N GLU J 156 -17.87 -1.58 -45.66
CA GLU J 156 -18.92 -2.42 -46.18
C GLU J 156 -20.22 -2.17 -45.45
N ARG J 157 -20.16 -2.11 -44.13
CA ARG J 157 -21.37 -2.02 -43.31
C ARG J 157 -22.14 -0.72 -43.45
N THR J 158 -21.40 0.34 -43.73
CA THR J 158 -21.93 1.66 -43.81
C THR J 158 -22.19 2.12 -45.25
N GLY J 159 -21.52 1.54 -46.21
CA GLY J 159 -21.45 2.12 -47.55
C GLY J 159 -20.47 3.26 -47.75
N GLN J 160 -19.83 3.75 -46.71
CA GLN J 160 -18.85 4.82 -46.89
C GLN J 160 -17.58 4.27 -47.56
N PRO J 161 -16.90 5.11 -48.31
CA PRO J 161 -15.62 4.67 -48.81
C PRO J 161 -14.56 4.57 -47.73
N LEU J 162 -13.63 3.64 -47.91
CA LEU J 162 -12.59 3.36 -46.97
C LEU J 162 -11.87 4.60 -46.48
N GLU J 163 -11.57 5.50 -47.39
CA GLU J 163 -10.76 6.69 -47.03
C GLU J 163 -11.54 7.64 -46.12
N VAL J 164 -12.86 7.63 -46.23
CA VAL J 164 -13.72 8.41 -45.33
C VAL J 164 -13.72 7.79 -43.93
N ILE J 165 -13.91 6.47 -43.85
CA ILE J 165 -13.79 5.72 -42.60
C ILE J 165 -12.46 5.97 -41.90
N GLU J 166 -11.34 5.96 -42.65
CA GLU J 166 -10.03 6.33 -42.08
C GLU J 166 -10.00 7.74 -41.49
N LYS J 167 -10.51 8.76 -42.19
CA LYS J 167 -10.44 10.15 -41.64
C LYS J 167 -11.34 10.23 -40.38
N ASP J 168 -12.49 9.58 -40.45
CA ASP J 168 -13.53 9.71 -39.43
C ASP J 168 -13.28 8.93 -38.15
N THR J 169 -12.42 7.90 -38.20
CA THR J 169 -12.03 7.14 -37.04
C THR J 169 -10.66 7.56 -36.49
N ASP J 170 -10.05 8.60 -37.06
CA ASP J 170 -8.72 9.02 -36.60
C ASP J 170 -8.68 9.39 -35.14
N ARG J 171 -9.73 10.09 -34.69
CA ARG J 171 -9.93 10.48 -33.27
C ARG J 171 -11.34 10.03 -32.85
N ASP J 172 -11.62 10.07 -31.56
CA ASP J 172 -12.92 9.78 -31.04
C ASP J 172 -13.97 10.61 -31.80
N ASN J 173 -14.96 9.93 -32.32
CA ASN J 173 -16.00 10.53 -33.13
C ASN J 173 -17.36 10.12 -32.57
N TYR J 174 -17.96 11.03 -31.80
CA TYR J 174 -19.27 10.82 -31.20
C TYR J 174 -20.36 11.23 -32.16
N MET J 175 -21.37 10.38 -32.30
CA MET J 175 -22.53 10.62 -33.14
C MET J 175 -23.83 10.42 -32.37
N THR J 176 -24.77 11.27 -32.71
CA THR J 176 -26.18 11.15 -32.45
C THR J 176 -26.78 9.98 -33.16
N ALA J 177 -27.93 9.50 -32.68
CA ALA J 177 -28.69 8.46 -33.40
C ALA J 177 -29.02 8.87 -34.86
N GLU J 178 -29.54 10.07 -35.05
CA GLU J 178 -29.71 10.66 -36.40
C GLU J 178 -28.45 10.78 -37.22
N GLN J 179 -27.35 11.27 -36.63
CA GLN J 179 -26.05 11.28 -37.35
C GLN J 179 -25.59 9.89 -37.82
N ALA J 180 -25.80 8.87 -36.99
CA ALA J 180 -25.43 7.51 -37.29
C ALA J 180 -26.29 6.89 -38.34
N LYS J 181 -27.58 7.25 -38.38
CA LYS J 181 -28.44 6.87 -39.52
C LYS J 181 -27.95 7.48 -40.84
N ALA J 182 -27.69 8.79 -40.83
CA ALA J 182 -27.13 9.47 -42.02
C ALA J 182 -25.81 8.88 -42.47
N TYR J 183 -25.00 8.42 -41.53
CA TYR J 183 -23.65 7.91 -41.82
C TYR J 183 -23.69 6.48 -42.37
N GLY J 184 -24.77 5.74 -42.10
CA GLY J 184 -24.85 4.33 -42.51
C GLY J 184 -24.62 3.28 -41.43
N LEU J 185 -24.33 3.70 -40.20
CA LEU J 185 -24.12 2.74 -39.12
C LEU J 185 -25.40 1.97 -38.72
N ILE J 186 -26.53 2.69 -38.70
CA ILE J 186 -27.83 2.14 -38.46
C ILE J 186 -28.85 2.50 -39.56
N ASP J 187 -29.99 1.83 -39.51
CA ASP J 187 -31.08 1.95 -40.49
C ASP J 187 -32.19 2.87 -40.03
N GLU J 188 -32.61 2.73 -38.77
CA GLU J 188 -33.67 3.56 -38.22
C GLU J 188 -33.47 3.95 -36.75
N VAL J 189 -33.93 5.16 -36.42
CA VAL J 189 -34.06 5.62 -35.04
C VAL J 189 -35.46 5.25 -34.61
N MET J 190 -35.65 4.48 -33.55
CA MET J 190 -37.02 4.10 -33.16
C MET J 190 -37.63 4.91 -32.02
N GLU J 191 -38.75 5.60 -32.33
CA GLU J 191 -39.61 6.28 -31.33
C GLU J 191 -40.83 5.41 -31.02
N ILE K 4 -32.22 -10.15 2.29
CA ILE K 4 -33.46 -9.87 1.47
C ILE K 4 -34.59 -10.88 1.76
N PRO K 5 -35.66 -10.46 2.45
CA PRO K 5 -36.67 -11.42 2.86
C PRO K 5 -37.51 -11.96 1.72
N THR K 6 -38.19 -13.07 2.01
CA THR K 6 -39.08 -13.74 1.05
C THR K 6 -40.50 -13.76 1.66
N VAL K 7 -41.50 -13.87 0.79
CA VAL K 7 -42.93 -13.91 1.18
C VAL K 7 -43.67 -15.02 0.41
N ILE K 8 -44.67 -15.68 1.02
CA ILE K 8 -45.36 -16.88 0.42
C ILE K 8 -46.72 -16.57 -0.29
N ARG K 16 -46.60 -20.31 -3.96
CA ARG K 16 -45.40 -19.71 -4.55
C ARG K 16 -44.65 -18.74 -3.57
N ALA K 17 -43.32 -18.76 -3.69
CA ALA K 17 -42.40 -18.01 -2.81
C ALA K 17 -41.54 -17.01 -3.60
N TYR K 18 -41.83 -15.71 -3.42
CA TYR K 18 -41.11 -14.63 -4.11
C TYR K 18 -40.12 -13.98 -3.15
N ASP K 19 -38.99 -13.52 -3.66
CA ASP K 19 -38.23 -12.50 -2.94
C ASP K 19 -39.07 -11.21 -2.97
N ILE K 20 -38.88 -10.33 -1.98
CA ILE K 20 -39.77 -9.18 -1.81
C ILE K 20 -39.81 -8.26 -3.07
N TYR K 21 -38.66 -8.05 -3.74
CA TYR K 21 -38.64 -7.17 -4.92
C TYR K 21 -39.44 -7.80 -6.06
N SER K 22 -39.28 -9.10 -6.25
CA SER K 22 -40.08 -9.85 -7.25
C SER K 22 -41.57 -9.84 -6.97
N ARG K 23 -41.95 -9.82 -5.70
CA ARG K 23 -43.34 -9.69 -5.35
C ARG K 23 -43.89 -8.35 -5.75
N LEU K 24 -43.11 -7.30 -5.54
CA LEU K 24 -43.53 -5.95 -5.95
C LEU K 24 -43.63 -5.82 -7.48
N LEU K 25 -42.76 -6.52 -8.18
CA LEU K 25 -42.79 -6.51 -9.63
C LEU K 25 -44.04 -7.19 -10.17
N LYS K 26 -44.58 -8.20 -9.48
CA LYS K 26 -45.85 -8.79 -9.86
C LYS K 26 -46.96 -7.72 -9.89
N ASP K 27 -46.91 -6.75 -8.97
CA ASP K 27 -47.85 -5.61 -8.99
C ASP K 27 -47.33 -4.36 -9.75
N ARG K 28 -46.39 -4.56 -10.66
CA ARG K 28 -45.93 -3.55 -11.61
C ARG K 28 -45.09 -2.40 -10.98
N ILE K 29 -44.47 -2.68 -9.85
CA ILE K 29 -43.57 -1.76 -9.19
C ILE K 29 -42.11 -2.09 -9.43
N ILE K 30 -41.35 -1.09 -9.89
CA ILE K 30 -39.93 -1.20 -10.12
C ILE K 30 -39.21 -0.33 -9.08
N MET K 31 -38.19 -0.87 -8.43
CA MET K 31 -37.38 -0.10 -7.46
C MET K 31 -36.08 0.31 -8.12
N LEU K 32 -35.87 1.61 -8.27
CA LEU K 32 -34.59 2.13 -8.76
C LEU K 32 -33.89 2.73 -7.56
N SER K 33 -32.90 2.01 -7.03
CA SER K 33 -32.22 2.41 -5.78
C SER K 33 -30.70 2.45 -5.97
N GLY K 34 -30.09 3.49 -5.42
CA GLY K 34 -28.65 3.67 -5.54
C GLY K 34 -28.17 4.16 -6.90
N GLN K 35 -26.88 3.97 -7.11
CA GLN K 35 -26.20 4.61 -8.20
C GLN K 35 -26.67 4.02 -9.52
N VAL K 36 -26.85 4.86 -10.53
CA VAL K 36 -27.27 4.46 -11.87
C VAL K 36 -26.04 3.99 -12.61
N THR K 37 -25.93 2.69 -12.80
CA THR K 37 -24.82 2.06 -13.52
C THR K 37 -25.41 1.33 -14.71
N ASP K 38 -24.52 0.86 -15.58
CA ASP K 38 -24.90 -0.04 -16.64
C ASP K 38 -25.68 -1.28 -16.13
N ASP K 39 -25.23 -1.89 -15.02
CA ASP K 39 -25.88 -3.08 -14.46
C ASP K 39 -27.30 -2.77 -13.99
N LEU K 40 -27.44 -1.71 -13.21
CA LEU K 40 -28.76 -1.29 -12.76
C LEU K 40 -29.67 -0.96 -13.94
N ALA K 41 -29.15 -0.21 -14.90
CA ALA K 41 -29.93 0.15 -16.07
C ALA K 41 -30.46 -1.07 -16.78
N ASN K 42 -29.62 -2.08 -16.91
CA ASN K 42 -30.00 -3.32 -17.62
C ASN K 42 -31.19 -4.04 -16.94
N SER K 43 -31.16 -4.06 -15.61
CA SER K 43 -32.22 -4.63 -14.82
C SER K 43 -33.52 -3.86 -14.94
N ILE K 44 -33.45 -2.53 -14.82
CA ILE K 44 -34.62 -1.67 -14.92
C ILE K 44 -35.25 -1.84 -16.30
N ILE K 45 -34.41 -1.83 -17.32
CA ILE K 45 -34.89 -1.90 -18.68
C ILE K 45 -35.62 -3.21 -18.91
N ALA K 46 -34.98 -4.32 -18.54
CA ALA K 46 -35.60 -5.64 -18.66
C ALA K 46 -36.97 -5.66 -17.96
N GLN K 47 -37.03 -5.09 -16.76
CA GLN K 47 -38.29 -5.01 -16.03
C GLN K 47 -39.33 -4.17 -16.76
N LEU K 48 -38.91 -3.04 -17.33
CA LEU K 48 -39.86 -2.17 -18.06
C LEU K 48 -40.43 -2.87 -19.28
N LEU K 49 -39.54 -3.50 -20.03
CA LEU K 49 -39.94 -4.24 -21.19
C LEU K 49 -40.89 -5.39 -20.89
N PHE K 50 -40.52 -6.19 -19.88
CA PHE K 50 -41.34 -7.31 -19.42
C PHE K 50 -42.74 -6.85 -19.06
N LEU K 51 -42.83 -5.81 -18.25
CA LEU K 51 -44.13 -5.30 -17.82
C LEU K 51 -45.00 -4.75 -18.93
N ASP K 52 -44.41 -4.20 -19.99
CA ASP K 52 -45.19 -3.67 -21.11
C ASP K 52 -45.75 -4.78 -22.03
N ALA K 53 -44.92 -5.78 -22.29
CA ALA K 53 -45.34 -7.01 -22.98
C ALA K 53 -46.48 -7.74 -22.27
N GLN K 54 -46.34 -7.91 -20.96
CA GLN K 54 -47.37 -8.51 -20.14
C GLN K 54 -48.72 -7.76 -20.19
N ASP K 55 -48.71 -6.44 -20.14
CA ASP K 55 -49.94 -5.64 -20.25
C ASP K 55 -49.62 -4.15 -20.47
N SER K 56 -49.88 -3.64 -21.68
CA SER K 56 -49.68 -2.22 -21.98
C SER K 56 -50.79 -1.25 -21.51
N GLU K 57 -51.93 -1.76 -21.06
CA GLU K 57 -53.06 -0.91 -20.58
C GLU K 57 -52.93 -0.48 -19.11
N LYS K 58 -52.18 -1.25 -18.31
CA LYS K 58 -52.00 -0.95 -16.86
C LYS K 58 -50.68 -0.23 -16.61
N ASP K 59 -50.71 0.79 -15.78
CA ASP K 59 -49.54 1.60 -15.48
C ASP K 59 -48.41 0.84 -14.83
N ILE K 60 -47.20 1.41 -14.96
CA ILE K 60 -45.98 0.97 -14.30
C ILE K 60 -45.58 2.03 -13.29
N TYR K 61 -45.09 1.59 -12.13
CA TYR K 61 -44.71 2.48 -11.03
C TYR K 61 -43.23 2.34 -10.79
N LEU K 62 -42.50 3.46 -10.90
CA LEU K 62 -41.03 3.48 -10.77
C LEU K 62 -40.65 4.29 -9.55
N TYR K 63 -40.28 3.61 -8.46
CA TYR K 63 -39.87 4.29 -7.24
C TYR K 63 -38.39 4.63 -7.34
N ILE K 64 -38.03 5.85 -7.01
CA ILE K 64 -36.67 6.33 -7.22
C ILE K 64 -36.06 6.77 -5.90
N ASN K 65 -34.89 6.24 -5.55
CA ASN K 65 -34.02 6.79 -4.50
C ASN K 65 -32.60 6.65 -4.99
N SER K 66 -32.07 7.69 -5.64
CA SER K 66 -30.79 7.58 -6.36
C SER K 66 -30.04 8.90 -6.40
N PRO K 67 -28.72 8.87 -6.13
CA PRO K 67 -27.87 10.08 -6.28
C PRO K 67 -27.39 10.37 -7.72
N GLY K 68 -27.74 9.51 -8.66
CA GLY K 68 -27.39 9.69 -10.04
C GLY K 68 -26.43 8.61 -10.49
N GLY K 69 -25.60 8.92 -11.48
CA GLY K 69 -24.63 8.01 -12.00
C GLY K 69 -24.38 8.24 -13.49
N SER K 70 -24.23 7.16 -14.23
CA SER K 70 -23.88 7.24 -15.62
C SER K 70 -24.95 7.94 -16.43
N VAL K 71 -24.54 8.99 -17.15
CA VAL K 71 -25.43 9.66 -18.11
C VAL K 71 -26.00 8.67 -19.13
N THR K 72 -25.15 7.87 -19.75
CA THR K 72 -25.61 6.98 -20.79
C THR K 72 -26.51 5.89 -20.24
N ALA K 73 -26.19 5.37 -19.06
CA ALA K 73 -27.06 4.37 -18.46
C ALA K 73 -28.43 4.97 -18.22
N GLY K 74 -28.45 6.17 -17.64
CA GLY K 74 -29.70 6.88 -17.41
C GLY K 74 -30.52 7.13 -18.67
N MET K 75 -29.85 7.54 -19.74
CA MET K 75 -30.54 7.76 -20.98
C MET K 75 -31.12 6.49 -21.52
N ALA K 76 -30.43 5.38 -21.32
CA ALA K 76 -31.01 4.09 -21.72
C ALA K 76 -32.36 3.85 -21.00
N ILE K 77 -32.41 4.14 -19.71
CA ILE K 77 -33.65 3.98 -18.95
C ILE K 77 -34.70 4.98 -19.41
N TYR K 78 -34.28 6.23 -19.59
CA TYR K 78 -35.15 7.27 -20.13
C TYR K 78 -35.82 6.89 -21.45
N ASP K 79 -35.02 6.43 -22.38
CA ASP K 79 -35.52 6.08 -23.71
C ASP K 79 -36.49 4.90 -23.61
N THR K 80 -36.21 3.98 -22.69
CA THR K 80 -37.08 2.84 -22.50
C THR K 80 -38.39 3.23 -21.88
N MET K 81 -38.36 4.13 -20.90
CA MET K 81 -39.59 4.64 -20.31
C MET K 81 -40.53 5.28 -21.37
N ASN K 82 -39.97 6.08 -22.29
CA ASN K 82 -40.72 6.66 -23.38
C ASN K 82 -41.15 5.63 -24.42
N PHE K 83 -40.34 4.60 -24.65
CA PHE K 83 -40.71 3.59 -25.65
C PHE K 83 -41.97 2.77 -25.28
N VAL K 84 -42.01 2.22 -24.07
CA VAL K 84 -43.09 1.33 -23.66
C VAL K 84 -44.42 2.03 -23.76
N LYS K 85 -45.45 1.28 -24.19
CA LYS K 85 -46.80 1.84 -24.41
C LYS K 85 -47.38 2.33 -23.09
N ALA K 86 -47.11 1.56 -22.04
CA ALA K 86 -47.68 1.85 -20.71
C ALA K 86 -47.18 3.17 -20.12
N ASP K 87 -48.04 3.84 -19.38
CA ASP K 87 -47.65 5.01 -18.65
C ASP K 87 -46.74 4.58 -17.53
N VAL K 88 -45.67 5.37 -17.30
CA VAL K 88 -44.73 5.13 -16.23
C VAL K 88 -44.88 6.26 -15.22
N GLN K 89 -45.42 5.93 -14.06
CA GLN K 89 -45.47 6.83 -12.91
C GLN K 89 -44.15 6.81 -12.18
N THR K 90 -43.76 7.95 -11.63
CA THR K 90 -42.52 8.06 -10.90
C THR K 90 -42.78 8.66 -9.52
N ILE K 91 -42.21 8.06 -8.48
CA ILE K 91 -42.31 8.58 -7.11
C ILE K 91 -40.89 8.69 -6.61
N VAL K 92 -40.47 9.87 -6.19
CA VAL K 92 -39.20 9.97 -5.50
C VAL K 92 -39.43 9.83 -4.00
N MET K 93 -38.57 9.06 -3.36
CA MET K 93 -38.56 8.84 -1.91
C MET K 93 -37.12 9.08 -1.52
N GLY K 94 -36.89 9.97 -0.57
CA GLY K 94 -35.52 10.25 -0.14
C GLY K 94 -34.78 11.20 -1.07
N MET K 95 -34.17 10.69 -2.12
CA MET K 95 -33.35 11.54 -2.96
C MET K 95 -33.50 11.18 -4.40
N ALA K 96 -33.52 12.21 -5.24
CA ALA K 96 -33.37 12.03 -6.71
C ALA K 96 -32.47 13.15 -7.19
N ALA K 97 -31.20 12.86 -7.36
CA ALA K 97 -30.22 13.82 -7.75
C ALA K 97 -29.65 13.44 -9.10
N SER K 98 -29.32 14.45 -9.87
CA SER K 98 -28.66 14.30 -11.15
C SER K 98 -29.50 13.39 -12.04
N MET K 99 -28.93 12.30 -12.54
CA MET K 99 -29.71 11.41 -13.38
C MET K 99 -30.98 10.85 -12.67
N GLY K 100 -30.96 10.78 -11.35
CA GLY K 100 -32.15 10.43 -10.61
C GLY K 100 -33.31 11.39 -10.81
N SER K 101 -33.03 12.68 -10.72
CA SER K 101 -34.07 13.69 -10.90
C SER K 101 -34.50 13.71 -12.38
N PHE K 102 -33.58 13.43 -13.27
CA PHE K 102 -33.89 13.42 -14.69
C PHE K 102 -34.90 12.34 -14.96
N LEU K 103 -34.71 11.16 -14.37
CA LEU K 103 -35.65 10.05 -14.55
C LEU K 103 -36.97 10.28 -13.82
N LEU K 104 -36.92 10.97 -12.70
CA LEU K 104 -38.13 11.36 -11.99
C LEU K 104 -39.03 12.17 -12.91
N THR K 105 -38.46 13.22 -13.50
CA THR K 105 -39.24 14.15 -14.34
C THR K 105 -39.62 13.54 -15.70
N ALA K 106 -39.05 12.41 -16.05
CA ALA K 106 -39.41 11.70 -17.27
C ALA K 106 -40.66 10.87 -17.15
N GLY K 107 -41.18 10.70 -15.94
CA GLY K 107 -42.42 9.96 -15.80
C GLY K 107 -43.48 10.64 -16.60
N THR K 108 -44.52 9.90 -16.96
CA THR K 108 -45.71 10.45 -17.65
C THR K 108 -46.24 11.69 -16.93
N LYS K 109 -46.49 12.76 -17.70
CA LYS K 109 -46.98 14.01 -17.07
C LYS K 109 -48.34 13.80 -16.43
N GLY K 110 -48.53 14.47 -15.31
CA GLY K 110 -49.64 14.20 -14.41
C GLY K 110 -49.38 13.10 -13.40
N LYS K 111 -48.36 12.25 -13.61
CA LYS K 111 -48.11 11.15 -12.70
C LYS K 111 -46.68 11.06 -12.13
N ARG K 112 -46.11 12.22 -11.78
CA ARG K 112 -44.77 12.34 -11.24
C ARG K 112 -44.95 12.90 -9.86
N PHE K 113 -44.46 12.15 -8.86
CA PHE K 113 -44.73 12.44 -7.47
C PHE K 113 -43.47 12.49 -6.63
N ALA K 114 -43.56 13.21 -5.53
CA ALA K 114 -42.55 13.18 -4.50
C ALA K 114 -43.19 12.96 -3.14
N LEU K 115 -42.55 12.14 -2.29
CA LEU K 115 -42.94 12.07 -0.90
C LEU K 115 -42.51 13.39 -0.27
N PRO K 116 -43.21 13.82 0.78
CA PRO K 116 -43.10 15.21 1.27
C PRO K 116 -41.69 15.68 1.64
N ASN K 117 -40.85 14.78 2.13
CA ASN K 117 -39.52 15.14 2.57
C ASN K 117 -38.42 14.64 1.60
N ALA K 118 -38.77 14.37 0.36
CA ALA K 118 -37.78 14.05 -0.66
C ALA K 118 -36.92 15.30 -1.02
N GLU K 119 -35.68 15.03 -1.34
CA GLU K 119 -34.71 15.98 -1.78
C GLU K 119 -34.60 15.73 -3.30
N ILE K 120 -34.68 16.79 -4.10
CA ILE K 120 -34.46 16.73 -5.54
C ILE K 120 -33.29 17.64 -5.85
N MET K 121 -32.39 17.21 -6.71
CA MET K 121 -31.27 18.03 -7.08
C MET K 121 -31.01 17.95 -8.56
N ILE K 122 -30.76 19.12 -9.18
CA ILE K 122 -30.35 19.23 -10.57
C ILE K 122 -29.03 20.00 -10.65
N HIS K 123 -28.18 19.59 -11.58
CA HIS K 123 -26.90 20.23 -11.83
C HIS K 123 -26.40 19.96 -13.25
N GLN K 124 -25.16 20.24 -13.54
CA GLN K 124 -24.62 19.93 -14.86
C GLN K 124 -23.87 18.60 -14.84
N PRO K 125 -23.73 17.96 -16.03
CA PRO K 125 -22.90 16.78 -16.16
C PRO K 125 -21.45 17.02 -15.75
N LEU K 126 -20.86 15.95 -15.27
CA LEU K 126 -19.50 15.89 -14.76
C LEU K 126 -18.69 14.97 -15.68
N GLY K 127 -17.40 15.22 -15.79
CA GLY K 127 -16.58 14.43 -16.64
C GLY K 127 -15.15 14.79 -16.49
N GLY K 128 -14.35 14.22 -17.37
CA GLY K 128 -12.91 14.41 -17.34
C GLY K 128 -12.33 14.16 -18.69
N ALA K 129 -11.18 14.77 -18.96
CA ALA K 129 -10.42 14.52 -20.19
C ALA K 129 -8.96 14.71 -19.92
N GLN K 130 -8.15 13.91 -20.57
CA GLN K 130 -6.72 13.98 -20.43
C GLN K 130 -6.09 13.79 -21.82
N GLY K 131 -5.02 14.54 -22.12
CA GLY K 131 -4.22 14.27 -23.30
C GLY K 131 -3.91 15.51 -24.10
N GLN K 132 -3.85 15.34 -25.41
CA GLN K 132 -3.50 16.40 -26.31
C GLN K 132 -4.62 17.41 -26.34
N ALA K 133 -4.25 18.66 -26.64
CA ALA K 133 -5.24 19.73 -26.85
C ALA K 133 -6.44 19.29 -27.72
N THR K 134 -6.16 18.67 -28.84
CA THR K 134 -7.20 18.13 -29.71
C THR K 134 -8.15 17.15 -29.01
N GLU K 135 -7.60 16.29 -28.12
CA GLU K 135 -8.38 15.28 -27.45
C GLU K 135 -9.28 15.94 -26.40
N ILE K 136 -8.77 16.99 -25.79
CA ILE K 136 -9.51 17.70 -24.77
C ILE K 136 -10.63 18.46 -25.44
N GLU K 137 -10.38 19.03 -26.61
CA GLU K 137 -11.44 19.74 -27.35
C GLU K 137 -12.57 18.80 -27.71
N ILE K 138 -12.24 17.60 -28.18
CA ILE K 138 -13.26 16.59 -28.48
C ILE K 138 -14.12 16.27 -27.24
N ALA K 139 -13.47 16.07 -26.11
CA ALA K 139 -14.18 15.68 -24.90
C ALA K 139 -15.04 16.85 -24.33
N ALA K 140 -14.50 18.08 -24.36
CA ALA K 140 -15.27 19.27 -24.11
C ALA K 140 -16.49 19.43 -25.04
N ARG K 141 -16.32 19.28 -26.34
CA ARG K 141 -17.48 19.37 -27.24
C ARG K 141 -18.52 18.33 -26.85
N HIS K 142 -18.06 17.13 -26.52
CA HIS K 142 -18.97 16.04 -26.25
C HIS K 142 -19.77 16.28 -24.97
N ILE K 143 -19.13 16.70 -23.90
CA ILE K 143 -19.87 16.92 -22.67
C ILE K 143 -20.80 18.16 -22.77
N LEU K 144 -20.40 19.21 -23.49
CA LEU K 144 -21.28 20.33 -23.75
C LEU K 144 -22.49 19.95 -24.58
N GLN K 145 -22.31 19.10 -25.58
CA GLN K 145 -23.47 18.56 -26.34
C GLN K 145 -24.38 17.68 -25.45
N THR K 146 -23.81 16.90 -24.56
CA THR K 146 -24.57 16.16 -23.60
C THR K 146 -25.37 17.14 -22.67
N ARG K 147 -24.72 18.20 -22.16
CA ARG K 147 -25.45 19.15 -21.28
C ARG K 147 -26.64 19.76 -22.07
N GLU K 148 -26.41 20.15 -23.33
CA GLU K 148 -27.42 20.79 -24.14
C GLU K 148 -28.61 19.87 -24.41
N ARG K 149 -28.33 18.64 -24.78
CA ARG K 149 -29.39 17.66 -24.99
C ARG K 149 -30.24 17.39 -23.70
N LEU K 150 -29.60 17.21 -22.56
CA LEU K 150 -30.33 17.00 -21.34
C LEU K 150 -31.15 18.23 -20.95
N ASN K 151 -30.54 19.42 -21.03
CA ASN K 151 -31.24 20.68 -20.75
C ASN K 151 -32.46 20.88 -21.65
N LYS K 152 -32.35 20.57 -22.93
CA LYS K 152 -33.52 20.67 -23.81
C LYS K 152 -34.65 19.76 -23.31
N ILE K 153 -34.32 18.54 -22.95
CA ILE K 153 -35.34 17.62 -22.46
C ILE K 153 -35.92 18.14 -21.14
N LEU K 154 -35.09 18.71 -20.28
CA LEU K 154 -35.62 19.27 -19.03
C LEU K 154 -36.58 20.39 -19.28
N ALA K 155 -36.22 21.25 -20.25
CA ALA K 155 -37.07 22.36 -20.67
C ALA K 155 -38.45 21.84 -21.06
N GLU K 156 -38.49 20.83 -21.93
CA GLU K 156 -39.75 20.20 -22.35
C GLU K 156 -40.51 19.58 -21.15
N ARG K 157 -39.81 18.88 -20.28
CA ARG K 157 -40.43 18.22 -19.15
C ARG K 157 -40.99 19.13 -18.09
N THR K 158 -40.36 20.28 -17.89
CA THR K 158 -40.74 21.24 -16.85
C THR K 158 -41.56 22.43 -17.36
N GLY K 159 -41.55 22.68 -18.65
CA GLY K 159 -42.10 23.94 -19.16
C GLY K 159 -41.25 25.17 -18.97
N GLN K 160 -40.12 25.07 -18.28
CA GLN K 160 -39.21 26.19 -18.18
C GLN K 160 -38.47 26.41 -19.47
N PRO K 161 -38.16 27.66 -19.79
CA PRO K 161 -37.36 27.86 -21.00
C PRO K 161 -35.92 27.35 -20.78
N LEU K 162 -35.34 26.90 -21.86
CA LEU K 162 -33.97 26.46 -21.88
C LEU K 162 -32.96 27.35 -21.16
N GLU K 163 -33.03 28.66 -21.34
CA GLU K 163 -32.04 29.53 -20.73
C GLU K 163 -32.19 29.58 -19.21
N VAL K 164 -33.38 29.31 -18.70
CA VAL K 164 -33.60 29.26 -17.25
C VAL K 164 -32.99 27.97 -16.72
N ILE K 165 -33.20 26.88 -17.46
CA ILE K 165 -32.61 25.59 -17.12
C ILE K 165 -31.10 25.72 -17.05
N GLU K 166 -30.47 26.33 -18.04
CA GLU K 166 -29.01 26.60 -17.98
C GLU K 166 -28.58 27.34 -16.75
N LYS K 167 -29.26 28.44 -16.35
CA LYS K 167 -28.85 29.24 -15.17
C LYS K 167 -29.02 28.37 -13.90
N ASP K 168 -30.12 27.64 -13.85
CA ASP K 168 -30.53 26.88 -12.67
C ASP K 168 -29.79 25.53 -12.44
N THR K 169 -29.17 24.98 -13.49
CA THR K 169 -28.27 23.85 -13.38
C THR K 169 -26.77 24.21 -13.32
N ASP K 170 -26.40 25.48 -13.28
CA ASP K 170 -25.00 25.86 -13.30
C ASP K 170 -24.22 25.35 -12.10
N ARG K 171 -24.86 25.36 -10.95
CA ARG K 171 -24.32 24.77 -9.71
C ARG K 171 -25.35 23.85 -9.09
N ASP K 172 -24.93 23.06 -8.11
CA ASP K 172 -25.84 22.15 -7.45
C ASP K 172 -27.05 22.96 -6.96
N ASN K 173 -28.24 22.49 -7.32
CA ASN K 173 -29.48 23.15 -7.01
C ASN K 173 -30.43 22.20 -6.31
N TYR K 174 -30.46 22.27 -4.98
CA TYR K 174 -31.33 21.45 -4.11
C TYR K 174 -32.73 22.03 -3.98
N MET K 175 -33.74 21.21 -4.17
CA MET K 175 -35.11 21.60 -4.07
C MET K 175 -35.85 20.65 -3.13
N THR K 176 -36.74 21.25 -2.39
CA THR K 176 -37.87 20.67 -1.72
C THR K 176 -38.87 20.06 -2.68
N ALA K 177 -39.68 19.12 -2.20
CA ALA K 177 -40.79 18.55 -3.00
C ALA K 177 -41.72 19.62 -3.50
N GLU K 178 -42.18 20.50 -2.62
CA GLU K 178 -42.94 21.70 -3.03
C GLU K 178 -42.23 22.62 -4.06
N GLN K 179 -40.96 23.00 -3.82
CA GLN K 179 -40.16 23.73 -4.84
C GLN K 179 -40.11 23.06 -6.20
N ALA K 180 -39.97 21.72 -6.20
CA ALA K 180 -39.93 20.92 -7.45
C ALA K 180 -41.25 20.89 -8.17
N LYS K 181 -42.35 20.92 -7.42
CA LYS K 181 -43.69 21.03 -8.00
C LYS K 181 -43.83 22.38 -8.67
N ALA K 182 -43.40 23.41 -7.94
CA ALA K 182 -43.49 24.78 -8.47
C ALA K 182 -42.69 24.92 -9.74
N TYR K 183 -41.55 24.24 -9.79
CA TYR K 183 -40.62 24.38 -10.91
C TYR K 183 -41.09 23.60 -12.10
N GLY K 184 -41.95 22.60 -11.88
CA GLY K 184 -42.45 21.73 -12.99
C GLY K 184 -41.83 20.32 -13.10
N LEU K 185 -40.88 19.98 -12.22
CA LEU K 185 -40.22 18.67 -12.25
C LEU K 185 -41.17 17.56 -11.91
N ILE K 186 -42.06 17.83 -10.98
CA ILE K 186 -43.10 16.88 -10.60
C ILE K 186 -44.46 17.56 -10.62
N ASP K 187 -45.51 16.72 -10.52
CA ASP K 187 -46.90 17.13 -10.57
C ASP K 187 -47.53 17.28 -9.21
N GLU K 188 -47.27 16.35 -8.30
CA GLU K 188 -47.87 16.36 -6.94
C GLU K 188 -46.94 15.86 -5.84
N VAL K 189 -47.07 16.46 -4.66
CA VAL K 189 -46.47 15.97 -3.46
C VAL K 189 -47.51 15.06 -2.82
N MET K 190 -47.24 13.79 -2.59
CA MET K 190 -48.24 12.93 -1.94
C MET K 190 -48.08 12.77 -0.42
N GLU K 191 -49.10 13.22 0.30
CA GLU K 191 -49.24 13.00 1.75
C GLU K 191 -50.05 11.74 2.02
N ILE L 4 -27.36 -17.60 8.94
CA ILE L 4 -28.81 -17.26 9.21
C ILE L 4 -29.70 -18.51 9.26
N PRO L 5 -30.14 -18.91 10.48
CA PRO L 5 -30.90 -20.17 10.59
C PRO L 5 -32.31 -20.15 9.98
N THR L 6 -32.80 -21.35 9.70
CA THR L 6 -34.09 -21.54 9.04
C THR L 6 -35.02 -22.31 9.99
N VAL L 7 -36.34 -22.16 9.81
CA VAL L 7 -37.37 -22.76 10.68
C VAL L 7 -38.48 -23.34 9.79
N ILE L 8 -39.07 -24.49 10.20
CA ILE L 8 -40.17 -25.15 9.43
C ILE L 8 -41.56 -24.79 10.04
N GLU L 9 -42.59 -24.65 9.18
CA GLU L 9 -43.88 -24.03 9.54
C GLU L 9 -44.74 -24.94 10.47
N ARG L 16 -43.89 -25.39 5.19
CA ARG L 16 -43.06 -24.35 4.56
C ARG L 16 -41.80 -24.07 5.40
N ALA L 17 -40.71 -23.70 4.73
CA ALA L 17 -39.41 -23.40 5.35
C ALA L 17 -38.94 -21.95 5.07
N TYR L 18 -38.95 -21.12 6.11
CA TYR L 18 -38.53 -19.73 6.02
C TYR L 18 -37.16 -19.53 6.66
N ASP L 19 -36.37 -18.58 6.14
CA ASP L 19 -35.28 -18.01 6.93
C ASP L 19 -35.92 -17.20 8.08
N ILE L 20 -35.21 -17.09 9.21
CA ILE L 20 -35.81 -16.53 10.43
C ILE L 20 -36.42 -15.12 10.23
N TYR L 21 -35.74 -14.24 9.48
CA TYR L 21 -36.25 -12.86 9.25
C TYR L 21 -37.56 -12.88 8.43
N SER L 22 -37.62 -13.74 7.42
CA SER L 22 -38.85 -13.94 6.64
C SER L 22 -40.01 -14.50 7.48
N ARG L 23 -39.68 -15.34 8.46
CA ARG L 23 -40.69 -15.87 9.34
C ARG L 23 -41.27 -14.76 10.20
N LEU L 24 -40.41 -13.85 10.66
CA LEU L 24 -40.87 -12.69 11.46
C LEU L 24 -41.71 -11.73 10.61
N LEU L 25 -41.36 -11.61 9.34
CA LEU L 25 -42.13 -10.79 8.41
C LEU L 25 -43.54 -11.30 8.20
N LYS L 26 -43.73 -12.61 8.20
CA LYS L 26 -45.07 -13.23 8.15
C LYS L 26 -45.94 -12.74 9.26
N ASP L 27 -45.36 -12.47 10.44
CA ASP L 27 -46.10 -11.84 11.57
C ASP L 27 -45.99 -10.30 11.68
N ARG L 28 -45.65 -9.66 10.55
CA ARG L 28 -45.60 -8.21 10.41
C ARG L 28 -44.48 -7.46 11.20
N ILE L 29 -43.37 -8.16 11.42
CA ILE L 29 -42.21 -7.59 12.09
C ILE L 29 -41.13 -7.30 11.07
N ILE L 30 -40.60 -6.08 11.11
CA ILE L 30 -39.48 -5.66 10.26
C ILE L 30 -38.28 -5.40 11.14
N MET L 31 -37.13 -5.94 10.76
CA MET L 31 -35.88 -5.66 11.50
C MET L 31 -35.09 -4.55 10.82
N LEU L 32 -34.91 -3.41 11.46
CA LEU L 32 -33.96 -2.40 10.98
C LEU L 32 -32.66 -2.47 11.82
N SER L 33 -31.61 -3.07 11.27
CA SER L 33 -30.37 -3.29 12.00
C SER L 33 -29.19 -2.70 11.25
N GLY L 34 -28.30 -2.07 12.01
CA GLY L 34 -27.10 -1.51 11.44
C GLY L 34 -27.33 -0.20 10.71
N GLN L 35 -26.33 0.15 9.92
CA GLN L 35 -26.24 1.44 9.36
C GLN L 35 -27.39 1.65 8.35
N VAL L 36 -28.01 2.82 8.36
CA VAL L 36 -29.05 3.17 7.41
C VAL L 36 -28.37 3.59 6.09
N THR L 37 -28.50 2.75 5.08
CA THR L 37 -27.98 3.00 3.75
C THR L 37 -29.14 2.97 2.77
N ASP L 38 -28.84 3.34 1.54
CA ASP L 38 -29.84 3.24 0.47
C ASP L 38 -30.35 1.79 0.32
N ASP L 39 -29.45 0.79 0.45
CA ASP L 39 -29.82 -0.64 0.32
C ASP L 39 -30.76 -1.13 1.44
N LEU L 40 -30.41 -0.80 2.67
CA LEU L 40 -31.27 -1.07 3.78
C LEU L 40 -32.63 -0.36 3.61
N ALA L 41 -32.60 0.92 3.28
CA ALA L 41 -33.82 1.65 3.12
C ALA L 41 -34.73 0.99 2.10
N ASN L 42 -34.15 0.49 1.04
CA ASN L 42 -34.94 -0.09 -0.03
C ASN L 42 -35.69 -1.35 0.46
N SER L 43 -34.98 -2.15 1.23
CA SER L 43 -35.54 -3.36 1.81
C SER L 43 -36.66 -3.05 2.80
N ILE L 44 -36.42 -2.08 3.71
CA ILE L 44 -37.43 -1.69 4.71
C ILE L 44 -38.69 -1.15 3.99
N ILE L 45 -38.50 -0.33 2.98
CA ILE L 45 -39.58 0.31 2.29
C ILE L 45 -40.40 -0.74 1.57
N ALA L 46 -39.73 -1.64 0.87
CA ALA L 46 -40.45 -2.75 0.21
C ALA L 46 -41.29 -3.53 1.23
N GLN L 47 -40.68 -3.88 2.36
CA GLN L 47 -41.39 -4.58 3.40
C GLN L 47 -42.58 -3.78 3.92
N LEU L 48 -42.40 -2.50 4.21
CA LEU L 48 -43.51 -1.68 4.67
C LEU L 48 -44.68 -1.69 3.67
N LEU L 49 -44.36 -1.47 2.41
CA LEU L 49 -45.38 -1.40 1.36
C LEU L 49 -46.14 -2.71 1.22
N PHE L 50 -45.38 -3.80 1.14
CA PHE L 50 -45.96 -5.14 1.09
C PHE L 50 -46.93 -5.41 2.25
N LEU L 51 -46.51 -5.11 3.48
CA LEU L 51 -47.36 -5.33 4.63
C LEU L 51 -48.64 -4.50 4.64
N ASP L 52 -48.63 -3.30 4.07
CA ASP L 52 -49.83 -2.45 4.07
C ASP L 52 -50.85 -2.88 3.02
N ALA L 53 -50.34 -3.27 1.86
CA ALA L 53 -51.16 -3.87 0.82
C ALA L 53 -51.85 -5.15 1.32
N GLN L 54 -51.07 -6.04 1.93
CA GLN L 54 -51.56 -7.30 2.47
C GLN L 54 -52.68 -7.09 3.52
N ASP L 55 -52.56 -6.08 4.39
CA ASP L 55 -53.61 -5.75 5.35
C ASP L 55 -53.30 -4.42 6.06
N SER L 56 -54.04 -3.36 5.74
CA SER L 56 -53.90 -2.06 6.42
C SER L 56 -54.56 -1.90 7.82
N GLU L 57 -55.34 -2.88 8.28
CA GLU L 57 -56.03 -2.80 9.58
C GLU L 57 -55.13 -3.29 10.70
N LYS L 58 -54.19 -4.21 10.38
CA LYS L 58 -53.26 -4.77 11.37
C LYS L 58 -51.92 -3.97 11.44
N ASP L 59 -51.45 -3.71 12.65
CA ASP L 59 -50.22 -2.97 12.90
C ASP L 59 -48.96 -3.63 12.31
N ILE L 60 -47.96 -2.77 12.08
CA ILE L 60 -46.63 -3.18 11.69
C ILE L 60 -45.64 -2.87 12.86
N TYR L 61 -44.66 -3.75 13.07
CA TYR L 61 -43.74 -3.62 14.18
C TYR L 61 -42.36 -3.46 13.63
N LEU L 62 -41.72 -2.35 13.96
CA LEU L 62 -40.41 -2.02 13.43
C LEU L 62 -39.40 -2.04 14.55
N TYR L 63 -38.54 -3.04 14.59
CA TYR L 63 -37.51 -3.12 15.63
C TYR L 63 -36.27 -2.43 15.15
N ILE L 64 -35.71 -1.55 15.97
CA ILE L 64 -34.60 -0.72 15.54
C ILE L 64 -33.38 -0.96 16.41
N ASN L 65 -32.25 -1.29 15.78
CA ASN L 65 -30.92 -1.24 16.42
C ASN L 65 -29.95 -0.63 15.42
N SER L 66 -29.74 0.69 15.49
CA SER L 66 -29.01 1.39 14.41
C SER L 66 -28.30 2.58 14.93
N PRO L 67 -27.05 2.80 14.48
CA PRO L 67 -26.30 4.02 14.83
C PRO L 67 -26.58 5.20 13.90
N GLY L 68 -27.43 5.01 12.90
CA GLY L 68 -27.84 6.07 11.98
C GLY L 68 -27.28 5.79 10.59
N GLY L 69 -27.00 6.84 9.85
CA GLY L 69 -26.52 6.72 8.47
C GLY L 69 -27.02 7.83 7.58
N SER L 70 -27.37 7.49 6.36
CA SER L 70 -27.81 8.47 5.38
C SER L 70 -29.09 9.18 5.79
N VAL L 71 -29.03 10.51 5.79
CA VAL L 71 -30.21 11.32 6.06
C VAL L 71 -31.31 11.06 5.04
N THR L 72 -30.95 11.03 3.77
CA THR L 72 -31.97 10.88 2.78
C THR L 72 -32.56 9.47 2.81
N ALA L 73 -31.73 8.47 3.10
CA ALA L 73 -32.23 7.09 3.16
C ALA L 73 -33.20 6.94 4.34
N GLY L 74 -32.83 7.51 5.46
CA GLY L 74 -33.74 7.63 6.55
C GLY L 74 -35.02 8.31 6.20
N MET L 75 -34.94 9.47 5.54
CA MET L 75 -36.17 10.22 5.22
C MET L 75 -37.07 9.42 4.31
N ALA L 76 -36.48 8.61 3.45
CA ALA L 76 -37.26 7.71 2.62
C ALA L 76 -38.09 6.72 3.47
N ILE L 77 -37.46 6.14 4.50
CA ILE L 77 -38.16 5.25 5.39
C ILE L 77 -39.22 6.05 6.17
N TYR L 78 -38.83 7.19 6.74
CA TYR L 78 -39.78 8.04 7.47
C TYR L 78 -41.04 8.31 6.66
N ASP L 79 -40.86 8.79 5.44
CA ASP L 79 -41.98 9.18 4.62
C ASP L 79 -42.85 7.97 4.33
N THR L 80 -42.21 6.81 4.14
CA THR L 80 -42.97 5.59 3.90
C THR L 80 -43.77 5.15 5.14
N MET L 81 -43.18 5.29 6.32
CA MET L 81 -43.90 4.98 7.56
C MET L 81 -45.19 5.80 7.70
N ASN L 82 -45.10 7.10 7.43
CA ASN L 82 -46.27 7.98 7.43
C ASN L 82 -47.24 7.69 6.29
N PHE L 83 -46.74 7.25 5.14
CA PHE L 83 -47.62 7.02 4.00
C PHE L 83 -48.59 5.85 4.20
N VAL L 84 -48.06 4.70 4.61
CA VAL L 84 -48.87 3.49 4.76
C VAL L 84 -50.06 3.76 5.73
N LYS L 85 -51.23 3.18 5.43
CA LYS L 85 -52.43 3.34 6.29
C LYS L 85 -52.23 2.68 7.68
N ALA L 86 -51.56 1.53 7.71
CA ALA L 86 -51.28 0.83 8.99
C ALA L 86 -50.41 1.63 9.97
N ASP L 87 -50.75 1.52 11.24
CA ASP L 87 -49.93 2.04 12.32
C ASP L 87 -48.61 1.29 12.36
N VAL L 88 -47.52 2.05 12.54
CA VAL L 88 -46.18 1.47 12.63
C VAL L 88 -45.69 1.69 14.05
N GLN L 89 -45.60 0.61 14.81
CA GLN L 89 -45.00 0.61 16.15
C GLN L 89 -43.51 0.51 16.02
N THR L 90 -42.79 1.20 16.89
CA THR L 90 -41.34 1.17 16.90
C THR L 90 -40.80 0.74 18.27
N ILE L 91 -39.83 -0.17 18.28
CA ILE L 91 -39.19 -0.61 19.50
C ILE L 91 -37.71 -0.42 19.28
N VAL L 92 -37.05 0.32 20.11
CA VAL L 92 -35.62 0.32 20.08
C VAL L 92 -35.07 -0.74 21.05
N MET L 93 -34.08 -1.48 20.56
CA MET L 93 -33.34 -2.49 21.32
C MET L 93 -31.86 -2.14 21.09
N GLY L 94 -31.10 -2.01 22.15
CA GLY L 94 -29.67 -1.68 22.00
C GLY L 94 -29.44 -0.22 21.77
N MET L 95 -29.58 0.24 20.54
CA MET L 95 -29.22 1.62 20.19
C MET L 95 -30.17 2.15 19.16
N ALA L 96 -30.49 3.42 19.30
CA ALA L 96 -31.08 4.21 18.21
C ALA L 96 -30.40 5.59 18.26
N ALA L 97 -29.39 5.79 17.43
CA ALA L 97 -28.72 7.08 17.38
C ALA L 97 -28.96 7.77 16.01
N SER L 98 -28.96 9.09 16.05
CA SER L 98 -29.08 9.89 14.85
C SER L 98 -30.33 9.53 14.06
N MET L 99 -30.22 9.16 12.78
CA MET L 99 -31.38 8.74 12.03
C MET L 99 -32.12 7.55 12.64
N GLY L 100 -31.42 6.76 13.49
CA GLY L 100 -32.06 5.68 14.24
C GLY L 100 -33.09 6.20 15.20
N SER L 101 -32.69 7.18 16.00
CA SER L 101 -33.60 7.80 16.96
C SER L 101 -34.74 8.59 16.28
N PHE L 102 -34.43 9.19 15.13
CA PHE L 102 -35.44 9.89 14.33
C PHE L 102 -36.54 8.93 13.84
N LEU L 103 -36.15 7.76 13.32
CA LEU L 103 -37.14 6.76 12.94
C LEU L 103 -37.92 6.15 14.13
N LEU L 104 -37.25 6.00 15.28
CA LEU L 104 -37.89 5.51 16.49
C LEU L 104 -39.04 6.40 16.85
N THR L 105 -38.76 7.71 16.93
CA THR L 105 -39.78 8.66 17.37
C THR L 105 -40.86 8.88 16.30
N ALA L 106 -40.63 8.42 15.06
CA ALA L 106 -41.60 8.52 13.97
C ALA L 106 -42.69 7.48 14.03
N GLY L 107 -42.52 6.47 14.88
CA GLY L 107 -43.59 5.51 15.04
C GLY L 107 -44.88 6.22 15.47
N THR L 108 -46.00 5.58 15.20
CA THR L 108 -47.30 6.06 15.63
C THR L 108 -47.32 6.43 17.11
N LYS L 109 -47.82 7.62 17.45
CA LYS L 109 -47.84 8.04 18.86
C LYS L 109 -48.71 7.12 19.72
N GLY L 110 -48.23 6.89 20.94
CA GLY L 110 -48.75 5.85 21.79
C GLY L 110 -48.13 4.48 21.55
N LYS L 111 -47.44 4.26 20.42
CA LYS L 111 -46.80 2.96 20.15
C LYS L 111 -45.29 2.96 19.86
N ARG L 112 -44.57 3.82 20.54
CA ARG L 112 -43.13 3.93 20.43
C ARG L 112 -42.51 3.48 21.75
N PHE L 113 -41.69 2.44 21.69
CA PHE L 113 -41.17 1.79 22.86
C PHE L 113 -39.65 1.73 22.89
N ALA L 114 -39.10 1.58 24.09
CA ALA L 114 -37.69 1.18 24.25
C ALA L 114 -37.61 0.02 25.24
N LEU L 115 -36.76 -0.95 24.95
CA LEU L 115 -36.35 -1.90 25.94
C LEU L 115 -35.52 -1.13 27.02
N PRO L 116 -35.54 -1.64 28.26
CA PRO L 116 -35.09 -0.88 29.43
C PRO L 116 -33.67 -0.34 29.38
N ASN L 117 -32.77 -1.06 28.73
CA ASN L 117 -31.37 -0.65 28.67
C ASN L 117 -30.97 -0.07 27.27
N ALA L 118 -31.94 0.37 26.48
CA ALA L 118 -31.60 0.96 25.21
C ALA L 118 -30.91 2.31 25.40
N GLU L 119 -30.00 2.62 24.52
CA GLU L 119 -29.32 3.91 24.39
C GLU L 119 -30.00 4.68 23.23
N ILE L 120 -30.40 5.91 23.46
CA ILE L 120 -30.97 6.77 22.42
C ILE L 120 -30.07 7.98 22.32
N MET L 121 -29.76 8.40 21.10
CA MET L 121 -28.94 9.60 20.94
C MET L 121 -29.51 10.49 19.85
N ILE L 122 -29.51 11.79 20.13
CA ILE L 122 -29.87 12.81 19.16
C ILE L 122 -28.72 13.84 19.02
N HIS L 123 -28.52 14.34 17.80
CA HIS L 123 -27.51 15.34 17.55
C HIS L 123 -27.87 16.13 16.28
N GLN L 124 -26.92 16.90 15.74
CA GLN L 124 -27.17 17.59 14.46
C GLN L 124 -26.59 16.79 13.28
N PRO L 125 -27.09 17.07 12.04
CA PRO L 125 -26.56 16.43 10.86
C PRO L 125 -25.11 16.71 10.65
N LEU L 126 -24.45 15.75 10.00
CA LEU L 126 -23.02 15.74 9.73
C LEU L 126 -22.84 15.75 8.22
N GLY L 127 -21.79 16.39 7.76
CA GLY L 127 -21.53 16.48 6.35
C GLY L 127 -20.15 17.04 6.05
N GLY L 128 -19.95 17.27 4.77
CA GLY L 128 -18.70 17.80 4.29
C GLY L 128 -18.86 18.50 2.97
N ALA L 129 -18.03 19.49 2.75
CA ALA L 129 -18.08 20.25 1.51
C ALA L 129 -16.69 20.66 1.12
N GLN L 130 -16.43 20.59 -0.17
CA GLN L 130 -15.14 20.88 -0.69
C GLN L 130 -15.28 21.71 -1.96
N GLY L 131 -14.42 22.71 -2.13
CA GLY L 131 -14.31 23.40 -3.41
C GLY L 131 -14.24 24.90 -3.29
N GLN L 132 -14.86 25.56 -4.25
CA GLN L 132 -14.91 27.01 -4.29
C GLN L 132 -15.87 27.55 -3.20
N ALA L 133 -15.61 28.76 -2.75
CA ALA L 133 -16.46 29.40 -1.79
C ALA L 133 -17.94 29.27 -2.08
N THR L 134 -18.32 29.49 -3.32
CA THR L 134 -19.71 29.32 -3.77
C THR L 134 -20.26 27.93 -3.53
N GLU L 135 -19.42 26.91 -3.77
CA GLU L 135 -19.82 25.51 -3.61
C GLU L 135 -20.02 25.14 -2.13
N ILE L 136 -19.16 25.68 -1.30
CA ILE L 136 -19.26 25.52 0.12
C ILE L 136 -20.50 26.20 0.65
N GLU L 137 -20.80 27.41 0.16
CA GLU L 137 -22.01 28.11 0.58
C GLU L 137 -23.25 27.28 0.25
N ILE L 138 -23.30 26.70 -0.95
CA ILE L 138 -24.44 25.91 -1.35
C ILE L 138 -24.65 24.71 -0.42
N ALA L 139 -23.55 24.03 -0.11
CA ALA L 139 -23.54 22.91 0.81
C ALA L 139 -23.95 23.29 2.24
N ALA L 140 -23.40 24.38 2.74
CA ALA L 140 -23.80 24.93 4.04
C ALA L 140 -25.28 25.27 4.11
N ARG L 141 -25.82 25.97 3.14
CA ARG L 141 -27.27 26.23 3.10
C ARG L 141 -28.05 24.92 3.13
N HIS L 142 -27.58 23.92 2.38
CA HIS L 142 -28.31 22.69 2.28
C HIS L 142 -28.36 21.92 3.62
N ILE L 143 -27.22 21.78 4.28
CA ILE L 143 -27.19 21.09 5.52
C ILE L 143 -27.94 21.85 6.65
N LEU L 144 -27.90 23.19 6.65
CA LEU L 144 -28.66 23.99 7.60
C LEU L 144 -30.15 23.83 7.38
N GLN L 145 -30.59 23.81 6.13
CA GLN L 145 -32.00 23.55 5.80
C GLN L 145 -32.42 22.15 6.22
N THR L 146 -31.53 21.17 6.06
CA THR L 146 -31.76 19.82 6.56
C THR L 146 -31.89 19.80 8.08
N ARG L 147 -31.03 20.50 8.81
CA ARG L 147 -31.12 20.57 10.27
C ARG L 147 -32.46 21.15 10.71
N GLU L 148 -32.88 22.23 10.04
CA GLU L 148 -34.09 22.95 10.40
C GLU L 148 -35.32 22.09 10.16
N ARG L 149 -35.33 21.34 9.08
CA ARG L 149 -36.44 20.45 8.77
C ARG L 149 -36.55 19.31 9.77
N LEU L 150 -35.42 18.73 10.12
CA LEU L 150 -35.43 17.61 11.04
C LEU L 150 -35.87 18.06 12.41
N ASN L 151 -35.29 19.15 12.90
CA ASN L 151 -35.67 19.76 14.18
C ASN L 151 -37.17 20.09 14.25
N LYS L 152 -37.77 20.62 13.20
CA LYS L 152 -39.21 20.88 13.20
C LYS L 152 -39.98 19.61 13.39
N ILE L 153 -39.55 18.55 12.71
CA ILE L 153 -40.25 17.27 12.85
C ILE L 153 -40.08 16.73 14.28
N LEU L 154 -38.90 16.89 14.85
CA LEU L 154 -38.67 16.43 16.22
C LEU L 154 -39.52 17.17 17.21
N ALA L 155 -39.64 18.48 17.04
CA ALA L 155 -40.51 19.29 17.88
C ALA L 155 -41.94 18.74 17.85
N GLU L 156 -42.48 18.49 16.67
CA GLU L 156 -43.81 17.90 16.55
C GLU L 156 -43.88 16.52 17.24
N ARG L 157 -42.88 15.67 17.03
CA ARG L 157 -42.88 14.31 17.50
C ARG L 157 -42.75 14.17 19.00
N THR L 158 -42.04 15.08 19.60
CA THR L 158 -41.80 15.10 21.02
C THR L 158 -42.72 16.02 21.84
N GLY L 159 -43.36 16.98 21.20
CA GLY L 159 -44.01 18.07 21.92
C GLY L 159 -43.09 19.13 22.48
N GLN L 160 -41.77 19.00 22.32
CA GLN L 160 -40.85 20.03 22.79
C GLN L 160 -40.88 21.23 21.87
N PRO L 161 -40.65 22.42 22.42
CA PRO L 161 -40.54 23.55 21.53
C PRO L 161 -39.27 23.51 20.75
N LEU L 162 -39.33 24.06 19.55
CA LEU L 162 -38.23 24.09 18.59
C LEU L 162 -36.91 24.58 19.17
N GLU L 163 -36.95 25.60 20.01
CA GLU L 163 -35.72 26.17 20.59
C GLU L 163 -35.06 25.23 21.62
N VAL L 164 -35.86 24.37 22.25
CA VAL L 164 -35.32 23.33 23.15
C VAL L 164 -34.62 22.22 22.32
N ILE L 165 -35.29 21.77 21.25
CA ILE L 165 -34.70 20.83 20.31
C ILE L 165 -33.36 21.38 19.78
N GLU L 166 -33.30 22.65 19.37
CA GLU L 166 -32.01 23.24 18.91
C GLU L 166 -30.91 23.20 19.98
N LYS L 167 -31.21 23.51 21.25
CA LYS L 167 -30.17 23.49 22.34
C LYS L 167 -29.72 22.08 22.62
N ASP L 168 -30.68 21.15 22.57
CA ASP L 168 -30.46 19.76 22.95
C ASP L 168 -29.82 18.87 21.89
N THR L 169 -29.91 19.26 20.62
CA THR L 169 -29.18 18.61 19.52
C THR L 169 -27.85 19.29 19.10
N ASP L 170 -27.42 20.32 19.81
CA ASP L 170 -26.21 21.02 19.44
C ASP L 170 -24.98 20.11 19.48
N ARG L 171 -24.88 19.26 20.50
CA ARG L 171 -23.84 18.25 20.61
C ARG L 171 -24.50 16.88 20.84
N ASP L 172 -23.70 15.82 20.74
CA ASP L 172 -24.21 14.48 20.99
C ASP L 172 -24.90 14.47 22.36
N ASN L 173 -26.14 13.99 22.35
CA ASN L 173 -26.98 13.94 23.51
C ASN L 173 -27.49 12.52 23.71
N TYR L 174 -26.84 11.79 24.61
CA TYR L 174 -27.21 10.42 24.97
C TYR L 174 -28.29 10.43 26.03
N MET L 175 -29.31 9.61 25.82
CA MET L 175 -30.40 9.42 26.73
C MET L 175 -30.66 7.95 27.04
N THR L 176 -30.96 7.71 28.30
CA THR L 176 -31.63 6.53 28.82
C THR L 176 -33.02 6.35 28.22
N ALA L 177 -33.55 5.14 28.25
CA ALA L 177 -34.93 4.89 27.87
C ALA L 177 -35.92 5.72 28.69
N GLU L 178 -35.76 5.74 30.01
CA GLU L 178 -36.52 6.65 30.87
C GLU L 178 -36.37 8.14 30.51
N GLN L 179 -35.14 8.62 30.31
CA GLN L 179 -34.95 10.00 29.85
C GLN L 179 -35.67 10.32 28.51
N ALA L 180 -35.69 9.36 27.61
CA ALA L 180 -36.34 9.53 26.31
C ALA L 180 -37.84 9.54 26.42
N LYS L 181 -38.37 8.81 27.40
CA LYS L 181 -39.82 8.85 27.68
C LYS L 181 -40.20 10.21 28.21
N ALA L 182 -39.41 10.69 29.17
CA ALA L 182 -39.62 12.01 29.76
C ALA L 182 -39.56 13.11 28.70
N TYR L 183 -38.64 12.97 27.76
CA TYR L 183 -38.41 13.99 26.74
C TYR L 183 -39.45 13.97 25.64
N GLY L 184 -40.20 12.87 25.49
CA GLY L 184 -41.21 12.74 24.45
C GLY L 184 -40.85 11.90 23.23
N LEU L 185 -39.62 11.37 23.18
CA LEU L 185 -39.21 10.59 21.99
C LEU L 185 -39.95 9.27 21.88
N ILE L 186 -40.19 8.66 23.03
CA ILE L 186 -40.98 7.43 23.13
C ILE L 186 -42.07 7.55 24.17
N ASP L 187 -43.00 6.62 24.09
CA ASP L 187 -44.17 6.60 24.93
C ASP L 187 -43.98 5.73 26.18
N GLU L 188 -43.43 4.52 26.00
CA GLU L 188 -43.26 3.58 27.10
C GLU L 188 -41.97 2.82 27.05
N VAL L 189 -41.39 2.55 28.23
CA VAL L 189 -40.30 1.60 28.40
C VAL L 189 -40.95 0.25 28.67
N MET L 190 -40.69 -0.78 27.88
CA MET L 190 -41.30 -2.09 28.16
C MET L 190 -40.37 -3.07 28.90
N GLU L 191 -40.78 -3.48 30.11
CA GLU L 191 -40.10 -4.53 30.91
C GLU L 191 -40.82 -5.87 30.79
N ILE M 4 -20.42 -26.09 6.34
CA ILE M 4 -21.54 -26.33 7.34
C ILE M 4 -22.43 -27.53 6.97
N PRO M 5 -22.29 -28.64 7.72
CA PRO M 5 -22.98 -29.87 7.31
C PRO M 5 -24.50 -29.85 7.50
N THR M 6 -25.16 -30.75 6.80
CA THR M 6 -26.62 -30.85 6.79
C THR M 6 -26.98 -32.24 7.33
N VAL M 7 -28.19 -32.40 7.86
CA VAL M 7 -28.67 -33.67 8.43
C VAL M 7 -30.13 -33.88 7.96
N ILE M 8 -30.56 -35.14 7.78
CA ILE M 8 -31.91 -35.45 7.17
C ILE M 8 -32.98 -35.95 8.13
N ALA M 17 -34.67 -31.76 5.63
CA ALA M 17 -33.21 -31.49 5.58
C ALA M 17 -32.79 -30.12 6.16
N TYR M 18 -32.22 -30.12 7.36
CA TYR M 18 -31.78 -28.91 8.05
C TYR M 18 -30.27 -28.73 7.97
N ASP M 19 -29.80 -27.48 7.93
CA ASP M 19 -28.39 -27.23 8.26
C ASP M 19 -28.27 -27.48 9.80
N ILE M 20 -27.06 -27.83 10.25
CA ILE M 20 -26.88 -28.32 11.62
C ILE M 20 -27.36 -27.29 12.70
N TYR M 21 -27.07 -26.00 12.48
CA TYR M 21 -27.53 -24.99 13.44
C TYR M 21 -29.07 -24.89 13.50
N SER M 22 -29.72 -24.93 12.36
CA SER M 22 -31.16 -24.96 12.32
C SER M 22 -31.75 -26.21 13.00
N ARG M 23 -31.05 -27.33 12.91
CA ARG M 23 -31.54 -28.55 13.55
C ARG M 23 -31.51 -28.38 15.06
N LEU M 24 -30.42 -27.79 15.58
CA LEU M 24 -30.33 -27.49 17.01
C LEU M 24 -31.42 -26.48 17.48
N LEU M 25 -31.79 -25.53 16.61
CA LEU M 25 -32.82 -24.55 16.92
C LEU M 25 -34.20 -25.19 17.01
N LYS M 26 -34.44 -26.28 16.28
CA LYS M 26 -35.69 -27.07 16.45
C LYS M 26 -35.82 -27.56 17.89
N ASP M 27 -34.69 -27.90 18.52
CA ASP M 27 -34.70 -28.29 19.95
C ASP M 27 -34.37 -27.15 20.96
N ARG M 28 -34.60 -25.92 20.51
CA ARG M 28 -34.52 -24.72 21.33
C ARG M 28 -33.10 -24.31 21.80
N ILE M 29 -32.09 -24.72 21.04
CA ILE M 29 -30.70 -24.32 21.26
C ILE M 29 -30.23 -23.23 20.32
N ILE M 30 -29.67 -22.16 20.90
CA ILE M 30 -29.13 -21.04 20.14
C ILE M 30 -27.63 -21.05 20.34
N MET M 31 -26.88 -20.92 19.25
CA MET M 31 -25.41 -20.79 19.32
C MET M 31 -24.99 -19.33 19.23
N LEU M 32 -24.30 -18.81 20.24
CA LEU M 32 -23.72 -17.47 20.19
C LEU M 32 -22.23 -17.63 20.14
N SER M 33 -21.67 -17.46 18.94
CA SER M 33 -20.26 -17.73 18.73
C SER M 33 -19.61 -16.51 18.12
N GLY M 34 -18.37 -16.26 18.53
CA GLY M 34 -17.56 -15.15 18.01
C GLY M 34 -18.01 -13.80 18.51
N GLN M 35 -17.55 -12.78 17.80
CA GLN M 35 -17.66 -11.41 18.25
C GLN M 35 -19.12 -11.00 18.22
N VAL M 36 -19.55 -10.24 19.22
CA VAL M 36 -20.93 -9.74 19.33
C VAL M 36 -20.99 -8.45 18.51
N THR M 37 -21.72 -8.51 17.40
CA THR M 37 -21.91 -7.40 16.50
C THR M 37 -23.38 -7.16 16.37
N ASP M 38 -23.76 -6.07 15.71
CA ASP M 38 -25.16 -5.83 15.38
C ASP M 38 -25.80 -6.97 14.55
N ASP M 39 -25.06 -7.58 13.62
CA ASP M 39 -25.55 -8.71 12.80
C ASP M 39 -25.83 -9.95 13.63
N LEU M 40 -24.86 -10.35 14.45
CA LEU M 40 -25.05 -11.47 15.34
C LEU M 40 -26.22 -11.22 16.31
N ALA M 41 -26.27 -10.02 16.88
CA ALA M 41 -27.34 -9.69 17.79
C ALA M 41 -28.70 -9.86 17.14
N ASN M 42 -28.79 -9.41 15.91
CA ASN M 42 -30.07 -9.44 15.20
C ASN M 42 -30.58 -10.88 15.02
N SER M 43 -29.65 -11.78 14.66
CA SER M 43 -29.92 -13.21 14.54
C SER M 43 -30.36 -13.87 15.86
N ILE M 44 -29.58 -13.64 16.92
CA ILE M 44 -29.87 -14.20 18.23
C ILE M 44 -31.27 -13.73 18.66
N ILE M 45 -31.55 -12.44 18.48
CA ILE M 45 -32.77 -11.84 18.98
C ILE M 45 -33.93 -12.47 18.25
N ALA M 46 -33.80 -12.57 16.93
CA ALA M 46 -34.86 -13.18 16.11
C ALA M 46 -35.14 -14.60 16.57
N GLN M 47 -34.07 -15.37 16.82
CA GLN M 47 -34.20 -16.71 17.34
C GLN M 47 -34.88 -16.75 18.71
N LEU M 48 -34.49 -15.87 19.62
CA LEU M 48 -35.12 -15.82 20.95
C LEU M 48 -36.63 -15.53 20.88
N LEU M 49 -36.99 -14.55 20.07
CA LEU M 49 -38.39 -14.17 19.89
C LEU M 49 -39.22 -15.28 19.31
N PHE M 50 -38.70 -15.88 18.24
CA PHE M 50 -39.34 -17.02 17.57
C PHE M 50 -39.60 -18.18 18.58
N LEU M 51 -38.58 -18.53 19.35
CA LEU M 51 -38.72 -19.62 20.29
C LEU M 51 -39.72 -19.35 21.41
N ASP M 52 -39.89 -18.09 21.80
CA ASP M 52 -40.84 -17.76 22.89
C ASP M 52 -42.28 -17.80 22.40
N ALA M 53 -42.49 -17.29 21.19
CA ALA M 53 -43.80 -17.34 20.50
C ALA M 53 -44.29 -18.77 20.29
N GLN M 54 -43.37 -19.62 19.83
CA GLN M 54 -43.62 -21.03 19.60
C GLN M 54 -44.00 -21.79 20.89
N ASP M 55 -43.33 -21.52 22.00
CA ASP M 55 -43.71 -22.12 23.30
C ASP M 55 -42.98 -21.45 24.46
N SER M 56 -43.71 -20.66 25.27
CA SER M 56 -43.13 -20.00 26.46
C SER M 56 -42.96 -20.87 27.71
N GLU M 57 -43.48 -22.10 27.73
CA GLU M 57 -43.33 -22.96 28.91
C GLU M 57 -42.01 -23.79 28.85
N LYS M 58 -41.46 -24.01 27.65
CA LYS M 58 -40.20 -24.79 27.50
C LYS M 58 -38.97 -23.85 27.44
N ASP M 59 -37.91 -24.23 28.13
CA ASP M 59 -36.71 -23.43 28.26
C ASP M 59 -36.01 -23.23 26.93
N ILE M 60 -35.18 -22.17 26.90
CA ILE M 60 -34.28 -21.88 25.80
C ILE M 60 -32.86 -22.08 26.29
N TYR M 61 -32.00 -22.62 25.44
CA TYR M 61 -30.62 -22.90 25.79
C TYR M 61 -29.70 -22.06 24.91
N LEU M 62 -28.85 -21.26 25.56
CA LEU M 62 -27.96 -20.33 24.88
C LEU M 62 -26.52 -20.72 25.13
N TYR M 63 -25.88 -21.32 24.14
CA TYR M 63 -24.48 -21.72 24.25
C TYR M 63 -23.60 -20.55 23.83
N ILE M 64 -22.59 -20.23 24.63
CA ILE M 64 -21.80 -19.03 24.43
C ILE M 64 -20.34 -19.37 24.28
N ASN M 65 -19.74 -18.92 23.17
CA ASN M 65 -18.27 -18.94 23.00
C ASN M 65 -17.88 -17.64 22.33
N SER M 66 -17.61 -16.60 23.11
CA SER M 66 -17.47 -15.25 22.56
C SER M 66 -16.47 -14.44 23.33
N PRO M 67 -15.58 -13.71 22.64
CA PRO M 67 -14.65 -12.75 23.29
C PRO M 67 -15.26 -11.35 23.59
N GLY M 68 -16.52 -11.15 23.25
CA GLY M 68 -17.22 -9.90 23.53
C GLY M 68 -17.53 -9.17 22.23
N GLY M 69 -17.62 -7.85 22.31
CA GLY M 69 -17.94 -7.03 21.16
C GLY M 69 -18.70 -5.80 21.57
N SER M 70 -19.67 -5.41 20.75
CA SER M 70 -20.41 -4.18 20.94
C SER M 70 -21.24 -4.22 22.23
N VAL M 71 -21.04 -3.24 23.07
CA VAL M 71 -21.85 -3.10 24.25
C VAL M 71 -23.35 -3.00 23.92
N THR M 72 -23.71 -2.17 22.94
CA THR M 72 -25.13 -1.95 22.63
C THR M 72 -25.74 -3.17 21.96
N ALA M 73 -24.96 -3.90 21.16
CA ALA M 73 -25.47 -5.16 20.57
C ALA M 73 -25.73 -6.19 21.66
N GLY M 74 -24.77 -6.32 22.56
CA GLY M 74 -24.96 -7.14 23.75
C GLY M 74 -26.18 -6.78 24.58
N MET M 75 -26.37 -5.49 24.85
CA MET M 75 -27.48 -5.06 25.62
C MET M 75 -28.79 -5.39 24.93
N ALA M 76 -28.82 -5.33 23.61
CA ALA M 76 -29.99 -5.74 22.88
C ALA M 76 -30.34 -7.19 23.20
N ILE M 77 -29.31 -8.05 23.21
CA ILE M 77 -29.52 -9.48 23.47
C ILE M 77 -29.98 -9.66 24.92
N TYR M 78 -29.25 -9.03 25.85
CA TYR M 78 -29.63 -9.01 27.27
C TYR M 78 -31.09 -8.64 27.52
N ASP M 79 -31.53 -7.55 26.91
CA ASP M 79 -32.85 -7.08 27.12
C ASP M 79 -33.84 -8.06 26.56
N THR M 80 -33.49 -8.70 25.44
CA THR M 80 -34.39 -9.69 24.84
C THR M 80 -34.49 -10.97 25.68
N MET M 81 -33.37 -11.44 26.21
CA MET M 81 -33.37 -12.56 27.14
C MET M 81 -34.31 -12.32 28.36
N ASN M 82 -34.28 -11.12 28.92
CA ASN M 82 -35.18 -10.76 30.02
C ASN M 82 -36.63 -10.59 29.55
N PHE M 83 -36.83 -10.14 28.33
CA PHE M 83 -38.19 -9.93 27.85
C PHE M 83 -39.02 -11.21 27.66
N VAL M 84 -38.45 -12.20 26.99
CA VAL M 84 -39.15 -13.42 26.67
C VAL M 84 -39.60 -14.14 27.96
N LYS M 85 -40.81 -14.76 27.89
CA LYS M 85 -41.43 -15.44 29.06
C LYS M 85 -40.62 -16.65 29.47
N ALA M 86 -40.13 -17.37 28.47
CA ALA M 86 -39.31 -18.56 28.71
C ALA M 86 -38.01 -18.27 29.47
N ASP M 87 -37.64 -19.19 30.35
CA ASP M 87 -36.31 -19.19 30.97
C ASP M 87 -35.21 -19.41 29.93
N VAL M 88 -34.11 -18.66 30.08
CA VAL M 88 -32.98 -18.76 29.17
C VAL M 88 -31.81 -19.30 29.96
N GLN M 89 -31.43 -20.55 29.67
CA GLN M 89 -30.27 -21.18 30.28
C GLN M 89 -29.06 -20.79 29.48
N THR M 90 -27.93 -20.65 30.14
CA THR M 90 -26.70 -20.23 29.49
C THR M 90 -25.61 -21.18 29.84
N ILE M 91 -24.88 -21.64 28.83
CA ILE M 91 -23.71 -22.52 29.02
C ILE M 91 -22.53 -21.86 28.33
N VAL M 92 -21.46 -21.62 29.06
CA VAL M 92 -20.27 -21.19 28.41
C VAL M 92 -19.40 -22.43 28.10
N MET M 93 -18.85 -22.43 26.90
CA MET M 93 -17.90 -23.44 26.42
C MET M 93 -16.73 -22.64 25.80
N GLY M 94 -15.53 -22.91 26.25
CA GLY M 94 -14.38 -22.18 25.75
C GLY M 94 -14.19 -20.86 26.45
N MET M 95 -14.87 -19.82 25.97
CA MET M 95 -14.63 -18.48 26.46
C MET M 95 -15.90 -17.71 26.54
N ALA M 96 -16.01 -16.92 27.60
CA ALA M 96 -17.00 -15.84 27.67
C ALA M 96 -16.28 -14.62 28.28
N ALA M 97 -15.88 -13.70 27.44
CA ALA M 97 -15.17 -12.50 27.89
C ALA M 97 -16.01 -11.28 27.60
N SER M 98 -15.87 -10.28 28.49
CA SER M 98 -16.51 -8.99 28.34
C SER M 98 -18.01 -9.18 28.11
N MET M 99 -18.60 -8.69 27.01
CA MET M 99 -20.03 -8.85 26.82
C MET M 99 -20.46 -10.32 26.78
N GLY M 100 -19.55 -11.22 26.45
CA GLY M 100 -19.85 -12.65 26.52
C GLY M 100 -20.15 -13.11 27.94
N SER M 101 -19.31 -12.70 28.90
CA SER M 101 -19.50 -13.08 30.28
C SER M 101 -20.74 -12.36 30.84
N PHE M 102 -21.03 -11.17 30.32
CA PHE M 102 -22.20 -10.45 30.77
C PHE M 102 -23.46 -11.21 30.37
N LEU M 103 -23.48 -11.73 29.14
CA LEU M 103 -24.64 -12.48 28.67
C LEU M 103 -24.74 -13.83 29.38
N LEU M 104 -23.60 -14.40 29.77
CA LEU M 104 -23.59 -15.66 30.49
C LEU M 104 -24.34 -15.48 31.77
N THR M 105 -23.92 -14.46 32.53
CA THR M 105 -24.47 -14.24 33.86
C THR M 105 -25.91 -13.72 33.83
N ALA M 106 -26.40 -13.33 32.66
CA ALA M 106 -27.81 -12.90 32.50
C ALA M 106 -28.78 -14.06 32.39
N GLY M 107 -28.26 -15.27 32.23
CA GLY M 107 -29.16 -16.41 32.15
C GLY M 107 -29.99 -16.45 33.41
N THR M 108 -31.16 -17.10 33.34
CA THR M 108 -32.00 -17.30 34.49
C THR M 108 -31.20 -17.87 35.65
N LYS M 109 -31.35 -17.29 36.84
CA LYS M 109 -30.62 -17.82 38.03
C LYS M 109 -30.99 -19.28 38.36
N GLY M 110 -29.98 -20.02 38.79
CA GLY M 110 -30.04 -21.47 38.88
C GLY M 110 -29.77 -22.22 37.59
N LYS M 111 -29.79 -21.53 36.44
CA LYS M 111 -29.53 -22.17 35.13
C LYS M 111 -28.41 -21.52 34.28
N ARG M 112 -27.34 -21.09 34.93
CA ARG M 112 -26.16 -20.59 34.28
C ARG M 112 -25.01 -21.54 34.55
N PHE M 113 -24.43 -22.08 33.48
CA PHE M 113 -23.42 -23.15 33.57
C PHE M 113 -22.15 -22.83 32.85
N ALA M 114 -21.06 -23.44 33.31
CA ALA M 114 -19.83 -23.46 32.55
C ALA M 114 -19.32 -24.90 32.37
N LEU M 115 -18.79 -25.21 31.20
CA LEU M 115 -18.04 -26.43 31.06
C LEU M 115 -16.76 -26.28 31.87
N PRO M 116 -16.19 -27.39 32.33
CA PRO M 116 -15.12 -27.36 33.35
C PRO M 116 -13.90 -26.55 33.04
N ASN M 117 -13.56 -26.43 31.76
CA ASN M 117 -12.33 -25.73 31.34
C ASN M 117 -12.62 -24.41 30.64
N ALA M 118 -13.81 -23.86 30.84
CA ALA M 118 -14.16 -22.58 30.27
C ALA M 118 -13.37 -21.46 30.94
N GLU M 119 -13.06 -20.45 30.18
CA GLU M 119 -12.41 -19.23 30.63
C GLU M 119 -13.52 -18.17 30.72
N ILE M 120 -13.61 -17.46 31.84
CA ILE M 120 -14.53 -16.33 31.95
C ILE M 120 -13.69 -15.12 32.24
N MET M 121 -13.99 -14.00 31.56
CA MET M 121 -13.29 -12.75 31.81
C MET M 121 -14.26 -11.57 31.95
N ILE M 122 -14.02 -10.73 32.98
CA ILE M 122 -14.74 -9.47 33.18
C ILE M 122 -13.74 -8.31 33.24
N HIS M 123 -14.15 -7.17 32.70
CA HIS M 123 -13.29 -5.97 32.67
C HIS M 123 -14.17 -4.71 32.49
N GLN M 124 -13.54 -3.57 32.22
CA GLN M 124 -14.33 -2.38 31.98
C GLN M 124 -14.56 -2.17 30.49
N PRO M 125 -15.64 -1.41 30.12
CA PRO M 125 -15.87 -1.02 28.72
C PRO M 125 -14.71 -0.22 28.14
N LEU M 126 -14.54 -0.41 26.83
CA LEU M 126 -13.48 0.17 26.04
C LEU M 126 -14.07 1.13 25.04
N GLY M 127 -13.32 2.16 24.69
CA GLY M 127 -13.82 3.16 23.76
C GLY M 127 -12.78 4.17 23.42
N GLY M 128 -13.22 5.23 22.79
CA GLY M 128 -12.35 6.21 22.19
C GLY M 128 -13.08 7.50 21.91
N ALA M 129 -12.37 8.61 21.98
CA ALA M 129 -13.01 9.92 21.73
C ALA M 129 -11.98 10.85 21.14
N GLN M 130 -12.43 11.69 20.23
CA GLN M 130 -11.56 12.56 19.49
C GLN M 130 -12.27 13.91 19.32
N GLY M 131 -11.54 15.00 19.47
CA GLY M 131 -12.06 16.31 19.11
C GLY M 131 -11.83 17.37 20.12
N GLN M 132 -12.80 18.26 20.23
CA GLN M 132 -12.75 19.36 21.20
C GLN M 132 -12.93 18.86 22.62
N ALA M 133 -12.35 19.57 23.59
CA ALA M 133 -12.52 19.22 25.00
C ALA M 133 -13.97 18.92 25.37
N THR M 134 -14.90 19.71 24.90
CA THR M 134 -16.30 19.44 25.14
C THR M 134 -16.78 18.11 24.59
N GLU M 135 -16.29 17.73 23.42
CA GLU M 135 -16.70 16.48 22.79
C GLU M 135 -16.15 15.30 23.58
N ILE M 136 -14.92 15.44 24.07
CA ILE M 136 -14.27 14.43 24.85
C ILE M 136 -14.99 14.25 26.20
N GLU M 137 -15.45 15.35 26.80
CA GLU M 137 -16.18 15.29 28.03
C GLU M 137 -17.45 14.51 27.81
N ILE M 138 -18.17 14.80 26.73
CA ILE M 138 -19.42 14.10 26.44
C ILE M 138 -19.21 12.56 26.33
N ALA M 139 -18.14 12.18 25.61
CA ALA M 139 -17.81 10.79 25.42
C ALA M 139 -17.38 10.10 26.73
N ALA M 140 -16.51 10.75 27.50
CA ALA M 140 -16.16 10.30 28.84
C ALA M 140 -17.41 10.10 29.75
N ARG M 141 -18.29 11.08 29.84
CA ARG M 141 -19.50 10.89 30.61
C ARG M 141 -20.24 9.67 30.13
N HIS M 142 -20.30 9.48 28.82
CA HIS M 142 -21.12 8.42 28.28
C HIS M 142 -20.57 7.06 28.63
N ILE M 143 -19.26 6.90 28.53
CA ILE M 143 -18.69 5.60 28.76
C ILE M 143 -18.72 5.29 30.27
N LEU M 144 -18.53 6.31 31.11
CA LEU M 144 -18.62 6.11 32.57
C LEU M 144 -20.01 5.75 32.98
N GLN M 145 -21.01 6.30 32.31
CA GLN M 145 -22.40 5.93 32.59
C GLN M 145 -22.69 4.53 32.15
N THR M 146 -22.11 4.13 31.02
CA THR M 146 -22.23 2.75 30.53
C THR M 146 -21.54 1.78 31.55
N ARG M 147 -20.35 2.12 32.04
CA ARG M 147 -19.66 1.28 33.04
C ARG M 147 -20.55 1.09 34.26
N GLU M 148 -21.12 2.18 34.77
CA GLU M 148 -21.91 2.14 35.96
C GLU M 148 -23.15 1.28 35.79
N ARG M 149 -23.82 1.38 34.66
CA ARG M 149 -25.06 0.63 34.42
C ARG M 149 -24.76 -0.87 34.30
N LEU M 150 -23.68 -1.22 33.63
CA LEU M 150 -23.32 -2.61 33.53
C LEU M 150 -22.90 -3.16 34.91
N ASN M 151 -22.07 -2.42 35.65
CA ASN M 151 -21.65 -2.82 36.98
C ASN M 151 -22.84 -3.01 37.94
N LYS M 152 -23.85 -2.17 37.89
CA LYS M 152 -25.02 -2.37 38.71
C LYS M 152 -25.72 -3.66 38.34
N ILE M 153 -25.79 -3.96 37.05
CA ILE M 153 -26.43 -5.20 36.65
C ILE M 153 -25.61 -6.40 37.11
N LEU M 154 -24.29 -6.30 37.03
CA LEU M 154 -23.45 -7.38 37.49
C LEU M 154 -23.60 -7.62 39.01
N ALA M 155 -23.68 -6.54 39.77
CA ALA M 155 -23.89 -6.61 41.20
C ALA M 155 -25.17 -7.41 41.47
N GLU M 156 -26.27 -7.05 40.83
CA GLU M 156 -27.48 -7.78 40.96
C GLU M 156 -27.31 -9.26 40.58
N ARG M 157 -26.65 -9.54 39.46
CA ARG M 157 -26.58 -10.91 38.92
C ARG M 157 -25.71 -11.82 39.76
N THR M 158 -24.69 -11.25 40.38
CA THR M 158 -23.72 -12.00 41.14
C THR M 158 -23.96 -12.02 42.64
N GLY M 159 -24.77 -11.10 43.16
CA GLY M 159 -24.80 -10.82 44.58
C GLY M 159 -23.60 -10.10 45.18
N GLN M 160 -22.62 -9.73 44.38
CA GLN M 160 -21.49 -8.93 44.90
C GLN M 160 -21.92 -7.47 45.05
N PRO M 161 -21.35 -6.79 46.05
CA PRO M 161 -21.67 -5.38 46.12
C PRO M 161 -20.99 -4.62 44.94
N LEU M 162 -21.66 -3.56 44.51
CA LEU M 162 -21.18 -2.68 43.46
C LEU M 162 -19.73 -2.26 43.58
N GLU M 163 -19.23 -1.94 44.78
CA GLU M 163 -17.85 -1.45 44.91
C GLU M 163 -16.86 -2.58 44.71
N VAL M 164 -17.29 -3.83 44.95
CA VAL M 164 -16.43 -5.00 44.67
C VAL M 164 -16.32 -5.22 43.16
N ILE M 165 -17.47 -5.14 42.48
CA ILE M 165 -17.52 -5.24 41.04
C ILE M 165 -16.63 -4.18 40.41
N GLU M 166 -16.65 -2.94 40.89
CA GLU M 166 -15.75 -1.88 40.37
C GLU M 166 -14.29 -2.27 40.55
N LYS M 167 -13.87 -2.79 41.72
CA LYS M 167 -12.41 -3.08 41.93
C LYS M 167 -12.01 -4.23 41.01
N ASP M 168 -12.95 -5.18 40.86
CA ASP M 168 -12.68 -6.44 40.19
C ASP M 168 -12.71 -6.37 38.67
N THR M 169 -13.38 -5.36 38.14
CA THR M 169 -13.39 -5.07 36.71
C THR M 169 -12.40 -3.97 36.28
N ASP M 170 -11.61 -3.44 37.18
CA ASP M 170 -10.70 -2.36 36.83
C ASP M 170 -9.69 -2.78 35.76
N ARG M 171 -9.20 -4.01 35.85
CA ARG M 171 -8.30 -4.59 34.85
C ARG M 171 -8.86 -5.94 34.41
N ASP M 172 -8.29 -6.52 33.37
CA ASP M 172 -8.74 -7.83 32.87
C ASP M 172 -8.67 -8.79 34.04
N ASN M 173 -9.76 -9.44 34.31
CA ASN M 173 -9.88 -10.39 35.36
C ASN M 173 -10.36 -11.76 34.78
N TYR M 174 -9.41 -12.65 34.58
CA TYR M 174 -9.67 -14.02 34.13
C TYR M 174 -10.04 -14.95 35.27
N MET M 175 -11.08 -15.72 35.09
CA MET M 175 -11.58 -16.66 36.07
C MET M 175 -11.82 -18.04 35.46
N THR M 176 -11.44 -19.01 36.26
CA THR M 176 -11.83 -20.40 36.17
C THR M 176 -13.32 -20.58 36.29
N ALA M 177 -13.84 -21.68 35.77
CA ALA M 177 -15.26 -22.02 35.96
C ALA M 177 -15.61 -22.12 37.44
N GLU M 178 -14.80 -22.83 38.22
CA GLU M 178 -14.94 -22.81 39.70
C GLU M 178 -14.86 -21.41 40.37
N GLN M 179 -13.86 -20.59 40.01
CA GLN M 179 -13.81 -19.18 40.48
C GLN M 179 -15.06 -18.38 40.14
N ALA M 180 -15.63 -18.61 38.96
CA ALA M 180 -16.85 -17.94 38.54
C ALA M 180 -18.07 -18.39 39.26
N LYS M 181 -18.15 -19.66 39.57
CA LYS M 181 -19.21 -20.16 40.50
C LYS M 181 -19.11 -19.54 41.91
N ALA M 182 -17.89 -19.51 42.46
CA ALA M 182 -17.64 -18.87 43.75
C ALA M 182 -18.02 -17.38 43.74
N TYR M 183 -17.77 -16.71 42.64
CA TYR M 183 -18.00 -15.26 42.51
C TYR M 183 -19.45 -14.96 42.31
N GLY M 184 -20.24 -15.93 41.85
CA GLY M 184 -21.68 -15.69 41.57
C GLY M 184 -22.05 -15.46 40.11
N LEU M 185 -21.08 -15.44 39.20
CA LEU M 185 -21.39 -15.32 37.76
C LEU M 185 -22.24 -16.50 37.23
N ILE M 186 -21.90 -17.71 37.67
CA ILE M 186 -22.63 -18.91 37.28
C ILE M 186 -23.06 -19.68 38.49
N ASP M 187 -23.95 -20.61 38.26
CA ASP M 187 -24.53 -21.48 39.28
C ASP M 187 -23.82 -22.82 39.41
N GLU M 188 -23.51 -23.48 38.29
CA GLU M 188 -22.87 -24.81 38.32
C GLU M 188 -21.82 -25.04 37.22
N VAL M 189 -20.78 -25.77 37.56
CA VAL M 189 -19.85 -26.30 36.58
C VAL M 189 -20.39 -27.67 36.16
N MET M 190 -20.69 -27.90 34.88
CA MET M 190 -21.19 -29.21 34.50
C MET M 190 -20.15 -30.16 33.94
N GLU M 191 -19.99 -31.34 34.58
CA GLU M 191 -19.16 -32.46 34.05
C GLU M 191 -20.03 -33.53 33.34
N LEU N 3 -15.87 -27.03 -5.69
CA LEU N 3 -14.83 -27.69 -4.84
C LEU N 3 -15.31 -28.99 -4.13
N ILE N 4 -16.57 -29.03 -3.69
CA ILE N 4 -17.05 -30.12 -2.78
C ILE N 4 -18.09 -31.05 -3.44
N PRO N 5 -17.71 -32.31 -3.72
CA PRO N 5 -18.61 -33.16 -4.50
C PRO N 5 -19.79 -33.66 -3.69
N THR N 6 -20.81 -34.10 -4.42
CA THR N 6 -22.04 -34.62 -3.85
C THR N 6 -22.19 -36.11 -4.24
N VAL N 7 -22.93 -36.87 -3.44
CA VAL N 7 -23.21 -38.31 -3.67
C VAL N 7 -24.73 -38.56 -3.49
N ILE N 8 -25.32 -39.51 -4.25
CA ILE N 8 -26.82 -39.77 -4.22
C ILE N 8 -27.26 -41.04 -3.48
N ALA N 17 -29.59 -36.92 -1.64
CA ALA N 17 -28.36 -36.26 -2.13
C ALA N 17 -27.62 -35.43 -1.06
N TYR N 18 -26.46 -35.92 -0.63
CA TYR N 18 -25.67 -35.27 0.42
C TYR N 18 -24.40 -34.71 -0.19
N ASP N 19 -23.90 -33.63 0.38
CA ASP N 19 -22.49 -33.28 0.16
C ASP N 19 -21.65 -34.31 0.91
N ILE N 20 -20.43 -34.54 0.44
CA ILE N 20 -19.62 -35.67 0.90
C ILE N 20 -19.41 -35.62 2.40
N TYR N 21 -19.20 -34.42 2.99
CA TYR N 21 -18.97 -34.33 4.45
C TYR N 21 -20.21 -34.67 5.24
N SER N 22 -21.36 -34.22 4.76
CA SER N 22 -22.64 -34.60 5.37
C SER N 22 -22.92 -36.10 5.26
N ARG N 23 -22.45 -36.72 4.19
CA ARG N 23 -22.62 -38.17 4.04
C ARG N 23 -21.84 -38.92 5.09
N LEU N 24 -20.61 -38.46 5.33
CA LEU N 24 -19.78 -39.02 6.37
C LEU N 24 -20.42 -38.84 7.76
N LEU N 25 -21.05 -37.69 7.99
CA LEU N 25 -21.68 -37.41 9.27
C LEU N 25 -22.85 -38.37 9.55
N LYS N 26 -23.60 -38.75 8.52
CA LYS N 26 -24.62 -39.81 8.68
C LYS N 26 -24.02 -41.10 9.29
N ASP N 27 -22.75 -41.40 9.00
CA ASP N 27 -22.06 -42.54 9.65
C ASP N 27 -21.22 -42.16 10.87
N ARG N 28 -21.54 -41.03 11.48
CA ARG N 28 -20.92 -40.57 12.73
C ARG N 28 -19.40 -40.18 12.66
N ILE N 29 -19.01 -39.71 11.47
CA ILE N 29 -17.66 -39.21 11.25
C ILE N 29 -17.68 -37.69 11.19
N ILE N 30 -16.76 -37.08 11.95
CA ILE N 30 -16.59 -35.62 11.97
C ILE N 30 -15.18 -35.32 11.47
N MET N 31 -15.07 -34.39 10.53
CA MET N 31 -13.77 -33.97 9.98
C MET N 31 -13.33 -32.68 10.67
N LEU N 32 -12.18 -32.71 11.34
CA LEU N 32 -11.60 -31.51 11.90
C LEU N 32 -10.37 -31.18 11.11
N SER N 33 -10.51 -30.26 10.17
CA SER N 33 -9.42 -29.94 9.23
C SER N 33 -9.03 -28.47 9.29
N GLY N 34 -7.73 -28.22 9.22
CA GLY N 34 -7.20 -26.88 9.28
C GLY N 34 -7.21 -26.24 10.66
N GLN N 35 -7.06 -24.93 10.65
CA GLN N 35 -6.85 -24.16 11.86
C GLN N 35 -8.07 -24.17 12.77
N VAL N 36 -7.84 -24.38 14.05
CA VAL N 36 -8.91 -24.43 15.05
C VAL N 36 -9.29 -22.98 15.38
N THR N 37 -10.49 -22.59 15.00
CA THR N 37 -11.01 -21.24 15.20
C THR N 37 -12.29 -21.39 15.90
N ASP N 38 -12.85 -20.27 16.35
CA ASP N 38 -14.19 -20.23 16.93
C ASP N 38 -15.25 -20.78 15.95
N ASP N 39 -15.14 -20.45 14.67
CA ASP N 39 -16.09 -20.94 13.66
C ASP N 39 -16.04 -22.47 13.48
N LEU N 40 -14.83 -22.99 13.30
CA LEU N 40 -14.65 -24.44 13.25
C LEU N 40 -15.16 -25.10 14.54
N ALA N 41 -14.77 -24.57 15.70
CA ALA N 41 -15.20 -25.14 16.96
C ALA N 41 -16.71 -25.25 17.06
N ASN N 42 -17.40 -24.24 16.61
CA ASN N 42 -18.84 -24.21 16.70
C ASN N 42 -19.50 -25.33 15.89
N SER N 43 -18.96 -25.53 14.68
CA SER N 43 -19.41 -26.59 13.81
C SER N 43 -19.15 -27.98 14.43
N ILE N 44 -17.94 -28.21 14.95
CA ILE N 44 -17.55 -29.51 15.53
C ILE N 44 -18.46 -29.79 16.72
N ILE N 45 -18.69 -28.77 17.53
CA ILE N 45 -19.49 -28.89 18.73
C ILE N 45 -20.94 -29.22 18.38
N ALA N 46 -21.49 -28.51 17.42
CA ALA N 46 -22.86 -28.81 16.95
C ALA N 46 -22.97 -30.26 16.47
N GLN N 47 -21.94 -30.72 15.76
CA GLN N 47 -21.94 -32.05 15.24
C GLN N 47 -21.85 -33.05 16.38
N LEU N 48 -20.96 -32.81 17.34
CA LEU N 48 -20.83 -33.74 18.49
C LEU N 48 -22.13 -33.88 19.26
N LEU N 49 -22.77 -32.74 19.52
CA LEU N 49 -24.03 -32.71 20.24
C LEU N 49 -25.12 -33.45 19.51
N PHE N 50 -25.28 -33.12 18.24
CA PHE N 50 -26.28 -33.79 17.39
C PHE N 50 -26.12 -35.31 17.38
N LEU N 51 -24.89 -35.78 17.19
CA LEU N 51 -24.61 -37.20 17.20
C LEU N 51 -24.91 -37.93 18.50
N ASP N 52 -24.75 -37.25 19.64
CA ASP N 52 -24.97 -37.89 20.95
C ASP N 52 -26.44 -37.97 21.31
N ALA N 53 -27.18 -36.93 20.92
CA ALA N 53 -28.65 -36.92 21.01
C ALA N 53 -29.29 -38.06 20.18
N GLN N 54 -28.85 -38.18 18.94
CA GLN N 54 -29.32 -39.17 18.00
C GLN N 54 -29.07 -40.59 18.52
N ASP N 55 -27.91 -40.87 19.12
CA ASP N 55 -27.60 -42.20 19.68
C ASP N 55 -26.30 -42.17 20.53
N SER N 56 -26.43 -42.28 21.85
CA SER N 56 -25.28 -42.28 22.77
C SER N 56 -24.61 -43.65 22.97
N GLU N 57 -25.16 -44.72 22.41
CA GLU N 57 -24.54 -46.06 22.51
C GLU N 57 -23.48 -46.30 21.39
N LYS N 58 -23.64 -45.63 20.24
CA LYS N 58 -22.70 -45.77 19.12
C LYS N 58 -21.58 -44.69 19.18
N ASP N 59 -20.34 -45.13 18.92
CA ASP N 59 -19.19 -44.26 18.90
C ASP N 59 -19.26 -43.14 17.84
N ILE N 60 -18.45 -42.12 18.08
CA ILE N 60 -18.21 -41.03 17.20
C ILE N 60 -16.77 -41.10 16.76
N TYR N 61 -16.52 -40.75 15.51
CA TYR N 61 -15.16 -40.78 14.95
C TYR N 61 -14.73 -39.37 14.55
N LEU N 62 -13.64 -38.89 15.14
CA LEU N 62 -13.16 -37.55 14.90
C LEU N 62 -11.84 -37.61 14.20
N TYR N 63 -11.83 -37.28 12.91
CA TYR N 63 -10.59 -37.30 12.10
C TYR N 63 -9.93 -35.95 12.20
N ILE N 64 -8.64 -35.92 12.42
CA ILE N 64 -7.96 -34.69 12.72
C ILE N 64 -6.82 -34.48 11.76
N ASN N 65 -6.83 -33.35 11.05
CA ASN N 65 -5.62 -32.88 10.35
C ASN N 65 -5.52 -31.37 10.58
N SER N 66 -4.78 -30.96 11.60
CA SER N 66 -4.83 -29.57 12.07
C SER N 66 -3.51 -29.12 12.64
N PRO N 67 -3.05 -27.90 12.29
CA PRO N 67 -1.80 -27.33 12.91
C PRO N 67 -2.06 -26.63 14.26
N GLY N 68 -3.32 -26.57 14.67
CA GLY N 68 -3.69 -26.01 15.96
C GLY N 68 -4.51 -24.76 15.75
N GLY N 69 -4.41 -23.82 16.69
CA GLY N 69 -5.19 -22.61 16.64
C GLY N 69 -5.55 -22.14 18.03
N SER N 70 -6.74 -21.60 18.18
CA SER N 70 -7.17 -20.97 19.40
C SER N 70 -7.26 -21.95 20.53
N VAL N 71 -6.60 -21.64 21.65
CA VAL N 71 -6.65 -22.47 22.84
C VAL N 71 -8.07 -22.61 23.34
N THR N 72 -8.78 -21.49 23.42
CA THR N 72 -10.11 -21.53 23.97
C THR N 72 -11.06 -22.28 23.04
N ALA N 73 -10.89 -22.11 21.72
CA ALA N 73 -11.76 -22.82 20.78
C ALA N 73 -11.53 -24.33 20.91
N GLY N 74 -10.27 -24.71 21.03
CA GLY N 74 -9.91 -26.06 21.32
C GLY N 74 -10.49 -26.60 22.61
N MET N 75 -10.36 -25.83 23.70
CA MET N 75 -10.94 -26.30 24.98
C MET N 75 -12.46 -26.47 24.90
N ALA N 76 -13.15 -25.66 24.11
CA ALA N 76 -14.58 -25.86 23.88
C ALA N 76 -14.88 -27.22 23.24
N ILE N 77 -14.06 -27.61 22.27
CA ILE N 77 -14.22 -28.90 21.64
C ILE N 77 -13.89 -29.99 22.67
N TYR N 78 -12.73 -29.87 23.33
CA TYR N 78 -12.31 -30.80 24.37
C TYR N 78 -13.39 -31.06 25.41
N ASP N 79 -13.95 -30.00 25.96
CA ASP N 79 -14.96 -30.14 26.96
C ASP N 79 -16.21 -30.82 26.39
N THR N 80 -16.54 -30.54 25.14
CA THR N 80 -17.71 -31.16 24.51
C THR N 80 -17.48 -32.64 24.24
N MET N 81 -16.26 -33.00 23.84
CA MET N 81 -15.92 -34.41 23.67
C MET N 81 -16.12 -35.21 24.97
N ASN N 82 -15.60 -34.68 26.09
CA ASN N 82 -15.72 -35.33 27.42
C ASN N 82 -17.16 -35.36 27.88
N PHE N 83 -17.92 -34.33 27.53
CA PHE N 83 -19.31 -34.23 27.95
C PHE N 83 -20.28 -35.24 27.33
N VAL N 84 -20.19 -35.45 26.01
CA VAL N 84 -21.13 -36.39 25.36
C VAL N 84 -20.98 -37.80 25.96
N LYS N 85 -22.11 -38.52 26.10
CA LYS N 85 -22.10 -39.91 26.64
C LYS N 85 -21.26 -40.83 25.74
N ALA N 86 -21.37 -40.65 24.42
CA ALA N 86 -20.73 -41.53 23.46
C ALA N 86 -19.22 -41.40 23.52
N ASP N 87 -18.54 -42.49 23.27
CA ASP N 87 -17.09 -42.50 23.15
C ASP N 87 -16.70 -41.77 21.88
N VAL N 88 -15.64 -40.98 21.96
CA VAL N 88 -15.13 -40.25 20.82
C VAL N 88 -13.80 -40.85 20.47
N GLN N 89 -13.72 -41.53 19.31
CA GLN N 89 -12.46 -42.02 18.76
C GLN N 89 -11.80 -40.89 17.98
N THR N 90 -10.48 -40.84 17.99
CA THR N 90 -9.73 -39.86 17.28
C THR N 90 -8.69 -40.53 16.40
N ILE N 91 -8.58 -40.07 15.15
CA ILE N 91 -7.58 -40.56 14.20
C ILE N 91 -6.85 -39.35 13.63
N VAL N 92 -5.55 -39.27 13.82
CA VAL N 92 -4.81 -38.26 13.17
C VAL N 92 -4.34 -38.78 11.79
N MET N 93 -4.49 -37.94 10.78
CA MET N 93 -4.03 -38.18 9.40
C MET N 93 -3.25 -36.91 9.02
N GLY N 94 -2.02 -37.07 8.61
CA GLY N 94 -1.22 -35.92 8.26
C GLY N 94 -0.59 -35.24 9.44
N MET N 95 -1.30 -34.33 10.08
CA MET N 95 -0.71 -33.56 11.16
C MET N 95 -1.69 -33.36 12.30
N ALA N 96 -1.19 -33.41 13.52
CA ALA N 96 -1.93 -32.89 14.69
C ALA N 96 -0.91 -32.15 15.51
N ALA N 97 -0.89 -30.83 15.39
CA ALA N 97 0.07 -30.01 16.13
C ALA N 97 -0.69 -29.13 17.09
N SER N 98 -0.05 -28.86 18.23
CA SER N 98 -0.56 -27.92 19.24
C SER N 98 -1.97 -28.33 19.63
N MET N 99 -2.93 -27.48 19.52
CA MET N 99 -4.26 -27.86 19.94
C MET N 99 -4.78 -29.09 19.19
N GLY N 100 -4.24 -29.34 17.99
CA GLY N 100 -4.60 -30.56 17.24
C GLY N 100 -4.18 -31.84 17.94
N SER N 101 -2.95 -31.86 18.44
CA SER N 101 -2.46 -32.99 19.22
C SER N 101 -3.15 -33.12 20.59
N PHE N 102 -3.53 -31.98 21.17
CA PHE N 102 -4.29 -31.98 22.42
C PHE N 102 -5.66 -32.62 22.23
N LEU N 103 -6.37 -32.30 21.17
CA LEU N 103 -7.65 -32.96 20.88
C LEU N 103 -7.49 -34.45 20.46
N LEU N 104 -6.40 -34.80 19.77
CA LEU N 104 -6.12 -36.18 19.44
C LEU N 104 -6.05 -37.02 20.73
N THR N 105 -5.23 -36.57 21.67
CA THR N 105 -5.04 -37.29 22.90
C THR N 105 -6.24 -37.26 23.86
N ALA N 106 -7.22 -36.44 23.56
CA ALA N 106 -8.47 -36.39 24.32
C ALA N 106 -9.46 -37.43 23.89
N GLY N 107 -9.19 -38.17 22.81
CA GLY N 107 -10.13 -39.21 22.41
C GLY N 107 -10.20 -40.21 23.54
N THR N 108 -11.29 -40.98 23.59
CA THR N 108 -11.46 -42.03 24.60
C THR N 108 -10.25 -42.96 24.63
N LYS N 109 -9.74 -43.26 25.82
CA LYS N 109 -8.56 -44.10 25.91
C LYS N 109 -8.85 -45.49 25.36
N GLY N 110 -7.85 -46.04 24.67
CA GLY N 110 -8.00 -47.23 23.85
C GLY N 110 -8.45 -46.97 22.43
N LYS N 111 -8.96 -45.77 22.14
CA LYS N 111 -9.46 -45.45 20.81
C LYS N 111 -8.88 -44.18 20.17
N ARG N 112 -7.58 -43.97 20.32
CA ARG N 112 -6.88 -42.86 19.79
C ARG N 112 -5.81 -43.42 18.86
N PHE N 113 -5.90 -43.05 17.58
CA PHE N 113 -5.11 -43.64 16.53
C PHE N 113 -4.34 -42.61 15.71
N ALA N 114 -3.25 -43.04 15.11
CA ALA N 114 -2.56 -42.32 14.08
C ALA N 114 -2.33 -43.19 12.82
N LEU N 115 -2.56 -42.62 11.64
CA LEU N 115 -2.11 -43.24 10.44
C LEU N 115 -0.57 -43.22 10.43
N PRO N 116 0.06 -44.18 9.74
CA PRO N 116 1.49 -44.49 9.93
C PRO N 116 2.47 -43.37 9.70
N ASN N 117 2.13 -42.47 8.81
CA ASN N 117 3.02 -41.32 8.51
C ASN N 117 2.54 -39.96 9.06
N ALA N 118 1.66 -39.98 10.07
CA ALA N 118 1.21 -38.77 10.70
C ALA N 118 2.37 -38.16 11.49
N GLU N 119 2.36 -36.83 11.55
CA GLU N 119 3.26 -36.00 12.34
C GLU N 119 2.41 -35.48 13.55
N ILE N 120 2.95 -35.61 14.76
CA ILE N 120 2.31 -35.10 15.96
C ILE N 120 3.29 -34.15 16.60
N MET N 121 2.79 -33.00 17.02
CA MET N 121 3.68 -32.02 17.67
C MET N 121 3.03 -31.44 18.91
N ILE N 122 3.84 -31.34 19.97
CA ILE N 122 3.43 -30.72 21.23
C ILE N 122 4.41 -29.64 21.59
N HIS N 123 3.88 -28.55 22.17
CA HIS N 123 4.71 -27.39 22.58
C HIS N 123 3.97 -26.57 23.63
N GLN N 124 4.46 -25.37 23.94
CA GLN N 124 3.76 -24.53 24.91
C GLN N 124 2.86 -23.54 24.18
N PRO N 125 1.80 -23.06 24.88
CA PRO N 125 0.95 -22.00 24.34
C PRO N 125 1.72 -20.73 23.96
N LEU N 126 1.19 -20.07 22.94
CA LEU N 126 1.77 -18.89 22.32
C LEU N 126 0.82 -17.71 22.53
N GLY N 127 1.40 -16.52 22.71
CA GLY N 127 0.58 -15.36 22.93
C GLY N 127 1.36 -14.09 22.83
N GLY N 128 0.68 -13.02 23.24
CA GLY N 128 1.22 -11.69 23.19
C GLY N 128 0.57 -10.81 24.23
N ALA N 129 1.34 -9.85 24.73
CA ALA N 129 0.79 -8.85 25.60
C ALA N 129 1.48 -7.54 25.35
N GLN N 130 0.71 -6.46 25.45
CA GLN N 130 1.18 -5.12 25.20
C GLN N 130 0.55 -4.19 26.25
N GLY N 131 1.33 -3.23 26.75
CA GLY N 131 0.75 -2.18 27.58
C GLY N 131 1.58 -1.85 28.77
N GLN N 132 0.89 -1.49 29.87
CA GLN N 132 1.55 -1.16 31.10
C GLN N 132 2.08 -2.43 31.74
N ALA N 133 3.15 -2.29 32.51
CA ALA N 133 3.68 -3.39 33.30
C ALA N 133 2.62 -4.25 33.98
N THR N 134 1.67 -3.63 34.62
CA THR N 134 0.58 -4.35 35.25
C THR N 134 -0.24 -5.19 34.27
N GLU N 135 -0.45 -4.68 33.07
CA GLU N 135 -1.27 -5.35 32.10
C GLU N 135 -0.52 -6.58 31.56
N ILE N 136 0.79 -6.41 31.38
CA ILE N 136 1.67 -7.48 30.94
C ILE N 136 1.75 -8.58 32.01
N GLU N 137 1.80 -8.22 33.30
CA GLU N 137 1.76 -9.20 34.40
C GLU N 137 0.47 -9.99 34.39
N ILE N 138 -0.65 -9.34 34.17
CA ILE N 138 -1.94 -10.04 34.11
C ILE N 138 -1.97 -11.04 32.97
N ALA N 139 -1.42 -10.66 31.81
CA ALA N 139 -1.40 -11.53 30.63
C ALA N 139 -0.42 -12.71 30.79
N ALA N 140 0.76 -12.41 31.33
CA ALA N 140 1.71 -13.43 31.75
C ALA N 140 1.11 -14.46 32.74
N ARG N 141 0.45 -14.00 33.78
CA ARG N 141 -0.21 -14.93 34.73
C ARG N 141 -1.19 -15.80 34.00
N HIS N 142 -1.92 -15.22 33.07
CA HIS N 142 -3.01 -15.92 32.41
C HIS N 142 -2.48 -17.00 31.49
N ILE N 143 -1.47 -16.71 30.71
CA ILE N 143 -0.94 -17.70 29.82
C ILE N 143 -0.21 -18.84 30.61
N LEU N 144 0.51 -18.50 31.69
CA LEU N 144 1.17 -19.49 32.52
C LEU N 144 0.14 -20.39 33.19
N GLN N 145 -0.99 -19.85 33.60
CA GLN N 145 -2.07 -20.67 34.14
C GLN N 145 -2.65 -21.57 33.07
N THR N 146 -2.75 -21.07 31.86
CA THR N 146 -3.22 -21.86 30.75
C THR N 146 -2.23 -22.99 30.45
N ARG N 147 -0.92 -22.72 30.40
CA ARG N 147 0.07 -23.77 30.23
C ARG N 147 -0.06 -24.86 31.31
N GLU N 148 -0.25 -24.46 32.56
CA GLU N 148 -0.28 -25.37 33.68
C GLU N 148 -1.51 -26.27 33.60
N ARG N 149 -2.64 -25.72 33.22
CA ARG N 149 -3.87 -26.49 33.09
C ARG N 149 -3.79 -27.49 31.95
N LEU N 150 -3.23 -27.10 30.82
CA LEU N 150 -3.11 -27.98 29.68
C LEU N 150 -2.11 -29.13 29.96
N ASN N 151 -0.96 -28.80 30.56
CA ASN N 151 0.00 -29.76 30.98
C ASN N 151 -0.56 -30.79 31.98
N LYS N 152 -1.38 -30.37 32.93
CA LYS N 152 -1.96 -31.31 33.85
C LYS N 152 -2.85 -32.27 33.10
N ILE N 153 -3.62 -31.75 32.14
CA ILE N 153 -4.48 -32.61 31.33
C ILE N 153 -3.65 -33.59 30.51
N LEU N 154 -2.53 -33.12 29.98
CA LEU N 154 -1.67 -33.98 29.19
C LEU N 154 -1.09 -35.11 30.05
N ALA N 155 -0.65 -34.75 31.25
CA ALA N 155 -0.15 -35.71 32.19
C ALA N 155 -1.19 -36.83 32.39
N GLU N 156 -2.45 -36.47 32.64
CA GLU N 156 -3.51 -37.44 32.81
C GLU N 156 -3.78 -38.25 31.56
N ARG N 157 -3.77 -37.62 30.40
CA ARG N 157 -4.05 -38.30 29.14
C ARG N 157 -2.96 -39.25 28.65
N THR N 158 -1.72 -38.96 28.99
CA THR N 158 -0.61 -39.73 28.61
C THR N 158 -0.11 -40.74 29.67
N GLY N 159 -0.40 -40.51 30.94
CA GLY N 159 0.28 -41.18 32.02
C GLY N 159 1.65 -40.64 32.39
N GLN N 160 2.20 -39.70 31.65
CA GLN N 160 3.52 -39.18 31.99
C GLN N 160 3.36 -38.34 33.24
N PRO N 161 4.39 -38.25 34.06
CA PRO N 161 4.37 -37.25 35.12
C PRO N 161 4.50 -35.78 34.61
N LEU N 162 3.86 -34.88 35.35
CA LEU N 162 3.81 -33.47 35.06
C LEU N 162 5.15 -32.83 34.71
N GLU N 163 6.18 -33.18 35.44
CA GLU N 163 7.50 -32.58 35.20
C GLU N 163 8.12 -33.02 33.86
N VAL N 164 7.73 -34.20 33.38
CA VAL N 164 8.18 -34.69 32.09
C VAL N 164 7.44 -33.93 30.95
N ILE N 165 6.14 -33.74 31.11
CA ILE N 165 5.38 -32.97 30.19
C ILE N 165 5.95 -31.56 30.10
N GLU N 166 6.32 -30.94 31.21
CA GLU N 166 6.91 -29.60 31.18
C GLU N 166 8.22 -29.58 30.38
N LYS N 167 9.13 -30.53 30.62
CA LYS N 167 10.44 -30.55 29.89
C LYS N 167 10.19 -30.74 28.38
N ASP N 168 9.22 -31.58 28.05
CA ASP N 168 9.00 -32.05 26.70
C ASP N 168 8.19 -31.09 25.82
N THR N 169 7.43 -30.20 26.45
CA THR N 169 6.73 -29.12 25.77
C THR N 169 7.48 -27.77 25.79
N ASP N 170 8.67 -27.71 26.36
CA ASP N 170 9.41 -26.48 26.42
C ASP N 170 9.64 -25.85 25.05
N ARG N 171 10.00 -26.69 24.07
CA ARG N 171 10.18 -26.29 22.65
C ARG N 171 9.36 -27.20 21.76
N ASP N 172 9.26 -26.84 20.50
CA ASP N 172 8.56 -27.66 19.51
C ASP N 172 9.12 -29.08 19.54
N ASN N 173 8.23 -30.05 19.69
CA ASN N 173 8.61 -31.43 19.90
C ASN N 173 7.81 -32.26 18.92
N TYR N 174 8.46 -32.62 17.80
CA TYR N 174 7.84 -33.39 16.71
C TYR N 174 8.00 -34.85 17.00
N MET N 175 6.90 -35.58 16.86
CA MET N 175 6.91 -37.02 17.05
C MET N 175 6.32 -37.75 15.85
N THR N 176 6.94 -38.87 15.53
CA THR N 176 6.38 -39.99 14.75
C THR N 176 5.14 -40.59 15.39
N ALA N 177 4.31 -41.24 14.60
CA ALA N 177 3.17 -42.03 15.16
C ALA N 177 3.63 -43.08 16.21
N GLU N 178 4.64 -43.86 15.90
CA GLU N 178 5.25 -44.76 16.88
C GLU N 178 5.75 -44.04 18.12
N GLN N 179 6.52 -42.96 17.97
CA GLN N 179 6.96 -42.15 19.11
C GLN N 179 5.78 -41.66 20.02
N ALA N 180 4.68 -41.28 19.40
CA ALA N 180 3.52 -40.83 20.11
C ALA N 180 2.83 -41.92 20.85
N LYS N 181 2.87 -43.14 20.28
CA LYS N 181 2.31 -44.33 20.96
C LYS N 181 3.15 -44.65 22.19
N ALA N 182 4.45 -44.65 22.04
CA ALA N 182 5.36 -44.84 23.14
C ALA N 182 5.20 -43.82 24.23
N TYR N 183 4.91 -42.58 23.84
CA TYR N 183 4.77 -41.45 24.79
C TYR N 183 3.44 -41.43 25.50
N GLY N 184 2.42 -42.10 24.96
CA GLY N 184 1.09 -42.13 25.60
C GLY N 184 0.03 -41.29 24.96
N LEU N 185 0.38 -40.52 23.94
CA LEU N 185 -0.59 -39.61 23.26
C LEU N 185 -1.63 -40.35 22.51
N ILE N 186 -1.22 -41.44 21.86
CA ILE N 186 -2.16 -42.38 21.18
C ILE N 186 -1.98 -43.82 21.66
N ASP N 187 -2.98 -44.62 21.35
CA ASP N 187 -3.05 -46.04 21.67
C ASP N 187 -2.48 -46.96 20.58
N GLU N 188 -2.85 -46.74 19.33
CA GLU N 188 -2.36 -47.57 18.24
C GLU N 188 -2.04 -46.77 16.97
N VAL N 189 -1.04 -47.25 16.23
CA VAL N 189 -0.81 -46.86 14.84
C VAL N 189 -1.59 -47.80 13.94
N MET N 190 -2.52 -47.31 13.13
CA MET N 190 -3.25 -48.24 12.26
C MET N 190 -2.67 -48.42 10.86
N GLU N 191 -2.23 -49.66 10.55
CA GLU N 191 -1.81 -50.12 9.20
C GLU N 191 -2.92 -50.95 8.52
C1 MPD O . 31.93 -14.82 -6.44
C2 MPD O . 30.84 -15.83 -6.17
O2 MPD O . 29.64 -15.12 -5.89
CM MPD O . 30.59 -16.71 -7.39
C3 MPD O . 31.21 -16.68 -4.98
C4 MPD O . 32.69 -17.00 -4.89
O4 MPD O . 32.98 -17.58 -3.63
C5 MPD O . 33.15 -17.96 -5.98
C8 EZA P . 46.42 -3.32 11.62
C5 EZA P . 46.08 1.61 11.74
C6 EZA P . 45.92 0.47 11.05
N6 EZA P . 51.88 -3.89 13.71
N1 EZA P . 46.07 -2.10 11.01
C2 EZA P . 46.75 5.21 10.58
N3 EZA P . 49.08 -1.94 7.76
C4 EZA P . 45.73 2.93 11.13
C1 EZA P . 45.87 5.99 11.53
C3 EZA P . 47.04 3.75 10.96
C7 EZA P . 46.30 -0.83 11.76
O1 EZA P . 46.74 -0.80 12.90
C9 EZA P . 45.76 -4.55 10.98
C10 EZA P . 44.32 -4.63 11.44
C11 EZA P . 43.96 -5.17 12.66
C12 EZA P . 42.62 -5.19 13.06
F1 EZA P . 42.23 -5.68 14.24
C13 EZA P . 41.63 -4.69 12.25
C14 EZA P . 42.02 -4.17 11.02
F2 EZA P . 41.09 -3.68 10.25
C15 EZA P . 43.34 -4.10 10.59
C16 EZA P . 47.92 -3.42 11.48
O2 EZA P . 48.42 -4.16 10.64
N2 EZA P . 48.76 -2.59 12.37
C17 EZA P . 50.18 -2.65 12.27
C18 EZA P . 50.76 -1.38 11.69
O3 EZA P . 50.38 -1.22 10.31
C19 EZA P . 51.01 -2.00 9.23
O4 EZA P . 51.91 -2.77 9.40
C20 EZA P . 50.43 -1.68 8.03
C21 EZA P . 50.81 -0.40 7.52
C22 EZA P . 49.53 0.34 7.90
C23 EZA P . 49.35 1.71 7.14
C24 EZA P . 48.44 -0.61 7.65
C25 EZA P . 48.40 -3.23 7.67
O5 EZA P . 47.20 -3.25 7.45
C26 EZA P . 49.15 -4.51 7.78
C27 EZA P . 48.92 -5.41 6.64
N4 EZA P . 50.06 -4.90 8.84
C28 EZA P . 51.36 -5.56 8.58
O6 EZA P . 51.73 -5.75 7.44
C29 EZA P . 52.25 -5.98 9.74
C30 EZA P . 53.13 -7.11 9.27
C31 EZA P . 52.61 -8.48 9.61
C32 EZA P . 51.16 -8.53 9.66
C33 EZA P . 50.64 -7.57 10.72
N5 EZA P . 51.53 -6.41 10.87
C34 EZA P . 51.56 -5.79 12.23
O7 EZA P . 50.83 -6.29 13.08
C35 EZA P . 52.41 -4.63 12.58
C36 EZA P . 53.74 -5.11 13.08
C37 EZA P . 53.94 -4.48 14.41
C38 EZA P . 52.60 -4.22 14.95
C39 EZA P . 50.80 -2.90 13.64
O8 EZA P . 50.42 -2.30 14.64
C1 MPD Q . 25.71 -12.49 20.38
C2 MPD Q . 24.60 -13.20 21.07
O2 MPD Q . 23.37 -12.67 20.51
CM MPD Q . 24.72 -14.67 20.75
C3 MPD Q . 24.56 -12.96 22.57
C4 MPD Q . 25.84 -13.11 23.34
O4 MPD Q . 25.53 -12.76 24.67
C5 MPD Q . 26.38 -14.54 23.37
C1 MPD R . 9.88 6.00 33.81
C2 MPD R . 8.42 5.71 33.75
O2 MPD R . 8.07 5.67 32.39
CM MPD R . 8.11 4.36 34.43
C3 MPD R . 7.69 6.90 34.31
C4 MPD R . 8.17 7.45 35.63
O4 MPD R . 7.16 8.39 35.94
C5 MPD R . 8.29 6.46 36.79
C8 EZA S . 17.36 31.43 32.60
C5 EZA S . 21.18 32.58 30.03
C6 EZA S . 20.02 31.87 29.85
N6 EZA S . 17.89 35.27 36.98
N1 EZA S . 18.43 31.22 31.72
C2 EZA S . 23.32 31.89 26.87
N3 EZA S . 21.06 29.70 34.61
C4 EZA S . 22.42 32.28 29.22
C1 EZA S . 23.95 33.10 26.21
C3 EZA S . 22.09 32.24 27.70
C7 EZA S . 18.83 32.26 30.73
O1 EZA S . 18.34 33.37 30.57
C9 EZA S . 16.70 30.12 33.04
C10 EZA S . 15.58 29.62 32.17
C11 EZA S . 14.42 30.35 31.93
C12 EZA S . 13.41 29.81 31.13
F1 EZA S . 12.31 30.52 30.88
C13 EZA S . 13.55 28.52 30.59
C14 EZA S . 14.72 27.77 30.87
F2 EZA S . 14.94 26.52 30.44
C15 EZA S . 15.71 28.33 31.66
C16 EZA S . 17.87 32.02 33.91
O2 EZA S . 17.66 31.42 34.97
N2 EZA S . 18.60 33.31 33.92
C17 EZA S . 19.04 33.83 35.18
C18 EZA S . 20.53 34.16 35.21
O3 EZA S . 21.35 33.00 34.93
C19 EZA S . 21.53 31.91 35.90
O4 EZA S . 21.44 32.06 37.10
C20 EZA S . 21.88 30.71 35.27
C21 EZA S . 23.23 30.55 34.82
C22 EZA S . 22.94 30.33 33.37
C23 EZA S . 24.17 29.73 32.58
C24 EZA S . 21.74 29.47 33.32
C25 EZA S . 19.83 28.95 34.95
O5 EZA S . 19.47 28.15 34.10
C26 EZA S . 19.08 29.04 36.27
C27 EZA S . 18.70 27.74 36.87
N4 EZA S . 18.81 30.21 37.07
C28 EZA S . 19.29 30.32 38.47
O6 EZA S . 19.97 29.44 38.98
C29 EZA S . 18.95 31.57 39.25
C30 EZA S . 18.92 31.24 40.72
C31 EZA S . 17.54 30.94 41.29
C32 EZA S . 16.67 30.26 40.34
C33 EZA S . 16.53 31.06 39.05
N5 EZA S . 17.66 32.00 38.87
C34 EZA S . 17.33 33.36 38.28
O7 EZA S . 16.16 33.57 37.98
C35 EZA S . 18.33 34.41 38.06
C36 EZA S . 18.35 35.36 39.21
C37 EZA S . 17.28 36.34 38.96
C38 EZA S . 17.11 36.42 37.49
C39 EZA S . 18.21 35.05 35.57
O8 EZA S . 17.79 35.83 34.71
C1 MPD T . -4.92 27.06 22.79
C2 MPD T . -6.25 26.73 22.18
O2 MPD T . -6.00 25.81 21.10
CM MPD T . -7.14 26.04 23.20
C3 MPD T . -6.90 27.98 21.61
C4 MPD T . -6.76 29.25 22.40
O4 MPD T . -7.28 30.28 21.58
C5 MPD T . -7.54 29.17 23.69
C8 EZA U . 8.92 46.30 10.96
C5 EZA U . 13.57 44.92 10.04
C6 EZA U . 12.36 44.64 10.62
N6 EZA U . 8.74 52.08 11.44
N1 EZA U . 10.03 45.47 11.18
C2 EZA U . 17.09 44.27 9.69
N3 EZA U . 11.20 46.61 14.90
C4 EZA U . 14.72 44.01 10.31
C1 EZA U . 18.11 44.14 8.57
C3 EZA U . 15.70 44.02 9.14
C7 EZA U . 11.22 45.60 10.32
O1 EZA U . 11.34 46.41 9.41
C9 EZA U . 7.62 45.68 11.47
C10 EZA U . 7.12 44.61 10.55
C11 EZA U . 6.39 44.92 9.40
C12 EZA U . 5.92 43.89 8.58
F1 EZA U . 5.22 44.17 7.46
C13 EZA U . 6.19 42.55 8.90
C14 EZA U . 6.93 42.27 10.08
F2 EZA U . 7.21 41.03 10.46
C15 EZA U . 7.38 43.28 10.89
C16 EZA U . 9.06 47.64 11.68
O2 EZA U . 8.34 47.90 12.64
N2 EZA U . 10.03 48.65 11.18
C17 EZA U . 10.14 49.92 11.84
C18 EZA U . 11.55 50.24 12.28
O3 EZA U . 12.05 49.20 13.16
C19 EZA U . 11.66 49.14 14.57
O4 EZA U . 11.24 50.09 15.22
C20 EZA U . 11.89 47.87 15.13
C21 EZA U . 13.18 47.60 15.66
C22 EZA U . 13.53 46.50 14.71
C23 EZA U . 14.74 45.63 15.25
C24 EZA U . 12.30 45.71 14.50
C25 EZA U . 9.81 46.17 14.99
O5 EZA U . 9.60 44.98 14.73
C26 EZA U . 8.67 47.06 15.47
C27 EZA U . 7.79 46.47 16.52
N4 EZA U . 8.38 48.43 15.08
C28 EZA U . 8.31 49.56 16.07
O6 EZA U . 8.53 49.35 17.25
C29 EZA U . 7.95 50.95 15.60
C30 EZA U . 7.34 51.69 16.77
C31 EZA U . 5.83 51.69 16.79
C32 EZA U . 5.23 50.45 16.23
C33 EZA U . 5.71 50.17 14.82
N5 EZA U . 7.00 50.88 14.56
C34 EZA U . 7.20 51.47 13.17
O7 EZA U . 6.32 51.34 12.32
C35 EZA U . 8.42 52.22 12.84
C36 EZA U . 8.15 53.68 12.95
C37 EZA U . 7.61 54.11 11.64
C38 EZA U . 8.17 53.18 10.65
C39 EZA U . 9.59 51.00 10.90
O8 EZA U . 9.82 50.99 9.68
C1 MPD V . -6.63 34.49 -4.06
C2 MPD V . -7.64 33.77 -4.90
O2 MPD V . -7.16 32.44 -4.92
CM MPD V . -8.98 33.83 -4.19
C3 MPD V . -7.71 34.29 -6.32
C4 MPD V . -7.38 35.76 -6.54
O4 MPD V . -7.20 35.95 -7.92
C5 MPD V . -8.53 36.65 -6.06
C8 EZA W . 15.40 43.02 -15.91
C5 EZA W . 19.32 41.99 -13.24
C6 EZA W . 17.99 41.81 -13.42
N6 EZA W . 16.55 47.73 -19.12
N1 EZA W . 16.02 42.61 -14.73
C2 EZA W . 22.36 41.63 -11.39
N3 EZA W . 15.53 46.01 -12.38
C4 EZA W . 19.93 41.58 -11.96
C1 EZA W . 23.18 40.58 -10.66
C3 EZA W . 21.30 40.97 -12.23
C7 EZA W . 17.44 42.26 -14.75
O1 EZA W . 18.16 42.31 -15.73
C9 EZA W . 13.90 42.81 -15.82
C10 EZA W . 13.49 41.38 -15.99
C11 EZA W . 13.36 40.83 -17.26
C12 EZA W . 12.96 39.52 -17.41
F1 EZA W . 12.87 39.03 -18.63
C13 EZA W . 12.67 38.72 -16.30
C14 EZA W . 12.79 39.30 -15.01
F2 EZA W . 12.52 38.64 -13.88
C15 EZA W . 13.20 40.62 -14.86
C16 EZA W . 15.61 44.51 -16.17
O2 EZA W . 14.68 45.28 -16.00
N2 EZA W . 16.91 45.01 -16.67
C17 EZA W . 17.04 46.42 -16.93
C18 EZA W . 18.10 47.07 -16.08
O3 EZA W . 17.81 46.86 -14.67
C19 EZA W . 16.80 47.65 -13.95
O4 EZA W . 16.35 48.71 -14.33
C20 EZA W . 16.44 47.08 -12.73
C21 EZA W . 17.30 47.41 -11.62
C22 EZA W . 17.56 45.99 -11.20
C23 EZA W . 18.00 45.88 -9.69
C24 EZA W . 16.36 45.20 -11.49
C25 EZA W . 14.14 45.69 -12.69
O5 EZA W . 13.70 44.67 -12.17
C26 EZA W . 13.20 46.53 -13.56
C27 EZA W . 11.72 46.49 -13.15
N4 EZA W . 13.62 47.33 -14.70
C28 EZA W . 13.12 48.69 -14.94
O6 EZA W . 12.32 49.19 -14.18
C29 EZA W . 13.63 49.40 -16.17
C30 EZA W . 12.91 50.72 -16.30
C31 EZA W . 11.68 50.66 -17.19
C32 EZA W . 10.97 49.36 -17.14
C33 EZA W . 11.89 48.20 -17.47
N5 EZA W . 13.30 48.65 -17.32
C34 EZA W . 14.26 48.29 -18.45
O7 EZA W . 13.84 47.63 -19.38
C35 EZA W . 15.67 48.70 -18.48
C36 EZA W . 15.81 49.88 -19.40
C37 EZA W . 16.03 49.34 -20.75
C38 EZA W . 16.70 48.03 -20.55
C39 EZA W . 17.26 46.63 -18.43
O8 EZA W . 17.99 45.86 -19.07
C1 MPD X . 5.35 22.93 -26.20
C2 MPD X . 4.69 21.79 -26.90
O2 MPD X . 4.61 20.71 -25.92
CM MPD X . 3.28 22.27 -27.24
C3 MPD X . 5.48 21.40 -28.17
C4 MPD X . 6.06 22.53 -29.02
O4 MPD X . 7.13 22.08 -29.85
C5 MPD X . 5.00 23.16 -29.92
C8 EZA Y . 31.80 23.62 -27.37
C5 EZA Y . 33.97 25.48 -23.54
C6 EZA Y . 32.86 24.73 -23.80
N6 EZA Y . 35.67 25.78 -31.39
N1 EZA Y . 31.78 24.21 -26.08
C2 EZA Y . 35.10 26.19 -20.02
N3 EZA Y . 31.17 28.30 -26.98
C4 EZA Y . 34.10 26.28 -22.27
C1 EZA Y . 35.74 25.28 -18.99
C3 EZA Y . 34.44 25.35 -21.11
C7 EZA Y . 32.94 24.04 -25.17
O1 EZA Y . 33.98 23.46 -25.46
C9 EZA Y . 30.40 23.40 -27.95
C10 EZA Y . 29.74 22.19 -27.38
C11 EZA Y . 30.14 20.90 -27.73
C12 EZA Y . 29.49 19.80 -27.17
F1 EZA Y . 29.89 18.56 -27.49
C13 EZA Y . 28.45 19.96 -26.26
C14 EZA Y . 28.04 21.27 -25.92
F2 EZA Y . 27.02 21.49 -25.09
C15 EZA Y . 28.67 22.37 -26.47
C16 EZA Y . 32.48 24.61 -28.29
O2 EZA Y . 31.78 25.20 -29.11
N2 EZA Y . 33.95 24.83 -28.20
C17 EZA Y . 34.56 25.78 -29.07
C18 EZA Y . 35.17 26.87 -28.23
O3 EZA Y . 34.10 27.59 -27.56
C19 EZA Y . 33.29 28.56 -28.28
O4 EZA Y . 33.51 28.93 -29.42
C20 EZA Y . 32.27 29.04 -27.49
C21 EZA Y . 32.58 30.11 -26.60
C22 EZA Y . 32.43 29.36 -25.33
C23 EZA Y . 32.16 30.31 -24.10
C24 EZA Y . 31.35 28.37 -25.53
C25 EZA Y . 30.03 27.61 -27.61
O5 EZA Y . 29.24 27.09 -26.84
C26 EZA Y . 29.79 27.59 -29.13
C27 EZA Y . 28.38 27.85 -29.56
N4 EZA Y . 30.80 27.43 -30.15
C28 EZA Y . 31.01 28.45 -31.20
O6 EZA Y . 30.34 29.48 -31.22
C29 EZA Y . 32.08 28.25 -32.26
C30 EZA Y . 31.65 28.98 -33.51
C31 EZA Y . 30.84 28.18 -34.51
C32 EZA Y . 30.15 27.05 -33.88
C33 EZA Y . 31.09 26.14 -33.13
N5 EZA Y . 32.24 26.89 -32.59
C34 EZA Y . 33.55 26.14 -32.44
O7 EZA Y . 33.57 24.94 -32.76
C35 EZA Y . 34.77 26.78 -31.93
C36 EZA Y . 35.56 27.42 -33.02
C37 EZA Y . 36.87 26.69 -33.08
C38 EZA Y . 36.65 25.40 -32.41
C39 EZA Y . 35.63 25.23 -30.00
O8 EZA Y . 36.44 24.38 -29.61
C1 MPD Z . 22.32 1.16 -27.31
C2 MPD Z . 21.70 -0.18 -27.40
O2 MPD Z . 20.97 -0.53 -26.22
CM MPD Z . 20.69 -0.13 -28.52
C3 MPD Z . 22.76 -1.25 -27.44
C4 MPD Z . 23.94 -0.99 -28.33
O4 MPD Z . 24.91 -1.91 -27.91
C5 MPD Z . 23.55 -1.21 -29.79
C1 MPD AA . 7.62 -34.62 -1.69
C2 MPD AA . 8.87 -33.97 -2.15
O2 MPD AA . 8.61 -32.57 -2.31
CM MPD AA . 9.91 -34.09 -1.03
C3 MPD AA . 9.35 -34.54 -3.48
C4 MPD AA . 9.16 -36.03 -3.67
O4 MPD AA . 9.52 -36.36 -4.99
C5 MPD AA . 10.08 -36.82 -2.75
C8 EZA BA . -9.82 -43.22 -19.30
C5 EZA BA . -14.35 -41.78 -17.99
C6 EZA BA . -13.14 -42.29 -17.60
N6 EZA BA . -9.69 -47.96 -22.50
N1 EZA BA . -10.77 -42.90 -18.31
C2 EZA BA . -17.82 -41.24 -16.59
N3 EZA BA . -11.54 -46.17 -16.01
C4 EZA BA . -15.36 -41.35 -16.96
C1 EZA BA . -18.59 -39.95 -16.80
C3 EZA BA . -16.74 -41.40 -17.63
C7 EZA BA . -12.18 -42.67 -18.71
O1 EZA BA . -12.59 -42.74 -19.85
C9 EZA BA . -8.40 -42.94 -18.82
C10 EZA BA . -8.06 -41.49 -18.85
C11 EZA BA . -7.77 -40.81 -20.04
C12 EZA BA . -7.44 -39.47 -20.02
F1 EZA BA . -7.17 -38.81 -21.16
C13 EZA BA . -7.39 -38.77 -18.80
C14 EZA BA . -7.67 -39.46 -17.61
F2 EZA BA . -7.62 -38.89 -16.42
C15 EZA BA . -8.01 -40.81 -17.62
C16 EZA BA . -9.86 -44.70 -19.67
O2 EZA BA . -8.89 -45.43 -19.42
N2 EZA BA . -11.04 -45.28 -20.38
C17 EZA BA . -11.04 -46.67 -20.72
C18 EZA BA . -12.36 -47.33 -20.38
O3 EZA BA . -12.69 -47.14 -18.97
C19 EZA BA . -12.05 -47.89 -17.89
O4 EZA BA . -11.51 -48.97 -18.06
C20 EZA BA . -12.19 -47.31 -16.62
C21 EZA BA . -13.35 -47.75 -15.83
C22 EZA BA . -13.82 -46.38 -15.49
C23 EZA BA . -14.69 -46.37 -14.16
C24 EZA BA . -12.68 -45.44 -15.42
C25 EZA BA . -10.15 -45.70 -15.90
O5 EZA BA . -9.99 -44.65 -15.30
C26 EZA BA . -8.93 -46.46 -16.44
C27 EZA BA . -7.65 -46.26 -15.65
N4 EZA BA . -8.82 -47.36 -17.57
C28 EZA BA . -8.37 -48.75 -17.40
O6 EZA BA . -8.10 -49.16 -16.29
C29 EZA BA . -8.23 -49.61 -18.62
C30 EZA BA . -7.58 -50.91 -18.23
C31 EZA BA . -6.07 -50.92 -18.41
C32 EZA BA . -5.45 -49.60 -18.23
C33 EZA BA . -6.02 -48.55 -19.16
N5 EZA BA . -7.41 -48.94 -19.56
C34 EZA BA . -7.83 -48.56 -20.99
O7 EZA BA . -7.02 -47.98 -21.68
C35 EZA BA . -9.15 -48.91 -21.54
C36 EZA BA . -9.08 -50.15 -22.39
C37 EZA BA . -9.13 -49.76 -23.82
C38 EZA BA . -9.26 -48.30 -23.86
C39 EZA BA . -10.65 -46.88 -22.19
O8 EZA BA . -11.06 -46.16 -23.10
C1 MPD CA . 2.64 -23.31 -26.46
C2 MPD CA . 3.55 -22.16 -26.76
O2 MPD CA . 3.33 -21.15 -25.75
CM MPD CA . 5.00 -22.64 -26.75
C3 MPD CA . 3.20 -21.56 -28.09
C4 MPD CA . 2.72 -22.48 -29.19
O4 MPD CA . 2.34 -21.56 -30.17
C5 MPD CA . 3.80 -23.40 -29.72
C1 MPD DA . -13.17 -1.37 -32.90
C2 MPD DA . -12.62 -0.02 -32.70
O2 MPD DA . -12.33 0.02 -31.28
CM MPD DA . -11.30 0.10 -33.46
C3 MPD DA . -13.70 1.01 -33.10
C4 MPD DA . -14.53 0.67 -34.33
O4 MPD DA . -15.71 1.47 -34.46
C5 MPD DA . -13.65 0.83 -35.58
C8 EZA EA . -39.21 -3.46 -27.71
C5 EZA EA . -40.27 -7.31 -24.84
C6 EZA EA . -39.33 -6.56 -25.49
N6 EZA EA . -44.08 -2.67 -31.21
N1 EZA EA . -38.90 -4.66 -27.09
C2 EZA EA . -40.93 -10.57 -23.14
N3 EZA EA . -38.95 -7.22 -30.49
C4 EZA EA . -39.87 -8.61 -24.22
C1 EZA EA . -40.78 -10.52 -21.64
C3 EZA EA . -41.18 -9.19 -23.68
C7 EZA EA . -39.82 -5.24 -26.09
O1 EZA EA . -40.87 -4.74 -25.74
C9 EZA EA . -38.00 -2.80 -28.38
C10 EZA EA . -37.15 -2.10 -27.35
C11 EZA EA . -37.54 -0.88 -26.84
C12 EZA EA . -36.74 -0.25 -25.90
F1 EZA EA . -37.13 0.92 -25.39
C13 EZA EA . -35.53 -0.84 -25.46
C14 EZA EA . -35.15 -2.08 -26.00
F2 EZA EA . -34.02 -2.68 -25.66
C15 EZA EA . -35.95 -2.70 -26.95
C16 EZA EA . -40.17 -3.75 -28.84
O2 EZA EA . -39.69 -3.97 -29.95
N2 EZA EA . -41.64 -3.76 -28.61
C17 EZA EA . -42.50 -4.04 -29.71
C18 EZA EA . -42.99 -5.47 -29.68
O3 EZA EA . -41.85 -6.36 -29.83
C19 EZA EA . -41.35 -6.79 -31.14
O4 EZA EA . -41.88 -6.52 -32.21
C20 EZA EA . -40.25 -7.58 -31.02
C21 EZA EA . -40.38 -8.99 -30.89
C22 EZA EA . -39.91 -9.09 -29.49
C23 EZA EA . -39.48 -10.57 -29.09
C24 EZA EA . -38.82 -8.12 -29.33
C25 EZA EA . -37.93 -6.25 -30.90
O5 EZA EA . -36.92 -6.20 -30.23
C26 EZA EA . -38.07 -5.36 -32.15
C27 EZA EA . -36.88 -5.26 -33.04
N4 EZA EA . -39.29 -4.68 -32.55
C28 EZA EA . -39.81 -4.75 -33.93
O6 EZA EA . -39.20 -5.40 -34.77
C29 EZA EA . -41.07 -4.00 -34.29
C30 EZA EA . -41.04 -3.70 -35.77
C31 EZA EA . -40.48 -2.35 -36.16
C32 EZA EA . -39.46 -1.86 -35.21
C33 EZA EA . -39.99 -1.82 -33.77
N5 EZA EA . -41.11 -2.77 -33.60
C34 EZA EA . -42.23 -2.33 -32.68
O7 EZA EA . -42.12 -1.24 -32.15
C35 EZA EA . -43.45 -3.13 -32.43
C36 EZA EA . -44.50 -2.88 -33.47
C37 EZA EA . -45.73 -2.44 -32.75
C38 EZA EA . -45.21 -1.79 -31.52
C39 EZA EA . -43.67 -3.07 -29.84
O8 EZA EA . -44.29 -2.64 -28.86
C1 MPD FA . -27.89 14.61 -15.60
C2 MPD FA . -27.32 15.77 -14.85
O2 MPD FA . -26.35 15.29 -13.90
CM MPD FA . -26.61 16.63 -15.88
C3 MPD FA . -28.38 16.51 -14.01
C4 MPD FA . -29.75 16.72 -14.63
O4 MPD FA . -30.64 17.09 -13.60
C5 MPD FA . -29.67 17.83 -15.68
C8 EZA GA . -48.14 3.23 -2.68
C5 EZA GA . -48.05 -1.76 -2.65
C6 EZA GA . -47.63 -0.55 -3.08
N6 EZA GA . -53.59 5.17 -1.72
N1 EZA GA . -47.78 1.97 -3.16
C2 EZA GA . -48.06 -5.37 -3.15
N3 EZA GA . -49.77 2.27 -6.73
C4 EZA GA . -47.52 -2.97 -3.38
C1 EZA GA . -48.08 -6.58 -2.24
C3 EZA GA . -47.43 -4.18 -2.46
C7 EZA GA . -48.12 0.74 -2.41
O1 EZA GA . -48.74 0.70 -1.35
C9 EZA GA . -47.28 4.34 -3.33
C10 EZA GA . -45.98 4.53 -2.61
C11 EZA GA . -45.94 4.93 -1.27
C12 EZA GA . -44.72 5.09 -0.64
F1 EZA GA . -44.76 5.46 0.63
C13 EZA GA . -43.51 4.89 -1.33
C14 EZA GA . -43.55 4.51 -2.70
F2 EZA GA . -42.46 4.32 -3.44
C15 EZA GA . -44.78 4.34 -3.31
C16 EZA GA . -49.58 3.58 -3.01
O2 EZA GA . -49.79 4.47 -3.84
N2 EZA GA . -50.71 2.93 -2.33
C17 EZA GA . -52.04 3.34 -2.69
C18 EZA GA . -52.83 2.20 -3.29
O3 EZA GA . -52.15 1.69 -4.46
C19 EZA GA . -52.19 2.35 -5.78
O4 EZA GA . -53.09 3.12 -6.10
C20 EZA GA . -51.18 1.96 -6.66
C21 EZA GA . -51.45 0.79 -7.46
C22 EZA GA . -50.28 0.01 -6.98
C23 EZA GA . -49.91 -1.22 -7.92
C24 EZA GA . -49.15 0.92 -6.78
C25 EZA GA . -48.95 3.50 -6.76
O5 EZA GA . -47.72 3.35 -6.83
C26 EZA GA . -49.55 4.91 -6.77
C27 EZA GA . -48.86 5.87 -7.75
N4 EZA GA . -50.72 5.37 -6.06
C28 EZA GA . -51.82 6.10 -6.70
O6 EZA GA . -51.77 6.35 -7.88
C29 EZA GA . -53.01 6.52 -5.90
C30 EZA GA . -53.86 7.47 -6.70
C31 EZA GA . -53.58 8.94 -6.45
C32 EZA GA . -52.16 9.20 -6.15
C33 EZA GA . -51.69 8.37 -4.97
N5 EZA GA . -52.59 7.20 -4.75
C34 EZA GA . -53.00 6.85 -3.34
O7 EZA GA . -52.57 7.53 -2.44
C35 EZA GA . -53.91 5.75 -3.01
C36 EZA GA . -55.27 6.31 -2.77
C37 EZA GA . -55.29 6.74 -1.35
C38 EZA GA . -54.31 5.88 -0.64
C39 EZA GA . -52.72 3.99 -1.48
O8 EZA GA . -52.53 3.57 -0.33
C1 MPD HA . -31.27 13.05 12.19
C2 MPD HA . -30.03 13.64 12.80
O2 MPD HA . -28.90 13.00 12.20
CM MPD HA . -29.86 15.12 12.53
C3 MPD HA . -30.03 13.37 14.26
C4 MPD HA . -31.40 13.31 14.89
O4 MPD HA . -31.09 12.86 16.19
C5 MPD HA . -32.09 14.69 14.92
C8 EZA IA . -42.22 -9.13 21.44
C5 EZA IA . -42.93 -12.69 17.99
C6 EZA IA . -42.48 -11.44 18.35
N6 EZA IA . -46.72 -9.72 25.37
N1 EZA IA . -42.20 -9.61 20.12
C2 EZA IA . -43.23 -15.43 15.55
N3 EZA IA . -45.94 -7.86 18.75
C4 EZA IA . -42.88 -13.14 16.54
C1 EZA IA . -43.01 -16.92 15.74
C3 EZA IA . -42.32 -14.58 16.43
C7 EZA IA . -42.55 -11.01 19.82
O1 EZA IA . -42.88 -11.81 20.68
C9 EZA IA . -41.69 -7.70 21.56
C10 EZA IA . -40.19 -7.55 21.56
C11 EZA IA . -39.38 -7.91 22.64
C12 EZA IA . -38.00 -7.71 22.57
F1 EZA IA . -37.22 -8.08 23.60
C13 EZA IA . -37.41 -7.14 21.43
C14 EZA IA . -38.24 -6.75 20.34
F2 EZA IA . -37.77 -6.16 19.23
C15 EZA IA . -39.62 -6.95 20.42
C16 EZA IA . -43.64 -9.05 21.96
O2 EZA IA . -44.20 -7.96 21.92
N2 EZA IA . -44.33 -10.22 22.55
C17 EZA IA . -45.68 -10.04 23.04
C18 EZA IA . -46.72 -10.71 22.16
O3 EZA IA . -46.71 -10.13 20.84
C19 EZA IA . -47.46 -8.92 20.49
O4 EZA IA . -48.26 -8.39 21.21
C20 EZA IA . -47.17 -8.48 19.21
C21 EZA IA . -47.89 -9.00 18.09
C22 EZA IA . -46.75 -9.61 17.37
C23 EZA IA . -47.04 -9.89 15.85
C24 EZA IA . -45.59 -8.72 17.58
C25 EZA IA . -45.14 -6.71 19.18
O5 EZA IA . -44.13 -6.45 18.52
C26 EZA IA . -45.51 -5.76 20.32
C27 EZA IA . -45.24 -4.32 20.04
N4 EZA IA . -46.18 -6.15 21.54
C28 EZA IA . -47.31 -5.39 22.13
O6 EZA IA . -47.73 -4.38 21.61
C29 EZA IA . -47.94 -5.86 23.41
C30 EZA IA . -48.88 -4.79 23.90
C31 EZA IA . -48.24 -3.79 24.83
C32 EZA IA . -46.79 -3.59 24.61
C33 EZA IA . -46.03 -4.90 24.67
N5 EZA IA . -46.92 -6.05 24.37
C34 EZA IA . -46.67 -7.33 25.13
O7 EZA IA . -45.74 -7.35 25.93
C35 EZA IA . -47.48 -8.54 24.97
C36 EZA IA . -48.60 -8.55 25.93
C37 EZA IA . -48.05 -9.10 27.19
C38 EZA IA . -46.98 -10.05 26.79
C39 EZA IA . -45.83 -10.51 24.49
O8 EZA IA . -45.22 -11.50 24.89
C1 MPD JA . -19.41 -5.41 29.44
C2 MPD JA . -17.98 -5.15 29.67
O2 MPD JA . -17.39 -5.01 28.38
CM MPD JA . -17.77 -3.84 30.40
C3 MPD JA . -17.39 -6.32 30.40
C4 MPD JA . -18.21 -6.97 31.51
O4 MPD JA . -17.32 -7.87 32.12
C5 MPD JA . -18.64 -6.01 32.63
C8 EZA KA . -26.18 -31.01 26.56
C5 EZA KA . -28.15 -31.69 21.99
C6 EZA KA . -28.07 -31.01 23.19
N6 EZA KA . -28.10 -34.65 30.56
N1 EZA KA . -27.01 -30.66 25.47
C2 EZA KA . -30.62 -32.17 19.24
N3 EZA KA . -30.47 -29.55 26.85
C4 EZA KA . -29.03 -31.13 20.90
C1 EZA KA . -30.85 -33.31 18.27
C3 EZA KA . -29.15 -32.05 19.67
C7 EZA KA . -27.16 -31.53 24.29
O1 EZA KA . -26.60 -32.60 24.13
C9 EZA KA . -25.53 -29.81 27.25
C10 EZA KA . -24.30 -29.23 26.57
C11 EZA KA . -23.07 -29.85 26.59
C12 EZA KA . -21.97 -29.31 25.97
F1 EZA KA . -20.79 -29.94 25.97
C13 EZA KA . -22.08 -28.09 25.32
C14 EZA KA . -23.33 -27.41 25.31
F2 EZA KA . -23.48 -26.22 24.72
C15 EZA KA . -24.43 -27.98 25.94
C16 EZA KA . -27.03 -31.71 27.65
O2 EZA KA . -26.94 -31.35 28.83
N2 EZA KA . -27.97 -32.79 27.33
C17 EZA KA . -28.74 -33.35 28.41
C18 EZA KA . -30.14 -33.77 27.95
O3 EZA KA . -31.23 -32.94 28.49
C19 EZA KA . -31.29 -31.49 28.21
O4 EZA KA . -31.73 -30.74 29.07
C20 EZA KA . -30.86 -30.99 26.95
C21 EZA KA . -32.03 -31.11 26.05
C22 EZA KA . -31.71 -30.17 24.95
C23 EZA KA . -33.02 -29.72 24.16
C24 EZA KA . -31.03 -29.05 25.57
C25 EZA KA . -29.62 -28.63 27.64
O5 EZA KA . -29.50 -27.53 27.15
C26 EZA KA . -28.92 -28.80 29.00
C27 EZA KA . -28.19 -27.63 29.45
N4 EZA KA . -29.17 -29.88 29.93
C28 EZA KA . -29.38 -29.66 31.37
O6 EZA KA . -29.34 -28.54 31.80
C29 EZA KA . -29.62 -30.84 32.27
C30 EZA KA . -30.27 -30.34 33.53
C31 EZA KA . -29.34 -30.13 34.71
C32 EZA KA . -27.99 -29.71 34.30
C33 EZA KA . -27.38 -30.71 33.35
N5 EZA KA . -28.40 -31.46 32.58
C34 EZA KA . -28.00 -32.89 32.20
O7 EZA KA . -26.88 -33.26 32.55
C35 EZA KA . -28.86 -33.82 31.46
C36 EZA KA . -29.41 -34.85 32.39
C37 EZA KA . -28.43 -35.96 32.41
C38 EZA KA . -27.47 -35.76 31.29
C39 EZA KA . -28.00 -34.50 29.09
O8 EZA KA . -27.31 -35.31 28.45
C1 MPD LA . -2.08 -26.67 23.48
C2 MPD LA . -0.63 -26.40 23.34
O2 MPD LA . -0.56 -25.41 22.33
CM MPD LA . -0.07 -25.88 24.66
C3 MPD LA . 0.09 -27.59 22.78
C4 MPD LA . -0.23 -28.93 23.41
O4 MPD LA . 0.58 -29.85 22.69
C5 MPD LA . 0.14 -29.03 24.87
C8 EZA MA . -11.53 -46.03 8.24
C5 EZA MA . -15.83 -44.87 5.95
C6 EZA MA . -14.84 -44.67 6.86
N6 EZA MA . -11.73 -51.80 9.03
N1 EZA MA . -12.67 -45.27 8.05
C2 EZA MA . -19.22 -44.08 5.00
N3 EZA MA . -14.91 -46.30 11.55
C4 EZA MA . -16.97 -43.91 6.00
C1 EZA MA . -20.06 -43.96 3.75
C3 EZA MA . -17.76 -43.84 4.69
C7 EZA MA . -13.60 -45.58 6.93
O1 EZA MA . -13.43 -46.48 6.12
C9 EZA MA . -10.54 -45.38 9.20
C10 EZA MA . -9.80 -44.27 8.53
C11 EZA MA . -8.80 -44.51 7.59
C12 EZA MA . -8.13 -43.45 6.99
F1 EZA MA . -7.17 -43.70 6.08
C13 EZA MA . -8.44 -42.12 7.34
C14 EZA MA . -9.45 -41.89 8.30
F2 EZA MA . -9.80 -40.67 8.71
C15 EZA MA . -10.12 -42.95 8.89
C16 EZA MA . -11.94 -47.32 8.92
O2 EZA MA . -11.66 -47.48 10.10
N2 EZA MA . -12.65 -48.36 8.15
C17 EZA MA . -13.01 -49.59 8.80
C18 EZA MA . -14.50 -49.83 8.78
O3 EZA MA . -15.17 -48.81 9.57
C19 EZA MA . -15.14 -48.81 11.04
O4 EZA MA . -14.86 -49.78 11.71
C20 EZA MA . -15.56 -47.59 11.54
C21 EZA MA . -17.01 -47.44 11.57
C22 EZA MA . -17.05 -46.31 10.59
C23 EZA MA . -18.42 -45.51 10.63
C24 EZA MA . -15.89 -45.44 10.86
C25 EZA MA . -13.61 -45.81 12.06
O5 EZA MA . -13.39 -44.62 11.90
C26 EZA MA . -12.61 -46.66 12.83
C27 EZA MA . -12.00 -46.07 14.01
N4 EZA MA . -12.28 -48.05 12.59
C28 EZA MA . -12.58 -49.11 13.58
O6 EZA MA . -13.20 -48.85 14.61
C29 EZA MA . -12.12 -50.52 13.29
C30 EZA MA . -11.81 -51.22 14.59
C31 EZA MA . -10.35 -51.20 14.99
C32 EZA MA . -9.66 -49.98 14.57
C33 EZA MA . -9.75 -49.78 13.07
N5 EZA MA . -10.95 -50.48 12.51
C34 EZA MA . -10.80 -51.10 11.14
O7 EZA MA . -9.72 -50.97 10.56
C35 EZA MA . -11.89 -51.84 10.48
C36 EZA MA . -11.80 -53.29 10.79
C37 EZA MA . -11.50 -54.02 9.53
C38 EZA MA . -11.02 -53.00 8.56
C39 EZA MA . -12.27 -50.75 8.16
O8 EZA MA . -12.10 -50.80 6.93
#